data_8PSL
#
_entry.id   8PSL
#
_cell.length_a   1.00
_cell.length_b   1.00
_cell.length_c   1.00
_cell.angle_alpha   90.00
_cell.angle_beta   90.00
_cell.angle_gamma   90.00
#
_symmetry.space_group_name_H-M   'P 1'
#
loop_
_entity.id
_entity.type
_entity.pdbx_description
1 polymer 'Fatty acid synthase subunit alpha'
2 polymer 'Fatty acid synthase subunit beta'
3 non-polymer 'FLAVIN MONONUCLEOTIDE'
#
loop_
_entity_poly.entity_id
_entity_poly.type
_entity_poly.pdbx_seq_one_letter_code
_entity_poly.pdbx_strand_id
1 'polypeptide(L)'
;MKPEVEQELAHILLTELLAYQFASPVRWIETQDVFLKDFNTERVVEIGPSPTLAGMAQRTLKNKYESYDAALSLHREILC
YSKDAKEIYYTPDPSELAAKEEPAKEEAPAPTPAASAPAPAAAAPAPVAAAAPAAAAAEIADEPVKASLLLHVLVAHKLK
KSLDSIPMSKTIKDLVGGKSTVQNEILGDLGKEFGTTPEKPEETPLEELAETFQDTFSGALGKQSSSLLSRLISSKMPGG
FTITVARKYLQTRWGLPSGRQDGVLLVALSNEPAARLGSEADAKAFLDSMAQKYASIVGVDLSSAASASGAAGAGAAAGA
AMIDAGALEEITKDHKVLARQQLQVLARYLKMDLDNGERKFLKEKDTVAELQAQLDYLNAELGEFFVNGVATSFSRKKAR
TFDSSWNWAKQSLLSLYFEIIHGVLKNVDREVVSEAINIMNRSNDALIKFMEYHISNTDETKGENYQLVKTLGEQLIENC
KQVLDVDPVYKDVAKPTGPKTAIDKNGNITYSEEPREKVRKLSQYVQEMALGGPITKESQPTIEEDLTRVYKAISAQADK
QDISSSTRVEFEKLYSDLMKFLESSKEIDPSQTTQLAGMDVEDALDKDSTKEVASLPNKSTISKTVSSTIPRETIPFLHL
RKKTPAGDWKYDRQLSSLFLDGLEKAAFNGVTFKDKYVLITGAGKGSIGAEVLQGLLQGGAKVVVTTSRFSKQVTDYYQS
IYAKYGAKGSTLIVVPFNQGSKQDVEALIEFIYDTEKNGGLGWDLDAIIPFAAIPEQGIELEHIDSKSEFAHRIMLTNIL
RMMGCVKKQKSARGIETRPAQVILPMSPNHGTFGGDGMYSESKLSLETLFNRWHSESWANQLTVCGAIIGWTRGTGLMSA
NNIIAEGIEKMGVRTFSQKEMAFNLLGLLTPEVVELCQKSPVMADLNGGLQFVPELKEFTAKLRKELVETSEVRKAVSIE
TALEHKVVNGNSADAAYAQVEIQPRANIQLDFPELKPYKQVKQIAPAELEGLLDLERVIVVTGFAEVGPWGSARTRWEME
AFGEFSLEGCVEMAWIMGFISYHNGNLKGRPYTGWVDSKTKEPVDDKDVKAKYETSILEHSGIRLIEPELFNGYNPEKKE
MIQEVIVEEDLEPFEASKETAEQFKHQHGDKVDIFEIPETGEYSVKLLKGATLYIPKALRFDRLVAGQIPTGWNAKTYGI
SDDIISQVDPITLFVLVSVVEAFIASGITDPYEMYKYVHVSEVGNCSGSGMGGVSALRGMFKDRFKDEPVQNDILQESFI
NTMSAWVNMLLISSSGPIKTPVGACATSVESVDIGVETILSGKARICIVGGYDDFQEEGSFEFGNMKATSNTLEEFEHGR
TPAEMSRPATTTRNGFMEAQGAGIQIIMQADLALKMGVPIYGIVAMAATATDKIGRSVPAPGKGILTTAREHHSSVKYAS
PNLNMKYRKRQLVTREAQIKDWVENELEALKLEAEEIPSEDQNEFLLERTREIHNEAESQLRAAQQQWGNDFYKRDPRIA
PLRGALATYGLTIDDLGVASFHGTSTKANDKNESATINEMMKHLGRSEGNPVIGVFQKFLTGHPKGAAGAWMMNGALQIL
NSGIIPGNRNADNVDKILEQFEYVLYPSKTLKTDGVRAVSITSFGFGQKGGQAIVVHPDYLYGAITEDRYNEYVAKVSAR
EKSAYKFFHNGMIYNKLFVSKEHAPYTDELEEDVYLDPLARVSKDKKSGSLTFNSKNIQSKDSYINANTIETAKMIENMT
KEKVSNGGVGVDVELITSINVENDTFIERNFTPQEIEYCSAQPSVQSSFAGTWSAKEAVFKSLGVKSLGGGAALKDIEIV
RVNKNAPAVELHGNAKKAAEEAGVTDVKVSISHDDLQAVAVAVSTKK
;
A,B
2 'polypeptide(L)'
;MDAYSTRPLTLSHGSLEHVLLVPTASFFIASQLQEQFNKILPEPTEGFAADDEPTTPAELVGKFLGYVSSLVEPSKVGQF
DQVLNLCLTEFENCYLEGNDIHALAAKLLQENDTTLVKTKELIKNYITARIMAKRPFDKKSNSALFRAVGEGNAQLVAIF
GGQGNTDDYFEELRDLYQTYHVLVGDLIKFSAETLSELIRTTLDAEKVFTQGLNILEWLENPSNTPDKDYLLSIPISCPL
IGVIQLAHYVVTAKLLGFTPGELRSYLKGATGHSQGLVTAVAIAETDSWESFFVSVRKAITVLFFIGVRCYEAYPNTSLP
PSILEDSLENNEGVPSPMLSISNLTQEQVQDYVNKTNSHLPAGKQVEISLVNGAKNLVVSGPPQSLYGLNLTLRKAKAPS
GLDQSRIPFSERKLKFSNRFLPVASPFHSHLLVPASDLINKDLVKNNVSFNAKDIQIPVYDTFDGSDLRVLSGSISERIV
DCIIRLPVKWETTTQFKATHILDFGPGGASGLGVLTHRNKDGTGVRVIVAGTLDINPDDDYGFKQEIFDVTSNGLKKNPN
WLEEYHPKLIKNKSGKIFVETKFSKLIGRPPLLVPGMTPCTVSPDFVAATTNAGYTIELAGGGYFSAAGMTAAIDSVVSQ
IEKGSTFGINLIYVNPFMLQWGIPLIKELRSKGYPIQFLTIGAGVPSLEVASEYIETLGLKYLGLKPGSIDAISQVINIA
KAHPNFPIALQWTGGRGGGHHSFEDAHTPMLQMYSKIRRHPNIMLIFGSGFGSADDTYPYLTGEWSTKFDYPPMPFDGFL
FGSRVMIAKEVKTSPDAKKCIAACTGVPDDKWEQTYKKPTGGIVTVRSEMGEPIHKIATRGVMLWKEFDETIFNLPKNKL
VPTLEAKRDYIISRLNADFQKPWFATVNGQARDLATMTYEEVAKRLVELMFIRSTNSWFDVTWRTFTGDFLRRVEERFTK
SKTLSLIQSYSLLDKPDEAIEKVFNAYPAAREQFLNAQDIDHFLSMCQNPMQKPVPFVPVLDRRFEIFFKKDSLWQSEHL
EAVVDQDVQRTCILHGPVAAQFTKVIDEPIKSIMDGIHDGHIKKLLHQYYGDDESKIPAVEYFGGESPVDVQSQVDSSSV
SEDSAVFKATSSTDEESWFKALAGSEINWRHASFLCSFITQDKMFVSNPIRKVFKPSQGMVVEISNGNTSSKTVVTLSEP
VQGELKPTVILKLLKENIIQMEMIENRTMDGKPVSLPLLYNFNPDNGFAPISEVMEDRNQRIKEMYWKLWIDEPFNLDFD
PRDVIKGKDFEITAKEVYDFTHAVGNNCEDFVSRPDRTMLAPMDFAIVVGWRAIIKAIFPNTVDGDLLKLVHLSNGYKMI
PGAKPLQVGDVVSTTAVIESVVNQPTGKIVDVVGTLSRNGKPVMEVTSSFFYRGNYTDFENTFQKTVEPVYQMHIKTSKD
IAVLRSKEWFQLDDEDFDLLNKTLTFETETEVTFKNANIFSSVKCFGPIKVELPTKETVEIGIVDYEAGASHGNPVVDFL
KRNGSTLEQKVNLENPIPIAVLDSYTPSTNEPYARVSGDLNPIHVSRHFASYANLPGTITHGMFSSASVRALIENWAADS
VSSRVRGYTCQFVDMVLPNTALKTSIQHVGMINGRKLIKFETRNEDDVVVLTGEAEIEQPVTTFVFTGQGSQEQGMGMDL
YKTSKAAQDVWNRADNHFKDTYGFSILDIVINNPVNLTIHFGGEKGKRIRENYSAMIFETIVDGKLKTEKIFKEINEHST
SYTFRSEKGLLSATQFTQPALTLMEKAAFEDLKSKGLIPADATFAGHSLGEYAALASLADVMSIESLVEVVFYRGMTMQV
AVPRDELGRSNYGMIAINPGRVAASFSQEALQYVVERVGKRTGWLVEIVNYNVENQQYVAAGDLRALDTVTNVLNFIKLQ
KIDIIELQKSLSLEEVEGHLFEIIDEASKKSAVKPRPLKLERGFACIPLVGISVPFHSTYLMNGVKPFKSFLKKNIIKEN
VKVARLAGKYIPNLTAKPFQVTKEYFQDVYDLTGSEPIKEIIDNWEKYEQS
;
G
#
loop_
_chem_comp.id
_chem_comp.type
_chem_comp.name
_chem_comp.formula
FMN non-polymer 'FLAVIN MONONUCLEOTIDE' 'C17 H21 N4 O9 P'
#
# COMPACT_ATOMS: atom_id res chain seq x y z
N MET A 1 -60.32 -41.33 9.55
CA MET A 1 -59.37 -41.79 8.48
C MET A 1 -57.94 -41.40 8.88
N LYS A 2 -57.08 -42.39 9.18
CA LYS A 2 -55.65 -42.17 9.50
C LYS A 2 -54.92 -41.80 8.21
N PRO A 3 -53.76 -41.09 8.27
CA PRO A 3 -52.98 -40.78 7.06
C PRO A 3 -52.53 -41.98 6.20
N GLU A 4 -52.18 -43.12 6.82
CA GLU A 4 -51.59 -44.33 6.18
C GLU A 4 -52.68 -45.20 5.52
N VAL A 5 -53.86 -45.31 6.15
CA VAL A 5 -55.01 -46.10 5.62
C VAL A 5 -55.61 -45.33 4.43
N GLU A 6 -55.87 -44.03 4.59
CA GLU A 6 -56.35 -43.12 3.52
C GLU A 6 -55.39 -43.21 2.32
N GLN A 7 -54.07 -43.16 2.57
CA GLN A 7 -52.99 -43.31 1.55
C GLN A 7 -53.18 -44.63 0.78
N GLU A 8 -53.41 -45.74 1.50
CA GLU A 8 -53.62 -47.09 0.89
C GLU A 8 -54.85 -47.05 -0.04
N LEU A 9 -55.96 -46.46 0.44
CA LEU A 9 -57.28 -46.43 -0.27
C LEU A 9 -57.17 -45.55 -1.52
N ALA A 10 -56.46 -44.41 -1.40
CA ALA A 10 -56.16 -43.47 -2.50
C ALA A 10 -55.30 -44.19 -3.55
N HIS A 11 -54.23 -44.88 -3.12
CA HIS A 11 -53.29 -45.65 -3.98
C HIS A 11 -54.04 -46.72 -4.77
N ILE A 12 -54.95 -47.44 -4.10
CA ILE A 12 -55.78 -48.51 -4.72
C ILE A 12 -56.77 -47.86 -5.71
N LEU A 13 -57.37 -46.71 -5.34
CA LEU A 13 -58.37 -45.98 -6.17
C LEU A 13 -57.73 -45.48 -7.48
N LEU A 14 -56.65 -44.70 -7.41
CA LEU A 14 -55.95 -44.13 -8.62
C LEU A 14 -55.46 -45.27 -9.52
N THR A 15 -54.93 -46.38 -8.95
CA THR A 15 -54.48 -47.60 -9.67
C THR A 15 -55.65 -48.12 -10.54
N GLU A 16 -56.80 -48.35 -9.90
CA GLU A 16 -58.03 -48.88 -10.54
C GLU A 16 -58.59 -47.86 -11.55
N LEU A 17 -58.41 -46.55 -11.29
CA LEU A 17 -58.85 -45.44 -12.18
C LEU A 17 -57.99 -45.42 -13.46
N LEU A 18 -56.68 -45.60 -13.33
CA LEU A 18 -55.71 -45.65 -14.47
C LEU A 18 -55.83 -46.98 -15.20
N ALA A 19 -56.11 -48.08 -14.48
CA ALA A 19 -56.22 -49.46 -15.03
C ALA A 19 -57.41 -49.56 -16.01
N TYR A 20 -58.53 -48.92 -15.71
CA TYR A 20 -59.80 -49.02 -16.48
C TYR A 20 -60.02 -47.79 -17.39
N GLN A 21 -59.17 -46.76 -17.29
CA GLN A 21 -59.39 -45.44 -17.96
C GLN A 21 -59.45 -45.64 -19.48
N PHE A 22 -58.57 -46.46 -20.05
CA PHE A 22 -58.55 -46.80 -21.50
C PHE A 22 -59.67 -47.82 -21.81
N ALA A 23 -60.43 -48.30 -20.81
CA ALA A 23 -61.59 -49.21 -20.97
C ALA A 23 -62.89 -48.50 -20.61
N SER A 24 -62.86 -47.17 -20.50
CA SER A 24 -64.03 -46.31 -20.23
C SER A 24 -63.98 -45.09 -21.15
N PRO A 25 -65.12 -44.56 -21.64
CA PRO A 25 -65.08 -43.36 -22.48
C PRO A 25 -64.48 -42.16 -21.72
N VAL A 26 -63.93 -41.19 -22.45
CA VAL A 26 -63.34 -39.93 -21.90
C VAL A 26 -64.48 -38.90 -21.74
N ARG A 27 -65.16 -38.91 -20.60
CA ARG A 27 -66.24 -37.96 -20.27
C ARG A 27 -65.59 -36.60 -19.99
N TRP A 28 -65.19 -35.86 -21.02
CA TRP A 28 -64.45 -34.57 -20.87
C TRP A 28 -65.44 -33.40 -20.76
N ILE A 29 -66.63 -33.52 -21.34
CA ILE A 29 -67.70 -32.49 -21.19
C ILE A 29 -68.06 -32.38 -19.69
N GLU A 30 -68.25 -33.52 -19.00
CA GLU A 30 -68.55 -33.61 -17.54
C GLU A 30 -67.28 -33.41 -16.69
N THR A 31 -66.16 -33.02 -17.31
CA THR A 31 -64.96 -32.43 -16.65
C THR A 31 -64.85 -30.94 -17.02
N GLN A 32 -65.09 -30.57 -18.29
CA GLN A 32 -65.14 -29.15 -18.77
C GLN A 32 -66.32 -28.42 -18.10
N ASP A 33 -67.33 -29.16 -17.63
CA ASP A 33 -68.45 -28.64 -16.80
C ASP A 33 -68.20 -28.94 -15.31
N VAL A 34 -66.92 -29.06 -14.90
CA VAL A 34 -66.43 -29.18 -13.49
C VAL A 34 -65.41 -28.05 -13.24
N PHE A 35 -64.30 -27.98 -13.99
CA PHE A 35 -63.20 -27.00 -13.76
C PHE A 35 -63.56 -25.59 -14.29
N LEU A 36 -64.50 -25.45 -15.24
CA LEU A 36 -64.96 -24.13 -15.78
C LEU A 36 -66.08 -23.54 -14.92
N LYS A 37 -66.89 -24.37 -14.26
CA LYS A 37 -68.03 -23.93 -13.41
C LYS A 37 -67.67 -24.17 -11.94
N ASP A 38 -67.55 -25.43 -11.50
CA ASP A 38 -67.45 -25.83 -10.06
C ASP A 38 -66.18 -25.21 -9.42
N PHE A 39 -65.08 -25.11 -10.17
CA PHE A 39 -63.79 -24.51 -9.72
C PHE A 39 -63.69 -23.04 -10.16
N ASN A 40 -64.52 -22.62 -11.13
CA ASN A 40 -64.58 -21.24 -11.68
C ASN A 40 -63.18 -20.81 -12.13
N THR A 41 -62.47 -21.71 -12.82
CA THR A 41 -61.05 -21.50 -13.21
C THR A 41 -61.00 -20.49 -14.35
N GLU A 42 -60.17 -19.46 -14.17
CA GLU A 42 -60.05 -18.29 -15.08
C GLU A 42 -58.78 -18.39 -15.92
N ARG A 43 -57.94 -19.41 -15.73
CA ARG A 43 -56.76 -19.70 -16.61
C ARG A 43 -56.73 -21.19 -16.98
N VAL A 44 -56.93 -21.49 -18.27
CA VAL A 44 -56.91 -22.85 -18.85
C VAL A 44 -55.63 -23.01 -19.69
N VAL A 45 -54.59 -23.59 -19.08
CA VAL A 45 -53.28 -23.85 -19.72
C VAL A 45 -53.34 -25.27 -20.29
N GLU A 46 -53.14 -25.39 -21.61
CA GLU A 46 -52.91 -26.67 -22.31
C GLU A 46 -51.40 -26.89 -22.44
N ILE A 47 -50.91 -28.04 -21.99
CA ILE A 47 -49.52 -28.50 -22.24
C ILE A 47 -49.61 -29.54 -23.36
N GLY A 48 -48.96 -29.29 -24.49
CA GLY A 48 -48.92 -30.22 -25.64
C GLY A 48 -48.16 -29.65 -26.85
N PRO A 49 -48.11 -30.41 -27.97
CA PRO A 49 -47.56 -29.94 -29.26
C PRO A 49 -48.55 -29.35 -30.27
N SER A 50 -49.84 -29.24 -29.88
CA SER A 50 -50.95 -28.70 -30.71
C SER A 50 -52.08 -28.18 -29.82
N PRO A 51 -52.65 -26.98 -30.07
CA PRO A 51 -53.76 -26.44 -29.27
C PRO A 51 -55.10 -27.10 -29.61
N THR A 52 -55.27 -28.36 -29.17
CA THR A 52 -56.52 -29.14 -29.23
C THR A 52 -57.38 -28.80 -28.01
N LEU A 53 -56.87 -29.02 -26.79
CA LEU A 53 -57.58 -28.79 -25.48
C LEU A 53 -57.94 -27.30 -25.29
N ALA A 54 -57.11 -26.35 -25.74
CA ALA A 54 -57.38 -24.89 -25.67
C ALA A 54 -58.41 -24.50 -26.74
N GLY A 55 -58.35 -25.18 -27.90
CA GLY A 55 -59.36 -25.12 -29.00
C GLY A 55 -60.62 -25.92 -28.71
N MET A 56 -60.55 -26.84 -27.73
CA MET A 56 -61.67 -27.67 -27.17
C MET A 56 -62.36 -26.92 -26.02
N ALA A 57 -61.64 -26.02 -25.31
CA ALA A 57 -62.09 -25.27 -24.11
C ALA A 57 -62.64 -23.88 -24.46
N GLN A 58 -62.35 -23.37 -25.66
CA GLN A 58 -62.86 -22.06 -26.16
C GLN A 58 -64.24 -22.24 -26.81
N ARG A 59 -64.63 -23.48 -27.14
CA ARG A 59 -65.93 -23.81 -27.76
C ARG A 59 -67.00 -24.01 -26.67
N THR A 60 -66.66 -24.70 -25.57
CA THR A 60 -67.55 -24.92 -24.39
C THR A 60 -67.93 -23.56 -23.78
N LEU A 61 -66.95 -22.67 -23.61
CA LEU A 61 -67.11 -21.31 -23.02
C LEU A 61 -67.98 -20.42 -23.92
N LYS A 62 -67.81 -20.52 -25.24
CA LYS A 62 -68.64 -19.82 -26.25
C LYS A 62 -70.08 -20.33 -26.19
N ASN A 63 -70.25 -21.66 -26.13
CA ASN A 63 -71.58 -22.35 -26.10
C ASN A 63 -72.31 -21.92 -24.82
N LYS A 64 -71.96 -22.54 -23.68
CA LYS A 64 -72.83 -22.62 -22.48
C LYS A 64 -72.36 -21.69 -21.34
N TYR A 65 -71.18 -21.06 -21.45
CA TYR A 65 -70.55 -20.25 -20.36
C TYR A 65 -70.42 -18.76 -20.72
N GLU A 66 -71.17 -18.27 -21.71
CA GLU A 66 -71.28 -16.82 -22.02
C GLU A 66 -72.12 -16.15 -20.92
N SER A 67 -73.34 -16.68 -20.71
CA SER A 67 -74.35 -16.22 -19.72
C SER A 67 -73.82 -16.39 -18.28
N TYR A 68 -73.12 -17.49 -17.98
CA TYR A 68 -72.58 -17.78 -16.63
C TYR A 68 -71.42 -16.80 -16.31
N ASP A 69 -70.50 -16.54 -17.25
CA ASP A 69 -69.36 -15.59 -17.07
C ASP A 69 -69.85 -14.13 -17.05
N ALA A 70 -70.95 -13.82 -17.76
CA ALA A 70 -71.57 -12.46 -17.82
C ALA A 70 -72.37 -12.16 -16.54
N ALA A 71 -72.83 -13.19 -15.80
CA ALA A 71 -73.59 -13.10 -14.53
C ALA A 71 -72.65 -13.04 -13.30
N LEU A 72 -71.38 -13.48 -13.44
CA LEU A 72 -70.35 -13.48 -12.36
C LEU A 72 -69.35 -12.32 -12.57
N SER A 73 -69.01 -12.00 -13.84
CA SER A 73 -68.12 -10.88 -14.27
C SER A 73 -66.64 -11.24 -14.07
N LEU A 74 -66.23 -12.43 -14.54
CA LEU A 74 -64.84 -12.94 -14.54
C LEU A 74 -64.30 -12.91 -15.97
N HIS A 75 -62.97 -12.91 -16.13
CA HIS A 75 -62.24 -13.02 -17.43
C HIS A 75 -61.40 -14.32 -17.44
N ARG A 76 -61.73 -15.24 -18.37
CA ARG A 76 -61.06 -16.57 -18.53
C ARG A 76 -59.98 -16.50 -19.61
N GLU A 77 -58.73 -16.75 -19.21
CA GLU A 77 -57.56 -16.87 -20.12
C GLU A 77 -57.47 -18.32 -20.60
N ILE A 78 -57.38 -18.54 -21.92
CA ILE A 78 -57.21 -19.87 -22.56
C ILE A 78 -55.86 -19.85 -23.28
N LEU A 79 -54.96 -20.74 -22.86
CA LEU A 79 -53.55 -20.75 -23.34
C LEU A 79 -53.13 -22.18 -23.68
N CYS A 80 -52.30 -22.30 -24.71
CA CYS A 80 -51.56 -23.52 -25.10
C CYS A 80 -50.06 -23.24 -24.88
N TYR A 81 -49.30 -24.26 -24.46
CA TYR A 81 -47.84 -24.19 -24.18
C TYR A 81 -47.02 -24.10 -25.48
N SER A 82 -47.51 -24.72 -26.55
CA SER A 82 -46.89 -24.70 -27.90
C SER A 82 -46.99 -23.31 -28.51
N LYS A 83 -48.17 -22.67 -28.39
CA LYS A 83 -48.57 -21.45 -29.14
C LYS A 83 -48.40 -20.18 -28.29
N ASP A 84 -48.93 -20.17 -27.05
CA ASP A 84 -49.05 -18.96 -26.18
C ASP A 84 -47.95 -18.95 -25.09
N ALA A 85 -46.75 -19.50 -25.38
CA ALA A 85 -45.65 -19.79 -24.41
C ALA A 85 -45.21 -18.52 -23.67
N LYS A 86 -45.24 -17.37 -24.37
CA LYS A 86 -44.78 -16.06 -23.85
C LYS A 86 -45.65 -15.60 -22.68
N GLU A 87 -46.99 -15.70 -22.81
CA GLU A 87 -48.00 -15.26 -21.78
C GLU A 87 -48.09 -16.27 -20.62
N ILE A 88 -47.42 -17.43 -20.75
CA ILE A 88 -47.28 -18.46 -19.67
C ILE A 88 -46.01 -18.18 -18.85
N TYR A 89 -44.88 -17.95 -19.53
CA TYR A 89 -43.55 -17.72 -18.90
C TYR A 89 -43.39 -16.25 -18.49
N TYR A 90 -44.30 -15.37 -18.94
CA TYR A 90 -44.24 -13.89 -18.72
C TYR A 90 -42.97 -13.34 -19.37
N THR A 91 -42.80 -13.61 -20.67
CA THR A 91 -41.62 -13.19 -21.48
C THR A 91 -42.13 -12.51 -22.76
N PRO A 92 -42.63 -11.24 -22.67
CA PRO A 92 -43.07 -10.49 -23.84
C PRO A 92 -41.95 -9.71 -24.56
N ASP A 93 -42.20 -9.30 -25.82
CA ASP A 93 -41.26 -8.53 -26.68
C ASP A 93 -41.57 -7.04 -26.54
N PRO A 94 -40.53 -6.16 -26.43
CA PRO A 94 -40.74 -4.71 -26.35
C PRO A 94 -41.15 -4.10 -27.70
N LEU A 328 9.28 6.66 -69.00
CA LEU A 328 9.43 6.64 -67.53
C LEU A 328 10.48 5.56 -67.17
N GLU A 329 10.04 4.31 -66.97
CA GLU A 329 10.87 3.17 -66.52
C GLU A 329 11.06 2.18 -67.67
N GLU A 330 10.69 2.58 -68.89
CA GLU A 330 10.68 1.69 -70.09
C GLU A 330 12.10 1.60 -70.70
N ILE A 331 12.89 2.67 -70.61
CA ILE A 331 14.28 2.76 -71.15
C ILE A 331 15.15 1.69 -70.48
N THR A 332 15.07 1.58 -69.15
CA THR A 332 15.86 0.63 -68.32
C THR A 332 15.38 -0.80 -68.59
N LYS A 333 14.09 -0.98 -68.95
CA LYS A 333 13.47 -2.30 -69.26
C LYS A 333 14.07 -2.87 -70.56
N ASP A 334 14.15 -2.07 -71.63
CA ASP A 334 14.76 -2.48 -72.93
C ASP A 334 16.26 -2.72 -72.75
N HIS A 335 16.96 -1.77 -72.09
CA HIS A 335 18.43 -1.78 -71.86
C HIS A 335 18.82 -3.07 -71.13
N LYS A 336 18.06 -3.46 -70.10
CA LYS A 336 18.31 -4.68 -69.27
C LYS A 336 17.93 -5.94 -70.04
N VAL A 337 16.86 -5.90 -70.83
CA VAL A 337 16.49 -7.04 -71.73
C VAL A 337 17.65 -7.28 -72.70
N LEU A 338 18.21 -6.21 -73.30
CA LEU A 338 19.37 -6.28 -74.23
C LEU A 338 20.59 -6.89 -73.52
N ALA A 339 20.93 -6.37 -72.34
CA ALA A 339 22.01 -6.91 -71.47
C ALA A 339 21.78 -8.42 -71.27
N ARG A 340 20.54 -8.85 -70.99
CA ARG A 340 20.20 -10.26 -70.61
C ARG A 340 20.25 -11.16 -71.86
N GLN A 341 20.02 -10.59 -73.03
CA GLN A 341 20.26 -11.29 -74.33
C GLN A 341 21.77 -11.50 -74.48
N GLN A 342 22.56 -10.43 -74.33
CA GLN A 342 24.04 -10.47 -74.49
C GLN A 342 24.62 -11.48 -73.51
N LEU A 343 24.22 -11.43 -72.22
CA LEU A 343 24.63 -12.39 -71.17
C LEU A 343 24.33 -13.82 -71.67
N GLN A 344 23.10 -14.09 -72.11
CA GLN A 344 22.67 -15.42 -72.61
C GLN A 344 23.65 -15.89 -73.70
N VAL A 345 23.98 -15.02 -74.67
CA VAL A 345 24.87 -15.32 -75.84
C VAL A 345 26.27 -15.67 -75.34
N LEU A 346 26.79 -14.89 -74.37
CA LEU A 346 28.11 -15.11 -73.71
C LEU A 346 28.11 -16.49 -73.04
N ALA A 347 27.02 -16.85 -72.36
CA ALA A 347 26.83 -18.17 -71.74
C ALA A 347 26.93 -19.24 -72.83
N ARG A 348 26.08 -19.11 -73.85
CA ARG A 348 26.00 -20.05 -74.99
C ARG A 348 27.39 -20.27 -75.57
N TYR A 349 28.20 -19.22 -75.69
CA TYR A 349 29.62 -19.30 -76.13
C TYR A 349 30.39 -20.17 -75.12
N LEU A 350 30.20 -19.92 -73.82
CA LEU A 350 31.03 -20.52 -72.74
C LEU A 350 30.47 -21.89 -72.32
N LYS A 351 29.36 -22.33 -72.91
CA LYS A 351 28.76 -23.67 -72.65
C LYS A 351 28.45 -23.78 -71.15
N MET A 352 27.76 -22.76 -70.61
CA MET A 352 27.47 -22.63 -69.17
C MET A 352 25.95 -22.62 -68.97
N ASP A 353 25.36 -23.80 -68.75
CA ASP A 353 23.94 -23.97 -68.34
C ASP A 353 23.68 -23.00 -67.17
N LEU A 354 22.62 -22.21 -67.28
CA LEU A 354 22.25 -21.18 -66.27
C LEU A 354 21.19 -21.73 -65.31
N ASP A 355 20.74 -22.98 -65.47
CA ASP A 355 19.72 -23.60 -64.58
C ASP A 355 20.09 -25.05 -64.23
N ASN A 356 21.39 -25.37 -64.24
CA ASN A 356 21.93 -26.68 -63.79
C ASN A 356 21.92 -26.72 -62.26
N GLY A 357 22.35 -25.62 -61.61
CA GLY A 357 22.32 -25.43 -60.14
C GLY A 357 20.95 -25.09 -59.59
N GLU A 358 19.92 -25.01 -60.46
CA GLU A 358 18.46 -24.96 -60.14
C GLU A 358 17.82 -26.34 -60.37
N ARG A 359 18.13 -27.03 -61.48
CA ARG A 359 17.65 -28.41 -61.76
C ARG A 359 18.15 -29.38 -60.68
N LYS A 360 19.39 -29.17 -60.20
CA LYS A 360 20.07 -29.93 -59.10
C LYS A 360 19.63 -29.46 -57.70
N PHE A 361 18.75 -28.45 -57.65
CA PHE A 361 18.00 -28.03 -56.44
C PHE A 361 16.60 -28.66 -56.44
N LEU A 362 15.92 -28.72 -57.60
CA LEU A 362 14.52 -29.24 -57.74
C LEU A 362 14.48 -30.76 -57.69
N LYS A 363 15.52 -31.43 -58.19
CA LYS A 363 15.68 -32.91 -58.07
C LYS A 363 15.89 -33.28 -56.60
N GLU A 364 16.92 -32.69 -55.97
CA GLU A 364 17.24 -32.86 -54.53
C GLU A 364 15.97 -32.63 -53.70
N LYS A 365 15.25 -31.51 -53.94
CA LYS A 365 14.02 -31.13 -53.18
C LYS A 365 12.92 -32.20 -53.35
N ASP A 366 12.85 -32.88 -54.51
CA ASP A 366 11.87 -33.97 -54.74
C ASP A 366 12.32 -35.23 -54.00
N THR A 367 13.63 -35.50 -53.99
CA THR A 367 14.24 -36.58 -53.18
C THR A 367 13.90 -36.35 -51.69
N VAL A 368 14.11 -35.13 -51.16
CA VAL A 368 13.86 -34.79 -49.72
C VAL A 368 12.37 -34.95 -49.44
N ALA A 369 11.51 -34.61 -50.39
CA ALA A 369 10.03 -34.70 -50.26
C ALA A 369 9.56 -36.15 -50.18
N GLU A 370 10.22 -37.07 -50.90
CA GLU A 370 9.88 -38.52 -50.89
C GLU A 370 10.46 -39.16 -49.62
N LEU A 371 11.69 -38.82 -49.25
CA LEU A 371 12.31 -39.30 -47.97
C LEU A 371 11.37 -38.89 -46.83
N GLN A 372 10.95 -37.63 -46.77
CA GLN A 372 10.13 -37.06 -45.67
C GLN A 372 8.75 -37.70 -45.68
N ALA A 373 8.29 -38.19 -46.83
CA ALA A 373 7.00 -38.91 -46.93
C ALA A 373 7.12 -40.29 -46.27
N GLN A 374 8.22 -41.01 -46.53
CA GLN A 374 8.54 -42.32 -45.90
C GLN A 374 8.70 -42.18 -44.38
N LEU A 375 9.39 -41.15 -43.90
CA LEU A 375 9.53 -40.86 -42.44
C LEU A 375 8.17 -40.55 -41.83
N ASP A 376 7.27 -39.89 -42.57
CA ASP A 376 5.89 -39.61 -42.11
C ASP A 376 5.11 -40.92 -41.97
N TYR A 377 5.24 -41.83 -42.93
CA TYR A 377 4.58 -43.15 -42.90
C TYR A 377 5.11 -43.96 -41.72
N LEU A 378 6.42 -43.89 -41.43
CA LEU A 378 7.03 -44.62 -40.29
C LEU A 378 6.42 -44.05 -39.01
N ASN A 379 6.55 -42.74 -38.80
CA ASN A 379 6.08 -42.01 -37.59
C ASN A 379 4.57 -42.15 -37.40
N ALA A 380 3.84 -42.52 -38.46
CA ALA A 380 2.39 -42.83 -38.40
C ALA A 380 2.21 -44.25 -37.84
N GLU A 381 2.85 -45.28 -38.43
CA GLU A 381 2.59 -46.72 -38.09
C GLU A 381 3.55 -47.16 -36.97
N LEU A 382 4.28 -46.25 -36.30
CA LEU A 382 5.09 -46.56 -35.07
C LEU A 382 4.82 -45.57 -33.94
N GLY A 383 4.73 -44.27 -34.24
CA GLY A 383 4.39 -43.22 -33.27
C GLY A 383 5.61 -42.43 -32.85
N GLU A 384 5.35 -41.21 -32.38
CA GLU A 384 6.39 -40.24 -31.98
C GLU A 384 7.18 -40.85 -30.82
N PHE A 385 6.48 -41.33 -29.80
CA PHE A 385 7.10 -41.84 -28.54
C PHE A 385 8.14 -42.91 -28.87
N PHE A 386 7.76 -43.86 -29.74
CA PHE A 386 8.56 -45.05 -30.14
C PHE A 386 9.82 -44.58 -30.88
N VAL A 387 9.64 -43.74 -31.90
CA VAL A 387 10.74 -43.23 -32.77
C VAL A 387 11.75 -42.41 -31.92
N ASN A 388 11.25 -41.58 -31.00
CA ASN A 388 12.10 -40.70 -30.15
C ASN A 388 12.81 -41.55 -29.10
N GLY A 389 12.12 -42.58 -28.59
CA GLY A 389 12.62 -43.46 -27.51
C GLY A 389 13.68 -44.46 -27.97
N VAL A 390 13.74 -44.81 -29.26
CA VAL A 390 14.67 -45.84 -29.82
C VAL A 390 15.97 -45.18 -30.30
N ALA A 391 16.29 -44.00 -29.75
CA ALA A 391 17.54 -43.25 -30.01
C ALA A 391 18.68 -43.86 -29.18
N THR A 392 19.86 -43.99 -29.79
CA THR A 392 21.05 -44.70 -29.24
C THR A 392 21.73 -43.85 -28.16
N SER A 393 21.57 -44.24 -26.90
CA SER A 393 22.04 -43.47 -25.72
C SER A 393 23.34 -44.05 -25.17
N PHE A 394 23.74 -45.24 -25.62
CA PHE A 394 24.97 -45.89 -25.14
C PHE A 394 26.18 -45.42 -25.96
N SER A 395 27.34 -45.45 -25.30
CA SER A 395 28.67 -45.23 -25.92
C SER A 395 29.76 -45.63 -24.92
N ARG A 396 30.76 -46.37 -25.41
CA ARG A 396 31.83 -46.96 -24.57
C ARG A 396 32.59 -45.88 -23.78
N LYS A 397 32.72 -44.68 -24.36
CA LYS A 397 33.52 -43.59 -23.77
C LYS A 397 32.88 -43.13 -22.48
N LYS A 398 31.54 -43.07 -22.46
CA LYS A 398 30.78 -42.56 -21.29
C LYS A 398 30.95 -43.49 -20.07
N ALA A 399 31.26 -44.76 -20.26
CA ALA A 399 31.33 -45.77 -19.17
C ALA A 399 32.13 -45.23 -17.99
N ARG A 400 31.52 -45.05 -16.83
CA ARG A 400 32.25 -44.66 -15.60
C ARG A 400 32.59 -45.93 -14.81
N THR A 401 33.83 -46.03 -14.38
CA THR A 401 34.34 -47.12 -13.53
C THR A 401 34.49 -46.58 -12.09
N PHE A 402 34.17 -47.38 -11.10
CA PHE A 402 34.51 -47.15 -9.68
C PHE A 402 35.18 -48.41 -9.13
N ASP A 403 36.43 -48.30 -8.67
CA ASP A 403 37.19 -49.49 -8.22
C ASP A 403 38.15 -49.14 -7.07
N SER A 404 38.02 -47.97 -6.45
CA SER A 404 39.10 -47.45 -5.56
C SER A 404 38.78 -47.74 -4.08
N SER A 405 38.03 -48.80 -3.80
CA SER A 405 37.43 -49.08 -2.47
C SER A 405 38.51 -48.89 -1.41
N TRP A 406 39.73 -49.31 -1.73
CA TRP A 406 40.92 -49.20 -0.85
C TRP A 406 41.12 -47.79 -0.25
N ASN A 407 40.58 -46.76 -0.89
CA ASN A 407 40.62 -45.38 -0.36
C ASN A 407 39.30 -45.14 0.38
N TRP A 408 38.15 -45.34 -0.27
CA TRP A 408 36.81 -45.06 0.34
C TRP A 408 36.71 -45.64 1.75
N ALA A 409 37.33 -46.80 2.00
CA ALA A 409 37.35 -47.52 3.30
C ALA A 409 37.85 -46.59 4.38
N LYS A 410 39.03 -46.00 4.13
CA LYS A 410 39.70 -45.08 5.08
C LYS A 410 38.88 -43.79 5.26
N GLN A 411 38.27 -43.26 4.19
CA GLN A 411 37.33 -42.11 4.32
C GLN A 411 36.22 -42.55 5.29
N SER A 412 35.62 -43.71 5.02
CA SER A 412 34.39 -44.23 5.66
C SER A 412 34.60 -44.42 7.15
N LEU A 413 35.76 -44.92 7.54
CA LEU A 413 36.15 -45.08 8.96
C LEU A 413 36.33 -43.71 9.58
N LEU A 414 37.13 -42.85 8.94
CA LEU A 414 37.42 -41.48 9.43
C LEU A 414 36.10 -40.71 9.57
N SER A 415 35.17 -40.92 8.67
CA SER A 415 33.85 -40.24 8.76
C SER A 415 33.21 -40.71 10.05
N LEU A 416 33.19 -42.02 10.28
CA LEU A 416 32.54 -42.65 11.47
C LEU A 416 33.17 -42.11 12.77
N TYR A 417 34.49 -42.22 12.88
CA TYR A 417 35.33 -41.80 14.03
C TYR A 417 35.09 -40.35 14.42
N PHE A 418 34.57 -39.51 13.54
CA PHE A 418 34.26 -38.09 13.86
C PHE A 418 32.74 -37.88 14.00
N GLU A 419 31.93 -38.76 13.44
CA GLU A 419 30.46 -38.73 13.67
C GLU A 419 30.23 -39.07 15.13
N ILE A 420 30.92 -40.10 15.61
CA ILE A 420 30.83 -40.58 17.02
C ILE A 420 31.34 -39.49 17.96
N ILE A 421 32.52 -38.94 17.69
CA ILE A 421 33.10 -37.85 18.53
C ILE A 421 32.18 -36.60 18.56
N HIS A 422 31.44 -36.31 17.49
CA HIS A 422 30.48 -35.16 17.44
C HIS A 422 29.10 -35.65 17.88
N GLY A 423 28.99 -36.91 18.27
CA GLY A 423 27.77 -37.47 18.88
C GLY A 423 26.61 -37.42 17.92
N VAL A 424 26.88 -37.58 16.63
CA VAL A 424 25.82 -37.72 15.58
C VAL A 424 25.35 -39.18 15.56
N LEU A 425 26.29 -40.10 15.82
CA LEU A 425 26.03 -41.56 15.99
C LEU A 425 26.30 -41.95 17.44
N LYS A 426 25.24 -42.38 18.14
CA LYS A 426 25.26 -42.86 19.54
C LYS A 426 25.76 -44.31 19.57
N ASN A 427 25.70 -44.93 20.74
CA ASN A 427 26.06 -46.36 20.98
C ASN A 427 24.88 -47.27 20.62
N VAL A 428 23.66 -46.72 20.46
CA VAL A 428 22.41 -47.51 20.26
C VAL A 428 22.04 -47.54 18.78
N ASP A 429 22.56 -46.62 17.96
CA ASP A 429 22.23 -46.53 16.52
C ASP A 429 22.68 -47.83 15.83
N ARG A 430 21.87 -48.35 14.91
CA ARG A 430 22.25 -49.47 14.02
C ARG A 430 23.29 -49.01 12.98
N GLU A 431 23.29 -47.71 12.64
CA GLU A 431 24.17 -47.10 11.60
C GLU A 431 25.63 -47.32 11.96
N VAL A 432 25.96 -47.35 13.25
CA VAL A 432 27.32 -47.70 13.76
C VAL A 432 27.68 -49.09 13.22
N VAL A 433 26.83 -50.10 13.47
CA VAL A 433 27.09 -51.50 13.04
C VAL A 433 27.03 -51.54 11.50
N SER A 434 25.95 -50.98 10.92
CA SER A 434 25.71 -50.92 9.46
C SER A 434 26.94 -50.40 8.71
N GLU A 435 27.66 -49.44 9.31
CA GLU A 435 28.93 -48.88 8.75
C GLU A 435 30.09 -49.82 9.10
N ALA A 436 30.12 -50.35 10.34
CA ALA A 436 31.19 -51.24 10.85
C ALA A 436 31.29 -52.48 9.98
N ILE A 437 30.18 -52.95 9.41
CA ILE A 437 30.15 -54.09 8.45
C ILE A 437 30.84 -53.68 7.15
N ASN A 438 30.55 -52.47 6.65
CA ASN A 438 31.08 -52.00 5.36
C ASN A 438 32.59 -51.77 5.49
N ILE A 439 33.05 -51.29 6.63
CA ILE A 439 34.50 -51.11 6.88
C ILE A 439 35.15 -52.49 7.01
N MET A 440 34.48 -53.44 7.65
CA MET A 440 34.98 -54.82 7.81
C MET A 440 35.24 -55.42 6.43
N ASN A 441 34.31 -55.24 5.49
CA ASN A 441 34.32 -55.88 4.15
C ASN A 441 35.53 -55.40 3.34
N ARG A 442 35.91 -54.14 3.51
CA ARG A 442 37.06 -53.49 2.80
C ARG A 442 38.35 -53.60 3.64
N SER A 443 38.40 -54.50 4.62
CA SER A 443 39.60 -54.64 5.48
C SER A 443 40.82 -55.00 4.63
N ASN A 444 41.98 -54.63 5.14
CA ASN A 444 43.32 -55.01 4.60
C ASN A 444 44.35 -54.42 5.56
N ASP A 445 45.65 -54.69 5.37
CA ASP A 445 46.68 -54.36 6.38
C ASP A 445 46.87 -52.84 6.50
N ALA A 446 46.78 -52.11 5.38
CA ALA A 446 46.89 -50.63 5.37
C ALA A 446 45.82 -50.05 6.29
N LEU A 447 44.56 -50.43 6.07
CA LEU A 447 43.40 -49.97 6.87
C LEU A 447 43.58 -50.37 8.35
N ILE A 448 44.18 -51.54 8.64
CA ILE A 448 44.38 -52.04 10.03
C ILE A 448 45.32 -51.07 10.74
N LYS A 449 46.41 -50.68 10.07
CA LYS A 449 47.37 -49.71 10.64
C LYS A 449 46.58 -48.42 10.90
N PHE A 450 45.88 -47.91 9.89
CA PHE A 450 45.06 -46.65 9.93
C PHE A 450 44.19 -46.64 11.20
N MET A 451 43.45 -47.71 11.44
CA MET A 451 42.66 -47.88 12.68
C MET A 451 43.64 -47.82 13.86
N GLU A 452 44.53 -48.81 13.97
CA GLU A 452 45.43 -48.98 15.13
C GLU A 452 45.98 -47.62 15.55
N TYR A 453 46.39 -46.78 14.59
CA TYR A 453 46.96 -45.44 14.89
C TYR A 453 45.89 -44.50 15.43
N HIS A 454 44.78 -44.33 14.72
CA HIS A 454 43.72 -43.36 15.09
C HIS A 454 43.11 -43.70 16.45
N ILE A 455 42.87 -44.98 16.71
CA ILE A 455 42.17 -45.48 17.93
C ILE A 455 43.15 -45.49 19.12
N SER A 456 44.41 -45.86 18.90
CA SER A 456 45.47 -45.92 19.95
C SER A 456 46.04 -44.52 20.26
N ASN A 457 45.54 -43.46 19.62
CA ASN A 457 45.94 -42.06 19.95
C ASN A 457 44.74 -41.22 20.39
N THR A 458 43.51 -41.73 20.32
CA THR A 458 42.33 -41.10 20.98
C THR A 458 42.57 -41.09 22.49
N ASP A 459 42.28 -39.97 23.15
CA ASP A 459 42.37 -39.82 24.63
C ASP A 459 40.94 -39.81 25.20
N GLU A 460 40.46 -40.98 25.62
CA GLU A 460 39.10 -41.22 26.20
C GLU A 460 38.81 -40.25 27.37
N THR A 461 39.84 -39.70 28.02
CA THR A 461 39.75 -38.85 29.22
C THR A 461 39.10 -37.51 28.86
N LYS A 462 39.13 -37.13 27.58
CA LYS A 462 38.60 -35.83 27.10
C LYS A 462 37.07 -35.82 27.28
N GLY A 463 36.37 -36.86 26.81
CA GLY A 463 34.90 -36.93 26.88
C GLY A 463 34.37 -38.35 26.89
N GLU A 464 33.05 -38.49 27.01
CA GLU A 464 32.34 -39.78 26.97
C GLU A 464 32.44 -40.34 25.56
N ASN A 465 32.24 -39.47 24.56
CA ASN A 465 32.20 -39.85 23.12
C ASN A 465 33.56 -40.42 22.73
N TYR A 466 34.64 -39.81 23.21
CA TYR A 466 36.03 -40.30 22.95
C TYR A 466 36.19 -41.71 23.54
N GLN A 467 35.58 -41.99 24.71
CA GLN A 467 35.62 -43.33 25.33
C GLN A 467 34.86 -44.29 24.41
N LEU A 468 33.67 -43.88 23.99
CA LEU A 468 32.78 -44.72 23.16
C LEU A 468 33.52 -45.10 21.87
N VAL A 469 34.04 -44.10 21.14
CA VAL A 469 34.74 -44.33 19.85
C VAL A 469 35.94 -45.27 20.12
N LYS A 470 36.69 -45.03 21.20
CA LYS A 470 37.93 -45.79 21.50
C LYS A 470 37.56 -47.25 21.73
N THR A 471 36.54 -47.55 22.51
CA THR A 471 36.12 -48.95 22.71
C THR A 471 35.74 -49.57 21.37
N LEU A 472 34.81 -48.94 20.65
CA LEU A 472 34.28 -49.42 19.34
C LEU A 472 35.47 -49.69 18.41
N GLY A 473 36.32 -48.69 18.14
CA GLY A 473 37.54 -48.84 17.33
C GLY A 473 38.31 -50.10 17.70
N GLU A 474 38.57 -50.30 19.00
CA GLU A 474 39.33 -51.46 19.52
C GLU A 474 38.62 -52.75 19.09
N GLN A 475 37.30 -52.79 19.23
CA GLN A 475 36.48 -53.97 18.85
C GLN A 475 36.57 -54.19 17.34
N LEU A 476 36.47 -53.10 16.58
CA LEU A 476 36.46 -53.12 15.09
C LEU A 476 37.84 -53.49 14.53
N ILE A 477 38.94 -53.06 15.19
CA ILE A 477 40.32 -53.52 14.88
C ILE A 477 40.35 -55.04 15.00
N GLU A 478 39.93 -55.59 16.16
CA GLU A 478 39.95 -57.05 16.47
C GLU A 478 39.13 -57.80 15.43
N ASN A 479 38.00 -57.24 15.02
CA ASN A 479 37.08 -57.85 14.02
C ASN A 479 37.74 -57.86 12.64
N CYS A 480 38.34 -56.74 12.22
CA CYS A 480 39.03 -56.66 10.90
C CYS A 480 40.23 -57.62 10.91
N LYS A 481 40.99 -57.69 12.00
CA LYS A 481 42.16 -58.60 12.16
C LYS A 481 41.72 -60.05 11.88
N GLN A 482 40.58 -60.48 12.45
CA GLN A 482 39.99 -61.84 12.26
C GLN A 482 39.65 -62.04 10.77
N VAL A 483 39.06 -61.03 10.12
CA VAL A 483 38.46 -61.18 8.75
C VAL A 483 39.40 -60.60 7.69
N LEU A 484 40.68 -60.39 8.00
CA LEU A 484 41.69 -59.85 7.03
C LEU A 484 41.68 -60.69 5.74
N ASP A 485 41.62 -62.01 5.88
CA ASP A 485 41.76 -62.99 4.76
C ASP A 485 40.38 -63.44 4.24
N VAL A 486 39.29 -63.09 4.95
CA VAL A 486 37.90 -63.59 4.72
C VAL A 486 37.28 -62.81 3.56
N ASP A 487 36.38 -63.45 2.79
CA ASP A 487 35.68 -62.84 1.63
C ASP A 487 34.60 -61.88 2.11
N PRO A 488 34.29 -60.79 1.37
CA PRO A 488 33.33 -59.80 1.81
C PRO A 488 31.90 -60.33 1.83
N VAL A 489 31.14 -59.98 2.86
CA VAL A 489 29.80 -60.56 3.18
C VAL A 489 28.72 -59.48 3.19
N TYR A 490 27.72 -59.63 2.32
CA TYR A 490 26.47 -58.82 2.35
C TYR A 490 25.65 -59.15 3.60
N LYS A 491 25.84 -58.35 4.65
CA LYS A 491 25.20 -58.58 5.97
C LYS A 491 24.32 -57.37 6.29
N ASP A 492 23.05 -57.39 5.86
CA ASP A 492 22.07 -56.32 6.16
C ASP A 492 21.76 -56.39 7.68
N VAL A 493 21.77 -55.24 8.37
CA VAL A 493 21.36 -55.09 9.81
C VAL A 493 20.43 -53.89 9.98
N ALA A 494 19.69 -53.53 8.93
CA ALA A 494 18.70 -52.42 8.92
C ALA A 494 17.43 -52.91 9.60
N LYS A 495 16.86 -52.12 10.50
CA LYS A 495 15.66 -52.55 11.23
C LYS A 495 14.46 -52.72 10.32
N PRO A 496 13.92 -53.93 10.24
CA PRO A 496 12.77 -54.19 9.37
C PRO A 496 11.58 -53.35 9.78
N THR A 497 10.89 -52.76 8.82
CA THR A 497 9.74 -51.91 9.13
C THR A 497 8.54 -52.28 8.26
N GLY A 498 7.34 -51.99 8.77
CA GLY A 498 6.12 -52.39 8.11
C GLY A 498 5.26 -51.21 7.71
N PRO A 499 4.27 -51.45 6.84
CA PRO A 499 3.39 -50.37 6.38
C PRO A 499 2.62 -49.74 7.54
N LYS A 500 2.32 -48.45 7.43
CA LYS A 500 1.61 -47.78 8.50
C LYS A 500 0.79 -46.60 7.98
N THR A 501 -0.53 -46.68 8.11
CA THR A 501 -1.41 -45.59 7.66
C THR A 501 -2.18 -45.10 8.89
N ALA A 502 -2.22 -43.77 9.09
CA ALA A 502 -2.94 -43.07 10.18
C ALA A 502 -3.79 -41.95 9.56
N ILE A 503 -4.99 -41.76 10.12
CA ILE A 503 -5.93 -40.66 9.78
C ILE A 503 -6.06 -39.82 11.05
N ASP A 504 -5.66 -38.55 11.00
CA ASP A 504 -5.78 -37.61 12.16
C ASP A 504 -7.26 -37.26 12.36
N LYS A 505 -7.53 -36.32 13.28
CA LYS A 505 -8.87 -35.75 13.53
C LYS A 505 -9.38 -35.05 12.25
N ASN A 506 -8.52 -34.27 11.59
CA ASN A 506 -8.85 -33.43 10.41
C ASN A 506 -8.95 -34.25 9.12
N GLY A 507 -8.52 -35.52 9.13
CA GLY A 507 -8.64 -36.45 7.99
C GLY A 507 -7.52 -36.27 7.00
N ASN A 508 -6.29 -36.57 7.42
CA ASN A 508 -5.06 -36.60 6.57
C ASN A 508 -4.50 -38.02 6.63
N ILE A 509 -4.25 -38.61 5.46
CA ILE A 509 -3.75 -40.01 5.33
C ILE A 509 -2.22 -39.96 5.45
N THR A 510 -1.71 -39.95 6.68
CA THR A 510 -0.25 -39.98 6.99
C THR A 510 0.23 -41.43 6.83
N TYR A 511 1.00 -41.72 5.78
CA TYR A 511 1.73 -43.00 5.62
C TYR A 511 3.09 -42.89 6.29
N SER A 512 3.57 -43.99 6.84
CA SER A 512 4.93 -44.10 7.43
C SER A 512 5.41 -45.56 7.31
N GLU A 513 6.59 -45.86 7.82
CA GLU A 513 7.06 -47.24 7.79
C GLU A 513 7.26 -47.69 9.22
N GLU A 514 6.16 -47.89 9.94
CA GLU A 514 6.26 -48.30 11.33
C GLU A 514 7.21 -49.47 11.45
N PRO A 515 8.21 -49.35 12.33
CA PRO A 515 9.09 -50.51 12.52
C PRO A 515 8.27 -51.70 12.95
N ARG A 516 8.34 -52.78 12.19
CA ARG A 516 7.72 -54.02 12.61
C ARG A 516 8.25 -54.35 13.97
N GLU A 517 7.36 -54.64 14.91
CA GLU A 517 7.79 -54.90 16.28
C GLU A 517 8.29 -56.32 16.43
N LYS A 518 7.43 -57.29 16.12
CA LYS A 518 7.81 -58.72 16.27
C LYS A 518 9.19 -58.94 15.64
N VAL A 519 9.31 -58.58 14.36
CA VAL A 519 10.54 -58.69 13.51
C VAL A 519 11.42 -57.48 13.84
N ARG A 520 12.64 -57.73 14.31
CA ARG A 520 13.63 -56.66 14.62
C ARG A 520 15.03 -57.05 14.10
N LYS A 521 15.16 -58.14 13.33
CA LYS A 521 16.37 -58.49 12.54
C LYS A 521 15.90 -59.18 11.25
N LEU A 522 16.82 -59.54 10.36
CA LEU A 522 16.46 -60.27 9.11
C LEU A 522 16.16 -61.74 9.45
N SER A 523 16.89 -62.33 10.41
CA SER A 523 16.68 -63.71 10.91
C SER A 523 15.18 -63.94 11.16
N GLN A 524 14.57 -63.07 11.98
CA GLN A 524 13.16 -63.12 12.39
C GLN A 524 12.26 -62.91 11.17
N TYR A 525 12.73 -62.08 10.23
CA TYR A 525 12.02 -61.81 8.94
C TYR A 525 11.98 -63.10 8.11
N VAL A 526 13.02 -63.93 8.20
CA VAL A 526 13.11 -65.23 7.46
C VAL A 526 12.19 -66.27 8.13
N GLN A 527 12.13 -66.27 9.47
CA GLN A 527 11.30 -67.22 10.27
C GLN A 527 9.81 -66.91 10.07
N GLU A 528 9.40 -65.64 10.07
CA GLU A 528 8.01 -65.19 9.73
C GLU A 528 7.62 -65.66 8.32
N MET A 529 8.53 -65.54 7.32
CA MET A 529 8.30 -65.98 5.91
C MET A 529 8.21 -67.50 5.85
N ALA A 530 9.00 -68.20 6.67
CA ALA A 530 9.04 -69.68 6.76
C ALA A 530 7.72 -70.19 7.33
N LEU A 531 7.23 -69.62 8.42
CA LEU A 531 6.00 -70.07 9.12
C LEU A 531 4.73 -69.73 8.32
N GLY A 532 4.82 -68.73 7.43
CA GLY A 532 3.66 -68.28 6.65
C GLY A 532 2.54 -67.83 7.58
N GLY A 533 1.31 -67.85 7.06
CA GLY A 533 0.12 -67.35 7.77
C GLY A 533 -1.03 -68.35 7.70
N PRO A 534 -2.20 -67.99 8.27
CA PRO A 534 -3.42 -68.78 8.14
C PRO A 534 -3.99 -68.85 6.71
N ILE A 535 -3.96 -67.73 5.97
CA ILE A 535 -4.46 -67.63 4.56
C ILE A 535 -3.63 -68.52 3.63
N THR A 536 -2.32 -68.66 3.88
CA THR A 536 -1.37 -69.46 3.05
C THR A 536 -1.60 -70.96 3.25
N LYS A 537 -2.21 -71.35 4.37
CA LYS A 537 -2.50 -72.75 4.74
C LYS A 537 -3.41 -73.38 3.67
N GLU A 538 -3.08 -74.59 3.22
CA GLU A 538 -3.88 -75.41 2.26
C GLU A 538 -4.23 -76.75 2.93
N SER A 539 -5.27 -77.44 2.41
CA SER A 539 -5.92 -78.64 3.00
C SER A 539 -5.28 -79.93 2.45
N GLU A 602 20.24 -64.38 20.60
CA GLU A 602 20.67 -63.23 21.44
C GLU A 602 21.50 -62.24 20.61
N ASP A 603 21.25 -60.94 20.79
CA ASP A 603 21.99 -59.83 20.12
C ASP A 603 22.08 -58.64 21.09
N ALA A 604 22.65 -57.53 20.64
CA ALA A 604 22.71 -56.24 21.38
C ALA A 604 22.25 -55.08 20.48
N LEU A 605 21.44 -55.35 19.45
CA LEU A 605 20.87 -54.31 18.55
C LEU A 605 19.95 -53.40 19.38
N ASP A 606 19.97 -52.10 19.10
CA ASP A 606 19.04 -51.09 19.68
C ASP A 606 19.21 -51.00 21.21
N LYS A 607 20.39 -51.33 21.74
CA LYS A 607 20.73 -51.20 23.19
C LYS A 607 22.23 -50.93 23.38
N ASP A 608 23.09 -51.67 22.68
CA ASP A 608 24.57 -51.50 22.68
C ASP A 608 25.11 -51.92 21.31
N SER A 609 25.40 -50.95 20.44
CA SER A 609 25.97 -51.17 19.10
C SER A 609 27.39 -51.74 19.22
N THR A 610 28.21 -51.24 20.15
CA THR A 610 29.64 -51.67 20.34
C THR A 610 29.73 -53.18 20.58
N LYS A 611 28.83 -53.76 21.36
CA LYS A 611 28.78 -55.21 21.64
C LYS A 611 28.32 -55.96 20.39
N GLU A 612 27.36 -55.41 19.63
CA GLU A 612 26.80 -56.02 18.39
C GLU A 612 27.91 -56.10 17.32
N VAL A 613 28.79 -55.09 17.28
CA VAL A 613 29.97 -55.06 16.36
C VAL A 613 30.90 -56.24 16.68
N ALA A 614 31.08 -56.61 17.95
CA ALA A 614 31.93 -57.75 18.39
C ALA A 614 31.41 -59.10 17.86
N SER A 615 30.09 -59.20 17.57
CA SER A 615 29.36 -60.43 17.17
C SER A 615 29.34 -60.63 15.65
N LEU A 616 30.00 -59.77 14.88
CA LEU A 616 30.04 -59.84 13.40
C LEU A 616 31.04 -60.89 12.91
N PRO A 617 32.34 -60.93 13.33
CA PRO A 617 33.31 -61.87 12.76
C PRO A 617 33.20 -63.31 13.31
N ASN A 618 32.15 -63.57 14.10
CA ASN A 618 31.80 -64.88 14.69
C ASN A 618 30.69 -65.53 13.83
N LYS A 619 31.05 -66.51 13.00
CA LYS A 619 30.14 -67.21 12.04
C LYS A 619 29.19 -68.10 12.85
N SER A 620 27.98 -67.60 13.15
CA SER A 620 26.97 -68.28 14.01
C SER A 620 26.55 -69.60 13.35
N THR A 621 26.60 -70.69 14.12
CA THR A 621 26.33 -72.09 13.68
C THR A 621 24.81 -72.37 13.69
N ILE A 622 24.31 -73.01 12.64
CA ILE A 622 22.87 -73.39 12.45
C ILE A 622 22.69 -74.82 13.00
N SER A 623 22.39 -74.93 14.29
CA SER A 623 21.99 -76.19 14.98
C SER A 623 20.76 -76.79 14.25
N LYS A 624 19.60 -76.12 14.34
CA LYS A 624 18.35 -76.49 13.62
C LYS A 624 18.10 -75.46 12.51
N THR A 625 17.61 -75.92 11.35
CA THR A 625 17.33 -75.09 10.16
C THR A 625 15.89 -74.58 10.22
N VAL A 626 15.65 -73.41 9.63
CA VAL A 626 14.31 -72.75 9.52
C VAL A 626 13.45 -73.51 8.51
N SER A 627 14.00 -74.51 7.83
CA SER A 627 13.25 -75.48 6.99
C SER A 627 12.47 -76.49 7.85
N SER A 628 12.93 -76.77 9.08
CA SER A 628 12.28 -77.72 10.03
C SER A 628 11.01 -77.08 10.66
N THR A 629 10.97 -75.75 10.79
CA THR A 629 9.84 -75.00 11.45
C THR A 629 8.70 -74.74 10.46
N ILE A 630 8.93 -75.01 9.17
CA ILE A 630 7.84 -74.92 8.15
C ILE A 630 6.74 -75.87 8.61
N PRO A 631 5.51 -75.39 8.89
CA PRO A 631 4.42 -76.27 9.26
C PRO A 631 4.05 -77.19 8.09
N ARG A 632 3.52 -78.38 8.38
CA ARG A 632 2.92 -79.30 7.36
C ARG A 632 1.64 -78.70 6.79
N GLU A 633 1.40 -78.87 5.48
CA GLU A 633 0.24 -78.32 4.73
C GLU A 633 0.03 -76.85 5.11
N THR A 634 1.11 -76.05 5.06
CA THR A 634 1.11 -74.57 5.19
C THR A 634 2.25 -74.01 4.33
N ILE A 635 1.93 -73.42 3.18
CA ILE A 635 2.92 -72.88 2.20
C ILE A 635 3.59 -71.68 2.86
N PRO A 636 4.95 -71.65 2.96
CA PRO A 636 5.67 -70.46 3.40
C PRO A 636 5.38 -69.26 2.48
N PHE A 637 5.60 -68.04 2.99
CA PHE A 637 5.42 -66.77 2.23
C PHE A 637 6.37 -66.77 1.03
N LEU A 638 7.66 -67.02 1.27
CA LEU A 638 8.73 -67.20 0.24
C LEU A 638 8.97 -68.69 0.00
N HIS A 639 8.82 -69.11 -1.26
CA HIS A 639 8.88 -70.54 -1.65
C HIS A 639 9.27 -70.66 -3.11
N LEU A 640 10.13 -71.64 -3.42
CA LEU A 640 10.40 -72.05 -4.82
C LEU A 640 9.27 -72.95 -5.25
N ARG A 641 9.06 -73.06 -6.55
CA ARG A 641 8.06 -73.96 -7.16
C ARG A 641 8.82 -75.02 -7.95
N LYS A 642 8.12 -76.06 -8.37
CA LYS A 642 8.65 -77.15 -9.23
C LYS A 642 7.64 -77.38 -10.34
N LYS A 643 8.10 -77.74 -11.53
CA LYS A 643 7.20 -78.09 -12.66
C LYS A 643 6.71 -79.52 -12.46
N THR A 644 5.38 -79.73 -12.50
CA THR A 644 4.76 -81.07 -12.40
C THR A 644 4.83 -81.73 -13.76
N PRO A 645 4.62 -83.07 -13.84
CA PRO A 645 4.41 -83.73 -15.13
C PRO A 645 3.13 -83.28 -15.87
N ALA A 646 2.17 -82.66 -15.18
CA ALA A 646 0.96 -82.04 -15.77
C ALA A 646 1.32 -80.76 -16.55
N GLY A 647 2.48 -80.16 -16.24
CA GLY A 647 3.03 -78.99 -16.93
C GLY A 647 2.97 -77.73 -16.07
N ASP A 648 2.23 -77.77 -14.95
CA ASP A 648 2.02 -76.60 -14.05
C ASP A 648 3.19 -76.46 -13.08
N TRP A 649 3.30 -75.28 -12.46
CA TRP A 649 4.33 -74.93 -11.44
C TRP A 649 3.68 -74.93 -10.06
N LYS A 650 4.10 -75.84 -9.17
CA LYS A 650 3.48 -76.05 -7.84
C LYS A 650 4.55 -75.91 -6.79
N TYR A 651 4.16 -75.39 -5.62
CA TYR A 651 4.98 -75.33 -4.38
C TYR A 651 5.67 -76.69 -4.24
N ASP A 652 6.97 -76.67 -3.98
CA ASP A 652 7.74 -77.87 -3.58
C ASP A 652 8.39 -77.58 -2.23
N ARG A 653 8.06 -78.39 -1.24
CA ARG A 653 8.54 -78.23 0.16
C ARG A 653 10.06 -78.31 0.21
N GLN A 654 10.67 -79.21 -0.57
CA GLN A 654 12.13 -79.49 -0.48
C GLN A 654 12.93 -78.30 -1.03
N LEU A 655 12.58 -77.87 -2.26
CA LEU A 655 13.25 -76.75 -2.96
C LEU A 655 13.10 -75.50 -2.08
N SER A 656 11.88 -75.18 -1.64
CA SER A 656 11.60 -74.03 -0.74
C SER A 656 12.34 -74.19 0.59
N SER A 657 12.47 -75.42 1.11
CA SER A 657 13.30 -75.71 2.30
C SER A 657 14.72 -75.23 2.01
N LEU A 658 15.27 -75.62 0.84
CA LEU A 658 16.66 -75.31 0.42
C LEU A 658 16.90 -73.79 0.32
N PHE A 659 15.92 -73.06 -0.20
CA PHE A 659 15.95 -71.58 -0.41
C PHE A 659 15.97 -70.86 0.93
N LEU A 660 15.09 -71.28 1.84
CA LEU A 660 14.95 -70.70 3.21
C LEU A 660 16.20 -71.02 4.03
N ASP A 661 16.83 -72.19 3.86
CA ASP A 661 18.12 -72.53 4.52
C ASP A 661 19.20 -71.54 4.06
N GLY A 662 19.36 -71.41 2.75
CA GLY A 662 20.18 -70.35 2.13
C GLY A 662 19.97 -69.02 2.83
N LEU A 663 18.76 -68.46 2.74
CA LEU A 663 18.39 -67.13 3.32
C LEU A 663 18.82 -67.06 4.78
N GLU A 664 18.48 -68.07 5.58
CA GLU A 664 18.87 -68.09 7.02
C GLU A 664 20.40 -68.00 7.10
N LYS A 665 21.11 -68.78 6.27
CA LYS A 665 22.60 -68.83 6.33
C LYS A 665 23.17 -67.44 6.02
N ALA A 666 22.59 -66.77 5.02
CA ALA A 666 22.95 -65.41 4.57
C ALA A 666 22.66 -64.40 5.69
N ALA A 667 21.49 -64.50 6.32
CA ALA A 667 21.01 -63.54 7.34
C ALA A 667 21.93 -63.57 8.56
N PHE A 668 22.30 -64.75 9.05
CA PHE A 668 23.10 -64.92 10.29
C PHE A 668 24.53 -64.41 10.05
N ASN A 669 25.23 -65.03 9.10
CA ASN A 669 26.71 -64.93 8.93
C ASN A 669 27.07 -63.98 7.79
N GLY A 670 26.43 -64.20 6.63
CA GLY A 670 26.56 -63.35 5.44
C GLY A 670 26.79 -64.15 4.18
N VAL A 671 26.17 -63.71 3.09
CA VAL A 671 26.45 -64.21 1.70
C VAL A 671 27.66 -63.43 1.17
N THR A 672 28.53 -64.11 0.41
CA THR A 672 29.66 -63.51 -0.35
C THR A 672 29.33 -63.58 -1.86
N PHE A 673 29.68 -62.56 -2.62
CA PHE A 673 29.56 -62.51 -4.10
C PHE A 673 30.95 -62.29 -4.70
N LYS A 674 31.94 -63.01 -4.21
CA LYS A 674 33.30 -62.91 -4.75
C LYS A 674 33.24 -63.37 -6.21
N ASP A 675 34.06 -62.76 -7.07
CA ASP A 675 34.28 -63.03 -8.53
C ASP A 675 32.94 -63.37 -9.21
N LYS A 676 31.90 -62.58 -8.95
CA LYS A 676 30.55 -62.80 -9.52
C LYS A 676 30.15 -61.55 -10.32
N TYR A 677 30.28 -61.63 -11.65
CA TYR A 677 30.08 -60.49 -12.59
C TYR A 677 28.60 -60.41 -12.95
N VAL A 678 27.99 -59.24 -12.74
CA VAL A 678 26.52 -59.04 -12.83
C VAL A 678 26.23 -57.90 -13.79
N LEU A 679 25.18 -58.03 -14.60
CA LEU A 679 24.68 -56.92 -15.44
C LEU A 679 23.27 -56.59 -15.02
N ILE A 680 23.09 -55.43 -14.42
CA ILE A 680 21.79 -55.00 -13.85
C ILE A 680 21.31 -53.78 -14.64
N THR A 681 20.02 -53.74 -14.95
CA THR A 681 19.34 -52.59 -15.62
C THR A 681 18.32 -52.04 -14.63
N GLY A 682 17.81 -50.83 -14.88
CA GLY A 682 16.70 -50.23 -14.11
C GLY A 682 17.00 -50.18 -12.63
N ALA A 683 18.22 -49.79 -12.28
CA ALA A 683 18.68 -49.64 -10.88
C ALA A 683 18.86 -48.17 -10.52
N GLY A 684 17.90 -47.33 -10.90
CA GLY A 684 17.86 -45.90 -10.54
C GLY A 684 17.47 -45.74 -9.08
N LYS A 685 17.78 -44.58 -8.50
CA LYS A 685 17.56 -44.28 -7.07
C LYS A 685 16.09 -44.53 -6.67
N GLY A 686 15.90 -45.12 -5.49
CA GLY A 686 14.59 -45.46 -4.93
C GLY A 686 14.21 -46.89 -5.27
N SER A 687 14.33 -47.23 -6.55
CA SER A 687 13.90 -48.53 -7.13
C SER A 687 14.56 -49.70 -6.37
N ILE A 688 14.00 -50.88 -6.57
CA ILE A 688 14.48 -52.19 -6.03
C ILE A 688 15.94 -52.29 -6.45
N GLY A 689 16.18 -52.18 -7.75
CA GLY A 689 17.51 -52.28 -8.35
C GLY A 689 18.56 -51.71 -7.43
N ALA A 690 18.43 -50.45 -7.03
CA ALA A 690 19.42 -49.72 -6.20
C ALA A 690 19.83 -50.58 -4.99
N GLU A 691 18.83 -51.19 -4.32
CA GLU A 691 19.02 -52.01 -3.10
C GLU A 691 19.74 -53.30 -3.48
N VAL A 692 19.37 -53.91 -4.60
CA VAL A 692 20.07 -55.12 -5.15
C VAL A 692 21.52 -54.72 -5.43
N LEU A 693 21.70 -53.58 -6.10
CA LEU A 693 23.04 -53.02 -6.42
C LEU A 693 23.82 -52.89 -5.11
N GLN A 694 23.23 -52.28 -4.09
CA GLN A 694 23.93 -52.05 -2.80
C GLN A 694 24.41 -53.38 -2.25
N GLY A 695 23.55 -54.38 -2.32
CA GLY A 695 23.92 -55.72 -1.86
C GLY A 695 25.13 -56.21 -2.61
N LEU A 696 24.98 -56.32 -3.92
CA LEU A 696 26.00 -56.95 -4.79
C LEU A 696 27.36 -56.34 -4.46
N LEU A 697 27.45 -55.01 -4.49
CA LEU A 697 28.70 -54.25 -4.23
C LEU A 697 29.21 -54.63 -2.84
N GLN A 698 28.29 -54.77 -1.88
CA GLN A 698 28.62 -55.10 -0.47
C GLN A 698 29.20 -56.51 -0.43
N GLY A 699 28.77 -57.36 -1.35
CA GLY A 699 29.24 -58.75 -1.43
C GLY A 699 30.58 -58.91 -2.14
N GLY A 700 31.11 -57.86 -2.73
CA GLY A 700 32.40 -57.93 -3.46
C GLY A 700 32.22 -58.31 -4.93
N ALA A 701 31.01 -58.13 -5.47
CA ALA A 701 30.68 -58.37 -6.90
C ALA A 701 31.28 -57.26 -7.75
N LYS A 702 31.68 -57.60 -8.98
CA LYS A 702 31.81 -56.64 -10.09
C LYS A 702 30.41 -56.50 -10.67
N VAL A 703 29.98 -55.29 -10.98
CA VAL A 703 28.59 -55.02 -11.45
C VAL A 703 28.64 -53.98 -12.54
N VAL A 704 27.78 -54.12 -13.56
CA VAL A 704 27.64 -53.11 -14.65
C VAL A 704 26.21 -52.58 -14.66
N VAL A 705 26.01 -51.41 -14.09
CA VAL A 705 24.64 -50.86 -13.91
C VAL A 705 24.34 -49.88 -15.05
N THR A 706 23.20 -50.07 -15.68
CA THR A 706 22.78 -49.24 -16.82
C THR A 706 21.82 -48.21 -16.25
N THR A 707 21.90 -46.99 -16.76
CA THR A 707 20.98 -45.86 -16.47
C THR A 707 20.52 -45.24 -17.77
N SER A 708 19.26 -44.83 -17.84
CA SER A 708 18.71 -44.06 -18.98
C SER A 708 18.97 -42.57 -18.75
N ARG A 709 19.15 -42.16 -17.50
CA ARG A 709 19.18 -40.73 -17.09
C ARG A 709 20.64 -40.32 -16.79
N PHE A 710 21.58 -40.70 -17.65
CA PHE A 710 23.04 -40.52 -17.39
C PHE A 710 23.39 -39.03 -17.34
N SER A 711 23.64 -38.51 -16.14
CA SER A 711 23.96 -37.08 -15.88
C SER A 711 24.92 -36.99 -14.70
N LYS A 712 25.35 -35.77 -14.38
CA LYS A 712 26.22 -35.52 -13.20
C LYS A 712 25.50 -36.07 -11.97
N GLN A 713 24.26 -35.64 -11.74
CA GLN A 713 23.50 -36.01 -10.52
C GLN A 713 23.62 -37.53 -10.31
N VAL A 714 23.24 -38.32 -11.34
CA VAL A 714 23.21 -39.81 -11.31
C VAL A 714 24.61 -40.37 -11.05
N THR A 715 25.62 -39.93 -11.77
CA THR A 715 26.99 -40.48 -11.58
C THR A 715 27.40 -40.28 -10.12
N ASP A 716 27.05 -39.15 -9.51
CA ASP A 716 27.48 -38.73 -8.13
C ASP A 716 26.67 -39.49 -7.09
N TYR A 717 25.44 -39.88 -7.42
CA TYR A 717 24.68 -40.90 -6.67
C TYR A 717 25.47 -42.20 -6.66
N TYR A 718 25.64 -42.88 -7.80
CA TYR A 718 26.32 -44.20 -7.89
C TYR A 718 27.72 -44.12 -7.31
N GLN A 719 28.41 -43.00 -7.44
CA GLN A 719 29.70 -42.82 -6.73
C GLN A 719 29.41 -42.96 -5.23
N SER A 720 28.47 -42.18 -4.70
CA SER A 720 28.12 -42.18 -3.26
C SER A 720 27.84 -43.61 -2.80
N ILE A 721 27.13 -44.38 -3.61
CA ILE A 721 26.75 -45.79 -3.30
C ILE A 721 28.02 -46.63 -3.25
N TYR A 722 28.93 -46.45 -4.18
CA TYR A 722 30.13 -47.30 -4.23
C TYR A 722 31.04 -46.98 -3.04
N ALA A 723 31.16 -45.70 -2.69
CA ALA A 723 32.08 -45.21 -1.65
C ALA A 723 31.54 -45.54 -0.26
N LYS A 724 30.22 -45.72 -0.12
CA LYS A 724 29.62 -46.09 1.18
C LYS A 724 29.77 -47.59 1.36
N TYR A 725 29.26 -48.39 0.41
CA TYR A 725 29.08 -49.87 0.52
C TYR A 725 30.30 -50.63 -0.04
N GLY A 726 30.57 -50.35 -1.33
CA GLY A 726 31.49 -51.07 -2.20
C GLY A 726 32.59 -51.75 -1.40
N ALA A 727 32.52 -53.07 -1.32
CA ALA A 727 33.48 -53.95 -0.59
C ALA A 727 34.82 -54.04 -1.33
N LYS A 728 35.83 -54.68 -0.73
CA LYS A 728 37.12 -54.95 -1.44
C LYS A 728 36.84 -55.92 -2.61
N GLY A 729 37.57 -55.74 -3.73
CA GLY A 729 37.44 -56.57 -4.94
C GLY A 729 36.29 -56.12 -5.83
N SER A 730 35.18 -55.68 -5.23
CA SER A 730 33.99 -55.12 -5.93
C SER A 730 34.39 -54.00 -6.86
N THR A 731 33.81 -53.98 -8.07
CA THR A 731 33.90 -52.89 -9.07
C THR A 731 32.51 -52.48 -9.50
N LEU A 732 32.30 -51.22 -9.83
CA LEU A 732 31.01 -50.76 -10.40
C LEU A 732 31.25 -50.02 -11.73
N ILE A 733 30.39 -50.23 -12.72
CA ILE A 733 30.57 -49.66 -14.08
C ILE A 733 29.24 -49.04 -14.50
N VAL A 734 29.08 -47.73 -14.32
CA VAL A 734 27.82 -47.01 -14.68
C VAL A 734 27.88 -46.58 -16.16
N VAL A 735 27.05 -47.16 -17.00
CA VAL A 735 27.00 -46.85 -18.45
C VAL A 735 25.63 -46.24 -18.73
N PRO A 736 25.54 -45.26 -19.65
CA PRO A 736 24.27 -44.82 -20.22
C PRO A 736 23.74 -45.94 -21.09
N PHE A 737 22.44 -46.03 -21.24
CA PHE A 737 21.80 -47.19 -21.91
C PHE A 737 20.30 -46.94 -22.10
N ASN A 738 19.79 -47.30 -23.26
CA ASN A 738 18.35 -47.14 -23.62
C ASN A 738 17.85 -48.50 -24.11
N GLN A 739 17.40 -49.34 -23.20
CA GLN A 739 17.07 -50.77 -23.47
C GLN A 739 16.16 -50.87 -24.70
N GLY A 740 15.27 -49.87 -24.91
CA GLY A 740 14.35 -49.72 -26.07
C GLY A 740 15.05 -49.80 -27.43
N SER A 741 16.35 -49.50 -27.50
CA SER A 741 17.16 -49.53 -28.75
C SER A 741 17.96 -50.83 -28.86
N LYS A 742 17.82 -51.52 -30.00
CA LYS A 742 18.50 -52.79 -30.35
C LYS A 742 20.02 -52.60 -30.46
N GLN A 743 20.47 -51.49 -31.08
CA GLN A 743 21.91 -51.14 -31.28
C GLN A 743 22.57 -50.97 -29.91
N ASP A 744 21.93 -50.25 -28.99
CA ASP A 744 22.42 -50.07 -27.59
C ASP A 744 22.64 -51.43 -26.95
N VAL A 745 21.64 -52.31 -27.03
CA VAL A 745 21.66 -53.68 -26.41
C VAL A 745 22.89 -54.42 -26.93
N GLU A 746 23.02 -54.55 -28.26
CA GLU A 746 24.12 -55.30 -28.91
C GLU A 746 25.48 -54.67 -28.58
N ALA A 747 25.58 -53.35 -28.62
CA ALA A 747 26.85 -52.63 -28.35
C ALA A 747 27.31 -52.96 -26.92
N LEU A 748 26.43 -52.70 -25.95
CA LEU A 748 26.68 -52.87 -24.50
C LEU A 748 27.29 -54.25 -24.26
N ILE A 749 26.56 -55.28 -24.68
CA ILE A 749 26.96 -56.70 -24.46
C ILE A 749 28.31 -56.87 -25.12
N GLU A 750 28.46 -56.40 -26.37
CA GLU A 750 29.76 -56.47 -27.08
C GLU A 750 30.78 -55.80 -26.17
N PHE A 751 30.49 -54.58 -25.70
CA PHE A 751 31.41 -53.75 -24.86
C PHE A 751 31.88 -54.51 -23.60
N ILE A 752 30.96 -55.23 -22.97
CA ILE A 752 31.23 -55.98 -21.71
C ILE A 752 32.26 -57.07 -22.04
N TYR A 753 31.98 -57.81 -23.10
CA TYR A 753 32.70 -59.06 -23.48
C TYR A 753 34.04 -58.70 -24.11
N ASP A 754 34.04 -57.68 -24.97
CA ASP A 754 35.26 -57.22 -25.69
C ASP A 754 36.39 -57.07 -24.66
N THR A 755 37.63 -57.30 -25.10
CA THR A 755 38.87 -57.30 -24.25
C THR A 755 39.25 -55.87 -23.88
N GLU A 756 40.06 -55.72 -22.84
CA GLU A 756 40.49 -54.38 -22.36
C GLU A 756 41.22 -53.67 -23.51
N LYS A 757 42.09 -54.39 -24.23
CA LYS A 757 42.90 -53.85 -25.36
C LYS A 757 42.00 -52.98 -26.25
N ASN A 758 40.83 -53.50 -26.60
CA ASN A 758 39.90 -52.94 -27.60
C ASN A 758 38.82 -52.12 -26.89
N GLY A 759 39.20 -51.46 -25.79
CA GLY A 759 38.34 -50.53 -25.01
C GLY A 759 37.06 -51.18 -24.52
N GLY A 760 37.14 -52.46 -24.15
CA GLY A 760 36.08 -53.22 -23.46
C GLY A 760 36.47 -53.51 -22.03
N LEU A 761 35.68 -54.33 -21.36
CA LEU A 761 35.88 -54.71 -19.94
C LEU A 761 36.68 -56.01 -19.85
N GLY A 762 36.57 -56.88 -20.85
CA GLY A 762 37.19 -58.23 -20.89
C GLY A 762 36.55 -59.15 -19.88
N TRP A 763 35.23 -59.05 -19.74
CA TRP A 763 34.44 -59.76 -18.71
C TRP A 763 33.59 -60.84 -19.35
N ASP A 764 32.98 -61.64 -18.49
CA ASP A 764 31.94 -62.64 -18.82
C ASP A 764 30.89 -62.52 -17.72
N LEU A 765 29.61 -62.50 -18.06
CA LEU A 765 28.53 -62.23 -17.07
C LEU A 765 28.12 -63.50 -16.33
N ASP A 766 28.21 -63.50 -15.00
CA ASP A 766 27.72 -64.60 -14.12
C ASP A 766 26.25 -64.38 -13.83
N ALA A 767 25.70 -63.22 -14.17
CA ALA A 767 24.29 -62.91 -13.88
C ALA A 767 23.82 -61.70 -14.68
N ILE A 768 22.52 -61.67 -14.98
CA ILE A 768 21.82 -60.59 -15.70
C ILE A 768 20.52 -60.32 -14.94
N ILE A 769 20.28 -59.09 -14.54
CA ILE A 769 19.07 -58.73 -13.76
C ILE A 769 18.36 -57.59 -14.50
N PRO A 770 17.52 -57.91 -15.49
CA PRO A 770 16.94 -56.88 -16.34
C PRO A 770 15.66 -56.31 -15.73
N PHE A 771 15.79 -55.51 -14.68
CA PHE A 771 14.64 -54.84 -14.00
C PHE A 771 14.13 -53.63 -14.79
N ALA A 772 14.91 -53.13 -15.76
CA ALA A 772 14.53 -51.97 -16.60
C ALA A 772 13.07 -52.12 -17.05
N ALA A 773 12.28 -51.07 -16.86
CA ALA A 773 10.85 -50.97 -17.23
C ALA A 773 10.40 -49.53 -17.13
N ILE A 774 9.31 -49.18 -17.83
CA ILE A 774 8.68 -47.84 -17.75
C ILE A 774 7.25 -47.98 -17.24
N PRO A 775 6.77 -47.09 -16.34
CA PRO A 775 5.42 -47.21 -15.81
C PRO A 775 4.46 -46.79 -16.93
N GLU A 776 3.41 -47.60 -17.09
CA GLU A 776 2.20 -47.33 -17.89
C GLU A 776 1.04 -47.33 -16.89
N GLN A 777 0.23 -46.28 -16.86
CA GLN A 777 -0.90 -46.14 -15.90
C GLN A 777 -2.09 -45.57 -16.65
N GLY A 778 -3.26 -46.17 -16.48
CA GLY A 778 -4.52 -45.72 -17.11
C GLY A 778 -4.52 -45.87 -18.63
N ILE A 779 -3.88 -46.92 -19.14
CA ILE A 779 -3.98 -47.32 -20.58
C ILE A 779 -4.69 -48.69 -20.61
N GLU A 780 -6.00 -48.71 -20.86
CA GLU A 780 -6.80 -49.95 -21.12
C GLU A 780 -6.62 -50.33 -22.59
N LEU A 781 -6.87 -51.60 -22.93
CA LEU A 781 -6.74 -52.18 -24.31
C LEU A 781 -7.08 -51.12 -25.37
N GLU A 782 -8.22 -50.42 -25.22
CA GLU A 782 -8.75 -49.49 -26.25
C GLU A 782 -7.98 -48.15 -26.23
N HIS A 783 -6.78 -48.11 -25.65
CA HIS A 783 -5.85 -46.94 -25.70
C HIS A 783 -4.43 -47.35 -26.08
N ILE A 784 -4.15 -48.64 -26.35
CA ILE A 784 -2.75 -49.12 -26.60
C ILE A 784 -2.23 -48.36 -27.82
N ASP A 785 -1.00 -47.86 -27.78
CA ASP A 785 -0.48 -46.91 -28.80
C ASP A 785 1.04 -47.11 -28.92
N SER A 786 1.74 -46.07 -29.37
CA SER A 786 3.23 -45.96 -29.42
C SER A 786 3.80 -46.32 -28.05
N LYS A 787 3.51 -45.52 -27.03
CA LYS A 787 4.13 -45.65 -25.69
C LYS A 787 4.10 -47.09 -25.19
N SER A 788 2.93 -47.75 -25.25
CA SER A 788 2.71 -49.12 -24.75
C SER A 788 3.56 -50.11 -25.54
N GLU A 789 3.63 -49.95 -26.87
CA GLU A 789 4.43 -50.83 -27.75
C GLU A 789 5.88 -50.78 -27.25
N PHE A 790 6.45 -49.59 -27.29
CA PHE A 790 7.84 -49.30 -26.88
C PHE A 790 8.12 -50.04 -25.58
N ALA A 791 7.34 -49.75 -24.54
CA ALA A 791 7.44 -50.37 -23.19
C ALA A 791 7.58 -51.89 -23.34
N HIS A 792 6.69 -52.50 -24.11
CA HIS A 792 6.69 -53.96 -24.42
C HIS A 792 8.02 -54.36 -25.06
N ARG A 793 8.57 -53.50 -25.91
CA ARG A 793 9.89 -53.69 -26.55
C ARG A 793 10.99 -53.68 -25.50
N ILE A 794 10.89 -52.81 -24.48
CA ILE A 794 11.88 -52.70 -23.36
C ILE A 794 11.81 -53.97 -22.49
N MET A 795 10.62 -54.44 -22.13
CA MET A 795 10.44 -55.40 -21.00
C MET A 795 10.54 -56.84 -21.49
N LEU A 796 10.17 -57.13 -22.75
CA LEU A 796 10.24 -58.47 -23.39
C LEU A 796 11.28 -58.46 -24.49
N THR A 797 10.92 -57.94 -25.67
CA THR A 797 11.66 -58.16 -26.94
C THR A 797 13.14 -57.91 -26.67
N ASN A 798 13.51 -56.71 -26.21
CA ASN A 798 14.95 -56.35 -26.08
C ASN A 798 15.61 -57.18 -24.98
N ILE A 799 14.86 -57.67 -24.00
CA ILE A 799 15.44 -58.62 -23.02
C ILE A 799 15.91 -59.83 -23.82
N LEU A 800 15.06 -60.37 -24.67
CA LEU A 800 15.39 -61.58 -25.49
C LEU A 800 16.66 -61.32 -26.32
N ARG A 801 16.80 -60.12 -26.91
CA ARG A 801 17.97 -59.73 -27.74
C ARG A 801 19.20 -59.72 -26.84
N MET A 802 19.04 -59.35 -25.57
CA MET A 802 20.14 -59.35 -24.55
C MET A 802 20.57 -60.79 -24.27
N MET A 803 19.63 -61.65 -23.96
CA MET A 803 19.86 -63.09 -23.81
C MET A 803 20.65 -63.54 -25.03
N GLY A 804 20.07 -63.38 -26.23
CA GLY A 804 20.65 -63.76 -27.52
C GLY A 804 22.10 -63.30 -27.62
N CYS A 805 22.37 -62.02 -27.30
CA CYS A 805 23.70 -61.41 -27.53
C CYS A 805 24.73 -62.11 -26.64
N VAL A 806 24.36 -62.37 -25.38
CA VAL A 806 25.23 -63.02 -24.35
C VAL A 806 25.46 -64.49 -24.74
N LYS A 807 24.45 -65.18 -25.25
CA LYS A 807 24.64 -66.50 -25.86
C LYS A 807 25.77 -66.34 -26.90
N LYS A 808 25.60 -65.42 -27.86
CA LYS A 808 26.46 -65.32 -29.07
C LYS A 808 27.91 -65.02 -28.67
N GLN A 809 28.12 -64.22 -27.63
CA GLN A 809 29.49 -63.89 -27.16
C GLN A 809 30.12 -65.10 -26.45
N LYS A 810 29.34 -65.82 -25.66
CA LYS A 810 29.82 -67.01 -24.89
C LYS A 810 30.16 -68.13 -25.86
N SER A 811 29.28 -68.41 -26.83
CA SER A 811 29.55 -69.42 -27.88
C SER A 811 30.84 -69.00 -28.59
N ALA A 812 30.91 -67.75 -29.07
CA ALA A 812 32.03 -67.21 -29.89
C ALA A 812 33.37 -67.41 -29.17
N ARG A 813 33.40 -67.35 -27.84
CA ARG A 813 34.65 -67.54 -27.05
C ARG A 813 34.78 -69.00 -26.58
N GLY A 814 33.83 -69.85 -26.98
CA GLY A 814 33.73 -71.26 -26.55
C GLY A 814 33.72 -71.37 -25.03
N ILE A 815 32.62 -70.99 -24.40
CA ILE A 815 32.40 -71.08 -22.92
C ILE A 815 31.05 -71.78 -22.69
N GLU A 816 31.08 -72.93 -22.04
CA GLU A 816 29.87 -73.74 -21.69
C GLU A 816 29.83 -74.13 -20.20
N THR A 817 30.95 -74.08 -19.45
CA THR A 817 31.04 -74.52 -18.02
C THR A 817 30.68 -73.37 -17.07
N ARG A 818 30.50 -72.16 -17.63
CA ARG A 818 30.22 -70.89 -16.93
C ARG A 818 29.02 -70.22 -17.60
N PRO A 819 27.79 -70.66 -17.30
CA PRO A 819 26.59 -69.98 -17.77
C PRO A 819 26.28 -68.78 -16.86
N ALA A 820 25.37 -67.91 -17.34
CA ALA A 820 24.91 -66.65 -16.68
C ALA A 820 23.45 -66.78 -16.23
N GLN A 821 23.23 -66.57 -14.93
CA GLN A 821 21.89 -66.68 -14.31
C GLN A 821 21.10 -65.44 -14.67
N VAL A 822 19.84 -65.60 -15.04
CA VAL A 822 18.96 -64.48 -15.47
C VAL A 822 17.76 -64.37 -14.53
N ILE A 823 17.90 -63.63 -13.45
CA ILE A 823 16.78 -63.35 -12.51
C ILE A 823 15.79 -62.45 -13.28
N LEU A 824 14.74 -63.03 -13.84
CA LEU A 824 13.71 -62.25 -14.60
C LEU A 824 12.69 -61.65 -13.65
N PRO A 825 12.26 -60.41 -13.90
CA PRO A 825 11.28 -59.73 -13.07
C PRO A 825 9.94 -60.24 -13.56
N MET A 826 9.45 -61.25 -12.87
CA MET A 826 8.13 -61.83 -13.12
C MET A 826 7.15 -61.12 -12.19
N SER A 827 5.86 -61.23 -12.49
CA SER A 827 4.75 -60.72 -11.63
C SER A 827 3.70 -61.80 -11.46
N PRO A 828 2.96 -61.81 -10.34
CA PRO A 828 1.75 -62.63 -10.21
C PRO A 828 0.51 -61.94 -10.81
N ASN A 829 0.62 -60.65 -11.11
CA ASN A 829 -0.46 -59.83 -11.71
C ASN A 829 -0.40 -60.00 -13.22
N HIS A 830 -1.38 -60.72 -13.77
CA HIS A 830 -1.57 -60.92 -15.22
C HIS A 830 -2.98 -60.43 -15.59
N GLY A 831 -3.14 -59.11 -15.77
CA GLY A 831 -4.42 -58.45 -16.10
C GLY A 831 -5.38 -58.52 -14.93
N THR A 832 -4.81 -58.61 -13.71
CA THR A 832 -5.54 -58.56 -12.43
C THR A 832 -6.06 -57.13 -12.25
N PHE A 833 -5.16 -56.17 -12.01
CA PHE A 833 -5.49 -54.73 -11.82
C PHE A 833 -5.98 -54.11 -13.13
N GLY A 834 -5.30 -54.41 -14.24
CA GLY A 834 -5.65 -53.93 -15.60
C GLY A 834 -5.39 -52.44 -15.75
N GLY A 835 -5.61 -51.93 -16.96
CA GLY A 835 -5.45 -50.50 -17.32
C GLY A 835 -3.98 -50.06 -17.30
N ASP A 836 -3.05 -50.98 -17.01
CA ASP A 836 -1.58 -50.74 -17.02
C ASP A 836 -1.09 -51.22 -18.39
N GLY A 837 -1.60 -50.58 -19.45
CA GLY A 837 -1.15 -50.76 -20.83
C GLY A 837 -0.90 -52.21 -21.16
N MET A 838 0.35 -52.51 -21.52
CA MET A 838 0.84 -53.85 -21.92
C MET A 838 2.05 -54.17 -21.04
N TYR A 839 1.84 -54.12 -19.73
CA TYR A 839 2.84 -54.50 -18.70
C TYR A 839 2.67 -55.99 -18.45
N SER A 840 1.44 -56.38 -18.10
CA SER A 840 1.04 -57.77 -17.81
C SER A 840 1.60 -58.68 -18.92
N GLU A 841 1.32 -58.35 -20.19
CA GLU A 841 1.60 -59.21 -21.38
C GLU A 841 3.11 -59.42 -21.56
N SER A 842 3.88 -58.39 -21.22
CA SER A 842 5.36 -58.44 -21.19
C SER A 842 5.82 -59.38 -20.09
N LYS A 843 5.15 -59.35 -18.93
CA LYS A 843 5.49 -60.21 -17.76
C LYS A 843 5.13 -61.67 -18.05
N LEU A 844 4.01 -61.91 -18.73
CA LEU A 844 3.44 -63.27 -18.94
C LEU A 844 4.23 -64.00 -20.03
N SER A 845 4.78 -63.27 -21.01
CA SER A 845 5.47 -63.90 -22.17
C SER A 845 6.82 -64.48 -21.73
N LEU A 846 7.36 -64.06 -20.57
CA LEU A 846 8.68 -64.50 -20.03
C LEU A 846 8.63 -65.96 -19.58
N GLU A 847 7.47 -66.46 -19.14
CA GLU A 847 7.28 -67.86 -18.69
C GLU A 847 7.62 -68.83 -19.82
N THR A 848 7.72 -68.37 -21.08
CA THR A 848 8.14 -69.24 -22.21
C THR A 848 9.59 -69.67 -21.99
N LEU A 849 10.41 -68.88 -21.28
CA LEU A 849 11.86 -69.14 -21.08
C LEU A 849 12.14 -70.39 -20.23
N PHE A 850 11.20 -70.83 -19.40
CA PHE A 850 11.30 -72.14 -18.71
C PHE A 850 11.18 -73.29 -19.73
N ASN A 851 10.24 -73.21 -20.68
CA ASN A 851 10.00 -74.26 -21.71
C ASN A 851 10.86 -74.01 -22.96
N ARG A 852 11.78 -73.03 -22.89
CA ARG A 852 12.76 -72.73 -23.96
C ARG A 852 14.17 -73.02 -23.47
N TRP A 853 14.40 -73.20 -22.17
CA TRP A 853 15.76 -73.60 -21.68
C TRP A 853 16.01 -75.09 -21.94
N HIS A 854 14.94 -75.88 -22.15
CA HIS A 854 15.00 -77.31 -22.57
C HIS A 854 14.94 -77.43 -24.10
N SER A 855 14.03 -76.70 -24.76
CA SER A 855 13.64 -76.94 -26.18
C SER A 855 14.60 -76.23 -27.17
N GLU A 856 15.64 -75.53 -26.69
CA GLU A 856 16.67 -74.84 -27.53
C GLU A 856 18.09 -75.18 -27.07
N SER A 857 19.09 -74.66 -27.78
CA SER A 857 20.51 -75.06 -27.69
C SER A 857 21.31 -74.17 -26.73
N TRP A 858 20.72 -73.08 -26.24
CA TRP A 858 21.44 -72.07 -25.41
C TRP A 858 21.55 -72.56 -23.96
N ALA A 859 21.10 -73.78 -23.65
CA ALA A 859 20.94 -74.33 -22.29
C ALA A 859 22.23 -74.22 -21.46
N ASN A 860 23.43 -74.23 -22.09
CA ASN A 860 24.74 -74.27 -21.41
C ASN A 860 25.31 -72.86 -21.17
N GLN A 861 24.71 -71.84 -21.79
CA GLN A 861 25.22 -70.46 -21.76
C GLN A 861 24.40 -69.65 -20.76
N LEU A 862 23.09 -69.86 -20.68
CA LEU A 862 22.22 -69.08 -19.78
C LEU A 862 21.39 -70.02 -18.91
N THR A 863 21.17 -69.69 -17.64
CA THR A 863 20.17 -70.35 -16.75
C THR A 863 19.09 -69.33 -16.41
N VAL A 864 17.87 -69.81 -16.16
CA VAL A 864 16.72 -68.92 -15.84
C VAL A 864 16.42 -69.06 -14.36
N CYS A 865 15.97 -67.97 -13.72
CA CYS A 865 15.76 -67.83 -12.25
C CYS A 865 14.50 -66.99 -11.96
N GLY A 866 13.51 -67.08 -12.85
CA GLY A 866 12.41 -66.10 -12.95
C GLY A 866 11.64 -65.89 -11.65
N ALA A 867 12.17 -65.07 -10.75
CA ALA A 867 11.53 -64.78 -9.44
C ALA A 867 10.28 -63.90 -9.63
N ILE A 868 9.18 -64.30 -8.98
CA ILE A 868 7.88 -63.59 -8.95
C ILE A 868 7.98 -62.54 -7.84
N ILE A 869 8.10 -61.27 -8.25
CA ILE A 869 8.16 -60.09 -7.35
C ILE A 869 6.73 -59.76 -6.91
N GLY A 870 6.49 -59.84 -5.60
CA GLY A 870 5.21 -59.47 -4.96
C GLY A 870 5.10 -57.99 -4.71
N TRP A 871 4.45 -57.63 -3.62
CA TRP A 871 4.12 -56.23 -3.27
C TRP A 871 5.31 -55.59 -2.57
N THR A 872 5.92 -54.58 -3.20
CA THR A 872 7.03 -53.76 -2.64
C THR A 872 6.50 -52.36 -2.37
N ARG A 873 7.02 -51.68 -1.36
CA ARG A 873 6.55 -50.34 -0.93
C ARG A 873 7.69 -49.34 -1.11
N GLY A 874 7.45 -48.12 -1.63
CA GLY A 874 8.35 -46.96 -1.43
C GLY A 874 8.74 -46.18 -2.68
N ALA A 880 1.20 -43.60 -3.61
CA ALA A 880 0.77 -44.56 -4.65
C ALA A 880 -0.20 -45.59 -4.04
N ASN A 881 0.34 -46.68 -3.53
CA ASN A 881 -0.42 -47.81 -2.93
C ASN A 881 0.25 -48.22 -1.60
N ASN A 882 0.94 -47.30 -0.94
CA ASN A 882 1.61 -47.59 0.36
C ASN A 882 0.56 -47.53 1.45
N ILE A 883 -0.40 -46.61 1.32
CA ILE A 883 -1.46 -46.34 2.34
C ILE A 883 -2.27 -47.63 2.55
N ILE A 884 -2.65 -48.28 1.46
CA ILE A 884 -3.48 -49.51 1.47
C ILE A 884 -2.69 -50.70 2.04
N ALA A 885 -1.35 -50.67 1.98
CA ALA A 885 -0.47 -51.80 2.37
C ALA A 885 -0.98 -52.41 3.69
N GLU A 886 -1.11 -51.59 4.74
CA GLU A 886 -1.51 -52.04 6.11
C GLU A 886 -2.81 -52.84 6.03
N GLY A 887 -3.80 -52.33 5.30
CA GLY A 887 -5.11 -52.99 5.05
C GLY A 887 -4.95 -54.37 4.41
N ILE A 888 -3.99 -54.53 3.49
CA ILE A 888 -3.69 -55.81 2.78
C ILE A 888 -3.09 -56.79 3.79
N GLU A 889 -2.13 -56.33 4.61
CA GLU A 889 -1.47 -57.15 5.67
C GLU A 889 -2.45 -57.55 6.77
N LYS A 890 -3.57 -56.81 6.92
CA LYS A 890 -4.67 -57.16 7.86
C LYS A 890 -5.21 -58.56 7.53
N MET A 891 -5.11 -59.02 6.28
CA MET A 891 -5.50 -60.40 5.85
C MET A 891 -4.37 -61.41 6.11
N GLY A 892 -3.43 -61.13 7.03
CA GLY A 892 -2.31 -62.04 7.38
C GLY A 892 -1.42 -62.37 6.19
N VAL A 893 -1.24 -61.42 5.26
CA VAL A 893 -0.36 -61.50 4.07
C VAL A 893 0.81 -60.55 4.33
N ARG A 894 1.90 -60.66 3.57
CA ARG A 894 3.12 -59.84 3.76
C ARG A 894 3.35 -58.93 2.56
N THR A 895 3.61 -57.64 2.82
CA THR A 895 4.16 -56.64 1.89
C THR A 895 5.61 -56.40 2.29
N PHE A 896 6.49 -56.16 1.31
CA PHE A 896 7.95 -56.04 1.50
C PHE A 896 8.40 -54.60 1.24
N SER A 897 9.29 -54.09 2.09
CA SER A 897 10.13 -52.89 1.86
C SER A 897 11.22 -53.24 0.83
N GLN A 898 11.60 -52.28 -0.01
CA GLN A 898 12.62 -52.47 -1.06
C GLN A 898 13.72 -53.35 -0.45
N LYS A 899 14.23 -52.98 0.73
CA LYS A 899 15.43 -53.61 1.34
C LYS A 899 15.21 -55.10 1.60
N GLU A 900 14.03 -55.46 2.09
CA GLU A 900 13.61 -56.87 2.35
C GLU A 900 13.57 -57.62 1.03
N MET A 901 12.88 -57.08 0.02
CA MET A 901 12.66 -57.72 -1.31
C MET A 901 13.98 -57.86 -2.07
N ALA A 902 14.87 -56.87 -1.96
CA ALA A 902 16.25 -56.96 -2.45
C ALA A 902 16.97 -58.14 -1.79
N PHE A 903 16.77 -58.33 -0.49
CA PHE A 903 17.42 -59.43 0.27
C PHE A 903 16.91 -60.77 -0.22
N ASN A 904 15.63 -60.83 -0.59
CA ASN A 904 15.01 -62.05 -1.18
C ASN A 904 15.73 -62.34 -2.50
N LEU A 905 15.69 -61.42 -3.46
CA LEU A 905 16.27 -61.64 -4.82
C LEU A 905 17.75 -62.04 -4.65
N LEU A 906 18.51 -61.38 -3.77
CA LEU A 906 19.95 -61.68 -3.52
C LEU A 906 20.09 -63.11 -3.00
N GLY A 907 19.09 -63.61 -2.27
CA GLY A 907 19.01 -65.03 -1.89
C GLY A 907 18.89 -65.97 -3.09
N LEU A 908 18.82 -65.47 -4.33
CA LEU A 908 18.88 -66.28 -5.58
C LEU A 908 20.29 -66.30 -6.21
N LEU A 909 21.29 -65.68 -5.59
CA LEU A 909 22.70 -65.74 -6.05
C LEU A 909 23.58 -66.42 -5.00
N THR A 910 22.97 -67.02 -3.96
CA THR A 910 23.66 -67.94 -3.02
C THR A 910 24.12 -69.15 -3.83
N PRO A 911 25.28 -69.77 -3.50
CA PRO A 911 25.74 -70.97 -4.21
C PRO A 911 24.76 -72.15 -4.39
N GLU A 912 23.77 -72.32 -3.48
CA GLU A 912 22.84 -73.48 -3.46
C GLU A 912 21.74 -73.33 -4.52
N VAL A 913 21.22 -72.12 -4.73
CA VAL A 913 20.21 -71.80 -5.78
C VAL A 913 20.90 -71.70 -7.15
N VAL A 914 22.12 -71.15 -7.19
CA VAL A 914 22.96 -71.14 -8.42
C VAL A 914 23.09 -72.60 -8.89
N GLU A 915 23.59 -73.48 -8.01
CA GLU A 915 23.74 -74.94 -8.28
C GLU A 915 22.42 -75.50 -8.80
N LEU A 916 21.32 -75.13 -8.15
CA LEU A 916 19.97 -75.69 -8.39
C LEU A 916 19.48 -75.32 -9.79
N CYS A 917 19.70 -74.07 -10.22
CA CYS A 917 19.18 -73.53 -11.50
C CYS A 917 19.97 -74.10 -12.68
N GLN A 918 21.15 -74.67 -12.42
CA GLN A 918 22.00 -75.32 -13.45
C GLN A 918 21.46 -76.72 -13.82
N LYS A 919 20.57 -77.29 -13.00
CA LYS A 919 19.96 -78.63 -13.26
C LYS A 919 18.62 -78.50 -13.97
N SER A 920 17.88 -77.43 -13.69
CA SER A 920 16.55 -77.14 -14.30
C SER A 920 16.15 -75.70 -13.97
N PRO A 921 15.30 -75.04 -14.78
CA PRO A 921 14.86 -73.68 -14.47
C PRO A 921 14.16 -73.62 -13.12
N VAL A 922 14.40 -72.53 -12.38
CA VAL A 922 13.95 -72.30 -10.98
C VAL A 922 13.05 -71.09 -10.96
N MET A 923 11.78 -71.29 -10.61
CA MET A 923 10.84 -70.20 -10.30
C MET A 923 10.75 -70.07 -8.79
N ALA A 924 10.85 -68.84 -8.28
CA ALA A 924 10.62 -68.47 -6.87
C ALA A 924 9.34 -67.60 -6.84
N ASP A 925 8.36 -67.94 -6.01
CA ASP A 925 7.27 -67.02 -5.61
C ASP A 925 7.76 -66.24 -4.39
N LEU A 926 8.00 -64.94 -4.53
CA LEU A 926 8.30 -64.03 -3.40
C LEU A 926 7.09 -63.12 -3.18
N ASN A 927 5.91 -63.63 -3.51
CA ASN A 927 4.64 -62.86 -3.49
C ASN A 927 4.20 -62.64 -2.04
N GLY A 928 4.63 -63.53 -1.14
CA GLY A 928 4.36 -63.45 0.31
C GLY A 928 2.91 -63.74 0.58
N GLY A 929 2.32 -64.66 -0.19
CA GLY A 929 0.96 -65.20 0.00
C GLY A 929 -0.13 -64.32 -0.58
N LEU A 930 0.23 -63.32 -1.40
CA LEU A 930 -0.77 -62.41 -2.00
C LEU A 930 -1.57 -63.13 -3.10
N GLN A 931 -1.16 -64.33 -3.50
CA GLN A 931 -1.88 -65.17 -4.50
C GLN A 931 -3.21 -65.67 -3.92
N PHE A 932 -3.26 -65.87 -2.60
CA PHE A 932 -4.42 -66.47 -1.89
C PHE A 932 -5.58 -65.47 -1.77
N VAL A 933 -5.28 -64.18 -1.61
CA VAL A 933 -6.29 -63.08 -1.47
C VAL A 933 -7.23 -63.18 -2.66
N PRO A 934 -8.48 -63.61 -2.45
CA PRO A 934 -9.41 -63.81 -3.57
C PRO A 934 -9.97 -62.46 -4.07
N GLU A 935 -9.92 -62.26 -5.40
CA GLU A 935 -10.39 -61.03 -6.08
C GLU A 935 -9.62 -59.84 -5.50
N LEU A 936 -8.30 -59.84 -5.68
CA LEU A 936 -7.38 -58.81 -5.13
C LEU A 936 -7.79 -57.42 -5.64
N LYS A 937 -8.19 -57.31 -6.92
CA LYS A 937 -8.50 -56.01 -7.58
C LYS A 937 -9.58 -55.27 -6.80
N GLU A 938 -10.74 -55.91 -6.64
CA GLU A 938 -11.90 -55.32 -5.94
C GLU A 938 -11.53 -55.10 -4.46
N PHE A 939 -10.78 -56.03 -3.85
CA PHE A 939 -10.37 -55.99 -2.43
C PHE A 939 -9.53 -54.76 -2.15
N THR A 940 -8.62 -54.41 -3.07
CA THR A 940 -7.84 -53.15 -3.01
C THR A 940 -8.83 -51.99 -3.20
N ALA A 941 -9.54 -51.94 -4.33
CA ALA A 941 -10.55 -50.91 -4.63
C ALA A 941 -11.36 -50.59 -3.36
N LYS A 942 -11.83 -51.62 -2.65
CA LYS A 942 -12.64 -51.52 -1.41
C LYS A 942 -11.82 -50.82 -0.32
N LEU A 943 -10.56 -51.19 -0.12
CA LEU A 943 -9.72 -50.62 0.98
C LEU A 943 -9.45 -49.14 0.71
N ARG A 944 -9.10 -48.78 -0.53
CA ARG A 944 -8.91 -47.36 -0.96
C ARG A 944 -10.21 -46.61 -0.66
N LYS A 945 -11.37 -47.20 -0.98
CA LYS A 945 -12.71 -46.58 -0.85
C LYS A 945 -13.03 -46.25 0.62
N GLU A 946 -12.59 -47.08 1.57
CA GLU A 946 -12.89 -46.90 3.03
C GLU A 946 -11.71 -46.26 3.77
N LEU A 947 -10.67 -45.82 3.05
CA LEU A 947 -9.60 -44.94 3.60
C LEU A 947 -9.84 -43.52 3.12
N VAL A 948 -10.03 -43.35 1.80
CA VAL A 948 -10.33 -42.05 1.13
C VAL A 948 -11.62 -41.47 1.73
N GLU A 949 -12.71 -42.25 1.79
CA GLU A 949 -14.02 -41.77 2.31
C GLU A 949 -13.85 -41.33 3.78
N THR A 950 -13.08 -42.04 4.60
CA THR A 950 -12.84 -41.68 6.03
C THR A 950 -12.07 -40.37 6.09
N SER A 951 -10.99 -40.26 5.31
CA SER A 951 -10.19 -39.02 5.12
C SER A 951 -11.12 -37.85 4.77
N GLU A 952 -11.88 -37.95 3.67
CA GLU A 952 -12.67 -36.81 3.12
C GLU A 952 -13.83 -36.46 4.09
N VAL A 953 -14.30 -37.41 4.92
CA VAL A 953 -15.40 -37.15 5.89
C VAL A 953 -14.83 -36.33 7.04
N ARG A 954 -13.76 -36.79 7.67
CA ARG A 954 -13.08 -36.02 8.75
C ARG A 954 -12.54 -34.68 8.23
N LYS A 955 -12.29 -34.53 6.92
CA LYS A 955 -12.05 -33.22 6.26
C LYS A 955 -13.35 -32.40 6.27
N ALA A 956 -14.44 -32.99 5.75
CA ALA A 956 -15.76 -32.34 5.53
C ALA A 956 -16.66 -32.40 6.79
N VAL A 957 -16.06 -32.66 7.98
CA VAL A 957 -16.70 -32.47 9.33
C VAL A 957 -15.81 -31.56 10.20
N SER A 958 -14.54 -31.36 9.83
CA SER A 958 -13.61 -30.45 10.54
C SER A 958 -13.65 -29.05 9.91
N ILE A 959 -13.94 -28.94 8.60
CA ILE A 959 -14.03 -27.64 7.86
C ILE A 959 -15.38 -26.98 8.18
N GLU A 960 -16.47 -27.74 8.13
CA GLU A 960 -17.84 -27.23 8.43
C GLU A 960 -18.11 -27.15 9.94
N THR A 961 -17.13 -27.50 10.80
CA THR A 961 -17.10 -27.18 12.26
C THR A 961 -16.19 -25.97 12.54
N ALA A 962 -15.09 -25.82 11.79
CA ALA A 962 -14.19 -24.65 11.84
C ALA A 962 -14.97 -23.38 11.47
N LEU A 963 -15.69 -23.38 10.34
CA LEU A 963 -16.51 -22.20 9.90
C LEU A 963 -17.63 -21.98 10.92
N GLU A 964 -18.20 -23.05 11.49
CA GLU A 964 -19.29 -22.99 12.52
C GLU A 964 -18.76 -22.45 13.84
N HIS A 965 -17.50 -22.66 14.15
CA HIS A 965 -16.83 -22.07 15.33
C HIS A 965 -16.51 -20.59 15.05
N LYS A 966 -16.23 -20.24 13.78
CA LYS A 966 -15.87 -18.86 13.36
C LYS A 966 -17.12 -17.96 13.43
N VAL A 967 -18.22 -18.36 12.80
CA VAL A 967 -19.55 -17.65 12.82
C VAL A 967 -19.95 -17.34 14.27
N VAL A 968 -19.74 -18.27 15.20
CA VAL A 968 -20.09 -18.15 16.65
C VAL A 968 -19.15 -17.15 17.35
N ASN A 969 -17.85 -17.14 17.04
CA ASN A 969 -16.86 -16.29 17.76
C ASN A 969 -16.33 -15.13 16.91
N GLY A 970 -16.82 -14.99 15.67
CA GLY A 970 -16.34 -13.99 14.70
C GLY A 970 -14.89 -14.25 14.33
N ASN A 971 -14.24 -13.25 13.73
CA ASN A 971 -12.86 -13.31 13.20
C ASN A 971 -11.86 -12.74 14.24
N SER A 972 -12.32 -11.93 15.20
CA SER A 972 -11.50 -11.31 16.29
C SER A 972 -11.12 -12.34 17.37
N ALA A 973 -11.82 -13.49 17.42
CA ALA A 973 -11.52 -14.66 18.29
C ALA A 973 -10.53 -15.62 17.60
N ASP A 974 -10.32 -15.47 16.28
CA ASP A 974 -9.32 -16.23 15.45
C ASP A 974 -8.25 -15.28 14.87
N ALA A 975 -8.24 -13.99 15.24
CA ALA A 975 -7.20 -12.96 14.89
C ALA A 975 -6.14 -12.87 15.99
N ALA A 976 -6.55 -13.03 17.27
CA ALA A 976 -5.69 -13.18 18.48
C ALA A 976 -5.12 -14.59 18.57
N TYR A 977 -5.74 -15.57 17.87
CA TYR A 977 -5.26 -16.97 17.69
C TYR A 977 -4.04 -17.02 16.74
N ALA A 978 -4.02 -16.20 15.68
CA ALA A 978 -2.88 -16.04 14.74
C ALA A 978 -1.68 -15.45 15.48
N GLN A 979 -0.48 -15.84 15.05
CA GLN A 979 0.81 -15.49 15.72
C GLN A 979 1.80 -15.02 14.65
N VAL A 980 2.68 -14.10 15.05
CA VAL A 980 3.57 -13.32 14.14
C VAL A 980 4.85 -14.12 13.88
N GLU A 981 5.03 -14.57 12.63
CA GLU A 981 6.25 -15.29 12.17
C GLU A 981 7.35 -14.26 11.87
N ILE A 982 8.60 -14.71 12.01
CA ILE A 982 9.83 -13.90 11.82
C ILE A 982 10.68 -14.56 10.73
N GLN A 983 10.82 -13.86 9.60
CA GLN A 983 11.61 -14.33 8.45
C GLN A 983 13.05 -13.88 8.60
N PRO A 984 14.02 -14.77 8.31
CA PRO A 984 15.42 -14.48 8.55
C PRO A 984 15.90 -13.40 7.58
N ARG A 985 17.05 -12.83 7.92
CA ARG A 985 17.76 -11.79 7.12
C ARG A 985 19.27 -12.07 7.14
N ALA A 986 19.94 -11.70 6.06
CA ALA A 986 21.35 -12.04 5.80
C ALA A 986 22.22 -11.16 6.68
N ASN A 987 22.62 -11.67 7.83
CA ASN A 987 23.50 -10.94 8.78
C ASN A 987 24.94 -11.37 8.52
N ILE A 988 25.50 -11.01 7.36
CA ILE A 988 26.79 -11.58 6.85
C ILE A 988 27.90 -11.27 7.86
N GLN A 989 28.63 -12.28 8.34
CA GLN A 989 29.76 -12.09 9.27
C GLN A 989 31.05 -12.13 8.48
N LEU A 990 32.04 -11.38 8.95
CA LEU A 990 33.43 -11.47 8.47
C LEU A 990 34.06 -12.81 8.88
N ASP A 991 33.53 -13.47 9.93
CA ASP A 991 33.97 -14.82 10.38
C ASP A 991 35.41 -14.68 10.88
N PHE A 992 35.64 -13.78 11.83
CA PHE A 992 36.94 -13.66 12.53
C PHE A 992 37.20 -14.96 13.27
N PRO A 993 38.46 -15.30 13.60
CA PRO A 993 38.73 -16.45 14.44
C PRO A 993 38.04 -16.26 15.80
N GLU A 994 37.42 -17.32 16.31
CA GLU A 994 36.97 -17.46 17.72
C GLU A 994 38.23 -17.48 18.60
N LEU A 995 38.21 -16.74 19.71
CA LEU A 995 39.30 -16.72 20.71
C LEU A 995 38.79 -17.36 22.00
N LYS A 996 39.29 -18.55 22.28
CA LYS A 996 38.98 -19.28 23.52
C LYS A 996 39.57 -18.48 24.68
N PRO A 997 39.07 -18.67 25.92
CA PRO A 997 39.69 -18.05 27.08
C PRO A 997 41.12 -18.57 27.25
N TYR A 998 41.98 -17.78 27.89
CA TYR A 998 43.44 -18.07 28.08
C TYR A 998 43.69 -19.44 28.69
N LYS A 999 42.78 -19.94 29.53
CA LYS A 999 42.91 -21.24 30.24
C LYS A 999 42.94 -22.39 29.23
N GLN A 1000 42.08 -22.34 28.21
CA GLN A 1000 41.98 -23.39 27.17
C GLN A 1000 43.21 -23.37 26.24
N VAL A 1001 43.61 -22.18 25.76
CA VAL A 1001 44.70 -22.00 24.74
C VAL A 1001 46.06 -22.27 25.39
N LYS A 1002 46.16 -22.14 26.70
CA LYS A 1002 47.40 -22.42 27.45
C LYS A 1002 47.64 -23.94 27.49
N GLN A 1003 46.58 -24.76 27.40
CA GLN A 1003 46.67 -26.23 27.54
C GLN A 1003 47.38 -26.84 26.34
N ILE A 1004 47.05 -26.40 25.12
CA ILE A 1004 47.45 -27.08 23.83
C ILE A 1004 48.93 -26.84 23.49
N ALA A 1005 49.44 -25.66 23.79
CA ALA A 1005 50.87 -25.36 23.68
C ALA A 1005 51.57 -25.98 24.89
N PRO A 1006 52.85 -26.37 24.79
CA PRO A 1006 53.64 -26.79 25.96
C PRO A 1006 53.87 -25.63 26.94
N ALA A 1007 54.00 -25.95 28.22
CA ALA A 1007 54.13 -24.96 29.32
C ALA A 1007 55.42 -24.14 29.14
N GLU A 1008 56.41 -24.70 28.46
CA GLU A 1008 57.75 -24.09 28.28
C GLU A 1008 57.69 -23.02 27.20
N LEU A 1009 56.64 -23.03 26.37
CA LEU A 1009 56.58 -22.20 25.15
C LEU A 1009 56.50 -20.72 25.50
N GLU A 1010 55.89 -20.35 26.63
CA GLU A 1010 55.81 -18.93 27.07
C GLU A 1010 57.22 -18.38 27.24
N GLY A 1011 57.49 -17.21 26.64
CA GLY A 1011 58.76 -16.47 26.81
C GLY A 1011 59.91 -17.02 26.00
N LEU A 1012 59.64 -18.03 25.16
CA LEU A 1012 60.67 -18.73 24.35
C LEU A 1012 60.76 -18.04 22.99
N LEU A 1013 59.65 -18.02 22.24
CA LEU A 1013 59.60 -17.54 20.82
C LEU A 1013 59.79 -16.02 20.78
N ASP A 1014 60.80 -15.59 20.03
CA ASP A 1014 60.91 -14.20 19.52
C ASP A 1014 59.69 -13.96 18.66
N LEU A 1015 58.91 -12.92 18.93
CA LEU A 1015 57.64 -12.71 18.20
C LEU A 1015 57.88 -11.87 16.94
N GLU A 1016 58.89 -11.00 16.90
CA GLU A 1016 59.26 -10.27 15.64
C GLU A 1016 59.74 -11.24 14.54
N ARG A 1017 60.12 -12.48 14.86
CA ARG A 1017 60.59 -13.50 13.90
C ARG A 1017 59.47 -14.50 13.63
N VAL A 1018 58.24 -14.28 14.09
CA VAL A 1018 57.11 -15.23 13.85
C VAL A 1018 56.13 -14.57 12.91
N ILE A 1019 55.87 -15.20 11.77
CA ILE A 1019 55.03 -14.58 10.70
C ILE A 1019 53.62 -15.12 10.86
N VAL A 1020 52.65 -14.23 10.96
CA VAL A 1020 51.24 -14.66 11.09
C VAL A 1020 50.48 -14.01 9.96
N VAL A 1021 49.52 -14.74 9.43
CA VAL A 1021 48.56 -14.20 8.44
C VAL A 1021 47.45 -13.49 9.20
N THR A 1022 47.24 -12.23 8.86
CA THR A 1022 46.33 -11.28 9.55
C THR A 1022 44.98 -11.15 8.84
N GLY A 1023 44.87 -11.51 7.58
CA GLY A 1023 43.63 -11.36 6.79
C GLY A 1023 43.86 -11.78 5.37
N PHE A 1024 42.84 -12.26 4.72
CA PHE A 1024 42.95 -12.84 3.37
C PHE A 1024 41.61 -12.68 2.67
N ALA A 1025 41.66 -12.50 1.37
CA ALA A 1025 40.49 -12.50 0.47
C ALA A 1025 40.92 -13.03 -0.88
N GLU A 1026 39.95 -13.33 -1.74
CA GLU A 1026 40.23 -13.69 -3.14
C GLU A 1026 39.11 -13.14 -4.00
N VAL A 1027 39.33 -13.07 -5.31
CA VAL A 1027 38.24 -12.83 -6.31
C VAL A 1027 38.37 -13.86 -7.43
N GLY A 1028 37.48 -14.83 -7.42
CA GLY A 1028 37.60 -16.04 -8.24
C GLY A 1028 36.23 -16.41 -8.78
N PRO A 1029 36.13 -17.57 -9.48
CA PRO A 1029 34.89 -17.99 -10.10
C PRO A 1029 33.74 -17.97 -9.12
N TRP A 1030 33.98 -18.20 -7.83
CA TRP A 1030 32.88 -18.21 -6.82
C TRP A 1030 32.75 -16.86 -6.10
N GLY A 1031 33.65 -15.92 -6.34
CA GLY A 1031 33.42 -14.50 -6.06
C GLY A 1031 34.31 -14.01 -4.94
N SER A 1032 34.20 -14.64 -3.77
CA SER A 1032 34.86 -14.18 -2.54
C SER A 1032 35.14 -15.35 -1.62
N ALA A 1033 36.20 -15.23 -0.82
CA ALA A 1033 36.74 -16.29 0.04
C ALA A 1033 35.67 -16.82 1.01
N ARG A 1034 34.55 -16.10 1.19
CA ARG A 1034 33.44 -16.47 2.11
C ARG A 1034 32.41 -17.31 1.37
N THR A 1035 32.11 -16.97 0.12
CA THR A 1035 31.21 -17.77 -0.73
C THR A 1035 31.97 -19.01 -1.19
N ARG A 1036 33.23 -18.87 -1.56
CA ARG A 1036 34.02 -20.00 -2.12
C ARG A 1036 34.03 -21.10 -1.08
N TRP A 1037 34.30 -20.74 0.17
CA TRP A 1037 34.25 -21.67 1.34
C TRP A 1037 32.87 -22.31 1.44
N GLU A 1038 31.81 -21.52 1.36
CA GLU A 1038 30.44 -22.07 1.43
C GLU A 1038 30.33 -23.17 0.36
N MET A 1039 30.78 -22.91 -0.86
CA MET A 1039 30.56 -23.82 -2.00
C MET A 1039 31.51 -25.01 -1.92
N GLU A 1040 32.58 -24.92 -1.16
CA GLU A 1040 33.64 -25.96 -1.04
C GLU A 1040 33.26 -26.91 0.11
N ALA A 1041 33.03 -26.35 1.29
CA ALA A 1041 32.73 -27.12 2.51
C ALA A 1041 31.35 -27.79 2.38
N PHE A 1042 30.31 -27.06 1.99
CA PHE A 1042 28.91 -27.54 2.07
C PHE A 1042 28.30 -27.80 0.69
N GLY A 1043 28.99 -27.41 -0.37
CA GLY A 1043 28.49 -27.62 -1.75
C GLY A 1043 27.15 -26.95 -1.97
N GLU A 1044 26.86 -25.88 -1.23
CA GLU A 1044 25.58 -25.12 -1.32
C GLU A 1044 25.81 -23.76 -0.67
N PHE A 1045 24.88 -22.83 -0.88
CA PHE A 1045 24.94 -21.46 -0.32
C PHE A 1045 23.87 -21.30 0.76
N SER A 1046 24.31 -20.87 1.95
CA SER A 1046 23.44 -20.43 3.07
C SER A 1046 22.71 -19.14 2.67
N LEU A 1047 21.95 -18.55 3.59
CA LEU A 1047 21.21 -17.30 3.34
C LEU A 1047 22.22 -16.19 3.13
N GLU A 1048 23.23 -16.15 3.98
CA GLU A 1048 24.28 -15.12 3.91
C GLU A 1048 25.06 -15.30 2.61
N GLY A 1049 25.41 -16.55 2.29
CA GLY A 1049 26.18 -16.88 1.10
C GLY A 1049 25.44 -16.42 -0.14
N CYS A 1050 24.17 -16.80 -0.27
CA CYS A 1050 23.33 -16.58 -1.48
C CYS A 1050 23.15 -15.08 -1.70
N VAL A 1051 22.89 -14.34 -0.62
CA VAL A 1051 22.77 -12.85 -0.65
C VAL A 1051 24.08 -12.24 -1.15
N GLU A 1052 25.19 -12.53 -0.47
CA GLU A 1052 26.51 -12.03 -0.89
C GLU A 1052 26.66 -12.25 -2.41
N MET A 1053 26.54 -13.48 -2.87
CA MET A 1053 26.71 -13.84 -4.31
C MET A 1053 25.79 -12.97 -5.14
N ALA A 1054 24.49 -12.97 -4.84
CA ALA A 1054 23.51 -12.16 -5.56
C ALA A 1054 24.11 -10.76 -5.66
N TRP A 1055 24.45 -10.16 -4.53
CA TRP A 1055 24.92 -8.76 -4.54
C TRP A 1055 26.09 -8.65 -5.51
N ILE A 1056 27.05 -9.57 -5.38
CA ILE A 1056 28.33 -9.56 -6.16
C ILE A 1056 27.97 -9.56 -7.65
N MET A 1057 27.12 -10.49 -8.03
CA MET A 1057 26.76 -10.71 -9.45
C MET A 1057 25.78 -9.64 -9.94
N GLY A 1058 25.47 -8.63 -9.13
CA GLY A 1058 24.65 -7.48 -9.54
C GLY A 1058 23.19 -7.85 -9.79
N PHE A 1059 22.71 -8.97 -9.27
CA PHE A 1059 21.29 -9.32 -9.33
C PHE A 1059 20.51 -8.35 -8.46
N ILE A 1060 20.85 -8.26 -7.19
CA ILE A 1060 20.16 -7.37 -6.23
C ILE A 1060 21.01 -6.12 -6.07
N SER A 1061 20.43 -5.07 -5.50
CA SER A 1061 21.13 -3.82 -5.15
C SER A 1061 20.34 -3.16 -4.05
N TYR A 1062 21.01 -2.61 -3.06
CA TYR A 1062 20.33 -1.98 -1.92
C TYR A 1062 19.69 -0.70 -2.41
N HIS A 1063 18.57 -0.32 -1.78
CA HIS A 1063 17.74 0.87 -2.12
C HIS A 1063 17.05 1.39 -0.87
N ASN A 1064 17.43 2.58 -0.44
CA ASN A 1064 16.84 3.28 0.72
C ASN A 1064 16.18 4.56 0.22
N GLY A 1065 14.87 4.70 0.41
CA GLY A 1065 14.13 5.90 -0.01
C GLY A 1065 12.68 5.55 -0.23
N ASN A 1066 12.04 6.19 -1.21
CA ASN A 1066 10.62 5.93 -1.58
C ASN A 1066 10.60 5.11 -2.87
N LEU A 1067 9.75 4.08 -2.87
CA LEU A 1067 9.62 3.12 -3.99
C LEU A 1067 8.16 2.65 -4.06
N LYS A 1068 7.48 2.99 -5.17
CA LYS A 1068 6.03 2.77 -5.38
C LYS A 1068 5.29 3.38 -4.18
N GLY A 1069 5.39 4.70 -4.05
CA GLY A 1069 4.78 5.48 -2.96
C GLY A 1069 5.43 5.12 -1.63
N ARG A 1070 5.06 3.95 -1.08
CA ARG A 1070 5.50 3.45 0.26
C ARG A 1070 7.02 3.60 0.37
N PRO A 1071 7.58 4.15 1.50
CA PRO A 1071 9.03 4.25 1.71
C PRO A 1071 9.71 2.91 2.07
N TYR A 1072 10.63 2.45 1.19
CA TYR A 1072 11.32 1.13 1.24
C TYR A 1072 12.79 1.29 1.61
N THR A 1073 13.31 0.27 2.30
CA THR A 1073 14.70 0.20 2.84
C THR A 1073 15.16 -1.26 2.88
N GLY A 1074 15.91 -1.68 1.86
CA GLY A 1074 16.37 -3.07 1.70
C GLY A 1074 16.75 -3.39 0.27
N TRP A 1075 16.86 -4.69 -0.01
CA TRP A 1075 17.27 -5.23 -1.33
C TRP A 1075 16.16 -5.01 -2.34
N VAL A 1076 16.53 -4.64 -3.56
CA VAL A 1076 15.61 -4.56 -4.73
C VAL A 1076 16.32 -5.20 -5.91
N ASP A 1077 15.59 -5.85 -6.81
CA ASP A 1077 16.17 -6.41 -8.06
C ASP A 1077 16.90 -5.25 -8.74
N SER A 1078 17.97 -5.53 -9.50
CA SER A 1078 18.81 -4.51 -10.18
C SER A 1078 18.23 -4.13 -11.55
N LYS A 1079 17.24 -4.88 -12.06
CA LYS A 1079 16.58 -4.61 -13.36
C LYS A 1079 15.19 -4.04 -13.06
N THR A 1080 14.30 -4.86 -12.49
CA THR A 1080 12.85 -4.55 -12.32
C THR A 1080 12.61 -3.55 -11.18
N LYS A 1081 13.64 -3.26 -10.37
CA LYS A 1081 13.59 -2.38 -9.17
C LYS A 1081 12.37 -2.74 -8.33
N GLU A 1082 12.15 -4.03 -8.14
CA GLU A 1082 11.09 -4.60 -7.27
C GLU A 1082 11.71 -4.95 -5.93
N PRO A 1083 11.06 -4.65 -4.79
CA PRO A 1083 11.53 -5.11 -3.49
C PRO A 1083 11.64 -6.64 -3.44
N VAL A 1084 12.79 -7.10 -2.99
CA VAL A 1084 13.09 -8.53 -2.69
C VAL A 1084 13.46 -8.63 -1.20
N ASP A 1085 12.82 -9.54 -0.45
CA ASP A 1085 13.24 -9.90 0.93
C ASP A 1085 14.39 -10.91 0.85
N ASP A 1086 15.17 -11.05 1.93
CA ASP A 1086 16.38 -11.93 2.04
C ASP A 1086 15.98 -13.40 1.88
N LYS A 1087 14.83 -13.82 2.42
CA LYS A 1087 14.30 -15.20 2.27
C LYS A 1087 14.05 -15.53 0.78
N ASP A 1088 13.49 -14.60 0.01
CA ASP A 1088 13.14 -14.78 -1.42
C ASP A 1088 14.41 -15.06 -2.21
N VAL A 1089 15.49 -14.32 -1.93
CA VAL A 1089 16.76 -14.27 -2.73
C VAL A 1089 17.08 -15.69 -3.23
N LYS A 1090 16.98 -16.69 -2.35
CA LYS A 1090 17.33 -18.09 -2.68
C LYS A 1090 16.42 -18.59 -3.82
N ALA A 1091 15.10 -18.52 -3.64
CA ALA A 1091 14.10 -19.05 -4.59
C ALA A 1091 14.07 -18.25 -5.90
N LYS A 1092 14.58 -17.02 -5.88
CA LYS A 1092 14.48 -16.08 -7.04
C LYS A 1092 15.74 -16.13 -7.92
N TYR A 1093 16.92 -16.39 -7.32
CA TYR A 1093 18.25 -16.20 -7.99
C TYR A 1093 19.20 -17.40 -7.85
N GLU A 1094 18.99 -18.33 -6.92
CA GLU A 1094 19.96 -19.42 -6.65
C GLU A 1094 20.30 -20.12 -7.96
N THR A 1095 19.29 -20.54 -8.72
CA THR A 1095 19.50 -21.18 -10.04
C THR A 1095 20.48 -20.34 -10.84
N SER A 1096 20.17 -19.05 -11.03
CA SER A 1096 20.97 -18.09 -11.85
C SER A 1096 22.40 -17.99 -11.31
N ILE A 1097 22.56 -17.94 -9.99
CA ILE A 1097 23.90 -17.85 -9.37
C ILE A 1097 24.70 -19.08 -9.80
N LEU A 1098 24.24 -20.28 -9.44
CA LEU A 1098 24.99 -21.55 -9.70
C LEU A 1098 25.34 -21.65 -11.19
N GLU A 1099 24.40 -21.28 -12.07
CA GLU A 1099 24.48 -21.38 -13.56
C GLU A 1099 25.52 -20.40 -14.14
N HIS A 1100 25.74 -19.25 -13.49
CA HIS A 1100 26.68 -18.22 -13.97
C HIS A 1100 27.84 -18.01 -12.99
N SER A 1101 28.34 -19.11 -12.41
CA SER A 1101 29.45 -19.10 -11.44
C SER A 1101 30.22 -20.38 -11.59
N GLY A 1102 31.45 -20.38 -11.08
CA GLY A 1102 32.35 -21.54 -11.14
C GLY A 1102 32.76 -21.86 -12.56
N ILE A 1103 33.28 -23.08 -12.72
CA ILE A 1103 33.64 -23.63 -14.04
C ILE A 1103 32.37 -23.74 -14.86
N ARG A 1104 32.41 -23.21 -16.09
CA ARG A 1104 31.26 -23.14 -17.02
C ARG A 1104 31.73 -22.72 -18.42
N LEU A 1105 30.82 -22.87 -19.38
CA LEU A 1105 31.04 -22.52 -20.81
C LEU A 1105 31.53 -21.09 -20.91
N ILE A 1106 32.56 -20.88 -21.74
CA ILE A 1106 33.14 -19.54 -21.97
C ILE A 1106 32.05 -18.63 -22.52
N GLU A 1107 31.75 -17.53 -21.81
CA GLU A 1107 30.75 -16.50 -22.18
C GLU A 1107 31.51 -15.40 -22.91
N PRO A 1108 31.22 -15.12 -24.20
CA PRO A 1108 31.99 -14.12 -24.93
C PRO A 1108 31.92 -12.71 -24.33
N GLU A 1109 30.81 -12.38 -23.66
CA GLU A 1109 30.53 -11.05 -23.07
C GLU A 1109 31.66 -10.61 -22.12
N LEU A 1110 32.29 -11.57 -21.45
CA LEU A 1110 33.30 -11.33 -20.38
C LEU A 1110 34.71 -11.21 -20.95
N PHE A 1111 34.94 -11.48 -22.25
CA PHE A 1111 36.31 -11.48 -22.84
C PHE A 1111 36.39 -10.74 -24.18
N ASN A 1112 35.59 -9.70 -24.36
CA ASN A 1112 35.56 -8.90 -25.62
C ASN A 1112 35.15 -9.79 -26.79
N GLY A 1113 34.08 -10.58 -26.61
CA GLY A 1113 33.46 -11.38 -27.66
C GLY A 1113 34.30 -12.58 -28.09
N TYR A 1114 35.36 -12.94 -27.36
CA TYR A 1114 36.07 -14.23 -27.57
C TYR A 1114 35.02 -15.36 -27.55
N ASN A 1115 34.82 -15.99 -28.71
CA ASN A 1115 33.95 -17.19 -28.88
C ASN A 1115 34.82 -18.30 -29.45
N PRO A 1116 35.20 -19.31 -28.66
CA PRO A 1116 36.13 -20.34 -29.13
C PRO A 1116 35.58 -21.19 -30.29
N GLU A 1117 34.27 -21.20 -30.51
CA GLU A 1117 33.66 -21.84 -31.71
C GLU A 1117 34.07 -21.07 -32.98
N LYS A 1118 34.28 -19.75 -32.89
CA LYS A 1118 34.58 -18.83 -34.02
C LYS A 1118 35.84 -18.03 -33.71
N LYS A 1119 36.93 -18.69 -33.36
CA LYS A 1119 38.20 -18.01 -33.00
C LYS A 1119 38.82 -17.35 -34.23
N GLU A 1120 38.62 -16.05 -34.42
CA GLU A 1120 39.04 -15.35 -35.68
C GLU A 1120 40.55 -15.47 -35.84
N MET A 1121 41.02 -15.66 -37.07
CA MET A 1121 42.45 -15.58 -37.47
C MET A 1121 42.50 -15.33 -38.98
N ILE A 1122 43.45 -14.50 -39.40
CA ILE A 1122 43.63 -13.98 -40.78
C ILE A 1122 44.58 -14.89 -41.56
N GLN A 1123 44.29 -15.06 -42.86
CA GLN A 1123 45.15 -15.82 -43.80
C GLN A 1123 45.61 -14.86 -44.88
N GLU A 1124 46.92 -14.92 -45.12
CA GLU A 1124 47.65 -14.16 -46.14
C GLU A 1124 47.22 -14.77 -47.47
N VAL A 1125 46.92 -13.94 -48.45
CA VAL A 1125 46.71 -14.38 -49.86
C VAL A 1125 47.38 -13.35 -50.78
N ILE A 1126 47.90 -13.81 -51.91
CA ILE A 1126 48.41 -12.96 -53.02
C ILE A 1126 47.27 -12.88 -54.03
N VAL A 1127 46.73 -11.68 -54.23
CA VAL A 1127 45.56 -11.47 -55.11
C VAL A 1127 45.97 -11.79 -56.55
N GLU A 1128 45.11 -12.51 -57.28
CA GLU A 1128 45.37 -12.96 -58.67
C GLU A 1128 44.95 -11.83 -59.63
N GLU A 1129 43.80 -11.21 -59.39
CA GLU A 1129 43.17 -10.19 -60.29
C GLU A 1129 43.09 -8.85 -59.55
N ASP A 1130 43.11 -7.75 -60.31
CA ASP A 1130 43.11 -6.35 -59.80
C ASP A 1130 41.80 -6.07 -59.04
N LEU A 1131 41.85 -5.21 -58.01
CA LEU A 1131 40.71 -4.83 -57.12
C LEU A 1131 39.92 -3.67 -57.75
N GLU A 1132 38.66 -3.47 -57.32
CA GLU A 1132 37.89 -2.22 -57.53
C GLU A 1132 38.62 -1.10 -56.79
N PRO A 1133 38.80 0.11 -57.38
CA PRO A 1133 39.37 1.22 -56.63
C PRO A 1133 38.48 1.55 -55.43
N PHE A 1134 39.06 2.08 -54.36
CA PHE A 1134 38.31 2.63 -53.20
C PHE A 1134 38.95 3.95 -52.80
N GLU A 1135 38.20 4.76 -52.05
CA GLU A 1135 38.62 6.11 -51.60
C GLU A 1135 39.25 5.95 -50.21
N ALA A 1136 40.43 6.53 -50.01
CA ALA A 1136 41.13 6.67 -48.70
C ALA A 1136 41.59 8.11 -48.50
N SER A 1137 42.00 8.46 -47.29
CA SER A 1137 42.68 9.75 -46.98
C SER A 1137 44.02 9.77 -47.68
N LYS A 1138 44.65 10.95 -47.75
CA LYS A 1138 45.98 11.08 -48.35
C LYS A 1138 46.99 10.26 -47.54
N GLU A 1139 47.08 10.55 -46.24
CA GLU A 1139 48.04 9.89 -45.31
C GLU A 1139 47.94 8.36 -45.48
N THR A 1140 46.73 7.79 -45.46
CA THR A 1140 46.49 6.33 -45.60
C THR A 1140 46.89 5.83 -47.00
N ALA A 1141 46.73 6.65 -48.03
CA ALA A 1141 47.21 6.31 -49.38
C ALA A 1141 48.72 6.05 -49.33
N GLU A 1142 49.56 7.04 -48.96
CA GLU A 1142 51.04 6.83 -49.02
C GLU A 1142 51.46 5.73 -48.03
N GLN A 1143 50.68 5.49 -46.96
CA GLN A 1143 50.88 4.36 -46.01
C GLN A 1143 50.69 3.02 -46.72
N PHE A 1144 49.78 2.97 -47.71
CA PHE A 1144 49.53 1.80 -48.60
C PHE A 1144 50.59 1.74 -49.70
N LYS A 1145 51.05 2.91 -50.16
CA LYS A 1145 52.10 3.02 -51.22
C LYS A 1145 53.45 2.57 -50.66
N HIS A 1146 53.82 3.04 -49.46
CA HIS A 1146 55.12 2.70 -48.80
C HIS A 1146 55.21 1.17 -48.61
N GLN A 1147 54.08 0.49 -48.31
CA GLN A 1147 53.99 -0.95 -47.93
C GLN A 1147 53.99 -1.84 -49.18
N HIS A 1148 53.24 -1.47 -50.22
CA HIS A 1148 52.91 -2.33 -51.39
C HIS A 1148 53.78 -2.01 -52.62
N GLY A 1149 54.49 -0.89 -52.63
CA GLY A 1149 55.41 -0.53 -53.72
C GLY A 1149 54.66 -0.38 -55.03
N ASP A 1150 55.17 -1.00 -56.09
CA ASP A 1150 54.56 -0.96 -57.45
C ASP A 1150 53.13 -1.53 -57.44
N LYS A 1151 52.85 -2.50 -56.57
CA LYS A 1151 51.61 -3.33 -56.60
C LYS A 1151 50.35 -2.47 -56.33
N VAL A 1152 50.53 -1.24 -55.86
CA VAL A 1152 49.41 -0.32 -55.54
C VAL A 1152 49.51 0.90 -56.47
N ASP A 1153 48.36 1.41 -56.90
CA ASP A 1153 48.20 2.65 -57.70
C ASP A 1153 47.33 3.64 -56.92
N ILE A 1154 47.95 4.70 -56.37
CA ILE A 1154 47.27 5.81 -55.63
C ILE A 1154 47.11 7.02 -56.56
N PHE A 1155 45.88 7.50 -56.74
CA PHE A 1155 45.56 8.64 -57.65
C PHE A 1155 44.70 9.67 -56.90
N GLU A 1156 45.34 10.78 -56.51
CA GLU A 1156 44.65 11.94 -55.90
C GLU A 1156 43.43 12.27 -56.76
N ILE A 1157 42.26 12.40 -56.14
CA ILE A 1157 41.00 12.87 -56.78
C ILE A 1157 41.01 14.39 -56.71
N PRO A 1158 41.24 15.11 -57.84
CA PRO A 1158 41.44 16.57 -57.79
C PRO A 1158 40.29 17.39 -57.20
N GLU A 1159 39.07 16.82 -57.18
CA GLU A 1159 37.83 17.54 -56.81
C GLU A 1159 37.85 17.80 -55.31
N THR A 1160 37.74 16.74 -54.51
CA THR A 1160 37.60 16.78 -53.03
C THR A 1160 39.00 16.96 -52.42
N GLY A 1161 39.94 16.06 -52.74
CA GLY A 1161 41.30 16.02 -52.16
C GLY A 1161 41.64 14.68 -51.56
N GLU A 1162 40.66 13.76 -51.54
CA GLU A 1162 40.83 12.34 -51.13
C GLU A 1162 41.46 11.54 -52.27
N TYR A 1163 42.08 10.41 -51.94
CA TYR A 1163 42.84 9.55 -52.88
C TYR A 1163 42.06 8.27 -53.18
N SER A 1164 42.23 7.79 -54.40
CA SER A 1164 41.68 6.50 -54.88
C SER A 1164 42.85 5.52 -54.91
N VAL A 1165 42.74 4.43 -54.15
CA VAL A 1165 43.73 3.34 -54.09
C VAL A 1165 43.20 2.18 -54.94
N LYS A 1166 44.10 1.54 -55.68
CA LYS A 1166 43.79 0.38 -56.54
C LYS A 1166 44.90 -0.66 -56.35
N LEU A 1167 44.53 -1.86 -55.89
CA LEU A 1167 45.49 -2.98 -55.70
C LEU A 1167 45.53 -3.83 -56.97
N LEU A 1168 46.71 -3.98 -57.56
CA LEU A 1168 46.94 -4.69 -58.85
C LEU A 1168 47.12 -6.19 -58.59
N LYS A 1169 47.42 -6.98 -59.61
CA LYS A 1169 47.78 -8.42 -59.48
C LYS A 1169 49.09 -8.53 -58.69
N GLY A 1170 49.17 -9.45 -57.73
CA GLY A 1170 50.39 -9.70 -56.92
C GLY A 1170 50.50 -8.81 -55.68
N ALA A 1171 49.45 -8.04 -55.36
CA ALA A 1171 49.33 -7.24 -54.11
C ALA A 1171 48.88 -8.16 -52.98
N THR A 1172 49.64 -8.17 -51.88
CA THR A 1172 49.35 -9.01 -50.67
C THR A 1172 48.05 -8.51 -50.04
N LEU A 1173 47.33 -9.42 -49.41
CA LEU A 1173 46.04 -9.13 -48.74
C LEU A 1173 45.86 -10.14 -47.61
N TYR A 1174 44.96 -9.84 -46.68
CA TYR A 1174 44.67 -10.69 -45.52
C TYR A 1174 43.17 -10.86 -45.40
N ILE A 1175 42.75 -12.11 -45.51
CA ILE A 1175 41.32 -12.48 -45.46
C ILE A 1175 41.05 -13.10 -44.10
N PRO A 1176 40.07 -12.59 -43.33
CA PRO A 1176 39.70 -13.22 -42.07
C PRO A 1176 38.91 -14.49 -42.35
N LYS A 1177 39.46 -15.63 -41.91
CA LYS A 1177 38.78 -16.95 -41.86
C LYS A 1177 38.20 -17.13 -40.45
N ALA A 1178 37.71 -18.32 -40.12
CA ALA A 1178 37.27 -18.72 -38.76
C ALA A 1178 37.92 -20.05 -38.40
N LEU A 1179 38.24 -20.26 -37.11
CA LEU A 1179 38.83 -21.52 -36.57
C LEU A 1179 38.02 -22.03 -35.37
N ARG A 1180 37.52 -23.28 -35.44
CA ARG A 1180 36.69 -23.94 -34.40
C ARG A 1180 37.67 -24.58 -33.42
N PHE A 1181 37.71 -24.06 -32.19
CA PHE A 1181 38.68 -24.47 -31.14
C PHE A 1181 37.97 -25.43 -30.17
N ASP A 1182 38.73 -26.14 -29.34
CA ASP A 1182 38.28 -27.33 -28.56
C ASP A 1182 38.50 -27.12 -27.06
N ARG A 1183 38.63 -25.87 -26.59
CA ARG A 1183 38.69 -25.53 -25.15
C ARG A 1183 37.55 -24.57 -24.80
N LEU A 1184 36.33 -25.07 -24.82
CA LEU A 1184 35.06 -24.28 -24.84
C LEU A 1184 34.68 -23.82 -23.44
N VAL A 1185 35.34 -24.36 -22.40
CA VAL A 1185 34.90 -24.17 -20.99
C VAL A 1185 36.06 -23.59 -20.19
N ALA A 1186 35.73 -22.81 -19.17
CA ALA A 1186 36.71 -22.08 -18.33
C ALA A 1186 36.10 -21.56 -17.03
N GLY A 1187 36.71 -21.92 -15.91
CA GLY A 1187 36.46 -21.31 -14.58
C GLY A 1187 36.70 -19.82 -14.63
N GLN A 1188 35.61 -19.06 -14.66
CA GLN A 1188 35.64 -17.60 -14.94
C GLN A 1188 34.72 -16.90 -13.94
N ILE A 1189 35.11 -15.70 -13.54
CA ILE A 1189 34.46 -14.89 -12.47
C ILE A 1189 32.98 -14.77 -12.80
N PRO A 1190 32.10 -14.68 -11.76
CA PRO A 1190 30.66 -14.66 -12.00
C PRO A 1190 30.19 -13.56 -12.96
N THR A 1191 29.33 -13.97 -13.88
CA THR A 1191 28.66 -13.07 -14.82
C THR A 1191 27.86 -12.03 -14.05
N GLY A 1192 28.22 -10.77 -14.26
CA GLY A 1192 27.58 -9.61 -13.60
C GLY A 1192 28.54 -8.97 -12.64
N TRP A 1193 29.67 -9.63 -12.38
CA TRP A 1193 30.68 -9.03 -11.49
C TRP A 1193 31.07 -7.70 -12.09
N ASN A 1194 31.37 -6.72 -11.24
CA ASN A 1194 31.64 -5.34 -11.73
C ASN A 1194 32.25 -4.49 -10.62
N ALA A 1195 33.47 -4.00 -10.86
CA ALA A 1195 34.31 -3.25 -9.90
C ALA A 1195 33.63 -1.95 -9.42
N LYS A 1196 32.57 -1.49 -10.11
CA LYS A 1196 31.70 -0.37 -9.67
C LYS A 1196 30.85 -0.77 -8.46
N THR A 1197 30.54 -2.06 -8.34
CA THR A 1197 29.82 -2.65 -7.18
C THR A 1197 30.67 -2.44 -5.94
N TYR A 1198 31.95 -2.75 -6.01
CA TYR A 1198 32.88 -2.59 -4.87
C TYR A 1198 33.30 -1.13 -4.70
N GLY A 1199 33.03 -0.27 -5.68
CA GLY A 1199 33.22 1.19 -5.58
C GLY A 1199 34.48 1.71 -6.23
N ILE A 1200 35.06 0.95 -7.16
CA ILE A 1200 36.17 1.45 -8.02
C ILE A 1200 35.55 2.36 -9.07
N SER A 1201 36.02 3.60 -9.13
CA SER A 1201 35.52 4.69 -10.03
C SER A 1201 35.84 4.36 -11.49
N ASP A 1202 34.99 4.82 -12.40
CA ASP A 1202 35.09 4.50 -13.85
C ASP A 1202 36.47 4.88 -14.35
N ASP A 1203 36.98 6.05 -13.95
CA ASP A 1203 38.23 6.62 -14.50
C ASP A 1203 39.39 5.64 -14.27
N ILE A 1204 39.40 4.96 -13.13
CA ILE A 1204 40.37 3.87 -12.83
C ILE A 1204 40.03 2.67 -13.71
N ILE A 1205 38.77 2.25 -13.79
CA ILE A 1205 38.37 1.03 -14.55
C ILE A 1205 38.85 1.17 -15.99
N SER A 1206 38.59 2.32 -16.61
CA SER A 1206 38.85 2.60 -18.04
C SER A 1206 40.36 2.65 -18.32
N GLN A 1207 41.19 2.76 -17.27
CA GLN A 1207 42.65 3.02 -17.38
C GLN A 1207 43.45 1.72 -17.24
N VAL A 1208 43.23 0.96 -16.17
CA VAL A 1208 44.04 -0.23 -15.80
C VAL A 1208 43.50 -1.45 -16.55
N ASP A 1209 44.26 -2.56 -16.55
CA ASP A 1209 43.85 -3.86 -17.14
C ASP A 1209 42.96 -4.62 -16.15
N PRO A 1210 41.77 -5.13 -16.56
CA PRO A 1210 40.87 -5.86 -15.67
C PRO A 1210 41.52 -6.58 -14.50
N ILE A 1211 42.58 -7.33 -14.75
CA ILE A 1211 43.31 -8.03 -13.65
C ILE A 1211 43.52 -7.06 -12.49
N THR A 1212 44.00 -5.83 -12.71
CA THR A 1212 44.27 -4.82 -11.66
C THR A 1212 43.01 -4.63 -10.81
N LEU A 1213 41.81 -4.79 -11.39
CA LEU A 1213 40.53 -4.68 -10.64
C LEU A 1213 40.42 -5.85 -9.66
N PHE A 1214 40.78 -7.04 -10.10
CA PHE A 1214 40.76 -8.23 -9.22
C PHE A 1214 41.71 -7.94 -8.06
N VAL A 1215 42.92 -7.49 -8.35
CA VAL A 1215 43.96 -7.30 -7.30
C VAL A 1215 43.51 -6.21 -6.34
N LEU A 1216 42.83 -5.18 -6.85
CA LEU A 1216 42.38 -4.05 -6.02
C LEU A 1216 41.23 -4.48 -5.13
N VAL A 1217 40.26 -5.21 -5.68
CA VAL A 1217 39.13 -5.70 -4.86
C VAL A 1217 39.63 -6.77 -3.91
N SER A 1218 40.60 -7.60 -4.30
CA SER A 1218 41.18 -8.64 -3.39
C SER A 1218 41.88 -7.94 -2.23
N VAL A 1219 42.66 -6.91 -2.49
CA VAL A 1219 43.47 -6.25 -1.44
C VAL A 1219 42.54 -5.58 -0.45
N VAL A 1220 41.51 -4.84 -0.87
CA VAL A 1220 40.62 -4.11 0.09
C VAL A 1220 39.81 -5.13 0.91
N GLU A 1221 39.26 -6.18 0.27
CA GLU A 1221 38.56 -7.26 1.00
C GLU A 1221 39.52 -7.89 2.03
N ALA A 1222 40.81 -8.04 1.71
CA ALA A 1222 41.82 -8.70 2.60
C ALA A 1222 42.24 -7.76 3.73
N PHE A 1223 42.11 -6.46 3.56
CA PHE A 1223 42.24 -5.50 4.68
C PHE A 1223 40.99 -5.60 5.58
N ILE A 1224 39.80 -5.66 5.00
CA ILE A 1224 38.53 -5.69 5.80
C ILE A 1224 38.51 -6.92 6.69
N ALA A 1225 38.77 -8.10 6.12
CA ALA A 1225 38.95 -9.38 6.84
C ALA A 1225 40.13 -9.35 7.82
N SER A 1226 41.09 -8.44 7.61
CA SER A 1226 42.21 -8.16 8.54
C SER A 1226 41.81 -7.12 9.59
N GLY A 1227 40.59 -6.58 9.53
CA GLY A 1227 40.10 -5.60 10.51
C GLY A 1227 40.49 -4.18 10.15
N ILE A 1228 41.56 -4.00 9.36
CA ILE A 1228 42.09 -2.66 8.99
C ILE A 1228 41.16 -2.06 7.93
N THR A 1229 40.41 -1.02 8.29
CA THR A 1229 39.46 -0.35 7.37
C THR A 1229 40.23 0.73 6.60
N ASP A 1230 40.93 1.61 7.32
CA ASP A 1230 41.79 2.68 6.74
C ASP A 1230 43.24 2.19 6.70
N PRO A 1231 43.78 1.85 5.52
CA PRO A 1231 45.16 1.40 5.43
C PRO A 1231 46.21 2.35 6.00
N TYR A 1232 45.93 3.64 6.15
CA TYR A 1232 46.85 4.58 6.84
C TYR A 1232 46.95 4.15 8.31
N GLU A 1233 45.87 3.64 8.90
CA GLU A 1233 45.88 3.17 10.31
C GLU A 1233 47.20 2.42 10.53
N MET A 1234 47.56 1.53 9.60
CA MET A 1234 48.82 0.75 9.67
C MET A 1234 49.94 1.67 10.15
N TYR A 1235 50.04 2.90 9.63
CA TYR A 1235 51.19 3.81 9.89
C TYR A 1235 51.11 4.43 11.30
N LYS A 1236 50.10 4.08 12.10
CA LYS A 1236 50.08 4.44 13.53
C LYS A 1236 51.12 3.61 14.30
N TYR A 1237 51.57 2.48 13.77
CA TYR A 1237 52.45 1.52 14.49
C TYR A 1237 53.76 1.25 13.76
N VAL A 1238 53.83 1.50 12.45
CA VAL A 1238 55.03 1.23 11.61
C VAL A 1238 55.29 2.41 10.68
N HIS A 1239 56.56 2.63 10.35
CA HIS A 1239 56.99 3.67 9.41
C HIS A 1239 56.42 3.34 8.03
N VAL A 1240 56.23 4.37 7.22
CA VAL A 1240 55.80 4.19 5.81
C VAL A 1240 56.80 3.32 5.05
N SER A 1241 58.02 3.13 5.53
CA SER A 1241 59.03 2.31 4.83
C SER A 1241 58.88 0.84 5.22
N GLU A 1242 57.82 0.45 5.94
CA GLU A 1242 57.76 -0.90 6.56
C GLU A 1242 56.50 -1.63 6.14
N VAL A 1243 55.87 -1.24 5.04
CA VAL A 1243 54.71 -1.98 4.48
C VAL A 1243 55.00 -2.40 3.04
N GLY A 1244 55.34 -3.67 2.84
CA GLY A 1244 55.76 -4.19 1.53
C GLY A 1244 54.58 -4.69 0.72
N ASN A 1245 54.79 -4.90 -0.57
CA ASN A 1245 53.88 -5.63 -1.49
C ASN A 1245 54.74 -6.65 -2.23
N CYS A 1246 54.67 -7.89 -1.79
CA CYS A 1246 55.46 -9.03 -2.28
C CYS A 1246 54.53 -9.91 -3.15
N SER A 1247 53.36 -9.41 -3.56
CA SER A 1247 52.42 -10.13 -4.46
C SER A 1247 53.01 -10.17 -5.86
N GLY A 1248 52.56 -11.13 -6.68
CA GLY A 1248 53.03 -11.32 -8.07
C GLY A 1248 51.98 -11.96 -8.97
N SER A 1249 52.36 -12.28 -10.19
CA SER A 1249 51.52 -12.89 -11.25
C SER A 1249 52.39 -13.71 -12.19
N GLY A 1250 51.76 -14.54 -13.01
CA GLY A 1250 52.44 -15.42 -13.98
C GLY A 1250 52.77 -14.69 -15.29
N MET A 1251 51.76 -14.15 -15.93
CA MET A 1251 51.84 -13.52 -17.28
C MET A 1251 51.64 -12.01 -17.17
N GLY A 1252 51.20 -11.53 -16.00
CA GLY A 1252 50.76 -10.15 -15.84
C GLY A 1252 49.51 -9.88 -16.62
N GLY A 1253 49.22 -8.59 -16.84
CA GLY A 1253 48.03 -8.11 -17.55
C GLY A 1253 48.15 -8.46 -19.01
N VAL A 1254 47.37 -9.43 -19.46
CA VAL A 1254 47.48 -9.97 -20.83
C VAL A 1254 46.53 -9.20 -21.75
N SER A 1255 45.46 -8.59 -21.23
CA SER A 1255 44.52 -7.76 -22.03
C SER A 1255 45.23 -6.50 -22.58
N ALA A 1256 46.29 -6.04 -21.92
CA ALA A 1256 47.21 -5.00 -22.44
C ALA A 1256 48.05 -5.63 -23.55
N LEU A 1257 48.71 -6.75 -23.27
CA LEU A 1257 49.55 -7.43 -24.27
C LEU A 1257 48.79 -7.54 -25.59
N ARG A 1258 47.59 -8.09 -25.55
CA ARG A 1258 46.72 -8.19 -26.76
C ARG A 1258 46.61 -6.80 -27.39
N GLY A 1259 46.45 -5.77 -26.56
CA GLY A 1259 46.36 -4.37 -26.99
C GLY A 1259 47.53 -3.97 -27.88
N MET A 1260 48.76 -4.16 -27.39
CA MET A 1260 49.97 -3.60 -28.05
C MET A 1260 50.49 -4.54 -29.15
N PHE A 1261 49.98 -5.77 -29.25
CA PHE A 1261 50.49 -6.79 -30.19
C PHE A 1261 49.47 -7.05 -31.29
N LYS A 1262 48.17 -6.99 -31.01
CA LYS A 1262 47.14 -7.49 -31.98
C LYS A 1262 46.23 -6.35 -32.37
N ASP A 1263 45.76 -5.55 -31.41
CA ASP A 1263 44.83 -4.44 -31.70
C ASP A 1263 45.62 -3.25 -32.22
N ARG A 1264 46.90 -3.11 -31.86
CA ARG A 1264 47.78 -2.07 -32.47
C ARG A 1264 48.07 -2.45 -33.93
N PHE A 1265 48.44 -3.71 -34.18
CA PHE A 1265 48.69 -4.31 -35.52
C PHE A 1265 47.48 -4.06 -36.45
N LYS A 1266 46.27 -4.27 -35.93
CA LYS A 1266 44.99 -4.05 -36.68
C LYS A 1266 44.63 -2.56 -36.70
N ASP A 1267 45.43 -1.70 -36.07
CA ASP A 1267 45.25 -0.22 -36.08
C ASP A 1267 43.86 0.11 -35.49
N GLU A 1268 43.38 -0.70 -34.54
CA GLU A 1268 42.21 -0.39 -33.67
C GLU A 1268 42.66 0.66 -32.64
N PRO A 1269 41.73 1.46 -32.07
CA PRO A 1269 42.12 2.45 -31.07
C PRO A 1269 42.54 1.72 -29.78
N VAL A 1270 43.64 2.16 -29.19
CA VAL A 1270 44.24 1.61 -27.93
C VAL A 1270 44.88 2.77 -27.18
N GLN A 1271 44.61 2.91 -25.88
CA GLN A 1271 45.25 3.93 -24.99
C GLN A 1271 46.76 3.90 -25.20
N ASN A 1272 47.43 5.05 -25.09
CA ASN A 1272 48.85 5.19 -25.51
C ASN A 1272 49.83 4.75 -24.41
N ASP A 1273 49.34 4.39 -23.22
CA ASP A 1273 50.21 3.94 -22.11
C ASP A 1273 50.11 2.42 -21.94
N ILE A 1274 49.39 1.74 -22.83
CA ILE A 1274 49.06 0.28 -22.72
C ILE A 1274 50.29 -0.50 -22.29
N LEU A 1275 51.50 -0.09 -22.70
CA LEU A 1275 52.77 -0.76 -22.30
C LEU A 1275 52.81 -0.92 -20.78
N GLN A 1276 52.47 0.15 -20.05
CA GLN A 1276 52.60 0.16 -18.57
C GLN A 1276 51.66 -0.91 -18.02
N GLU A 1277 50.41 -0.97 -18.49
CA GLU A 1277 49.33 -1.84 -17.93
C GLU A 1277 49.60 -3.33 -18.14
N SER A 1278 50.57 -3.70 -18.98
CA SER A 1278 50.96 -5.09 -19.31
C SER A 1278 51.94 -5.63 -18.28
N PHE A 1279 52.85 -4.79 -17.80
CA PHE A 1279 53.87 -5.17 -16.80
C PHE A 1279 53.17 -5.88 -15.63
N ILE A 1280 53.86 -6.85 -15.04
CA ILE A 1280 53.37 -7.66 -13.89
C ILE A 1280 53.34 -6.75 -12.65
N ASN A 1281 54.37 -5.92 -12.49
CA ASN A 1281 54.54 -5.02 -11.32
C ASN A 1281 53.63 -3.79 -11.41
N THR A 1282 52.78 -3.70 -12.43
CA THR A 1282 51.79 -2.61 -12.57
C THR A 1282 50.69 -2.79 -11.54
N MET A 1283 50.20 -4.01 -11.35
CA MET A 1283 49.06 -4.30 -10.46
C MET A 1283 49.43 -3.90 -9.04
N SER A 1284 50.61 -4.30 -8.61
CA SER A 1284 51.18 -3.91 -7.29
C SER A 1284 51.39 -2.39 -7.21
N ALA A 1285 51.85 -1.74 -8.28
CA ALA A 1285 52.07 -0.27 -8.31
C ALA A 1285 50.72 0.47 -8.18
N TRP A 1286 49.65 -0.07 -8.77
CA TRP A 1286 48.28 0.52 -8.74
C TRP A 1286 47.69 0.31 -7.37
N VAL A 1287 48.03 -0.80 -6.74
CA VAL A 1287 47.58 -1.04 -5.35
C VAL A 1287 48.19 0.02 -4.47
N ASN A 1288 49.51 0.22 -4.56
CA ASN A 1288 50.26 1.18 -3.72
C ASN A 1288 49.73 2.59 -3.97
N MET A 1289 49.65 3.03 -5.23
CA MET A 1289 49.18 4.39 -5.62
C MET A 1289 47.79 4.68 -5.05
N LEU A 1290 46.86 3.71 -5.17
CA LEU A 1290 45.42 3.93 -4.91
C LEU A 1290 45.05 3.66 -3.46
N LEU A 1291 45.64 2.69 -2.76
CA LEU A 1291 45.22 2.28 -1.37
C LEU A 1291 46.28 2.57 -0.30
N ILE A 1292 47.51 2.11 -0.49
CA ILE A 1292 48.50 1.98 0.62
C ILE A 1292 49.26 3.29 0.76
N SER A 1293 49.75 3.85 -0.35
CA SER A 1293 50.64 5.04 -0.39
C SER A 1293 51.76 4.82 0.64
N SER A 1294 52.41 3.66 0.55
CA SER A 1294 53.61 3.28 1.32
C SER A 1294 54.88 3.63 0.54
N SER A 1295 56.00 3.18 1.10
CA SER A 1295 57.35 3.27 0.51
C SER A 1295 58.15 2.07 0.97
N GLY A 1296 57.47 0.95 1.18
CA GLY A 1296 58.09 -0.27 1.69
C GLY A 1296 58.93 -0.98 0.63
N PRO A 1297 59.34 -2.23 0.91
CA PRO A 1297 59.96 -3.09 -0.09
C PRO A 1297 58.90 -3.54 -1.08
N ILE A 1298 59.25 -3.49 -2.36
CA ILE A 1298 58.43 -4.03 -3.47
C ILE A 1298 59.24 -5.20 -3.98
N LYS A 1299 58.64 -6.37 -4.07
CA LYS A 1299 59.30 -7.55 -4.68
C LYS A 1299 58.23 -8.36 -5.39
N THR A 1300 58.12 -8.21 -6.70
CA THR A 1300 57.12 -8.90 -7.54
C THR A 1300 57.81 -10.13 -8.12
N PRO A 1301 57.38 -11.33 -7.70
CA PRO A 1301 57.88 -12.56 -8.29
C PRO A 1301 56.96 -13.10 -9.40
N VAL A 1302 57.52 -14.01 -10.19
CA VAL A 1302 56.85 -14.72 -11.30
C VAL A 1302 57.07 -16.22 -11.07
N GLY A 1303 55.99 -16.98 -11.15
CA GLY A 1303 56.01 -18.43 -10.90
C GLY A 1303 54.85 -19.09 -11.59
N ALA A 1304 54.61 -18.72 -12.85
CA ALA A 1304 53.70 -19.40 -13.80
C ALA A 1304 52.45 -20.01 -13.12
N CYS A 1305 52.64 -21.01 -12.24
CA CYS A 1305 51.57 -21.66 -11.41
C CYS A 1305 51.89 -21.67 -9.91
N ALA A 1306 53.16 -21.55 -9.51
CA ALA A 1306 53.61 -21.51 -8.09
C ALA A 1306 53.91 -20.07 -7.66
N THR A 1307 53.41 -19.07 -8.39
CA THR A 1307 53.74 -17.64 -8.16
C THR A 1307 53.38 -17.25 -6.73
N SER A 1308 52.20 -17.64 -6.23
CA SER A 1308 51.75 -17.20 -4.88
C SER A 1308 52.72 -17.70 -3.80
N VAL A 1309 53.20 -18.94 -3.88
CA VAL A 1309 54.09 -19.52 -2.83
C VAL A 1309 55.42 -18.79 -2.84
N GLU A 1310 55.99 -18.51 -4.03
CA GLU A 1310 57.21 -17.69 -4.16
C GLU A 1310 56.93 -16.33 -3.51
N SER A 1311 55.73 -15.79 -3.69
CA SER A 1311 55.32 -14.51 -3.04
C SER A 1311 55.44 -14.69 -1.52
N VAL A 1312 54.72 -15.66 -0.96
CA VAL A 1312 54.70 -15.87 0.51
C VAL A 1312 56.13 -15.98 0.98
N ASP A 1313 56.94 -16.86 0.36
CA ASP A 1313 58.36 -17.06 0.76
C ASP A 1313 59.05 -15.70 0.80
N ILE A 1314 58.92 -14.91 -0.27
CA ILE A 1314 59.59 -13.59 -0.35
C ILE A 1314 59.09 -12.75 0.81
N GLY A 1315 57.78 -12.65 0.98
CA GLY A 1315 57.16 -11.96 2.13
C GLY A 1315 57.87 -12.31 3.42
N VAL A 1316 57.75 -13.57 3.83
CA VAL A 1316 58.44 -14.13 5.02
C VAL A 1316 59.90 -13.69 5.02
N GLU A 1317 60.69 -13.90 3.96
CA GLU A 1317 62.13 -13.51 3.94
C GLU A 1317 62.21 -12.00 4.26
N THR A 1318 61.34 -11.19 3.66
CA THR A 1318 61.37 -9.71 3.78
C THR A 1318 61.12 -9.28 5.24
N ILE A 1319 60.13 -9.86 5.90
CA ILE A 1319 59.76 -9.53 7.31
C ILE A 1319 60.80 -10.06 8.30
N LEU A 1320 61.38 -11.23 8.04
CA LEU A 1320 62.42 -11.82 8.90
C LEU A 1320 63.74 -11.05 8.74
N SER A 1321 63.94 -10.40 7.59
CA SER A 1321 65.16 -9.61 7.27
C SER A 1321 64.98 -8.17 7.74
N GLY A 1322 63.91 -7.85 8.46
CA GLY A 1322 63.78 -6.57 9.19
C GLY A 1322 63.55 -5.40 8.25
N LYS A 1323 63.30 -5.68 6.97
CA LYS A 1323 63.04 -4.64 5.96
C LYS A 1323 61.61 -4.15 6.22
N ALA A 1324 60.63 -5.03 5.99
CA ALA A 1324 59.18 -4.76 6.20
C ALA A 1324 58.60 -5.57 7.36
N ARG A 1325 57.64 -4.97 8.08
CA ARG A 1325 56.95 -5.55 9.26
C ARG A 1325 55.56 -6.09 8.90
N ILE A 1326 55.03 -5.64 7.76
CA ILE A 1326 53.75 -6.08 7.13
C ILE A 1326 53.98 -6.20 5.63
N CYS A 1327 53.76 -7.36 5.03
CA CYS A 1327 53.71 -7.45 3.56
C CYS A 1327 52.31 -7.87 3.13
N ILE A 1328 52.01 -7.57 1.88
CA ILE A 1328 50.84 -8.05 1.11
C ILE A 1328 51.36 -9.08 0.12
N VAL A 1329 51.04 -10.34 0.32
CA VAL A 1329 51.47 -11.44 -0.57
C VAL A 1329 50.26 -11.89 -1.39
N GLY A 1330 50.47 -12.92 -2.21
CA GLY A 1330 49.42 -13.59 -2.98
C GLY A 1330 49.77 -13.67 -4.44
N GLY A 1331 48.77 -13.60 -5.32
CA GLY A 1331 48.90 -13.92 -6.76
C GLY A 1331 47.64 -13.50 -7.49
N TYR A 1332 47.64 -13.54 -8.82
CA TYR A 1332 46.52 -13.05 -9.66
C TYR A 1332 46.81 -13.28 -11.13
N ASP A 1333 45.91 -13.94 -11.86
CA ASP A 1333 46.07 -14.12 -13.32
C ASP A 1333 44.73 -14.01 -14.00
N ASP A 1334 44.72 -13.47 -15.23
CA ASP A 1334 43.51 -13.28 -16.07
C ASP A 1334 43.50 -14.41 -17.10
N PHE A 1335 42.33 -14.64 -17.70
CA PHE A 1335 42.06 -15.63 -18.78
C PHE A 1335 41.70 -14.85 -20.05
N GLN A 1336 42.36 -15.16 -21.17
CA GLN A 1336 42.16 -14.46 -22.46
C GLN A 1336 42.39 -15.42 -23.63
N GLU A 1337 42.32 -14.90 -24.85
CA GLU A 1337 42.55 -15.62 -26.12
C GLU A 1337 43.86 -16.40 -26.12
N GLU A 1338 44.96 -15.65 -26.09
CA GLU A 1338 46.32 -16.15 -26.41
C GLU A 1338 46.67 -17.23 -25.39
N GLY A 1339 46.60 -16.91 -24.09
CA GLY A 1339 46.75 -17.86 -22.97
C GLY A 1339 46.08 -19.20 -23.27
N SER A 1340 44.76 -19.21 -23.46
CA SER A 1340 43.94 -20.46 -23.56
C SER A 1340 44.22 -21.21 -24.85
N PHE A 1341 44.56 -20.49 -25.92
CA PHE A 1341 44.95 -21.09 -27.20
C PHE A 1341 46.31 -21.80 -27.04
N GLU A 1342 47.34 -21.11 -26.56
CA GLU A 1342 48.71 -21.67 -26.44
C GLU A 1342 48.67 -22.88 -25.50
N PHE A 1343 48.00 -22.76 -24.35
CA PHE A 1343 47.85 -23.88 -23.39
C PHE A 1343 47.29 -25.10 -24.14
N GLY A 1344 46.23 -24.89 -24.93
CA GLY A 1344 45.55 -25.92 -25.75
C GLY A 1344 46.44 -26.51 -26.84
N ASN A 1345 47.42 -25.75 -27.34
CA ASN A 1345 48.46 -26.26 -28.29
C ASN A 1345 49.45 -27.11 -27.51
N MET A 1346 49.83 -26.68 -26.30
CA MET A 1346 50.77 -27.40 -25.41
C MET A 1346 50.15 -28.71 -24.92
N LYS A 1347 48.83 -28.85 -25.00
CA LYS A 1347 48.04 -30.03 -24.54
C LYS A 1347 48.09 -30.14 -23.01
N ALA A 1348 48.17 -29.01 -22.33
CA ALA A 1348 48.19 -28.89 -20.85
C ALA A 1348 46.77 -28.74 -20.35
N THR A 1349 45.97 -27.88 -21.01
CA THR A 1349 44.52 -27.71 -20.73
C THR A 1349 43.79 -28.96 -21.22
N SER A 1350 42.77 -29.40 -20.47
CA SER A 1350 41.92 -30.58 -20.79
C SER A 1350 41.02 -30.23 -21.98
N ASN A 1351 41.17 -30.96 -23.09
CA ASN A 1351 40.39 -30.83 -24.33
C ASN A 1351 38.91 -31.11 -24.02
N THR A 1352 38.07 -30.09 -24.16
CA THR A 1352 36.63 -30.12 -23.81
C THR A 1352 35.83 -31.05 -24.72
N LEU A 1353 36.18 -31.20 -25.98
CA LEU A 1353 35.42 -32.07 -26.92
C LEU A 1353 35.69 -33.55 -26.59
N GLU A 1354 36.82 -33.86 -25.96
CA GLU A 1354 37.11 -35.21 -25.39
C GLU A 1354 36.19 -35.44 -24.19
N GLU A 1355 35.92 -34.40 -23.40
CA GLU A 1355 35.11 -34.51 -22.17
C GLU A 1355 33.65 -34.67 -22.55
N PHE A 1356 33.20 -34.13 -23.68
CA PHE A 1356 31.77 -34.24 -24.07
C PHE A 1356 31.46 -35.66 -24.57
N GLU A 1357 32.39 -36.31 -25.27
CA GLU A 1357 32.19 -37.70 -25.76
C GLU A 1357 32.34 -38.69 -24.58
N HIS A 1358 32.84 -38.24 -23.43
CA HIS A 1358 32.82 -38.98 -22.12
C HIS A 1358 31.63 -38.53 -21.24
N GLY A 1359 30.65 -37.82 -21.82
CA GLY A 1359 29.41 -37.36 -21.16
C GLY A 1359 29.65 -36.52 -19.90
N ARG A 1360 30.85 -36.00 -19.70
CA ARG A 1360 31.21 -35.11 -18.56
C ARG A 1360 30.57 -33.75 -18.78
N THR A 1361 29.86 -33.25 -17.76
CA THR A 1361 29.31 -31.88 -17.77
C THR A 1361 30.48 -30.93 -17.52
N PRO A 1362 30.39 -29.63 -17.89
CA PRO A 1362 31.41 -28.64 -17.53
C PRO A 1362 31.82 -28.65 -16.05
N ALA A 1363 30.82 -28.78 -15.17
CA ALA A 1363 30.98 -28.83 -13.70
C ALA A 1363 32.06 -29.84 -13.29
N GLU A 1364 32.02 -31.06 -13.82
CA GLU A 1364 32.93 -32.16 -13.39
C GLU A 1364 34.01 -32.39 -14.46
N MET A 1365 34.91 -31.42 -14.68
CA MET A 1365 35.99 -31.51 -15.71
C MET A 1365 37.40 -31.25 -15.14
N SER A 1366 37.46 -30.49 -14.06
CA SER A 1366 38.59 -30.50 -13.10
C SER A 1366 38.32 -31.63 -12.12
N ARG A 1367 39.16 -32.67 -12.09
CA ARG A 1367 38.88 -33.86 -11.26
C ARG A 1367 40.17 -34.44 -10.73
N PRO A 1368 40.87 -33.72 -9.84
CA PRO A 1368 42.22 -34.12 -9.46
C PRO A 1368 42.30 -35.54 -8.88
N ALA A 1369 43.47 -36.13 -9.04
CA ALA A 1369 43.88 -37.44 -8.47
C ALA A 1369 42.86 -38.52 -8.81
N THR A 1370 42.25 -38.42 -9.98
CA THR A 1370 41.32 -39.45 -10.48
C THR A 1370 42.03 -40.20 -11.61
N THR A 1371 41.47 -41.33 -12.04
CA THR A 1371 42.04 -42.23 -13.08
C THR A 1371 42.02 -41.54 -14.44
N THR A 1372 40.87 -40.95 -14.77
CA THR A 1372 40.49 -40.41 -16.12
C THR A 1372 40.74 -38.91 -16.19
N ARG A 1373 41.67 -38.39 -15.40
CA ARG A 1373 42.12 -36.97 -15.49
C ARG A 1373 42.86 -36.82 -16.81
N ASN A 1374 42.75 -35.62 -17.41
CA ASN A 1374 43.26 -35.35 -18.77
C ASN A 1374 44.16 -34.10 -18.77
N GLY A 1375 43.86 -33.09 -17.94
CA GLY A 1375 44.52 -31.76 -17.94
C GLY A 1375 43.87 -30.80 -16.94
N PHE A 1376 44.29 -29.54 -16.87
CA PHE A 1376 43.70 -28.61 -15.88
C PHE A 1376 42.59 -27.78 -16.51
N MET A 1377 41.76 -27.12 -15.68
CA MET A 1377 40.70 -26.19 -16.16
C MET A 1377 41.14 -24.76 -15.89
N GLU A 1378 41.61 -24.06 -16.92
CA GLU A 1378 42.22 -22.72 -16.77
C GLU A 1378 41.14 -21.84 -16.11
N ALA A 1379 41.55 -21.01 -15.16
CA ALA A 1379 40.67 -20.11 -14.40
C ALA A 1379 41.35 -18.77 -14.12
N GLN A 1380 40.54 -17.77 -13.84
CA GLN A 1380 41.02 -16.39 -13.64
C GLN A 1380 40.70 -16.01 -12.22
N GLY A 1381 41.50 -15.10 -11.69
CA GLY A 1381 41.20 -14.38 -10.45
C GLY A 1381 42.45 -13.95 -9.73
N ALA A 1382 42.33 -13.83 -8.40
CA ALA A 1382 43.31 -13.17 -7.51
C ALA A 1382 43.05 -13.62 -6.08
N GLY A 1383 44.11 -14.04 -5.39
CA GLY A 1383 44.14 -14.29 -3.95
C GLY A 1383 45.16 -13.39 -3.28
N ILE A 1384 44.83 -12.82 -2.13
CA ILE A 1384 45.73 -11.92 -1.35
C ILE A 1384 45.68 -12.33 0.12
N GLN A 1385 46.83 -12.28 0.80
CA GLN A 1385 46.95 -12.45 2.27
C GLN A 1385 47.81 -11.33 2.83
N ILE A 1386 47.50 -10.87 4.03
CA ILE A 1386 48.28 -9.84 4.77
C ILE A 1386 49.04 -10.56 5.88
N ILE A 1387 50.33 -10.79 5.68
CA ILE A 1387 51.20 -11.41 6.73
C ILE A 1387 51.79 -10.29 7.57
N MET A 1388 52.07 -10.55 8.84
CA MET A 1388 52.92 -9.61 9.62
C MET A 1388 53.62 -10.32 10.80
N GLN A 1389 54.59 -9.64 11.40
CA GLN A 1389 55.19 -10.02 12.69
C GLN A 1389 54.06 -10.27 13.70
N ALA A 1390 54.15 -11.37 14.45
CA ALA A 1390 53.24 -11.74 15.57
C ALA A 1390 53.12 -10.60 16.59
N ASP A 1391 54.23 -10.06 17.09
CA ASP A 1391 54.19 -9.02 18.14
C ASP A 1391 53.43 -7.82 17.59
N LEU A 1392 53.66 -7.48 16.33
CA LEU A 1392 52.99 -6.30 15.74
C LEU A 1392 51.50 -6.62 15.57
N ALA A 1393 51.14 -7.86 15.26
CA ALA A 1393 49.72 -8.28 15.14
C ALA A 1393 49.02 -8.19 16.51
N LEU A 1394 49.66 -8.70 17.56
CA LEU A 1394 49.09 -8.62 18.93
C LEU A 1394 48.91 -7.15 19.33
N LYS A 1395 49.88 -6.30 18.99
CA LYS A 1395 49.93 -4.88 19.44
C LYS A 1395 48.84 -4.09 18.71
N MET A 1396 48.65 -4.39 17.42
CA MET A 1396 47.66 -3.71 16.56
C MET A 1396 46.26 -4.27 16.80
N GLY A 1397 46.15 -5.44 17.43
CA GLY A 1397 44.82 -5.96 17.81
C GLY A 1397 44.03 -6.37 16.58
N VAL A 1398 44.70 -7.15 15.75
CA VAL A 1398 44.17 -7.65 14.46
C VAL A 1398 44.04 -9.14 14.57
N PRO A 1399 43.07 -9.73 13.87
CA PRO A 1399 42.85 -11.16 13.99
C PRO A 1399 44.08 -11.91 13.49
N ILE A 1400 44.27 -13.16 13.90
CA ILE A 1400 45.38 -14.03 13.43
C ILE A 1400 44.81 -15.36 12.99
N TYR A 1401 44.67 -15.56 11.69
CA TYR A 1401 44.02 -16.75 11.11
C TYR A 1401 45.02 -17.90 10.94
N GLY A 1402 46.32 -17.69 11.14
CA GLY A 1402 47.30 -18.81 11.12
C GLY A 1402 48.72 -18.32 11.05
N ILE A 1403 49.65 -19.16 11.48
CA ILE A 1403 51.12 -18.87 11.53
C ILE A 1403 51.81 -19.47 10.31
N VAL A 1404 52.68 -18.72 9.65
CA VAL A 1404 53.47 -19.23 8.50
C VAL A 1404 54.74 -19.88 9.05
N ALA A 1405 54.70 -21.17 9.32
CA ALA A 1405 55.80 -21.92 10.00
C ALA A 1405 57.05 -21.92 9.14
N MET A 1406 56.85 -22.03 7.82
CA MET A 1406 57.92 -21.91 6.79
C MET A 1406 57.27 -21.72 5.43
N ALA A 1407 58.06 -21.19 4.51
CA ALA A 1407 57.77 -21.19 3.05
C ALA A 1407 59.11 -21.42 2.35
N ALA A 1408 59.12 -22.32 1.37
CA ALA A 1408 60.35 -22.70 0.64
C ALA A 1408 59.99 -22.83 -0.83
N THR A 1409 61.01 -22.70 -1.68
CA THR A 1409 60.93 -22.94 -3.15
C THR A 1409 62.08 -23.86 -3.54
N ALA A 1410 61.97 -24.57 -4.66
CA ALA A 1410 63.06 -25.47 -5.11
C ALA A 1410 62.91 -25.86 -6.59
N THR A 1411 63.97 -25.61 -7.36
CA THR A 1411 64.11 -26.09 -8.75
C THR A 1411 64.43 -27.59 -8.69
N ASP A 1412 63.98 -28.31 -9.71
CA ASP A 1412 64.04 -29.80 -9.76
C ASP A 1412 65.48 -30.19 -10.11
N LYS A 1413 65.81 -30.31 -11.41
CA LYS A 1413 67.08 -30.92 -11.92
C LYS A 1413 67.24 -30.69 -13.41
N ILE A 1414 68.36 -31.09 -14.00
CA ILE A 1414 68.69 -30.91 -15.46
C ILE A 1414 67.70 -31.72 -16.32
N GLY A 1415 67.07 -31.05 -17.28
CA GLY A 1415 65.97 -31.59 -18.11
C GLY A 1415 65.53 -30.62 -19.19
N ARG A 1416 65.15 -31.17 -20.34
CA ARG A 1416 64.84 -30.42 -21.60
C ARG A 1416 63.34 -30.15 -21.74
N SER A 1417 62.52 -30.56 -20.76
CA SER A 1417 61.04 -30.41 -20.78
C SER A 1417 60.64 -29.40 -19.71
N VAL A 1418 60.42 -28.14 -20.11
CA VAL A 1418 60.12 -27.02 -19.18
C VAL A 1418 58.84 -27.30 -18.40
N PRO A 1419 57.69 -27.68 -19.03
CA PRO A 1419 56.45 -27.90 -18.28
C PRO A 1419 56.36 -29.23 -17.53
N ALA A 1420 57.49 -29.94 -17.36
CA ALA A 1420 57.63 -31.19 -16.57
C ALA A 1420 57.91 -30.82 -15.11
N PRO A 1421 57.02 -31.18 -14.17
CA PRO A 1421 57.27 -30.94 -12.75
C PRO A 1421 58.23 -32.02 -12.23
N GLY A 1422 58.96 -31.72 -11.15
CA GLY A 1422 59.93 -32.64 -10.51
C GLY A 1422 59.83 -32.63 -8.99
N LYS A 1423 60.67 -33.44 -8.35
CA LYS A 1423 60.78 -33.61 -6.88
C LYS A 1423 61.86 -32.68 -6.38
N GLY A 1424 61.69 -31.37 -6.62
CA GLY A 1424 62.59 -30.31 -6.15
C GLY A 1424 62.27 -29.96 -4.71
N ILE A 1425 60.98 -29.90 -4.39
CA ILE A 1425 60.48 -29.48 -3.07
C ILE A 1425 60.69 -30.60 -2.06
N LEU A 1426 60.88 -31.83 -2.55
CA LEU A 1426 61.30 -33.01 -1.73
C LEU A 1426 62.49 -32.64 -0.83
N THR A 1427 63.22 -31.56 -1.16
CA THR A 1427 64.42 -31.09 -0.44
C THR A 1427 64.05 -30.20 0.76
N THR A 1428 62.76 -30.08 1.12
CA THR A 1428 62.31 -29.41 2.39
C THR A 1428 62.41 -30.37 3.59
N ALA A 1429 62.58 -31.67 3.32
CA ALA A 1429 62.72 -32.73 4.34
C ALA A 1429 64.15 -33.30 4.36
N ARG A 1430 65.16 -32.49 3.99
CA ARG A 1430 66.59 -32.90 4.02
C ARG A 1430 66.98 -33.19 5.47
N GLU A 1431 67.31 -34.44 5.80
CA GLU A 1431 67.64 -34.83 7.19
C GLU A 1431 68.61 -36.01 7.18
N HIS A 1432 69.76 -35.86 7.85
CA HIS A 1432 70.82 -36.89 7.98
C HIS A 1432 70.36 -37.93 9.00
N HIS A 1433 70.61 -39.22 8.74
CA HIS A 1433 70.21 -40.38 9.59
C HIS A 1433 71.36 -41.37 9.77
N SER A 1434 72.60 -40.92 9.60
CA SER A 1434 73.85 -41.73 9.77
C SER A 1434 74.14 -41.87 11.27
N SER A 1435 73.54 -41.03 12.12
CA SER A 1435 73.62 -41.12 13.61
C SER A 1435 72.28 -40.68 14.22
N VAL A 1436 71.48 -41.65 14.66
CA VAL A 1436 70.13 -41.45 15.27
C VAL A 1436 69.91 -42.44 16.43
N LYS A 1437 70.99 -42.88 17.09
CA LYS A 1437 70.91 -43.77 18.29
C LYS A 1437 70.19 -43.00 19.41
N TYR A 1438 70.72 -41.83 19.80
CA TYR A 1438 70.25 -40.96 20.92
C TYR A 1438 69.53 -39.75 20.33
N ALA A 1439 68.33 -39.42 20.82
CA ALA A 1439 67.52 -38.24 20.39
C ALA A 1439 68.32 -36.95 20.59
N SER A 1440 68.21 -36.00 19.66
CA SER A 1440 68.93 -34.70 19.67
C SER A 1440 68.35 -33.81 20.77
N PRO A 1441 69.15 -33.30 21.74
CA PRO A 1441 68.60 -32.45 22.82
C PRO A 1441 67.92 -31.16 22.31
N ASN A 1442 68.29 -30.70 21.10
CA ASN A 1442 67.70 -29.51 20.42
C ASN A 1442 66.25 -29.78 19.97
N LEU A 1443 65.71 -31.00 20.11
CA LEU A 1443 64.28 -31.30 19.85
C LEU A 1443 63.45 -31.24 21.15
N ASN A 1444 64.09 -31.08 22.31
CA ASN A 1444 63.39 -31.04 23.61
C ASN A 1444 63.24 -29.60 24.08
N MET A 1445 62.00 -29.15 24.30
CA MET A 1445 61.73 -27.73 24.60
C MET A 1445 62.37 -27.39 25.96
N LYS A 1446 62.19 -28.23 26.97
CA LYS A 1446 62.72 -27.94 28.33
C LYS A 1446 64.18 -27.52 28.18
N TYR A 1447 65.00 -28.35 27.50
CA TYR A 1447 66.46 -28.13 27.37
C TYR A 1447 66.69 -26.74 26.77
N ARG A 1448 65.95 -26.40 25.71
CA ARG A 1448 66.09 -25.09 25.02
C ARG A 1448 65.73 -24.00 26.01
N LYS A 1449 64.54 -24.07 26.60
CA LYS A 1449 64.07 -23.04 27.57
C LYS A 1449 65.10 -22.87 28.68
N ARG A 1450 65.61 -23.98 29.23
CA ARG A 1450 66.64 -23.92 30.28
C ARG A 1450 67.78 -23.04 29.75
N GLN A 1451 68.24 -23.30 28.52
CA GLN A 1451 69.38 -22.56 27.93
C GLN A 1451 69.00 -21.09 27.75
N LEU A 1452 67.77 -20.79 27.40
CA LEU A 1452 67.31 -19.38 27.26
C LEU A 1452 67.38 -18.68 28.62
N VAL A 1453 66.91 -19.34 29.69
CA VAL A 1453 66.85 -18.76 31.06
C VAL A 1453 68.27 -18.40 31.51
N THR A 1454 69.23 -19.31 31.28
CA THR A 1454 70.66 -19.07 31.58
C THR A 1454 71.15 -17.82 30.84
N ARG A 1455 70.82 -17.70 29.56
CA ARG A 1455 71.22 -16.53 28.72
C ARG A 1455 70.55 -15.29 29.30
N GLU A 1456 69.26 -15.36 29.67
CA GLU A 1456 68.48 -14.23 30.23
C GLU A 1456 69.09 -13.74 31.53
N ALA A 1457 69.61 -14.65 32.36
CA ALA A 1457 70.33 -14.32 33.61
C ALA A 1457 71.65 -13.59 33.29
N GLN A 1458 72.40 -14.06 32.29
CA GLN A 1458 73.66 -13.43 31.82
C GLN A 1458 73.38 -12.03 31.27
N ILE A 1459 72.27 -11.86 30.53
CA ILE A 1459 71.80 -10.56 29.95
C ILE A 1459 71.54 -9.60 31.10
N LYS A 1460 70.77 -10.04 32.09
CA LYS A 1460 70.43 -9.27 33.32
C LYS A 1460 71.72 -8.74 33.96
N ASP A 1461 72.73 -9.61 34.17
CA ASP A 1461 74.03 -9.27 34.80
C ASP A 1461 74.78 -8.25 33.94
N TRP A 1462 74.89 -8.49 32.63
CA TRP A 1462 75.45 -7.53 31.66
C TRP A 1462 74.78 -6.16 31.85
N VAL A 1463 73.45 -6.08 31.85
CA VAL A 1463 72.69 -4.79 31.92
C VAL A 1463 73.16 -4.06 33.20
N GLU A 1464 73.12 -4.73 34.37
CA GLU A 1464 73.62 -4.18 35.66
C GLU A 1464 74.97 -3.50 35.41
N ASN A 1465 75.93 -4.24 34.82
CA ASN A 1465 77.35 -3.81 34.62
C ASN A 1465 77.46 -2.58 33.70
N GLU A 1466 76.54 -2.41 32.74
CA GLU A 1466 76.52 -1.23 31.82
C GLU A 1466 75.67 -0.09 32.39
N LEU A 1467 74.79 -0.35 33.36
CA LEU A 1467 74.09 0.71 34.12
C LEU A 1467 75.01 1.22 35.24
N GLU A 1468 75.96 0.41 35.71
CA GLU A 1468 77.04 0.84 36.65
C GLU A 1468 78.06 1.70 35.89
N ALA A 1469 78.62 1.18 34.78
CA ALA A 1469 79.62 1.85 33.92
C ALA A 1469 79.10 3.20 33.39
N LEU A 1470 77.79 3.32 33.12
CA LEU A 1470 77.13 4.58 32.69
C LEU A 1470 77.25 5.60 33.82
N LYS A 1471 76.97 5.20 35.07
CA LYS A 1471 77.03 6.10 36.26
C LYS A 1471 78.47 6.59 36.47
N LEU A 1472 79.47 5.71 36.25
CA LEU A 1472 80.92 6.03 36.39
C LEU A 1472 81.32 7.09 35.36
N GLU A 1473 80.78 6.99 34.13
CA GLU A 1473 81.01 7.96 33.03
C GLU A 1473 80.24 9.26 33.29
N ALA A 1474 79.07 9.18 33.95
CA ALA A 1474 78.13 10.31 34.20
C ALA A 1474 78.73 11.35 35.15
N GLU A 1475 79.70 10.97 35.99
CA GLU A 1475 80.41 11.87 36.94
C GLU A 1475 81.30 12.87 36.18
N GLU A 1476 81.94 12.44 35.09
CA GLU A 1476 82.86 13.27 34.25
C GLU A 1476 82.06 14.39 33.56
N ILE A 1477 80.79 14.10 33.21
CA ILE A 1477 79.85 15.01 32.47
C ILE A 1477 79.43 16.13 33.43
N PRO A 1478 79.40 17.41 32.99
CA PRO A 1478 78.77 18.49 33.77
C PRO A 1478 77.27 18.24 34.05
N SER A 1479 76.78 18.65 35.22
CA SER A 1479 75.44 18.28 35.78
C SER A 1479 74.29 18.71 34.86
N GLU A 1480 74.41 19.88 34.20
CA GLU A 1480 73.38 20.43 33.28
C GLU A 1480 73.29 19.56 32.00
N ASP A 1481 74.44 19.17 31.41
CA ASP A 1481 74.51 18.30 30.20
C ASP A 1481 74.29 16.83 30.60
N GLN A 1482 74.43 16.49 31.88
CA GLN A 1482 74.37 15.11 32.45
C GLN A 1482 73.01 14.48 32.14
N ASN A 1483 71.93 15.25 32.13
CA ASN A 1483 70.57 14.74 31.81
C ASN A 1483 70.56 14.20 30.38
N GLU A 1484 70.98 15.01 29.39
CA GLU A 1484 70.95 14.65 27.94
C GLU A 1484 71.78 13.39 27.70
N PHE A 1485 72.98 13.31 28.27
CA PHE A 1485 73.93 12.17 28.13
C PHE A 1485 73.35 10.88 28.74
N LEU A 1486 72.67 10.98 29.89
CA LEU A 1486 72.04 9.81 30.58
C LEU A 1486 70.80 9.33 29.83
N LEU A 1487 70.02 10.26 29.24
CA LEU A 1487 68.87 9.93 28.36
C LEU A 1487 69.37 9.15 27.15
N GLU A 1488 70.30 9.73 26.37
CA GLU A 1488 70.92 9.12 25.16
C GLU A 1488 71.35 7.69 25.50
N ARG A 1489 72.16 7.50 26.56
CA ARG A 1489 72.87 6.22 26.86
C ARG A 1489 71.91 5.20 27.49
N THR A 1490 70.95 5.65 28.30
CA THR A 1490 69.90 4.78 28.88
C THR A 1490 68.99 4.26 27.77
N ARG A 1491 68.74 5.05 26.73
CA ARG A 1491 67.97 4.60 25.54
C ARG A 1491 68.83 3.61 24.75
N GLU A 1492 70.14 3.86 24.61
CA GLU A 1492 71.12 2.99 23.88
C GLU A 1492 71.16 1.61 24.58
N ILE A 1493 71.18 1.58 25.92
CA ILE A 1493 71.25 0.31 26.71
C ILE A 1493 69.90 -0.43 26.69
N HIS A 1494 68.79 0.31 26.64
CA HIS A 1494 67.41 -0.24 26.50
C HIS A 1494 67.30 -0.92 25.15
N ASN A 1495 67.78 -0.26 24.09
CA ASN A 1495 67.85 -0.86 22.73
C ASN A 1495 68.66 -2.16 22.82
N GLU A 1496 69.88 -2.11 23.37
CA GLU A 1496 70.87 -3.22 23.31
C GLU A 1496 70.47 -4.38 24.26
N ALA A 1497 69.71 -4.12 25.33
CA ALA A 1497 69.18 -5.20 26.21
C ALA A 1497 68.09 -5.99 25.47
N GLU A 1498 67.13 -5.29 24.85
CA GLU A 1498 66.10 -5.88 23.96
C GLU A 1498 66.83 -6.72 22.92
N SER A 1499 67.77 -6.12 22.18
CA SER A 1499 68.50 -6.75 21.05
C SER A 1499 68.92 -8.15 21.50
N GLN A 1500 69.66 -8.21 22.61
CA GLN A 1500 70.24 -9.48 23.11
C GLN A 1500 69.10 -10.47 23.48
N LEU A 1501 68.12 -10.04 24.26
CA LEU A 1501 66.99 -10.91 24.66
C LEU A 1501 66.44 -11.59 23.41
N ARG A 1502 66.00 -10.79 22.42
CA ARG A 1502 65.41 -11.25 21.14
C ARG A 1502 66.43 -12.20 20.47
N ALA A 1503 67.73 -11.87 20.48
CA ALA A 1503 68.78 -12.68 19.83
C ALA A 1503 68.86 -14.06 20.50
N ALA A 1504 68.67 -14.11 21.82
CA ALA A 1504 68.66 -15.36 22.62
C ALA A 1504 67.39 -16.19 22.30
N GLN A 1505 66.24 -15.53 22.21
CA GLN A 1505 64.95 -16.16 21.82
C GLN A 1505 65.10 -16.74 20.41
N GLN A 1506 65.52 -15.90 19.47
CA GLN A 1506 65.81 -16.35 18.09
C GLN A 1506 66.69 -17.60 18.18
N GLN A 1507 67.84 -17.52 18.88
CA GLN A 1507 68.88 -18.59 18.95
C GLN A 1507 68.27 -19.91 19.46
N TRP A 1508 67.40 -19.87 20.47
CA TRP A 1508 66.94 -21.10 21.18
C TRP A 1508 65.52 -21.49 20.76
N GLY A 1509 64.64 -20.53 20.49
CA GLY A 1509 63.20 -20.74 20.26
C GLY A 1509 62.83 -20.94 18.79
N ASN A 1510 63.41 -20.14 17.89
CA ASN A 1510 62.99 -20.01 16.47
C ASN A 1510 63.97 -20.68 15.49
N ASP A 1511 65.29 -20.43 15.66
CA ASP A 1511 66.37 -20.74 14.68
C ASP A 1511 67.43 -21.66 15.29
N PHE A 1512 67.01 -22.56 16.18
CA PHE A 1512 67.90 -23.54 16.87
C PHE A 1512 68.38 -24.56 15.85
N TYR A 1513 67.55 -24.88 14.84
CA TYR A 1513 67.74 -26.02 13.90
C TYR A 1513 68.36 -25.58 12.56
N LYS A 1514 68.82 -24.33 12.43
CA LYS A 1514 69.41 -23.79 11.18
C LYS A 1514 70.77 -24.45 10.91
N ARG A 1515 71.65 -24.49 11.90
CA ARG A 1515 73.01 -25.10 11.79
C ARG A 1515 72.95 -26.62 12.00
N ASP A 1516 71.76 -27.23 12.21
CA ASP A 1516 71.61 -28.68 12.53
C ASP A 1516 71.12 -29.44 11.29
N PRO A 1517 72.00 -30.22 10.62
CA PRO A 1517 71.57 -31.08 9.53
C PRO A 1517 70.76 -32.29 10.01
N ARG A 1518 70.79 -32.58 11.30
CA ARG A 1518 70.07 -33.71 11.92
C ARG A 1518 68.56 -33.44 11.96
N ILE A 1519 68.12 -32.19 11.85
CA ILE A 1519 66.68 -31.83 11.85
C ILE A 1519 66.30 -31.25 10.48
N ALA A 1520 65.11 -31.58 9.97
CA ALA A 1520 64.60 -31.10 8.67
C ALA A 1520 63.94 -29.75 8.87
N PRO A 1521 64.00 -28.83 7.88
CA PRO A 1521 63.33 -27.54 7.95
C PRO A 1521 61.82 -27.62 8.11
N LEU A 1522 61.21 -28.68 7.58
CA LEU A 1522 59.79 -29.04 7.88
C LEU A 1522 59.65 -29.50 9.35
N ARG A 1523 60.50 -30.40 9.84
CA ARG A 1523 60.47 -30.92 11.24
C ARG A 1523 60.69 -29.79 12.25
N GLY A 1524 61.73 -28.97 12.00
CA GLY A 1524 62.10 -27.83 12.86
C GLY A 1524 61.00 -26.78 12.94
N ALA A 1525 60.29 -26.57 11.84
CA ALA A 1525 59.22 -25.56 11.76
C ALA A 1525 58.01 -25.99 12.60
N LEU A 1526 57.77 -27.30 12.73
CA LEU A 1526 56.68 -27.81 13.60
C LEU A 1526 57.16 -27.86 15.06
N ALA A 1527 58.37 -28.39 15.29
CA ALA A 1527 59.00 -28.50 16.63
C ALA A 1527 59.09 -27.16 17.36
N THR A 1528 59.31 -26.07 16.62
CA THR A 1528 59.34 -24.67 17.14
C THR A 1528 58.11 -24.35 17.98
N TYR A 1529 56.93 -24.88 17.64
CA TYR A 1529 55.66 -24.58 18.37
C TYR A 1529 55.30 -25.78 19.24
N GLY A 1530 56.06 -26.88 19.21
CA GLY A 1530 55.77 -28.14 19.94
C GLY A 1530 54.74 -29.00 19.23
N LEU A 1531 54.95 -29.20 17.94
CA LEU A 1531 54.17 -30.15 17.12
C LEU A 1531 55.14 -31.19 16.54
N THR A 1532 54.73 -32.45 16.55
CA THR A 1532 55.46 -33.56 15.90
C THR A 1532 55.02 -33.58 14.44
N ILE A 1533 55.78 -34.25 13.58
CA ILE A 1533 55.44 -34.38 12.16
C ILE A 1533 54.02 -34.94 12.05
N ASP A 1534 53.64 -35.85 12.97
CA ASP A 1534 52.28 -36.48 13.05
C ASP A 1534 51.17 -35.42 13.10
N ASP A 1535 51.47 -34.24 13.63
CA ASP A 1535 50.52 -33.11 13.73
C ASP A 1535 50.72 -32.22 12.52
N LEU A 1536 50.47 -32.79 11.33
CA LEU A 1536 50.27 -32.11 10.02
C LEU A 1536 49.06 -32.75 9.31
N GLY A 1537 47.85 -32.42 9.76
CA GLY A 1537 46.63 -33.20 9.45
C GLY A 1537 46.38 -33.25 7.96
N VAL A 1538 46.46 -32.09 7.32
CA VAL A 1538 45.92 -31.79 5.98
C VAL A 1538 47.05 -31.34 5.09
N ALA A 1539 47.04 -31.74 3.83
CA ALA A 1539 47.98 -31.21 2.83
C ALA A 1539 47.18 -30.80 1.59
N SER A 1540 47.12 -29.49 1.33
CA SER A 1540 46.47 -28.91 0.13
C SER A 1540 47.42 -29.07 -1.06
N PHE A 1541 47.05 -29.94 -2.00
CA PHE A 1541 47.85 -30.31 -3.19
C PHE A 1541 47.55 -29.37 -4.35
N HIS A 1542 48.57 -29.09 -5.16
CA HIS A 1542 48.45 -28.38 -6.46
C HIS A 1542 47.30 -29.00 -7.25
N GLY A 1543 47.33 -30.33 -7.42
CA GLY A 1543 46.16 -31.10 -7.90
C GLY A 1543 45.47 -30.39 -9.03
N THR A 1544 46.19 -30.17 -10.13
CA THR A 1544 45.71 -29.46 -11.35
C THR A 1544 44.59 -30.31 -12.00
N SER A 1545 44.82 -31.63 -12.02
CA SER A 1545 44.05 -32.69 -12.73
C SER A 1545 44.75 -33.02 -14.06
N THR A 1546 46.07 -32.98 -14.07
CA THR A 1546 46.91 -33.43 -15.22
C THR A 1546 47.58 -34.75 -14.85
N LYS A 1547 48.02 -35.49 -15.85
CA LYS A 1547 48.49 -36.90 -15.69
C LYS A 1547 49.77 -36.95 -14.84
N ALA A 1548 50.75 -36.14 -15.17
CA ALA A 1548 52.07 -36.13 -14.52
C ALA A 1548 51.88 -35.54 -13.12
N ASN A 1549 51.25 -34.36 -13.03
CA ASN A 1549 51.35 -33.46 -11.86
C ASN A 1549 50.79 -34.13 -10.60
N ASP A 1550 49.63 -34.77 -10.68
CA ASP A 1550 48.96 -35.39 -9.50
C ASP A 1550 49.81 -36.53 -8.95
N LYS A 1551 50.24 -37.46 -9.80
CA LYS A 1551 51.14 -38.58 -9.41
C LYS A 1551 52.45 -38.04 -8.79
N ASN A 1552 53.07 -37.03 -9.39
CA ASN A 1552 54.40 -36.50 -8.97
C ASN A 1552 54.27 -35.79 -7.63
N GLU A 1553 53.22 -35.01 -7.45
CA GLU A 1553 52.91 -34.31 -6.18
C GLU A 1553 52.71 -35.32 -5.05
N SER A 1554 51.86 -36.32 -5.27
CA SER A 1554 51.54 -37.38 -4.29
C SER A 1554 52.83 -38.11 -3.87
N ALA A 1555 53.55 -38.71 -4.82
CA ALA A 1555 54.80 -39.44 -4.57
C ALA A 1555 55.78 -38.57 -3.77
N THR A 1556 55.86 -37.27 -4.08
CA THR A 1556 56.78 -36.29 -3.45
C THR A 1556 56.41 -36.15 -1.99
N ILE A 1557 55.16 -35.80 -1.69
CA ILE A 1557 54.64 -35.71 -0.30
C ILE A 1557 54.89 -37.06 0.39
N ASN A 1558 54.31 -38.14 -0.14
CA ASN A 1558 54.49 -39.50 0.43
C ASN A 1558 55.93 -39.63 0.93
N GLU A 1559 56.90 -39.47 0.02
CA GLU A 1559 58.35 -39.58 0.30
C GLU A 1559 58.69 -38.67 1.48
N MET A 1560 58.26 -37.40 1.45
CA MET A 1560 58.63 -36.36 2.46
C MET A 1560 58.14 -36.78 3.84
N MET A 1561 56.96 -37.40 3.89
CA MET A 1561 56.37 -37.84 5.18
C MET A 1561 57.16 -39.08 5.63
N LYS A 1562 57.38 -40.03 4.71
CA LYS A 1562 58.00 -41.36 4.97
C LYS A 1562 59.48 -41.26 5.37
N HIS A 1563 60.20 -40.26 4.88
CA HIS A 1563 61.61 -40.01 5.27
C HIS A 1563 61.66 -39.40 6.67
N LEU A 1564 60.71 -38.52 7.01
CA LEU A 1564 60.64 -37.84 8.33
C LEU A 1564 60.03 -38.75 9.38
N GLY A 1565 59.55 -39.92 9.01
CA GLY A 1565 59.10 -40.94 9.97
C GLY A 1565 57.77 -40.54 10.58
N ARG A 1566 56.84 -40.17 9.74
CA ARG A 1566 55.40 -40.24 10.07
C ARG A 1566 55.08 -41.67 10.57
N SER A 1567 54.19 -41.78 11.55
CA SER A 1567 53.71 -43.08 12.06
C SER A 1567 52.82 -43.75 11.02
N GLU A 1568 52.96 -45.06 10.86
CA GLU A 1568 52.18 -45.88 9.91
C GLU A 1568 50.70 -45.77 10.24
N GLY A 1569 49.90 -45.51 9.21
CA GLY A 1569 48.44 -45.38 9.32
C GLY A 1569 48.01 -43.97 9.67
N ASN A 1570 48.88 -42.98 9.53
CA ASN A 1570 48.49 -41.57 9.75
C ASN A 1570 48.76 -40.81 8.46
N PRO A 1571 47.94 -41.04 7.42
CA PRO A 1571 48.15 -40.36 6.16
C PRO A 1571 47.76 -38.88 6.35
N VAL A 1572 48.41 -38.03 5.58
CA VAL A 1572 47.95 -36.62 5.38
C VAL A 1572 46.67 -36.65 4.56
N ILE A 1573 45.62 -35.97 5.02
CA ILE A 1573 44.34 -35.82 4.29
C ILE A 1573 44.56 -34.85 3.13
N GLY A 1574 44.66 -35.36 1.90
CA GLY A 1574 44.81 -34.51 0.71
C GLY A 1574 43.57 -33.67 0.48
N VAL A 1575 43.76 -32.38 0.19
CA VAL A 1575 42.67 -31.47 -0.26
C VAL A 1575 43.04 -30.97 -1.64
N PHE A 1576 42.15 -31.18 -2.60
CA PHE A 1576 42.27 -30.62 -3.96
C PHE A 1576 41.15 -29.58 -4.10
N GLN A 1577 41.52 -28.31 -3.99
CA GLN A 1577 40.55 -27.21 -4.06
C GLN A 1577 40.15 -27.05 -5.53
N LYS A 1578 41.10 -27.34 -6.44
CA LYS A 1578 41.00 -26.93 -7.86
C LYS A 1578 39.84 -27.65 -8.55
N PHE A 1579 39.30 -28.70 -7.96
CA PHE A 1579 38.10 -29.38 -8.51
C PHE A 1579 36.95 -28.39 -8.67
N LEU A 1580 36.89 -27.36 -7.82
CA LEU A 1580 35.70 -26.47 -7.75
C LEU A 1580 35.98 -25.19 -8.52
N THR A 1581 37.08 -24.55 -8.19
CA THR A 1581 37.43 -23.22 -8.75
C THR A 1581 38.03 -23.41 -10.13
N GLY A 1582 39.00 -24.32 -10.24
CA GLY A 1582 39.84 -24.50 -11.44
C GLY A 1582 41.17 -23.81 -11.24
N HIS A 1583 42.14 -24.12 -12.10
CA HIS A 1583 43.54 -23.64 -12.04
C HIS A 1583 43.62 -22.20 -12.49
N PRO A 1584 43.94 -21.24 -11.59
CA PRO A 1584 44.06 -19.85 -11.98
C PRO A 1584 45.51 -19.47 -12.29
N LYS A 1585 46.31 -20.43 -12.75
CA LYS A 1585 47.77 -20.25 -12.89
C LYS A 1585 48.26 -19.50 -11.64
N GLY A 1586 49.14 -18.50 -11.79
CA GLY A 1586 49.95 -17.90 -10.71
C GLY A 1586 49.22 -17.76 -9.39
N ALA A 1587 47.93 -17.46 -9.45
CA ALA A 1587 47.08 -17.25 -8.26
C ALA A 1587 46.67 -18.59 -7.60
N ALA A 1588 47.34 -19.70 -7.90
CA ALA A 1588 46.95 -21.02 -7.36
C ALA A 1588 47.25 -21.03 -5.87
N GLY A 1589 48.52 -20.93 -5.53
CA GLY A 1589 48.95 -20.99 -4.12
C GLY A 1589 48.12 -20.07 -3.25
N ALA A 1590 47.56 -19.01 -3.83
CA ALA A 1590 46.87 -17.93 -3.10
C ALA A 1590 45.52 -18.42 -2.61
N TRP A 1591 44.79 -19.07 -3.49
CA TRP A 1591 43.48 -19.64 -3.14
C TRP A 1591 43.71 -20.73 -2.11
N MET A 1592 44.68 -21.60 -2.38
CA MET A 1592 44.91 -22.83 -1.57
C MET A 1592 45.30 -22.44 -0.14
N MET A 1593 46.07 -21.36 0.00
CA MET A 1593 46.40 -20.73 1.30
C MET A 1593 45.09 -20.37 2.01
N ASN A 1594 44.19 -19.63 1.37
CA ASN A 1594 42.88 -19.22 1.96
C ASN A 1594 42.06 -20.44 2.38
N GLY A 1595 42.05 -21.49 1.55
CA GLY A 1595 41.48 -22.79 1.92
C GLY A 1595 42.06 -23.21 3.25
N ALA A 1596 43.36 -23.41 3.30
CA ALA A 1596 44.09 -23.78 4.53
C ALA A 1596 43.66 -22.84 5.66
N LEU A 1597 43.86 -21.54 5.52
CA LEU A 1597 43.55 -20.57 6.60
C LEU A 1597 42.12 -20.77 7.08
N GLN A 1598 41.20 -21.27 6.24
CA GLN A 1598 39.79 -21.51 6.65
C GLN A 1598 39.67 -22.88 7.31
N ILE A 1599 40.42 -23.86 6.81
CA ILE A 1599 40.42 -25.27 7.33
C ILE A 1599 40.93 -25.23 8.77
N LEU A 1600 42.05 -24.54 9.01
CA LEU A 1600 42.60 -24.38 10.37
C LEU A 1600 41.54 -23.80 11.30
N ASN A 1601 40.86 -22.77 10.85
CA ASN A 1601 39.96 -21.99 11.73
C ASN A 1601 38.57 -22.60 11.81
N SER A 1602 38.25 -23.67 11.09
CA SER A 1602 36.90 -24.30 11.12
C SER A 1602 36.94 -25.76 11.54
N GLY A 1603 38.08 -26.44 11.32
CA GLY A 1603 38.25 -27.89 11.55
C GLY A 1603 37.40 -28.71 10.60
N ILE A 1604 37.14 -28.16 9.43
CA ILE A 1604 36.34 -28.78 8.34
C ILE A 1604 37.30 -28.99 7.18
N ILE A 1605 37.34 -30.20 6.61
CA ILE A 1605 38.17 -30.51 5.42
C ILE A 1605 37.24 -30.78 4.26
N PRO A 1606 37.20 -29.92 3.24
CA PRO A 1606 36.32 -30.12 2.10
C PRO A 1606 36.76 -31.33 1.28
N GLY A 1607 35.81 -32.21 0.99
CA GLY A 1607 36.04 -33.35 0.09
C GLY A 1607 36.39 -32.85 -1.29
N ASN A 1608 36.80 -33.77 -2.16
CA ASN A 1608 36.97 -33.57 -3.62
C ASN A 1608 35.75 -34.15 -4.38
N ARG A 1609 34.65 -33.42 -4.51
CA ARG A 1609 33.35 -33.99 -4.99
C ARG A 1609 33.45 -34.53 -6.42
N ASN A 1610 34.42 -34.06 -7.23
CA ASN A 1610 34.66 -34.58 -8.60
C ASN A 1610 35.48 -35.86 -8.55
N ALA A 1611 36.20 -36.13 -7.45
CA ALA A 1611 36.90 -37.43 -7.23
C ALA A 1611 35.84 -38.54 -7.26
N ASP A 1612 35.73 -39.16 -8.41
CA ASP A 1612 34.84 -40.29 -8.69
C ASP A 1612 35.57 -41.57 -8.28
N ASN A 1613 36.76 -41.79 -8.84
CA ASN A 1613 37.47 -43.07 -8.76
C ASN A 1613 38.93 -42.73 -8.65
N VAL A 1614 39.48 -42.75 -7.44
CA VAL A 1614 40.89 -42.35 -7.17
C VAL A 1614 41.78 -43.26 -8.01
N ASP A 1615 42.80 -42.66 -8.63
CA ASP A 1615 43.76 -43.38 -9.51
C ASP A 1615 44.39 -44.54 -8.74
N LYS A 1616 44.39 -45.73 -9.34
CA LYS A 1616 44.89 -46.98 -8.72
C LYS A 1616 46.35 -46.78 -8.29
N ILE A 1617 47.16 -46.13 -9.13
CA ILE A 1617 48.63 -45.96 -8.92
C ILE A 1617 48.87 -45.29 -7.57
N LEU A 1618 48.07 -44.27 -7.23
CA LEU A 1618 48.23 -43.47 -5.98
C LEU A 1618 48.07 -44.32 -4.71
N GLU A 1619 47.59 -45.57 -4.81
CA GLU A 1619 47.53 -46.49 -3.66
C GLU A 1619 48.93 -46.78 -3.14
N GLN A 1620 49.91 -46.92 -4.02
CA GLN A 1620 51.30 -47.23 -3.61
C GLN A 1620 51.81 -46.20 -2.59
N PHE A 1621 51.21 -44.99 -2.56
CA PHE A 1621 51.55 -43.89 -1.61
C PHE A 1621 50.68 -43.99 -0.35
N GLU A 1622 51.23 -44.68 0.65
CA GLU A 1622 50.55 -45.13 1.90
C GLU A 1622 50.17 -43.93 2.78
N TYR A 1623 50.92 -42.82 2.72
CA TYR A 1623 50.80 -41.67 3.65
C TYR A 1623 49.97 -40.58 2.97
N VAL A 1624 49.07 -40.93 2.06
CA VAL A 1624 48.18 -39.92 1.37
C VAL A 1624 46.75 -40.47 1.22
N LEU A 1625 45.85 -39.96 2.04
CA LEU A 1625 44.40 -40.19 1.92
C LEU A 1625 43.85 -39.20 0.89
N TYR A 1626 42.69 -39.50 0.28
CA TYR A 1626 42.10 -38.78 -0.87
C TYR A 1626 40.59 -38.71 -0.70
N PRO A 1627 40.09 -37.91 0.26
CA PRO A 1627 38.67 -37.90 0.58
C PRO A 1627 37.83 -37.41 -0.59
N SER A 1628 36.52 -37.58 -0.48
CA SER A 1628 35.50 -37.22 -1.49
C SER A 1628 34.20 -36.72 -0.85
N LYS A 1629 34.21 -36.42 0.45
CA LYS A 1629 33.07 -35.72 1.10
C LYS A 1629 33.60 -35.02 2.34
N THR A 1630 32.95 -33.91 2.70
CA THR A 1630 33.36 -32.97 3.77
C THR A 1630 33.47 -33.73 5.09
N LEU A 1631 34.61 -33.63 5.79
CA LEU A 1631 34.78 -34.22 7.13
C LEU A 1631 34.83 -33.12 8.16
N LYS A 1632 33.88 -33.09 9.08
CA LYS A 1632 33.91 -32.14 10.22
C LYS A 1632 34.77 -32.76 11.31
N THR A 1633 36.04 -32.43 11.38
CA THR A 1633 36.96 -33.05 12.36
C THR A 1633 36.84 -32.31 13.69
N ASP A 1634 37.73 -32.65 14.64
CA ASP A 1634 37.87 -32.08 16.01
C ASP A 1634 38.95 -30.98 16.09
N GLY A 1635 39.55 -30.62 14.95
CA GLY A 1635 40.49 -29.49 14.85
C GLY A 1635 41.70 -29.90 14.08
N VAL A 1636 42.09 -29.11 13.08
CA VAL A 1636 43.33 -29.33 12.31
C VAL A 1636 44.41 -28.48 12.97
N ARG A 1637 45.61 -29.05 13.15
CA ARG A 1637 46.75 -28.37 13.82
C ARG A 1637 47.55 -27.63 12.74
N ALA A 1638 48.06 -28.33 11.73
CA ALA A 1638 48.90 -27.68 10.70
C ALA A 1638 48.55 -28.22 9.31
N VAL A 1639 48.76 -27.37 8.30
CA VAL A 1639 48.32 -27.58 6.89
C VAL A 1639 49.45 -27.25 5.91
N SER A 1640 50.01 -28.27 5.26
CA SER A 1640 50.97 -28.10 4.15
C SER A 1640 50.26 -27.51 2.94
N ILE A 1641 50.96 -26.66 2.19
CA ILE A 1641 50.51 -26.19 0.86
C ILE A 1641 51.67 -26.38 -0.09
N THR A 1642 51.43 -27.14 -1.17
CA THR A 1642 52.43 -27.47 -2.21
C THR A 1642 51.94 -26.85 -3.50
N SER A 1643 52.86 -26.41 -4.34
CA SER A 1643 52.58 -26.03 -5.74
C SER A 1643 53.76 -26.51 -6.59
N PHE A 1644 53.53 -26.66 -7.90
CA PHE A 1644 54.53 -27.11 -8.91
C PHE A 1644 54.32 -26.35 -10.22
N GLY A 1645 55.00 -25.20 -10.33
CA GLY A 1645 54.92 -24.31 -11.49
C GLY A 1645 55.61 -24.89 -12.70
N PHE A 1646 55.33 -24.28 -13.86
CA PHE A 1646 56.05 -24.48 -15.14
C PHE A 1646 57.39 -23.75 -15.07
N GLY A 1647 58.46 -24.49 -15.31
CA GLY A 1647 59.84 -23.99 -15.23
C GLY A 1647 60.62 -24.63 -14.12
N GLN A 1648 60.03 -25.63 -13.46
CA GLN A 1648 60.60 -26.36 -12.32
C GLN A 1648 60.34 -25.59 -11.01
N LYS A 1649 59.57 -24.49 -11.03
CA LYS A 1649 59.35 -23.65 -9.83
C LYS A 1649 58.41 -24.39 -8.87
N GLY A 1650 58.95 -25.36 -8.12
CA GLY A 1650 58.29 -26.03 -7.00
C GLY A 1650 58.30 -25.14 -5.76
N GLY A 1651 57.24 -25.15 -4.97
CA GLY A 1651 57.17 -24.40 -3.71
C GLY A 1651 56.33 -25.13 -2.67
N GLN A 1652 56.65 -24.92 -1.38
CA GLN A 1652 55.83 -25.44 -0.24
C GLN A 1652 55.79 -24.41 0.89
N ALA A 1653 54.65 -24.38 1.60
CA ALA A 1653 54.33 -23.47 2.72
C ALA A 1653 53.54 -24.23 3.77
N ILE A 1654 54.05 -24.26 5.00
CA ILE A 1654 53.35 -24.82 6.18
C ILE A 1654 52.58 -23.66 6.82
N VAL A 1655 51.39 -23.94 7.30
CA VAL A 1655 50.63 -23.01 8.16
C VAL A 1655 50.19 -23.78 9.41
N VAL A 1656 50.45 -23.22 10.58
CA VAL A 1656 50.07 -23.81 11.88
C VAL A 1656 48.84 -23.07 12.42
N HIS A 1657 48.01 -23.78 13.19
CA HIS A 1657 46.79 -23.25 13.86
C HIS A 1657 47.19 -22.12 14.79
N PRO A 1658 46.55 -20.94 14.70
CA PRO A 1658 47.06 -19.73 15.33
C PRO A 1658 47.04 -19.78 16.85
N ASP A 1659 46.38 -20.80 17.43
CA ASP A 1659 46.27 -20.96 18.90
C ASP A 1659 47.63 -21.31 19.51
N TYR A 1660 48.52 -21.92 18.75
CA TYR A 1660 49.87 -22.28 19.22
C TYR A 1660 50.75 -21.04 19.35
N LEU A 1661 50.31 -19.86 18.90
CA LEU A 1661 51.04 -18.60 19.16
C LEU A 1661 50.68 -18.09 20.56
N TYR A 1662 49.40 -18.09 20.92
CA TYR A 1662 48.91 -17.51 22.19
C TYR A 1662 49.51 -18.23 23.41
N GLY A 1663 49.87 -19.51 23.29
CA GLY A 1663 50.68 -20.22 24.31
C GLY A 1663 51.91 -19.42 24.69
N ALA A 1664 52.52 -18.76 23.72
CA ALA A 1664 53.81 -18.05 23.85
C ALA A 1664 53.66 -16.60 24.40
N ILE A 1665 52.55 -16.24 25.05
CA ILE A 1665 52.40 -14.90 25.70
C ILE A 1665 51.75 -15.07 27.09
N THR A 1666 51.81 -14.01 27.91
CA THR A 1666 51.30 -13.97 29.30
C THR A 1666 49.82 -13.67 29.29
N GLU A 1667 49.12 -14.02 30.36
CA GLU A 1667 47.64 -13.87 30.43
C GLU A 1667 47.23 -12.42 30.16
N ASP A 1668 48.03 -11.46 30.62
CA ASP A 1668 47.72 -10.03 30.42
C ASP A 1668 47.65 -9.80 28.92
N ARG A 1669 48.77 -10.03 28.25
CA ARG A 1669 48.96 -9.67 26.83
C ARG A 1669 47.84 -10.28 26.01
N TYR A 1670 47.54 -11.56 26.21
CA TYR A 1670 46.42 -12.25 25.52
C TYR A 1670 45.14 -11.45 25.75
N ASN A 1671 44.85 -11.11 27.01
CA ASN A 1671 43.55 -10.52 27.40
C ASN A 1671 43.43 -9.13 26.80
N GLU A 1672 44.50 -8.35 26.77
CA GLU A 1672 44.45 -7.01 26.14
C GLU A 1672 44.31 -7.20 24.63
N TYR A 1673 44.95 -8.24 24.07
CA TYR A 1673 44.84 -8.58 22.63
C TYR A 1673 43.35 -8.77 22.36
N VAL A 1674 42.76 -9.78 23.01
CA VAL A 1674 41.35 -10.25 22.86
C VAL A 1674 40.37 -9.08 22.88
N ALA A 1675 40.57 -8.14 23.80
CA ALA A 1675 39.80 -6.88 23.88
C ALA A 1675 39.96 -6.08 22.58
N LYS A 1676 41.20 -5.81 22.16
CA LYS A 1676 41.50 -4.98 20.95
C LYS A 1676 40.89 -5.63 19.70
N VAL A 1677 41.09 -6.93 19.52
CA VAL A 1677 40.54 -7.73 18.38
C VAL A 1677 39.01 -7.64 18.45
N SER A 1678 38.40 -7.81 19.61
CA SER A 1678 36.93 -7.70 19.67
C SER A 1678 36.52 -6.32 19.17
N ALA A 1679 37.26 -5.28 19.56
CA ALA A 1679 36.93 -3.87 19.22
C ALA A 1679 37.17 -3.59 17.76
N ARG A 1680 38.20 -4.17 17.17
CA ARG A 1680 38.48 -4.01 15.72
C ARG A 1680 37.49 -4.85 14.91
N GLU A 1681 37.17 -6.05 15.35
CA GLU A 1681 36.18 -6.87 14.63
C GLU A 1681 34.94 -5.99 14.46
N LYS A 1682 34.34 -5.54 15.56
CA LYS A 1682 33.08 -4.78 15.54
C LYS A 1682 33.22 -3.71 14.47
N SER A 1683 34.23 -2.86 14.59
CA SER A 1683 34.43 -1.73 13.66
C SER A 1683 34.44 -2.25 12.22
N ALA A 1684 35.09 -3.39 11.96
CA ALA A 1684 35.32 -3.92 10.60
C ALA A 1684 33.99 -4.35 10.01
N TYR A 1685 33.18 -5.03 10.81
CA TYR A 1685 31.81 -5.48 10.48
C TYR A 1685 30.93 -4.29 10.06
N LYS A 1686 30.94 -3.24 10.89
CA LYS A 1686 30.32 -1.92 10.59
C LYS A 1686 30.76 -1.56 9.18
N PHE A 1687 32.05 -1.23 9.01
CA PHE A 1687 32.66 -0.72 7.76
C PHE A 1687 32.22 -1.55 6.55
N PHE A 1688 32.20 -2.86 6.70
CA PHE A 1688 31.86 -3.80 5.61
C PHE A 1688 30.42 -3.58 5.19
N HIS A 1689 29.49 -3.70 6.11
CA HIS A 1689 28.03 -3.60 5.79
C HIS A 1689 27.73 -2.20 5.25
N ASN A 1690 28.26 -1.16 5.88
CA ASN A 1690 28.09 0.20 5.37
C ASN A 1690 28.58 0.23 3.94
N GLY A 1691 29.81 -0.19 3.70
CA GLY A 1691 30.44 -0.16 2.36
C GLY A 1691 29.79 -1.08 1.33
N MET A 1692 29.03 -2.09 1.77
CA MET A 1692 28.45 -3.09 0.85
C MET A 1692 27.21 -2.51 0.17
N ILE A 1693 26.39 -1.84 0.95
CA ILE A 1693 25.05 -1.40 0.49
C ILE A 1693 25.21 -0.10 -0.31
N TYR A 1694 26.21 0.71 -0.03
CA TYR A 1694 26.44 1.99 -0.75
C TYR A 1694 27.53 1.86 -1.80
N ASN A 1695 28.02 0.63 -2.06
CA ASN A 1695 29.03 0.33 -3.12
C ASN A 1695 30.25 1.24 -2.95
N LYS A 1696 30.80 1.31 -1.74
CA LYS A 1696 32.02 2.11 -1.43
C LYS A 1696 32.87 1.37 -0.39
N LEU A 1697 33.05 0.06 -0.59
CA LEU A 1697 34.10 -0.74 0.11
C LEU A 1697 35.47 -0.25 -0.32
N PHE A 1698 35.63 -0.02 -1.62
CA PHE A 1698 36.82 0.64 -2.19
C PHE A 1698 36.65 2.14 -1.96
N VAL A 1699 37.67 2.74 -1.33
CA VAL A 1699 37.80 4.22 -1.15
C VAL A 1699 39.22 4.62 -1.55
N SER A 1700 39.44 4.93 -2.82
CA SER A 1700 40.74 5.43 -3.32
C SER A 1700 41.18 6.61 -2.44
N LYS A 1701 42.45 6.66 -2.14
CA LYS A 1701 43.08 7.78 -1.42
C LYS A 1701 43.39 8.84 -2.48
N GLU A 1702 43.06 10.10 -2.19
CA GLU A 1702 43.30 11.24 -3.11
C GLU A 1702 44.67 11.81 -2.79
N HIS A 1703 45.05 11.78 -1.50
CA HIS A 1703 46.31 12.31 -0.92
C HIS A 1703 47.11 11.17 -0.28
N ALA A 1704 48.42 11.33 -0.18
CA ALA A 1704 49.29 10.55 0.72
C ALA A 1704 48.90 10.89 2.17
N PRO A 1705 49.36 10.13 3.16
CA PRO A 1705 49.11 10.50 4.54
C PRO A 1705 49.83 11.84 4.76
N TYR A 1706 51.02 11.97 4.17
CA TYR A 1706 51.87 13.17 4.28
C TYR A 1706 51.55 14.10 3.11
N THR A 1707 51.76 15.39 3.31
CA THR A 1707 51.76 16.43 2.24
C THR A 1707 53.06 16.31 1.42
N ASP A 1708 53.23 17.18 0.42
CA ASP A 1708 54.43 17.19 -0.46
C ASP A 1708 55.61 17.81 0.28
N GLU A 1709 55.36 18.71 1.24
CA GLU A 1709 56.41 19.45 1.99
C GLU A 1709 57.09 18.52 2.99
N LEU A 1710 56.30 17.65 3.64
CA LEU A 1710 56.77 16.74 4.71
C LEU A 1710 57.38 15.45 4.14
N GLU A 1711 57.09 15.11 2.87
CA GLU A 1711 57.53 13.87 2.19
C GLU A 1711 58.92 13.51 2.73
N GLU A 1712 59.96 14.19 2.24
CA GLU A 1712 61.38 13.84 2.49
C GLU A 1712 61.65 13.77 3.99
N ASP A 1713 60.92 14.58 4.78
CA ASP A 1713 61.08 14.70 6.24
C ASP A 1713 60.45 13.49 6.92
N VAL A 1714 59.43 12.89 6.31
CA VAL A 1714 58.79 11.64 6.81
C VAL A 1714 59.59 10.42 6.33
N TYR A 1715 60.19 10.43 5.14
CA TYR A 1715 61.07 9.32 4.70
C TYR A 1715 62.30 9.23 5.61
N LEU A 1716 63.06 10.33 5.85
CA LEU A 1716 64.34 10.32 6.62
C LEU A 1716 64.08 9.82 8.06
N ASP A 1717 62.96 10.23 8.68
CA ASP A 1717 62.62 9.97 10.11
C ASP A 1717 62.02 8.59 10.32
N PRO A 1718 62.74 7.62 10.95
CA PRO A 1718 62.21 6.27 11.13
C PRO A 1718 61.12 6.10 12.20
N LEU A 1719 60.83 7.14 12.99
CA LEU A 1719 59.86 7.11 14.12
C LEU A 1719 58.64 7.99 13.80
N ALA A 1720 58.52 8.47 12.57
CA ALA A 1720 57.35 9.27 12.10
C ALA A 1720 56.13 8.36 12.08
N ARG A 1721 55.11 8.66 12.88
CA ARG A 1721 53.81 7.94 12.86
C ARG A 1721 52.71 8.95 12.53
N VAL A 1722 51.65 8.46 11.91
CA VAL A 1722 50.47 9.30 11.58
C VAL A 1722 49.69 9.55 12.88
N SER A 1723 48.81 10.53 12.84
CA SER A 1723 48.01 11.01 13.99
C SER A 1723 46.71 11.60 13.47
N LYS A 1724 45.57 11.19 14.04
CA LYS A 1724 44.21 11.61 13.59
C LYS A 1724 44.14 13.14 13.67
N ASP A 1725 44.02 13.81 12.51
CA ASP A 1725 43.79 15.28 12.42
C ASP A 1725 42.38 15.58 12.94
N LYS A 1726 42.26 16.51 13.89
CA LYS A 1726 40.96 16.90 14.52
C LYS A 1726 40.09 17.62 13.50
N LYS A 1727 40.68 18.35 12.55
CA LYS A 1727 39.91 19.10 11.53
C LYS A 1727 39.23 18.09 10.59
N SER A 1728 40.00 17.41 9.74
CA SER A 1728 39.48 16.51 8.66
C SER A 1728 38.87 15.24 9.27
N GLY A 1729 39.46 14.71 10.36
CA GLY A 1729 39.14 13.37 10.91
C GLY A 1729 39.93 12.28 10.23
N SER A 1730 40.84 12.65 9.32
CA SER A 1730 41.66 11.76 8.46
C SER A 1730 43.06 11.59 9.04
N LEU A 1731 43.63 10.39 8.98
CA LEU A 1731 44.96 10.05 9.53
C LEU A 1731 46.02 10.67 8.63
N THR A 1732 46.74 11.67 9.13
CA THR A 1732 47.77 12.45 8.40
C THR A 1732 49.01 12.58 9.27
N PHE A 1733 50.16 12.74 8.63
CA PHE A 1733 51.42 13.10 9.32
C PHE A 1733 51.31 14.55 9.80
N ASN A 1734 51.94 14.81 10.93
CA ASN A 1734 51.97 16.15 11.60
C ASN A 1734 53.42 16.52 11.83
N SER A 1735 53.78 17.80 11.61
CA SER A 1735 55.15 18.36 11.82
C SER A 1735 55.63 18.16 13.28
N LYS A 1736 54.73 18.05 14.25
CA LYS A 1736 55.06 17.82 15.68
C LYS A 1736 55.38 16.34 15.95
N ASN A 1737 55.09 15.43 15.00
CA ASN A 1737 55.40 13.98 15.13
C ASN A 1737 56.67 13.60 14.34
N ILE A 1738 57.30 14.56 13.65
CA ILE A 1738 58.52 14.33 12.80
C ILE A 1738 59.77 14.84 13.53
N GLN A 1739 60.74 13.95 13.78
CA GLN A 1739 62.03 14.20 14.49
C GLN A 1739 61.77 14.72 15.91
N SER A 1740 60.64 14.33 16.50
CA SER A 1740 60.22 14.69 17.88
C SER A 1740 61.03 13.87 18.87
N LYS A 1741 61.68 14.53 19.82
CA LYS A 1741 62.51 13.86 20.87
C LYS A 1741 61.63 13.07 21.82
N ASP A 1742 60.31 13.30 21.82
CA ASP A 1742 59.35 12.60 22.73
C ASP A 1742 59.18 11.14 22.29
N SER A 1743 59.20 10.86 20.99
CA SER A 1743 59.01 9.50 20.41
C SER A 1743 60.23 8.62 20.76
N TYR A 1744 61.45 9.14 20.56
CA TYR A 1744 62.72 8.41 20.84
C TYR A 1744 62.81 8.15 22.36
N ILE A 1745 62.82 9.21 23.16
CA ILE A 1745 62.94 9.16 24.65
C ILE A 1745 61.53 9.11 25.25
N ASN A 1746 61.00 7.89 25.43
CA ASN A 1746 59.66 7.61 26.02
C ASN A 1746 59.69 7.88 27.53
N ALA A 1747 58.58 7.63 28.23
CA ALA A 1747 58.44 7.81 29.70
C ALA A 1747 59.44 6.92 30.46
N ASN A 1748 59.65 5.69 29.99
CA ASN A 1748 60.46 4.66 30.68
C ASN A 1748 61.95 5.06 30.69
N THR A 1749 62.45 5.65 29.59
CA THR A 1749 63.84 6.18 29.48
C THR A 1749 64.01 7.43 30.38
N ILE A 1750 62.97 8.28 30.51
CA ILE A 1750 62.99 9.52 31.36
C ILE A 1750 63.12 9.12 32.83
N GLU A 1751 62.38 8.09 33.24
CA GLU A 1751 62.37 7.55 34.62
C GLU A 1751 63.73 6.93 34.95
N THR A 1752 64.32 6.11 34.05
CA THR A 1752 65.60 5.35 34.25
C THR A 1752 66.83 6.28 34.14
N ALA A 1753 66.72 7.42 33.43
CA ALA A 1753 67.77 8.47 33.34
C ALA A 1753 67.71 9.41 34.54
N LYS A 1754 66.53 9.58 35.17
CA LYS A 1754 66.35 10.36 36.42
C LYS A 1754 66.87 9.54 37.61
N MET A 1755 66.63 8.22 37.62
CA MET A 1755 67.06 7.27 38.69
C MET A 1755 68.59 7.16 38.76
N ILE A 1756 69.26 7.07 37.61
CA ILE A 1756 70.74 6.95 37.49
C ILE A 1756 71.43 8.29 37.79
N GLU A 1757 70.77 9.41 37.45
CA GLU A 1757 71.23 10.80 37.75
C GLU A 1757 71.30 10.98 39.27
N ASN A 1758 70.28 10.48 40.00
CA ASN A 1758 70.11 10.66 41.47
C ASN A 1758 70.91 9.63 42.27
N MET A 1759 71.78 8.85 41.61
CA MET A 1759 72.67 7.86 42.26
C MET A 1759 74.16 8.25 42.09
N THR A 1760 74.49 9.24 41.23
CA THR A 1760 75.88 9.74 41.01
C THR A 1760 76.42 10.38 42.31
N LYS A 1761 77.74 10.63 42.37
CA LYS A 1761 78.51 10.99 43.62
C LYS A 1761 78.15 12.38 44.17
N GLU A 1762 77.46 13.24 43.40
CA GLU A 1762 77.08 14.64 43.76
C GLU A 1762 75.59 14.75 44.15
N LYS A 1763 74.71 13.91 43.60
CA LYS A 1763 73.27 13.86 43.97
C LYS A 1763 73.15 13.27 45.40
N VAL A 1764 73.56 12.00 45.58
CA VAL A 1764 73.62 11.29 46.90
C VAL A 1764 74.89 10.42 46.94
N SER A 1765 75.54 10.37 48.11
CA SER A 1765 76.72 9.50 48.38
C SER A 1765 76.78 9.16 49.87
N ASN A 1766 77.72 8.27 50.26
CA ASN A 1766 78.05 7.88 51.66
C ASN A 1766 76.87 7.08 52.24
N GLY A 1767 76.52 5.96 51.60
CA GLY A 1767 75.42 5.07 52.00
C GLY A 1767 75.32 3.90 51.04
N GLY A 1768 74.77 2.77 51.50
CA GLY A 1768 74.60 1.56 50.67
C GLY A 1768 73.90 1.87 49.36
N VAL A 1769 74.43 1.38 48.24
CA VAL A 1769 73.86 1.56 46.87
C VAL A 1769 73.64 0.16 46.26
N GLY A 1770 72.43 -0.07 45.72
CA GLY A 1770 72.02 -1.32 45.06
C GLY A 1770 71.26 -1.06 43.78
N VAL A 1771 71.88 -1.33 42.63
CA VAL A 1771 71.24 -1.25 41.27
C VAL A 1771 70.92 -2.69 40.85
N ASP A 1772 69.63 -2.97 40.56
CA ASP A 1772 69.18 -4.29 40.04
C ASP A 1772 68.30 -4.08 38.80
N VAL A 1773 68.31 -5.07 37.91
CA VAL A 1773 67.46 -5.15 36.67
C VAL A 1773 66.83 -6.54 36.61
N GLU A 1774 65.62 -6.64 36.06
CA GLU A 1774 64.86 -7.91 35.89
C GLU A 1774 64.04 -7.84 34.61
N LEU A 1775 64.40 -8.67 33.63
CA LEU A 1775 63.59 -8.90 32.40
C LEU A 1775 62.28 -9.54 32.83
N ILE A 1776 61.15 -8.99 32.36
CA ILE A 1776 59.77 -9.37 32.82
C ILE A 1776 59.40 -10.78 32.32
N THR A 1777 60.03 -11.26 31.24
CA THR A 1777 59.90 -12.65 30.73
C THR A 1777 60.41 -13.66 31.77
N SER A 1778 61.45 -13.27 32.56
CA SER A 1778 62.13 -14.10 33.60
C SER A 1778 61.22 -14.37 34.80
N ILE A 1779 60.15 -13.57 34.99
CA ILE A 1779 59.09 -13.79 36.02
C ILE A 1779 57.97 -14.61 35.40
N ASN A 1780 57.52 -15.66 36.13
CA ASN A 1780 56.38 -16.55 35.83
C ASN A 1780 55.28 -16.27 36.86
N VAL A 1781 54.21 -15.56 36.43
CA VAL A 1781 53.07 -15.16 37.30
C VAL A 1781 52.20 -16.40 37.63
N GLU A 1782 52.22 -17.41 36.75
CA GLU A 1782 51.55 -18.72 36.97
C GLU A 1782 52.23 -19.48 38.12
N ASN A 1783 53.56 -19.40 38.21
CA ASN A 1783 54.39 -20.10 39.24
C ASN A 1783 54.10 -19.46 40.61
N ASP A 1784 53.05 -19.93 41.31
CA ASP A 1784 52.61 -19.42 42.64
C ASP A 1784 53.59 -19.87 43.74
N THR A 1785 54.30 -20.99 43.54
CA THR A 1785 55.37 -21.50 44.45
C THR A 1785 56.48 -20.44 44.57
N PHE A 1786 56.76 -19.67 43.51
CA PHE A 1786 57.75 -18.56 43.47
C PHE A 1786 57.14 -17.26 44.03
N ILE A 1787 55.94 -16.89 43.56
CA ILE A 1787 55.22 -15.63 43.91
C ILE A 1787 54.86 -15.66 45.40
N GLU A 1788 54.23 -16.73 45.88
CA GLU A 1788 53.78 -16.90 47.30
C GLU A 1788 55.00 -16.95 48.24
N ARG A 1789 56.09 -17.63 47.84
CA ARG A 1789 57.32 -17.77 48.67
C ARG A 1789 57.90 -16.39 49.02
N ASN A 1790 58.31 -15.63 47.99
CA ASN A 1790 59.22 -14.46 48.09
C ASN A 1790 58.47 -13.13 48.25
N PHE A 1791 57.14 -13.09 48.04
CA PHE A 1791 56.35 -11.84 48.17
C PHE A 1791 55.42 -11.97 49.38
N THR A 1792 54.92 -10.82 49.84
CA THR A 1792 53.92 -10.68 50.93
C THR A 1792 52.51 -10.76 50.32
N PRO A 1793 51.47 -11.12 51.11
CA PRO A 1793 50.09 -11.04 50.63
C PRO A 1793 49.57 -9.64 50.24
N GLN A 1794 50.29 -8.59 50.63
CA GLN A 1794 49.99 -7.17 50.27
C GLN A 1794 50.58 -6.83 48.89
N GLU A 1795 51.82 -7.25 48.60
CA GLU A 1795 52.51 -6.96 47.30
C GLU A 1795 51.84 -7.71 46.15
N ILE A 1796 51.34 -8.93 46.40
CA ILE A 1796 50.60 -9.79 45.41
C ILE A 1796 49.26 -9.11 45.09
N GLU A 1797 48.62 -8.50 46.08
CA GLU A 1797 47.32 -7.78 45.93
C GLU A 1797 47.46 -6.57 44.99
N TYR A 1798 48.56 -5.80 45.13
CA TYR A 1798 48.82 -4.57 44.33
C TYR A 1798 49.25 -4.94 42.90
N CYS A 1799 50.16 -5.90 42.78
CA CYS A 1799 50.75 -6.39 41.50
C CYS A 1799 49.67 -7.07 40.62
N SER A 1800 48.70 -7.77 41.21
CA SER A 1800 47.53 -8.42 40.53
C SER A 1800 46.49 -7.40 40.07
N ALA A 1801 46.53 -6.15 40.59
CA ALA A 1801 45.57 -5.05 40.30
C ALA A 1801 46.23 -3.98 39.41
N GLN A 1802 47.07 -4.38 38.45
CA GLN A 1802 47.77 -3.49 37.50
C GLN A 1802 47.43 -3.89 36.07
N PRO A 1803 47.61 -2.99 35.06
CA PRO A 1803 47.47 -3.36 33.64
C PRO A 1803 48.49 -4.41 33.18
N SER A 1804 49.77 -4.25 33.56
CA SER A 1804 50.91 -5.17 33.25
C SER A 1804 51.35 -5.92 34.51
N VAL A 1805 50.58 -6.93 34.92
CA VAL A 1805 50.77 -7.73 36.17
C VAL A 1805 52.23 -8.16 36.21
N GLN A 1806 52.70 -8.81 35.14
CA GLN A 1806 54.05 -9.42 35.07
C GLN A 1806 55.11 -8.35 35.29
N SER A 1807 54.91 -7.15 34.76
CA SER A 1807 55.89 -6.03 34.87
C SER A 1807 55.93 -5.48 36.30
N SER A 1808 54.80 -5.48 37.02
CA SER A 1808 54.70 -4.98 38.42
C SER A 1808 55.34 -5.99 39.40
N PHE A 1809 55.28 -7.30 39.12
CA PHE A 1809 55.94 -8.39 39.92
C PHE A 1809 57.45 -8.34 39.70
N ALA A 1810 57.91 -8.05 38.48
CA ALA A 1810 59.34 -7.90 38.11
C ALA A 1810 59.92 -6.62 38.75
N GLY A 1811 59.11 -5.57 38.88
CA GLY A 1811 59.45 -4.31 39.54
C GLY A 1811 59.66 -4.47 41.05
N THR A 1812 58.74 -5.17 41.72
CA THR A 1812 58.82 -5.50 43.16
C THR A 1812 60.02 -6.43 43.41
N TRP A 1813 60.21 -7.48 42.60
CA TRP A 1813 61.34 -8.45 42.66
C TRP A 1813 62.67 -7.74 42.51
N SER A 1814 62.76 -6.79 41.57
CA SER A 1814 63.98 -5.98 41.32
C SER A 1814 64.24 -5.04 42.51
N ALA A 1815 63.19 -4.45 43.09
CA ALA A 1815 63.25 -3.52 44.25
C ALA A 1815 63.75 -4.25 45.50
N LYS A 1816 63.38 -5.52 45.66
CA LYS A 1816 63.76 -6.37 46.82
C LYS A 1816 65.24 -6.78 46.75
N GLU A 1817 65.77 -7.11 45.56
CA GLU A 1817 67.19 -7.51 45.37
C GLU A 1817 68.09 -6.28 45.38
N ALA A 1818 67.57 -5.11 44.97
CA ALA A 1818 68.23 -3.79 45.03
C ALA A 1818 68.47 -3.39 46.50
N VAL A 1819 67.43 -3.48 47.35
CA VAL A 1819 67.50 -3.28 48.83
C VAL A 1819 68.57 -4.24 49.39
N PHE A 1820 68.47 -5.55 49.09
CA PHE A 1820 69.40 -6.60 49.57
C PHE A 1820 70.85 -6.25 49.18
N LYS A 1821 71.06 -5.73 47.97
CA LYS A 1821 72.38 -5.29 47.45
C LYS A 1821 72.84 -3.99 48.13
N SER A 1822 71.92 -3.09 48.48
CA SER A 1822 72.21 -1.82 49.19
C SER A 1822 72.65 -2.09 50.65
N LEU A 1823 72.01 -3.02 51.36
CA LEU A 1823 72.29 -3.38 52.80
C LEU A 1823 73.68 -4.04 52.95
N GLY A 1824 74.12 -4.82 51.95
CA GLY A 1824 75.51 -5.33 51.81
C GLY A 1824 75.76 -6.66 52.54
N VAL A 1825 74.74 -7.22 53.21
CA VAL A 1825 74.87 -8.39 54.13
C VAL A 1825 74.83 -9.70 53.32
N ALA A 1833 64.03 -16.20 52.17
CA ALA A 1833 63.18 -15.59 51.12
C ALA A 1833 63.26 -14.05 51.17
N LEU A 1834 62.84 -13.39 50.09
CA LEU A 1834 62.89 -11.92 49.92
C LEU A 1834 61.61 -11.26 50.48
N LYS A 1835 60.68 -12.02 51.09
CA LYS A 1835 59.42 -11.52 51.71
C LYS A 1835 59.71 -10.61 52.91
N ASP A 1836 60.95 -10.70 53.43
CA ASP A 1836 61.50 -9.92 54.58
C ASP A 1836 61.62 -8.43 54.23
N ILE A 1837 61.70 -8.08 52.93
CA ILE A 1837 61.79 -6.69 52.38
C ILE A 1837 60.48 -6.34 51.65
N GLU A 1838 59.44 -5.94 52.38
CA GLU A 1838 58.12 -5.55 51.79
C GLU A 1838 58.24 -4.16 51.15
N ILE A 1839 57.88 -4.04 49.86
CA ILE A 1839 57.78 -2.75 49.10
C ILE A 1839 56.30 -2.38 48.98
N VAL A 1840 55.88 -1.28 49.62
CA VAL A 1840 54.47 -0.81 49.62
C VAL A 1840 54.35 0.37 48.65
N ARG A 1841 54.01 0.08 47.39
CA ARG A 1841 53.74 1.10 46.33
C ARG A 1841 52.31 1.60 46.51
N VAL A 1842 52.12 2.92 46.39
CA VAL A 1842 50.80 3.62 46.26
C VAL A 1842 50.78 4.23 44.85
N ASN A 1843 49.58 4.39 44.25
CA ASN A 1843 49.38 4.84 42.84
C ASN A 1843 49.97 6.26 42.66
N LYS A 1844 50.75 6.47 41.58
CA LYS A 1844 51.53 7.69 41.19
C LYS A 1844 52.30 8.27 42.39
N ASN A 1845 52.86 7.39 43.23
CA ASN A 1845 53.59 7.73 44.48
C ASN A 1845 54.85 6.84 44.56
N ALA A 1846 55.88 7.30 45.30
CA ALA A 1846 57.15 6.57 45.54
C ALA A 1846 56.89 5.42 46.52
N PRO A 1847 57.16 4.15 46.14
CA PRO A 1847 57.00 3.02 47.08
C PRO A 1847 57.93 3.09 48.30
N ALA A 1848 57.42 2.70 49.47
CA ALA A 1848 58.11 2.67 50.78
C ALA A 1848 58.63 1.27 51.06
N VAL A 1849 59.85 1.17 51.60
CA VAL A 1849 60.53 -0.10 51.98
C VAL A 1849 60.24 -0.37 53.46
N GLU A 1850 59.87 -1.62 53.79
CA GLU A 1850 59.66 -2.12 55.17
C GLU A 1850 60.45 -3.42 55.33
N LEU A 1851 61.20 -3.55 56.43
CA LEU A 1851 62.01 -4.76 56.77
C LEU A 1851 61.29 -5.50 57.92
N HIS A 1852 60.83 -6.73 57.66
CA HIS A 1852 59.89 -7.49 58.55
C HIS A 1852 60.63 -8.60 59.32
N GLY A 1853 61.42 -9.43 58.63
CA GLY A 1853 62.10 -10.59 59.23
C GLY A 1853 63.58 -10.34 59.51
N ASN A 1854 64.44 -11.16 58.92
CA ASN A 1854 65.92 -11.14 59.07
C ASN A 1854 66.51 -9.88 58.43
N ALA A 1855 65.77 -9.22 57.51
CA ALA A 1855 66.18 -7.96 56.86
C ALA A 1855 66.23 -6.83 57.89
N LYS A 1856 65.28 -6.79 58.84
CA LYS A 1856 65.18 -5.74 59.90
C LYS A 1856 66.41 -5.83 60.83
N LYS A 1857 66.73 -7.04 61.30
CA LYS A 1857 67.92 -7.35 62.15
C LYS A 1857 69.22 -7.02 61.39
N ALA A 1858 69.28 -7.37 60.09
CA ALA A 1858 70.46 -7.18 59.19
C ALA A 1858 70.69 -5.69 58.85
N ALA A 1859 69.68 -4.83 59.03
CA ALA A 1859 69.74 -3.35 58.87
C ALA A 1859 70.14 -2.66 60.18
N GLU A 1860 69.89 -3.31 61.33
CA GLU A 1860 70.30 -2.86 62.69
C GLU A 1860 71.73 -3.35 63.01
N GLU A 1861 72.28 -4.27 62.21
CA GLU A 1861 73.70 -4.72 62.23
C GLU A 1861 74.58 -3.77 61.39
N ALA A 1862 74.09 -3.31 60.22
CA ALA A 1862 74.77 -2.34 59.32
C ALA A 1862 74.49 -0.89 59.75
N GLY A 1863 73.61 -0.67 60.75
CA GLY A 1863 73.24 0.65 61.30
C GLY A 1863 72.34 1.44 60.36
N VAL A 1864 71.71 0.77 59.38
CA VAL A 1864 70.90 1.42 58.30
C VAL A 1864 69.57 1.89 58.92
N THR A 1865 69.38 3.21 58.98
CA THR A 1865 68.16 3.90 59.48
C THR A 1865 67.12 3.98 58.36
N ASP A 1866 67.43 4.68 57.27
CA ASP A 1866 66.50 5.03 56.15
C ASP A 1866 66.85 4.26 54.87
N VAL A 1867 65.84 3.74 54.15
CA VAL A 1867 65.96 3.04 52.83
C VAL A 1867 64.91 3.63 51.88
N LYS A 1868 65.32 4.03 50.68
CA LYS A 1868 64.43 4.52 49.60
C LYS A 1868 64.75 3.74 48.31
N VAL A 1869 63.74 3.50 47.47
CA VAL A 1869 63.84 2.75 46.18
C VAL A 1869 63.08 3.52 45.09
N SER A 1870 63.71 3.68 43.93
CA SER A 1870 63.07 4.13 42.68
C SER A 1870 62.96 2.93 41.74
N ILE A 1871 61.79 2.73 41.11
CA ILE A 1871 61.47 1.59 40.20
C ILE A 1871 60.86 2.16 38.91
N SER A 1872 61.37 1.73 37.74
CA SER A 1872 60.76 1.96 36.40
C SER A 1872 60.67 0.62 35.68
N HIS A 1873 59.44 0.20 35.32
CA HIS A 1873 59.15 -1.13 34.73
C HIS A 1873 58.32 -0.95 33.45
N ASP A 1874 58.64 -1.69 32.40
CA ASP A 1874 57.92 -1.65 31.09
C ASP A 1874 57.89 -3.07 30.51
N ASP A 1875 57.58 -3.20 29.22
CA ASP A 1875 57.40 -4.50 28.50
C ASP A 1875 58.72 -5.27 28.38
N LEU A 1876 59.88 -4.59 28.44
CA LEU A 1876 61.23 -5.23 28.29
C LEU A 1876 61.81 -5.57 29.67
N GLN A 1877 62.17 -4.54 30.46
CA GLN A 1877 62.96 -4.65 31.72
C GLN A 1877 62.21 -3.94 32.86
N ALA A 1878 62.57 -4.26 34.11
CA ALA A 1878 62.18 -3.55 35.35
C ALA A 1878 63.43 -3.25 36.18
N VAL A 1879 63.86 -1.98 36.21
CA VAL A 1879 65.11 -1.51 36.90
C VAL A 1879 64.70 -0.90 38.25
N ALA A 1880 65.48 -1.17 39.30
CA ALA A 1880 65.29 -0.68 40.69
C ALA A 1880 66.62 -0.20 41.27
N VAL A 1881 66.68 1.09 41.66
CA VAL A 1881 67.82 1.74 42.36
C VAL A 1881 67.39 1.96 43.82
N ALA A 1882 68.05 1.26 44.75
CA ALA A 1882 67.88 1.38 46.22
C ALA A 1882 69.05 2.17 46.79
N VAL A 1883 68.76 3.20 47.58
CA VAL A 1883 69.75 3.94 48.42
C VAL A 1883 69.38 3.69 49.89
N SER A 1884 70.29 3.09 50.66
CA SER A 1884 70.15 2.77 52.11
C SER A 1884 71.10 3.65 52.93
N THR A 1885 70.58 4.77 53.47
CA THR A 1885 71.31 5.71 54.36
C THR A 1885 71.42 5.08 55.76
N LYS A 1886 72.57 5.28 56.41
CA LYS A 1886 72.86 4.81 57.79
C LYS A 1886 72.36 5.88 58.80
N ILE B 140 21.13 27.45 -47.07
CA ILE B 140 21.70 27.72 -45.70
C ILE B 140 23.06 28.40 -45.88
N ALA B 141 23.32 29.45 -45.07
CA ALA B 141 24.56 30.26 -45.07
C ALA B 141 25.70 29.44 -44.46
N ASP B 142 26.81 29.31 -45.20
CA ASP B 142 28.06 28.62 -44.75
C ASP B 142 28.63 29.39 -43.54
N GLU B 143 29.29 28.69 -42.62
CA GLU B 143 29.99 29.28 -41.44
C GLU B 143 31.25 28.46 -41.14
N PRO B 144 32.47 29.07 -41.16
CA PRO B 144 33.70 28.32 -40.91
C PRO B 144 33.71 27.71 -39.52
N VAL B 145 34.21 26.47 -39.41
CA VAL B 145 34.35 25.74 -38.11
C VAL B 145 34.92 26.70 -37.06
N LYS B 146 34.36 26.66 -35.86
CA LYS B 146 34.73 27.53 -34.71
C LYS B 146 35.78 26.81 -33.86
N ALA B 147 36.89 27.49 -33.51
CA ALA B 147 38.03 26.99 -32.69
C ALA B 147 37.56 26.40 -31.36
N SER B 148 36.54 26.99 -30.74
CA SER B 148 35.97 26.61 -29.41
C SER B 148 35.25 25.26 -29.48
N LEU B 149 34.44 25.05 -30.51
CA LEU B 149 33.83 23.74 -30.83
C LEU B 149 34.94 22.70 -31.07
N LEU B 150 35.89 22.98 -31.96
CA LEU B 150 36.98 22.05 -32.39
C LEU B 150 37.80 21.60 -31.16
N LEU B 151 38.26 22.55 -30.33
CA LEU B 151 39.13 22.24 -29.14
C LEU B 151 38.32 21.55 -28.04
N HIS B 152 36.99 21.73 -28.01
CA HIS B 152 36.07 21.01 -27.08
C HIS B 152 35.94 19.56 -27.56
N VAL B 153 35.78 19.35 -28.87
CA VAL B 153 35.57 18.02 -29.50
C VAL B 153 36.86 17.19 -29.36
N LEU B 154 38.02 17.76 -29.70
CA LEU B 154 39.31 17.01 -29.72
C LEU B 154 39.74 16.65 -28.29
N VAL B 155 39.37 17.45 -27.29
CA VAL B 155 39.65 17.17 -25.85
C VAL B 155 38.75 16.02 -25.41
N ALA B 156 37.45 16.10 -25.69
CA ALA B 156 36.42 15.08 -25.36
C ALA B 156 36.90 13.73 -25.90
N HIS B 157 37.30 13.71 -27.18
CA HIS B 157 37.78 12.52 -27.93
C HIS B 157 38.98 11.89 -27.21
N LYS B 158 39.93 12.69 -26.75
CA LYS B 158 41.14 12.15 -26.08
C LYS B 158 40.71 11.43 -24.80
N LEU B 159 39.66 11.90 -24.12
CA LEU B 159 39.17 11.34 -22.82
C LEU B 159 37.90 10.51 -23.02
N LYS B 160 37.66 10.03 -24.24
CA LYS B 160 36.78 8.88 -24.58
C LYS B 160 35.42 9.02 -23.88
N LYS B 161 34.98 10.25 -23.64
CA LYS B 161 33.67 10.52 -22.97
C LYS B 161 32.95 11.63 -23.71
N SER B 162 31.65 11.77 -23.40
CA SER B 162 30.66 12.58 -24.14
C SER B 162 31.15 14.03 -24.27
N LEU B 163 30.65 14.71 -25.29
CA LEU B 163 30.99 16.10 -25.65
C LEU B 163 30.53 17.07 -24.54
N ASP B 164 29.47 16.70 -23.81
CA ASP B 164 28.74 17.55 -22.83
C ASP B 164 29.37 17.45 -21.44
N SER B 165 29.91 16.28 -21.10
CA SER B 165 30.57 15.94 -19.80
C SER B 165 31.72 16.91 -19.49
N ILE B 166 32.37 17.44 -20.53
CA ILE B 166 33.47 18.43 -20.41
C ILE B 166 32.87 19.75 -19.96
N PRO B 167 33.36 20.35 -18.84
CA PRO B 167 33.06 21.73 -18.49
C PRO B 167 34.03 22.66 -19.23
N MET B 168 33.49 23.59 -20.02
CA MET B 168 34.27 24.49 -20.89
C MET B 168 35.20 25.36 -20.03
N SER B 169 34.67 25.97 -18.96
CA SER B 169 35.40 26.91 -18.07
C SER B 169 36.13 26.11 -16.98
N LYS B 170 37.11 25.31 -17.37
CA LYS B 170 37.91 24.47 -16.45
C LYS B 170 39.20 24.01 -17.13
N THR B 171 40.34 24.17 -16.45
CA THR B 171 41.70 24.00 -17.03
C THR B 171 41.90 22.51 -17.33
N ILE B 172 42.77 22.23 -18.29
CA ILE B 172 42.85 20.91 -18.98
C ILE B 172 43.39 19.90 -17.97
N LYS B 173 44.41 20.27 -17.19
CA LYS B 173 45.09 19.36 -16.22
C LYS B 173 44.07 18.80 -15.22
N ASP B 174 43.10 19.63 -14.83
CA ASP B 174 42.06 19.26 -13.83
C ASP B 174 41.38 17.97 -14.33
N LEU B 175 40.95 17.95 -15.59
CA LEU B 175 40.21 16.81 -16.23
C LEU B 175 40.95 15.49 -15.98
N VAL B 176 42.26 15.47 -16.21
CA VAL B 176 43.12 14.25 -16.13
C VAL B 176 44.25 14.49 -15.10
N GLY B 177 43.90 15.02 -13.94
CA GLY B 177 44.84 15.36 -12.86
C GLY B 177 45.86 14.24 -12.64
N GLY B 178 45.38 13.03 -12.41
CA GLY B 178 46.21 11.86 -12.06
C GLY B 178 47.33 11.60 -13.06
N LYS B 179 47.01 11.65 -14.37
CA LYS B 179 47.88 11.14 -15.46
C LYS B 179 48.71 12.32 -16.04
N SER B 180 50.03 12.27 -15.83
CA SER B 180 51.06 13.15 -16.43
C SER B 180 51.08 12.97 -17.96
N THR B 181 50.90 11.74 -18.44
CA THR B 181 51.03 11.31 -19.86
C THR B 181 49.93 11.95 -20.72
N VAL B 182 48.66 11.72 -20.36
CA VAL B 182 47.48 12.24 -21.13
C VAL B 182 47.49 13.77 -21.13
N GLN B 183 48.00 14.40 -20.08
CA GLN B 183 48.12 15.88 -20.02
C GLN B 183 48.94 16.38 -21.21
N ASN B 184 50.22 15.98 -21.31
CA ASN B 184 51.16 16.40 -22.39
C ASN B 184 50.67 15.95 -23.78
N GLU B 185 49.97 14.80 -23.87
CA GLU B 185 49.38 14.26 -25.14
C GLU B 185 48.29 15.19 -25.66
N ILE B 186 47.49 15.79 -24.77
CA ILE B 186 46.49 16.84 -25.12
C ILE B 186 47.25 18.09 -25.56
N LEU B 187 48.31 18.50 -24.86
CA LEU B 187 49.14 19.68 -25.24
C LEU B 187 49.84 19.42 -26.58
N GLY B 188 50.25 18.17 -26.83
CA GLY B 188 50.77 17.71 -28.13
C GLY B 188 49.74 17.88 -29.24
N ASP B 189 48.52 17.39 -29.02
CA ASP B 189 47.37 17.56 -29.93
C ASP B 189 47.25 19.04 -30.31
N LEU B 190 47.07 19.90 -29.31
CA LEU B 190 46.90 21.37 -29.48
C LEU B 190 48.07 21.92 -30.30
N GLY B 191 49.31 21.54 -29.93
CA GLY B 191 50.57 21.98 -30.56
C GLY B 191 50.62 21.73 -32.06
N LYS B 192 50.14 20.57 -32.52
CA LYS B 192 50.14 20.20 -33.96
C LYS B 192 48.80 20.56 -34.62
N GLU B 193 47.73 20.76 -33.84
CA GLU B 193 46.39 21.08 -34.39
C GLU B 193 46.34 22.54 -34.83
N PHE B 194 46.47 23.50 -33.90
CA PHE B 194 46.37 24.96 -34.16
C PHE B 194 47.76 25.59 -34.35
N GLY B 195 48.80 24.78 -34.60
CA GLY B 195 50.20 25.24 -34.71
C GLY B 195 50.68 25.85 -33.40
N THR B 196 50.94 27.15 -33.38
CA THR B 196 51.41 27.92 -32.18
C THR B 196 50.34 27.80 -31.08
N THR B 197 50.80 27.65 -29.83
CA THR B 197 49.96 27.55 -28.62
C THR B 197 50.47 28.57 -27.60
N PRO B 198 49.62 29.04 -26.65
CA PRO B 198 50.08 29.95 -25.60
C PRO B 198 51.13 29.29 -24.70
N GLU B 199 51.82 30.11 -23.90
CA GLU B 199 52.74 29.65 -22.83
C GLU B 199 51.88 29.15 -21.66
N LYS B 200 52.15 27.93 -21.17
CA LYS B 200 51.44 27.28 -20.03
C LYS B 200 49.93 27.39 -20.25
N PRO B 201 49.38 26.74 -21.30
CA PRO B 201 47.96 26.86 -21.60
C PRO B 201 47.09 26.15 -20.55
N GLU B 202 47.51 24.98 -20.06
CA GLU B 202 46.67 24.05 -19.25
C GLU B 202 46.44 24.61 -17.84
N GLU B 203 47.13 25.70 -17.46
CA GLU B 203 46.83 26.53 -16.25
C GLU B 203 45.60 27.41 -16.53
N THR B 204 45.27 27.66 -17.80
CA THR B 204 44.16 28.52 -18.26
C THR B 204 42.98 27.64 -18.70
N PRO B 205 41.71 28.00 -18.39
CA PRO B 205 40.54 27.23 -18.84
C PRO B 205 40.48 27.09 -20.37
N LEU B 206 39.75 26.06 -20.82
CA LEU B 206 39.43 25.83 -22.25
C LEU B 206 38.80 27.13 -22.80
N GLU B 207 37.87 27.70 -22.03
CA GLU B 207 37.14 28.98 -22.34
C GLU B 207 38.16 30.07 -22.67
N GLU B 208 39.19 30.24 -21.84
CA GLU B 208 40.27 31.23 -22.06
C GLU B 208 40.97 30.90 -23.38
N LEU B 209 41.35 29.62 -23.59
CA LEU B 209 42.12 29.17 -24.79
C LEU B 209 41.31 29.33 -26.07
N ALA B 210 39.97 29.22 -25.99
CA ALA B 210 39.05 29.39 -27.13
C ALA B 210 39.44 30.65 -27.93
N GLU B 211 39.42 31.82 -27.29
CA GLU B 211 39.63 33.15 -27.94
C GLU B 211 41.09 33.25 -28.42
N THR B 212 42.03 32.79 -27.58
CA THR B 212 43.51 32.77 -27.84
C THR B 212 43.86 31.90 -29.05
N PHE B 213 42.96 30.99 -29.46
CA PHE B 213 43.08 30.14 -30.67
C PHE B 213 42.26 30.69 -31.84
N GLN B 214 41.10 31.32 -31.60
CA GLN B 214 40.20 31.86 -32.65
C GLN B 214 40.90 32.92 -33.52
N ASP B 215 41.81 33.70 -32.93
CA ASP B 215 42.50 34.84 -33.60
C ASP B 215 43.39 34.33 -34.75
N THR B 216 44.28 33.36 -34.50
CA THR B 216 45.29 32.84 -35.48
C THR B 216 44.77 31.57 -36.20
N PHE B 217 43.47 31.28 -36.07
CA PHE B 217 42.78 30.13 -36.71
C PHE B 217 41.65 30.65 -37.59
N SER B 218 41.50 30.05 -38.77
CA SER B 218 40.54 30.45 -39.83
C SER B 218 39.94 29.21 -40.51
N GLY B 219 38.89 28.65 -39.90
CA GLY B 219 38.04 27.55 -40.43
C GLY B 219 38.79 26.34 -40.96
N ALA B 220 40.07 26.16 -40.60
CA ALA B 220 40.99 25.14 -41.15
C ALA B 220 41.00 23.89 -40.25
N LEU B 221 40.48 22.76 -40.74
CA LEU B 221 40.37 21.49 -39.97
C LEU B 221 41.73 21.14 -39.37
N GLY B 222 42.77 21.13 -40.20
CA GLY B 222 44.16 20.77 -39.80
C GLY B 222 44.39 19.28 -39.95
N LYS B 223 45.63 18.85 -39.72
CA LYS B 223 46.11 17.48 -40.01
C LYS B 223 45.47 16.47 -39.04
N GLN B 224 45.47 16.78 -37.73
CA GLN B 224 45.03 15.84 -36.66
C GLN B 224 43.52 15.62 -36.80
N SER B 225 42.72 16.69 -36.90
CA SER B 225 41.23 16.63 -36.99
C SER B 225 40.82 15.94 -38.31
N SER B 226 41.51 16.26 -39.40
CA SER B 226 41.37 15.58 -40.71
C SER B 226 41.55 14.07 -40.50
N SER B 227 42.72 13.68 -39.97
CA SER B 227 43.15 12.28 -39.73
C SER B 227 42.12 11.56 -38.84
N LEU B 228 41.63 12.24 -37.80
CA LEU B 228 40.63 11.67 -36.87
C LEU B 228 39.33 11.40 -37.64
N LEU B 229 38.95 12.29 -38.56
CA LEU B 229 37.67 12.18 -39.34
C LEU B 229 37.80 11.14 -40.45
N SER B 230 38.99 10.99 -40.99
CA SER B 230 39.37 9.88 -41.90
C SER B 230 39.28 8.56 -41.13
N ARG B 231 39.79 8.53 -39.90
CA ARG B 231 39.79 7.32 -39.04
C ARG B 231 38.33 6.96 -38.74
N LEU B 232 37.52 7.92 -38.29
CA LEU B 232 36.09 7.71 -37.95
C LEU B 232 35.39 7.05 -39.14
N ILE B 233 35.51 7.65 -40.32
CA ILE B 233 34.72 7.24 -41.52
C ILE B 233 35.17 5.87 -42.01
N SER B 234 36.46 5.55 -41.87
CA SER B 234 37.08 4.31 -42.37
C SER B 234 36.87 3.18 -41.33
N SER B 235 37.43 3.37 -40.12
CA SER B 235 37.47 2.37 -39.02
C SER B 235 36.05 1.96 -38.66
N LYS B 236 35.14 2.93 -38.50
CA LYS B 236 33.87 2.75 -37.80
C LYS B 236 32.57 3.00 -38.61
N MET B 237 32.68 3.34 -39.88
CA MET B 237 31.49 3.58 -40.69
C MET B 237 31.39 2.56 -41.83
N PRO B 238 30.15 2.31 -42.40
CA PRO B 238 30.11 1.23 -43.41
C PRO B 238 30.95 1.38 -44.66
N GLY B 239 31.27 0.25 -45.29
CA GLY B 239 32.03 0.28 -46.52
C GLY B 239 31.15 0.78 -47.64
N GLY B 240 31.71 1.60 -48.52
CA GLY B 240 30.90 2.18 -49.60
C GLY B 240 30.52 3.58 -49.19
N PHE B 241 30.34 3.79 -47.89
CA PHE B 241 30.01 5.11 -47.40
C PHE B 241 31.29 5.84 -47.08
N THR B 242 31.84 6.51 -48.08
CA THR B 242 33.10 7.24 -47.88
C THR B 242 32.80 8.63 -47.38
N ILE B 243 33.86 9.37 -47.03
CA ILE B 243 33.65 10.73 -46.45
C ILE B 243 32.90 11.60 -47.46
N THR B 244 33.31 11.57 -48.73
CA THR B 244 32.79 12.43 -49.83
C THR B 244 31.28 12.21 -50.00
N VAL B 245 30.83 10.96 -49.82
CA VAL B 245 29.39 10.55 -49.94
C VAL B 245 28.61 11.09 -48.75
N ALA B 246 29.19 11.05 -47.54
CA ALA B 246 28.61 11.67 -46.33
C ALA B 246 28.44 13.17 -46.59
N ARG B 247 29.54 13.83 -46.97
CA ARG B 247 29.56 15.27 -47.30
C ARG B 247 28.41 15.52 -48.29
N LYS B 248 28.40 14.80 -49.42
CA LYS B 248 27.36 14.94 -50.47
C LYS B 248 25.97 14.73 -49.87
N TYR B 249 25.81 13.82 -48.91
CA TYR B 249 24.50 13.54 -48.26
C TYR B 249 24.06 14.73 -47.39
N LEU B 250 25.02 15.37 -46.71
CA LEU B 250 24.76 16.55 -45.85
C LEU B 250 24.42 17.77 -46.73
N GLN B 251 25.13 17.96 -47.86
CA GLN B 251 24.81 18.98 -48.90
C GLN B 251 23.37 18.79 -49.37
N THR B 252 22.99 17.56 -49.73
CA THR B 252 21.65 17.20 -50.28
C THR B 252 20.62 17.43 -49.18
N ARG B 253 20.47 16.45 -48.29
CA ARG B 253 19.25 16.30 -47.48
C ARG B 253 19.10 17.49 -46.53
N TRP B 254 20.21 17.95 -45.97
CA TRP B 254 20.21 18.98 -44.90
C TRP B 254 20.60 20.36 -45.45
N GLY B 255 21.21 20.42 -46.64
CA GLY B 255 21.63 21.69 -47.27
C GLY B 255 22.71 22.40 -46.47
N LEU B 256 23.55 21.65 -45.75
CA LEU B 256 24.63 22.23 -44.92
C LEU B 256 25.87 22.37 -45.80
N PRO B 257 26.41 23.61 -46.02
CA PRO B 257 27.64 23.83 -46.80
C PRO B 257 28.93 23.53 -46.04
N SER B 258 30.06 23.44 -46.76
CA SER B 258 31.39 22.90 -46.33
C SER B 258 31.72 23.19 -44.86
N GLY B 259 31.67 24.47 -44.46
CA GLY B 259 31.91 24.95 -43.09
C GLY B 259 30.99 24.28 -42.05
N ARG B 260 29.74 24.01 -42.41
CA ARG B 260 28.74 23.29 -41.56
C ARG B 260 29.07 21.79 -41.55
N GLN B 261 29.45 21.24 -42.71
CA GLN B 261 29.84 19.80 -42.89
C GLN B 261 31.01 19.47 -41.98
N ASP B 262 31.95 20.42 -41.80
CA ASP B 262 33.09 20.32 -40.84
C ASP B 262 32.52 20.14 -39.43
N GLY B 263 31.55 20.99 -39.06
CA GLY B 263 30.84 20.94 -37.78
C GLY B 263 30.25 19.56 -37.54
N VAL B 264 29.28 19.17 -38.36
CA VAL B 264 28.49 17.90 -38.18
C VAL B 264 29.45 16.72 -38.07
N LEU B 265 30.54 16.72 -38.84
CA LEU B 265 31.53 15.64 -38.82
C LEU B 265 32.28 15.66 -37.48
N LEU B 266 32.70 16.83 -36.98
CA LEU B 266 33.44 16.94 -35.68
C LEU B 266 32.57 16.47 -34.51
N VAL B 267 31.29 16.87 -34.49
CA VAL B 267 30.34 16.45 -33.43
C VAL B 267 30.04 14.94 -33.58
N ALA B 268 30.10 14.40 -34.81
CA ALA B 268 30.00 12.94 -35.10
C ALA B 268 31.18 12.22 -34.44
N LEU B 269 32.39 12.75 -34.64
CA LEU B 269 33.63 12.23 -34.01
C LEU B 269 33.44 12.17 -32.50
N SER B 270 32.94 13.25 -31.89
CA SER B 270 32.81 13.41 -30.41
C SER B 270 31.98 12.26 -29.83
N ASN B 271 31.04 11.73 -30.62
CA ASN B 271 30.07 10.69 -30.18
C ASN B 271 30.18 9.50 -31.14
N GLU B 272 31.37 8.89 -31.22
CA GLU B 272 31.67 7.69 -32.04
C GLU B 272 30.55 6.66 -31.90
N PRO B 273 30.14 5.99 -33.03
CA PRO B 273 29.06 5.02 -32.76
C PRO B 273 29.62 3.82 -32.00
N ALA B 274 30.94 3.75 -31.81
CA ALA B 274 31.59 2.63 -31.12
C ALA B 274 31.24 1.26 -31.67
N ALA B 275 30.83 1.20 -32.93
CA ALA B 275 30.45 -0.05 -33.56
C ALA B 275 30.50 0.21 -35.04
N ARG B 276 31.09 -0.71 -35.81
CA ARG B 276 31.09 -0.53 -37.25
C ARG B 276 29.67 -0.59 -37.73
N LEU B 277 29.15 0.54 -38.16
CA LEU B 277 27.76 0.62 -38.59
C LEU B 277 27.56 -0.30 -39.78
N GLY B 278 26.58 -1.18 -39.70
CA GLY B 278 26.38 -2.14 -40.77
C GLY B 278 25.76 -1.56 -42.01
N SER B 279 24.50 -1.18 -41.92
CA SER B 279 23.81 -0.67 -43.10
C SER B 279 24.00 0.82 -43.28
N GLU B 280 23.80 1.29 -44.51
CA GLU B 280 23.89 2.71 -44.76
C GLU B 280 22.69 3.37 -44.11
N ALA B 281 21.54 2.70 -44.12
CA ALA B 281 20.33 3.25 -43.45
C ALA B 281 20.63 3.68 -42.01
N ASP B 282 21.47 2.92 -41.30
CA ASP B 282 21.94 3.19 -39.92
C ASP B 282 22.82 4.45 -39.91
N ALA B 283 23.77 4.53 -40.84
CA ALA B 283 24.67 5.68 -41.04
C ALA B 283 23.85 6.95 -41.32
N LYS B 284 22.86 6.85 -42.22
CA LYS B 284 21.93 7.98 -42.54
C LYS B 284 21.29 8.43 -41.23
N ALA B 285 20.71 7.50 -40.48
CA ALA B 285 20.06 7.74 -39.17
C ALA B 285 21.05 8.36 -38.18
N PHE B 286 22.33 7.98 -38.25
CA PHE B 286 23.40 8.53 -37.38
C PHE B 286 23.65 9.99 -37.74
N LEU B 287 23.88 10.25 -39.03
CA LEU B 287 24.26 11.59 -39.55
C LEU B 287 23.13 12.59 -39.30
N ASP B 288 21.89 12.18 -39.59
CA ASP B 288 20.66 12.98 -39.33
C ASP B 288 20.67 13.38 -37.86
N SER B 289 20.55 12.40 -36.97
CA SER B 289 20.54 12.59 -35.49
C SER B 289 21.67 13.57 -35.13
N MET B 290 22.85 13.34 -35.69
CA MET B 290 24.08 14.13 -35.37
C MET B 290 23.99 15.55 -35.94
N ALA B 291 23.22 15.77 -37.01
CA ALA B 291 22.99 17.11 -37.59
C ALA B 291 22.00 17.92 -36.74
N GLN B 292 21.13 17.27 -35.95
CA GLN B 292 20.26 17.96 -34.95
C GLN B 292 21.11 18.39 -33.75
N LYS B 293 21.99 17.50 -33.24
CA LYS B 293 22.90 17.80 -32.10
C LYS B 293 23.76 19.02 -32.45
N TYR B 294 24.39 19.03 -33.62
CA TYR B 294 25.19 20.18 -34.12
C TYR B 294 24.31 21.43 -34.16
N ALA B 295 23.14 21.30 -34.79
CA ALA B 295 22.12 22.38 -34.97
C ALA B 295 21.74 22.95 -33.59
N SER B 296 21.60 22.09 -32.57
CA SER B 296 21.30 22.48 -31.17
C SER B 296 22.49 23.25 -30.56
N ILE B 297 23.74 22.86 -30.87
CA ILE B 297 24.98 23.51 -30.35
C ILE B 297 25.09 24.91 -30.99
N VAL B 298 25.17 24.97 -32.32
CA VAL B 298 25.44 26.22 -33.10
C VAL B 298 24.25 27.19 -33.00
N GLY B 299 23.01 26.67 -33.07
CA GLY B 299 21.78 27.47 -33.15
C GLY B 299 21.39 27.74 -34.60
N VAL B 300 21.18 26.68 -35.38
CA VAL B 300 20.67 26.72 -36.78
C VAL B 300 19.52 25.72 -36.90
N ASP B 301 18.45 26.11 -37.60
CA ASP B 301 17.23 25.28 -37.78
C ASP B 301 17.37 24.45 -39.06
N LEU B 302 16.63 23.33 -39.13
CA LEU B 302 16.59 22.38 -40.27
C LEU B 302 15.13 21.96 -40.53
N SER C 5 -60.72 71.37 -17.54
CA SER C 5 -60.26 70.96 -18.90
C SER C 5 -58.73 71.06 -18.98
N THR C 6 -58.04 69.91 -19.12
CA THR C 6 -56.57 69.78 -19.24
C THR C 6 -56.23 68.81 -20.40
N ARG C 7 -55.15 69.12 -21.15
CA ARG C 7 -54.65 68.36 -22.33
C ARG C 7 -53.29 67.71 -21.99
N PRO C 8 -53.13 66.36 -22.06
CA PRO C 8 -51.82 65.71 -21.88
C PRO C 8 -50.81 65.90 -23.03
N LEU C 9 -49.86 66.83 -22.88
CA LEU C 9 -48.73 67.07 -23.82
C LEU C 9 -47.56 66.13 -23.45
N THR C 10 -47.11 65.31 -24.41
CA THR C 10 -45.97 64.35 -24.25
C THR C 10 -44.66 65.03 -24.69
N LEU C 11 -43.61 64.97 -23.85
CA LEU C 11 -42.21 65.27 -24.20
C LEU C 11 -41.38 63.99 -23.99
N SER C 12 -40.85 63.42 -25.07
CA SER C 12 -40.21 62.08 -25.12
C SER C 12 -38.82 62.17 -25.76
N HIS C 13 -37.95 61.20 -25.45
CA HIS C 13 -36.62 61.04 -26.08
C HIS C 13 -36.21 59.56 -26.07
N GLY C 14 -36.56 58.84 -27.14
CA GLY C 14 -36.33 57.38 -27.27
C GLY C 14 -37.09 56.61 -26.21
N SER C 15 -36.38 56.04 -25.24
CA SER C 15 -36.92 55.14 -24.17
C SER C 15 -37.69 55.95 -23.12
N LEU C 16 -37.11 57.05 -22.61
CA LEU C 16 -37.74 57.90 -21.57
C LEU C 16 -38.81 58.80 -22.20
N GLU C 17 -39.93 58.96 -21.47
CA GLU C 17 -41.09 59.83 -21.79
C GLU C 17 -41.54 60.52 -20.49
N HIS C 18 -42.29 61.62 -20.65
CA HIS C 18 -43.03 62.33 -19.57
C HIS C 18 -44.31 62.91 -20.18
N VAL C 19 -45.38 63.06 -19.38
CA VAL C 19 -46.68 63.68 -19.79
C VAL C 19 -46.97 64.86 -18.86
N LEU C 20 -47.22 66.03 -19.44
CA LEU C 20 -47.60 67.30 -18.76
C LEU C 20 -49.09 67.59 -19.06
N LEU C 21 -49.95 67.57 -18.03
CA LEU C 21 -51.39 67.94 -18.12
C LEU C 21 -51.49 69.49 -18.16
N VAL C 22 -51.13 70.06 -19.32
CA VAL C 22 -51.12 71.54 -19.58
C VAL C 22 -52.57 72.03 -19.60
N PRO C 23 -52.89 73.24 -19.05
CA PRO C 23 -54.17 73.90 -19.32
C PRO C 23 -54.50 74.02 -20.81
N THR C 24 -55.67 73.51 -21.24
CA THR C 24 -56.16 73.48 -22.65
C THR C 24 -56.11 74.89 -23.27
N ALA C 25 -56.29 75.95 -22.47
CA ALA C 25 -56.24 77.39 -22.86
C ALA C 25 -54.83 77.79 -23.37
N SER C 26 -53.77 77.38 -22.66
CA SER C 26 -52.34 77.66 -23.00
C SER C 26 -51.64 76.38 -23.54
N PHE C 27 -52.39 75.50 -24.23
CA PHE C 27 -51.90 74.21 -24.82
C PHE C 27 -51.26 74.45 -26.20
N PHE C 28 -51.83 75.35 -27.01
CA PHE C 28 -51.42 75.63 -28.42
C PHE C 28 -50.06 76.35 -28.49
N ILE C 29 -49.76 77.22 -27.51
CA ILE C 29 -48.43 77.92 -27.35
C ILE C 29 -47.43 76.94 -26.72
N ALA C 30 -47.89 76.01 -25.86
CA ALA C 30 -47.12 74.92 -25.21
C ALA C 30 -46.81 73.77 -26.18
N SER C 31 -47.69 73.54 -27.18
CA SER C 31 -47.52 72.55 -28.28
C SER C 31 -46.59 73.11 -29.37
N GLN C 32 -46.45 74.44 -29.49
CA GLN C 32 -45.45 75.15 -30.34
C GLN C 32 -44.05 75.02 -29.72
N LEU C 33 -43.91 75.20 -28.39
CA LEU C 33 -42.64 75.10 -27.62
C LEU C 33 -42.15 73.64 -27.55
N GLN C 34 -43.08 72.67 -27.51
CA GLN C 34 -42.81 71.20 -27.61
C GLN C 34 -42.23 70.87 -28.99
N GLU C 35 -42.80 71.43 -30.08
CA GLU C 35 -42.37 71.23 -31.49
C GLU C 35 -41.00 71.87 -31.75
N GLN C 36 -40.69 73.01 -31.11
CA GLN C 36 -39.37 73.71 -31.15
C GLN C 36 -38.31 72.90 -30.39
N PHE C 37 -38.65 72.42 -29.18
CA PHE C 37 -37.79 71.59 -28.29
C PHE C 37 -37.48 70.23 -28.93
N ASN C 38 -38.47 69.58 -29.56
CA ASN C 38 -38.35 68.25 -30.24
C ASN C 38 -37.47 68.35 -31.50
N LYS C 39 -37.13 69.56 -31.93
CA LYS C 39 -36.11 69.86 -32.99
C LYS C 39 -34.76 70.27 -32.35
N ILE C 40 -34.75 70.97 -31.21
CA ILE C 40 -33.51 71.44 -30.48
C ILE C 40 -32.83 70.27 -29.74
N LEU C 41 -33.63 69.38 -29.14
CA LEU C 41 -33.14 68.13 -28.49
C LEU C 41 -32.46 67.26 -29.55
N PRO C 42 -31.25 66.72 -29.31
CA PRO C 42 -30.56 65.87 -30.28
C PRO C 42 -31.27 64.51 -30.51
N GLU C 43 -30.68 63.62 -31.31
CA GLU C 43 -31.27 62.31 -31.70
C GLU C 43 -31.23 61.34 -30.51
N PRO C 44 -32.20 60.38 -30.38
CA PRO C 44 -32.08 59.30 -29.40
C PRO C 44 -30.96 58.30 -29.73
N THR C 45 -30.03 58.09 -28.78
CA THR C 45 -28.93 57.09 -28.86
C THR C 45 -29.23 55.93 -27.90
N GLU C 46 -28.38 54.90 -27.91
CA GLU C 46 -28.41 53.73 -26.99
C GLU C 46 -27.72 54.12 -25.66
N GLY C 47 -28.40 53.87 -24.53
CA GLY C 47 -27.91 54.15 -23.16
C GLY C 47 -27.83 55.64 -22.82
N PHE C 48 -27.99 56.54 -23.80
CA PHE C 48 -27.89 58.03 -23.70
C PHE C 48 -26.49 58.45 -23.21
N ALA C 49 -25.45 57.67 -23.57
CA ALA C 49 -24.03 57.87 -23.17
C ALA C 49 -23.49 59.15 -23.80
N ALA C 50 -24.08 59.60 -24.92
CA ALA C 50 -23.82 60.91 -25.56
C ALA C 50 -24.24 62.04 -24.61
N ASP C 51 -23.52 63.16 -24.66
CA ASP C 51 -23.70 64.32 -23.76
C ASP C 51 -24.73 65.29 -24.35
N ASP C 52 -25.27 66.16 -23.51
CA ASP C 52 -26.36 67.12 -23.82
C ASP C 52 -27.61 66.35 -24.28
N GLU C 53 -27.85 65.17 -23.68
CA GLU C 53 -28.96 64.23 -24.02
C GLU C 53 -29.53 63.61 -22.74
N PRO C 54 -30.85 63.70 -22.48
CA PRO C 54 -31.44 63.21 -21.24
C PRO C 54 -31.30 61.69 -21.06
N THR C 55 -30.92 61.26 -19.84
CA THR C 55 -30.77 59.85 -19.40
C THR C 55 -31.93 59.45 -18.47
N THR C 56 -32.61 60.43 -17.85
CA THR C 56 -33.76 60.27 -16.90
C THR C 56 -34.91 61.17 -17.36
N PRO C 57 -36.16 61.02 -16.83
CA PRO C 57 -37.32 61.81 -17.26
C PRO C 57 -37.50 63.07 -16.40
N ALA C 58 -36.60 63.28 -15.42
CA ALA C 58 -36.37 64.54 -14.66
C ALA C 58 -35.46 65.47 -15.47
N GLU C 59 -34.41 64.93 -16.11
CA GLU C 59 -33.43 65.69 -16.93
C GLU C 59 -34.13 66.23 -18.20
N LEU C 60 -35.02 65.46 -18.83
CA LEU C 60 -35.75 65.88 -20.07
C LEU C 60 -36.63 67.10 -19.77
N VAL C 61 -37.33 67.11 -18.62
CA VAL C 61 -38.20 68.24 -18.17
C VAL C 61 -37.32 69.44 -17.78
N GLY C 62 -36.15 69.19 -17.19
CA GLY C 62 -35.10 70.19 -16.88
C GLY C 62 -34.61 70.90 -18.14
N LYS C 63 -34.27 70.16 -19.20
CA LYS C 63 -33.75 70.69 -20.49
C LYS C 63 -34.84 71.47 -21.25
N PHE C 64 -36.09 71.02 -21.17
CA PHE C 64 -37.29 71.73 -21.68
C PHE C 64 -37.43 73.06 -20.93
N LEU C 65 -37.34 73.00 -19.59
CA LEU C 65 -37.48 74.16 -18.64
C LEU C 65 -36.36 75.19 -18.86
N GLY C 66 -35.13 74.71 -19.16
CA GLY C 66 -33.97 75.54 -19.54
C GLY C 66 -34.14 76.19 -20.91
N TYR C 67 -34.79 75.48 -21.84
CA TYR C 67 -35.07 75.93 -23.23
C TYR C 67 -36.23 76.94 -23.29
N VAL C 68 -37.23 76.77 -22.41
CA VAL C 68 -38.38 77.71 -22.22
C VAL C 68 -37.84 78.99 -21.56
N SER C 69 -37.14 78.87 -20.43
CA SER C 69 -36.60 80.00 -19.63
C SER C 69 -35.57 80.81 -20.42
N SER C 70 -34.96 80.22 -21.47
CA SER C 70 -34.04 80.89 -22.43
C SER C 70 -34.78 81.97 -23.25
N LEU C 71 -36.01 81.68 -23.70
CA LEU C 71 -36.84 82.60 -24.52
C LEU C 71 -37.51 83.66 -23.63
N VAL C 72 -37.86 83.29 -22.39
CA VAL C 72 -38.53 84.17 -21.37
C VAL C 72 -37.55 85.30 -21.00
N GLU C 73 -38.05 86.55 -21.01
CA GLU C 73 -37.33 87.75 -20.50
C GLU C 73 -37.86 88.07 -19.11
N PRO C 74 -36.98 88.41 -18.12
CA PRO C 74 -37.41 88.78 -16.76
C PRO C 74 -37.92 90.21 -16.59
N SER C 75 -37.68 91.09 -17.59
CA SER C 75 -38.11 92.51 -17.64
C SER C 75 -39.49 92.61 -18.32
N LYS C 76 -39.64 92.03 -19.53
CA LYS C 76 -40.90 92.02 -20.33
C LYS C 76 -41.62 90.67 -20.16
N VAL C 77 -42.94 90.71 -19.90
CA VAL C 77 -43.82 89.51 -19.78
C VAL C 77 -44.00 88.92 -21.19
N GLY C 78 -43.84 87.59 -21.32
CA GLY C 78 -44.05 86.83 -22.56
C GLY C 78 -45.18 85.83 -22.40
N GLN C 79 -45.63 85.25 -23.52
CA GLN C 79 -46.66 84.16 -23.60
C GLN C 79 -46.05 82.83 -23.09
N PHE C 80 -44.72 82.79 -22.92
CA PHE C 80 -43.93 81.60 -22.47
C PHE C 80 -43.80 81.60 -20.94
N ASP C 81 -44.10 82.71 -20.25
CA ASP C 81 -44.05 82.85 -18.77
C ASP C 81 -45.14 81.98 -18.10
N GLN C 82 -46.29 81.80 -18.76
CA GLN C 82 -47.45 81.00 -18.25
C GLN C 82 -47.11 79.51 -18.33
N VAL C 83 -46.52 79.05 -19.45
CA VAL C 83 -46.09 77.64 -19.73
C VAL C 83 -44.81 77.30 -18.91
N LEU C 84 -43.95 78.28 -18.64
CA LEU C 84 -42.78 78.15 -17.72
C LEU C 84 -43.30 77.90 -16.29
N ASN C 85 -44.33 78.62 -15.86
CA ASN C 85 -44.86 78.58 -14.47
C ASN C 85 -45.50 77.21 -14.18
N LEU C 86 -46.21 76.60 -15.15
CA LEU C 86 -46.92 75.29 -14.97
C LEU C 86 -45.95 74.10 -15.03
N CYS C 87 -44.93 74.13 -15.89
CA CYS C 87 -43.97 73.01 -16.14
C CYS C 87 -42.91 72.95 -15.02
N LEU C 88 -42.58 74.11 -14.43
CA LEU C 88 -41.74 74.28 -13.21
C LEU C 88 -42.51 73.73 -12.00
N THR C 89 -43.78 74.13 -11.84
CA THR C 89 -44.71 73.65 -10.78
C THR C 89 -44.85 72.13 -10.87
N GLU C 90 -45.04 71.58 -12.08
CA GLU C 90 -45.19 70.12 -12.31
C GLU C 90 -43.88 69.40 -11.96
N PHE C 91 -42.73 69.91 -12.42
CA PHE C 91 -41.36 69.39 -12.11
C PHE C 91 -41.17 69.35 -10.59
N GLU C 92 -41.44 70.47 -9.91
CA GLU C 92 -41.35 70.61 -8.42
C GLU C 92 -42.18 69.50 -7.77
N ASN C 93 -43.49 69.50 -8.03
CA ASN C 93 -44.47 68.56 -7.40
C ASN C 93 -44.01 67.10 -7.62
N CYS C 94 -43.66 66.73 -8.86
CA CYS C 94 -43.35 65.33 -9.29
C CYS C 94 -42.03 64.84 -8.67
N TYR C 95 -40.94 65.55 -8.92
CA TYR C 95 -39.55 65.10 -8.63
C TYR C 95 -39.04 65.74 -7.33
N LEU C 96 -39.26 67.04 -7.11
CA LEU C 96 -38.77 67.79 -5.91
C LEU C 96 -39.82 67.75 -4.79
N GLU C 97 -40.20 66.55 -4.32
CA GLU C 97 -41.30 66.34 -3.32
C GLU C 97 -40.87 66.91 -1.95
N GLY C 98 -40.72 68.24 -1.84
CA GLY C 98 -40.28 68.97 -0.63
C GLY C 98 -38.77 69.19 -0.59
N ASN C 99 -37.98 68.19 -1.02
CA ASN C 99 -36.50 68.20 -1.05
C ASN C 99 -35.99 69.29 -2.02
N ASP C 100 -34.79 69.82 -1.76
CA ASP C 100 -34.07 70.78 -2.63
C ASP C 100 -33.57 70.04 -3.88
N ILE C 101 -33.26 70.76 -4.97
CA ILE C 101 -32.72 70.22 -6.26
C ILE C 101 -31.43 69.41 -6.01
N HIS C 102 -30.69 69.76 -4.95
CA HIS C 102 -29.40 69.13 -4.55
C HIS C 102 -29.60 67.74 -3.98
N ALA C 103 -30.69 67.51 -3.24
CA ALA C 103 -31.13 66.16 -2.83
C ALA C 103 -31.40 65.31 -4.10
N LEU C 104 -32.18 65.83 -5.07
CA LEU C 104 -32.56 65.12 -6.33
C LEU C 104 -31.31 64.82 -7.16
N ALA C 105 -30.43 65.79 -7.31
CA ALA C 105 -29.06 65.60 -7.85
C ALA C 105 -28.39 64.39 -7.16
N ALA C 106 -28.31 64.37 -5.83
CA ALA C 106 -27.59 63.36 -5.01
C ALA C 106 -28.13 61.95 -5.23
N LYS C 107 -29.45 61.78 -5.34
CA LYS C 107 -30.12 60.46 -5.58
C LYS C 107 -29.98 60.06 -7.06
N LEU C 108 -30.01 61.01 -8.02
CA LEU C 108 -29.82 60.71 -9.47
C LEU C 108 -28.39 60.22 -9.74
N LEU C 109 -27.39 60.83 -9.08
CA LEU C 109 -25.94 60.44 -9.17
C LEU C 109 -25.76 59.03 -8.58
N GLN C 110 -26.26 58.83 -7.35
CA GLN C 110 -26.10 57.56 -6.56
C GLN C 110 -26.80 56.40 -7.28
N GLU C 111 -28.04 56.60 -7.75
CA GLU C 111 -28.91 55.54 -8.32
C GLU C 111 -28.56 55.34 -9.82
N ASN C 112 -28.84 56.34 -10.67
CA ASN C 112 -28.77 56.25 -12.15
C ASN C 112 -27.30 56.29 -12.61
N ASP C 113 -27.10 56.16 -13.93
CA ASP C 113 -25.80 56.33 -14.65
C ASP C 113 -25.76 57.73 -15.28
N THR C 114 -26.30 58.72 -14.58
CA THR C 114 -26.10 60.17 -14.84
C THR C 114 -24.67 60.53 -14.44
N THR C 115 -23.93 61.21 -15.33
CA THR C 115 -22.55 61.73 -15.06
C THR C 115 -22.70 63.02 -14.23
N LEU C 116 -21.62 63.48 -13.59
CA LEU C 116 -21.61 64.64 -12.67
C LEU C 116 -21.87 65.96 -13.46
N VAL C 117 -21.69 65.95 -14.79
CA VAL C 117 -21.88 67.13 -15.68
C VAL C 117 -23.35 67.23 -16.13
N LYS C 118 -24.03 66.10 -16.35
CA LYS C 118 -25.44 65.99 -16.87
C LYS C 118 -26.47 66.37 -15.78
N THR C 119 -26.04 66.42 -14.52
CA THR C 119 -26.84 66.90 -13.35
C THR C 119 -26.57 68.39 -13.06
N LYS C 120 -25.32 68.87 -13.30
CA LYS C 120 -24.90 70.30 -13.18
C LYS C 120 -25.61 71.19 -14.22
N GLU C 121 -26.13 70.59 -15.31
CA GLU C 121 -26.95 71.25 -16.37
C GLU C 121 -28.43 71.27 -15.93
N LEU C 122 -28.92 70.20 -15.30
CA LEU C 122 -30.30 70.11 -14.72
C LEU C 122 -30.46 71.20 -13.65
N ILE C 123 -29.53 71.27 -12.69
CA ILE C 123 -29.56 72.24 -11.54
C ILE C 123 -29.59 73.68 -12.08
N LYS C 124 -28.73 74.00 -13.06
CA LYS C 124 -28.67 75.33 -13.74
C LYS C 124 -30.01 75.63 -14.41
N ASN C 125 -30.60 74.63 -15.09
CA ASN C 125 -31.88 74.77 -15.82
C ASN C 125 -33.02 75.11 -14.84
N TYR C 126 -33.13 74.36 -13.74
CA TYR C 126 -34.16 74.57 -12.70
C TYR C 126 -33.99 75.96 -12.08
N ILE C 127 -32.80 76.28 -11.55
CA ILE C 127 -32.50 77.54 -10.79
C ILE C 127 -32.62 78.76 -11.73
N THR C 128 -32.15 78.66 -12.98
CA THR C 128 -32.19 79.74 -14.01
C THR C 128 -33.65 80.04 -14.36
N ALA C 129 -34.48 79.00 -14.58
CA ALA C 129 -35.93 79.12 -14.85
C ALA C 129 -36.66 79.71 -13.63
N ARG C 130 -36.23 79.36 -12.39
CA ARG C 130 -36.81 79.83 -11.10
C ARG C 130 -36.46 81.31 -10.79
N ILE C 131 -35.56 81.92 -11.56
CA ILE C 131 -35.17 83.36 -11.43
C ILE C 131 -35.89 84.21 -12.49
N MET C 132 -36.30 83.61 -13.62
CA MET C 132 -37.16 84.26 -14.67
C MET C 132 -38.64 83.89 -14.49
N ALA C 133 -38.96 82.88 -13.67
CA ALA C 133 -40.34 82.51 -13.24
C ALA C 133 -40.96 83.64 -12.42
N LYS C 134 -40.12 84.56 -11.90
CA LYS C 134 -40.42 85.63 -10.90
C LYS C 134 -40.71 84.99 -9.53
N ARG C 135 -40.09 83.84 -9.26
CA ARG C 135 -40.27 83.01 -8.03
C ARG C 135 -38.92 82.90 -7.31
N PRO C 136 -38.43 83.99 -6.67
CA PRO C 136 -37.18 83.92 -5.92
C PRO C 136 -37.40 83.06 -4.66
N PHE C 137 -36.29 82.58 -4.07
CA PHE C 137 -36.27 81.68 -2.90
C PHE C 137 -36.42 82.53 -1.63
N ASP C 138 -37.57 83.20 -1.48
CA ASP C 138 -37.85 84.18 -0.39
C ASP C 138 -38.22 83.42 0.88
N LYS C 139 -38.94 82.30 0.74
CA LYS C 139 -39.26 81.34 1.82
C LYS C 139 -38.00 80.56 2.21
N LYS C 140 -37.66 80.59 3.50
CA LYS C 140 -36.56 79.80 4.13
C LYS C 140 -36.92 78.32 4.07
N SER C 141 -36.10 77.50 3.39
CA SER C 141 -36.32 76.04 3.24
C SER C 141 -36.32 75.37 4.62
N ASN C 142 -36.72 74.09 4.68
CA ASN C 142 -36.85 73.29 5.93
C ASN C 142 -35.65 72.34 6.04
N SER C 143 -34.43 72.83 5.78
CA SER C 143 -33.18 72.02 5.75
C SER C 143 -32.91 71.45 7.15
N ALA C 144 -32.79 70.12 7.23
CA ALA C 144 -32.70 69.39 8.51
C ALA C 144 -31.65 70.08 9.39
N LEU C 145 -30.49 70.42 8.80
CA LEU C 145 -29.32 71.02 9.51
C LEU C 145 -29.77 72.29 10.23
N PHE C 146 -30.41 73.21 9.51
CA PHE C 146 -30.81 74.53 10.04
C PHE C 146 -32.08 74.42 10.89
N ARG C 147 -32.86 73.35 10.71
CA ARG C 147 -33.99 73.03 11.61
C ARG C 147 -33.41 72.63 12.97
N ALA C 148 -32.52 71.64 12.98
CA ALA C 148 -31.79 71.13 14.17
C ALA C 148 -31.02 72.26 14.87
N VAL C 149 -30.44 73.21 14.12
CA VAL C 149 -29.63 74.34 14.69
C VAL C 149 -30.58 75.25 15.48
N GLY C 150 -31.72 75.61 14.90
CA GLY C 150 -32.78 76.38 15.59
C GLY C 150 -33.20 75.68 16.87
N GLU C 151 -33.48 74.37 16.76
CA GLU C 151 -33.86 73.45 17.87
C GLU C 151 -32.71 73.36 18.90
N GLY C 152 -31.45 73.45 18.46
CA GLY C 152 -30.23 73.34 19.31
C GLY C 152 -29.60 71.94 19.28
N ASN C 153 -29.86 71.16 18.21
CA ASN C 153 -29.43 69.75 18.00
C ASN C 153 -28.25 69.64 17.02
N ALA C 154 -27.78 70.76 16.48
CA ALA C 154 -26.54 70.86 15.68
C ALA C 154 -25.83 72.18 16.01
N GLN C 155 -24.50 72.22 15.95
CA GLN C 155 -23.68 73.45 16.14
C GLN C 155 -22.77 73.58 14.93
N LEU C 156 -22.91 74.68 14.20
CA LEU C 156 -22.25 74.92 12.88
C LEU C 156 -21.11 75.92 13.10
N VAL C 157 -19.93 75.60 12.57
CA VAL C 157 -18.76 76.51 12.43
C VAL C 157 -18.39 76.50 10.94
N ALA C 158 -18.01 77.68 10.43
CA ALA C 158 -17.60 77.88 9.02
C ALA C 158 -16.09 77.89 8.96
N ILE C 159 -15.53 77.07 8.08
CA ILE C 159 -14.09 77.06 7.73
C ILE C 159 -13.99 77.54 6.28
N PHE C 160 -12.90 78.24 5.97
CA PHE C 160 -12.60 78.75 4.61
C PHE C 160 -11.18 78.34 4.21
N GLY C 161 -11.10 77.70 3.05
CA GLY C 161 -9.87 77.12 2.48
C GLY C 161 -9.02 78.19 1.84
N GLY C 162 -7.71 77.94 1.76
CA GLY C 162 -6.74 78.87 1.15
C GLY C 162 -6.06 78.27 -0.08
N GLN C 163 -4.79 78.59 -0.21
CA GLN C 163 -3.94 78.27 -1.39
C GLN C 163 -3.50 76.81 -1.28
N GLY C 164 -3.14 76.20 -2.41
CA GLY C 164 -2.50 74.88 -2.47
C GLY C 164 -3.47 73.71 -2.38
N ASN C 165 -4.77 73.97 -2.16
CA ASN C 165 -5.83 72.94 -2.08
C ASN C 165 -6.07 72.35 -3.47
N THR C 166 -6.04 73.21 -4.49
CA THR C 166 -6.14 72.82 -5.91
C THR C 166 -5.21 73.71 -6.74
N ASP C 167 -4.66 73.13 -7.82
CA ASP C 167 -3.83 73.79 -8.86
C ASP C 167 -4.73 74.68 -9.74
N ASP C 168 -5.88 74.12 -10.17
CA ASP C 168 -6.85 74.71 -11.13
C ASP C 168 -8.13 75.14 -10.40
N TYR C 169 -7.98 76.06 -9.46
CA TYR C 169 -9.09 76.68 -8.67
C TYR C 169 -10.04 77.43 -9.61
N PHE C 170 -9.53 77.99 -10.71
CA PHE C 170 -10.30 78.89 -11.61
C PHE C 170 -11.43 78.13 -12.30
N GLU C 171 -11.30 76.81 -12.48
CA GLU C 171 -12.42 75.97 -13.01
C GLU C 171 -13.61 76.06 -12.05
N GLU C 172 -13.37 75.97 -10.73
CA GLU C 172 -14.40 76.09 -9.67
C GLU C 172 -15.18 77.40 -9.84
N LEU C 173 -14.48 78.52 -10.01
CA LEU C 173 -15.12 79.84 -10.27
C LEU C 173 -15.89 79.75 -11.60
N ARG C 174 -15.31 79.16 -12.65
CA ARG C 174 -15.95 79.06 -13.99
C ARG C 174 -17.28 78.31 -13.91
N ASP C 175 -17.34 77.22 -13.14
CA ASP C 175 -18.56 76.37 -12.96
C ASP C 175 -19.61 77.13 -12.13
N LEU C 176 -19.18 77.91 -11.12
CA LEU C 176 -20.07 78.82 -10.34
C LEU C 176 -20.68 79.87 -11.29
N TYR C 177 -19.90 80.46 -12.20
CA TYR C 177 -20.32 81.52 -13.14
C TYR C 177 -21.22 80.97 -14.26
N GLN C 178 -21.14 79.66 -14.52
CA GLN C 178 -21.95 78.97 -15.57
C GLN C 178 -23.29 78.50 -14.97
N THR C 179 -23.23 77.62 -13.95
CA THR C 179 -24.41 76.90 -13.38
C THR C 179 -25.21 77.83 -12.44
N TYR C 180 -24.53 78.69 -11.66
CA TYR C 180 -25.15 79.50 -10.57
C TYR C 180 -25.08 81.01 -10.90
N HIS C 181 -24.92 81.37 -12.17
CA HIS C 181 -24.82 82.78 -12.66
C HIS C 181 -25.98 83.60 -12.07
N VAL C 182 -27.19 83.05 -12.17
CA VAL C 182 -28.50 83.73 -11.87
C VAL C 182 -28.60 84.11 -10.39
N LEU C 183 -27.72 83.59 -9.52
CA LEU C 183 -27.56 84.05 -8.12
C LEU C 183 -26.37 85.03 -8.01
N VAL C 184 -25.17 84.58 -8.38
CA VAL C 184 -23.87 85.23 -8.00
C VAL C 184 -23.30 86.08 -9.14
N GLY C 185 -23.99 86.18 -10.29
CA GLY C 185 -23.61 87.07 -11.39
C GLY C 185 -23.31 88.47 -10.89
N ASP C 186 -24.13 88.97 -9.95
CA ASP C 186 -24.09 90.34 -9.37
C ASP C 186 -22.79 90.56 -8.58
N LEU C 187 -22.42 89.58 -7.75
CA LEU C 187 -21.19 89.61 -6.90
C LEU C 187 -19.95 89.51 -7.78
N ILE C 188 -19.97 88.58 -8.74
CA ILE C 188 -18.82 88.26 -9.65
C ILE C 188 -18.48 89.49 -10.48
N LYS C 189 -19.48 90.15 -11.06
CA LYS C 189 -19.28 91.39 -11.87
C LYS C 189 -18.91 92.55 -10.92
N PHE C 190 -19.44 92.58 -9.69
CA PHE C 190 -19.12 93.61 -8.68
C PHE C 190 -17.66 93.50 -8.24
N SER C 191 -17.20 92.29 -7.95
CA SER C 191 -15.79 91.99 -7.62
C SER C 191 -14.89 92.40 -8.78
N ALA C 192 -15.22 91.95 -10.00
CA ALA C 192 -14.47 92.23 -11.26
C ALA C 192 -14.26 93.75 -11.39
N GLU C 193 -15.33 94.54 -11.27
CA GLU C 193 -15.31 96.01 -11.46
C GLU C 193 -14.64 96.70 -10.26
N THR C 194 -14.70 96.11 -9.06
CA THR C 194 -13.95 96.60 -7.86
C THR C 194 -12.44 96.45 -8.11
N LEU C 195 -12.01 95.27 -8.55
CA LEU C 195 -10.61 94.97 -8.92
C LEU C 195 -10.15 95.95 -10.01
N SER C 196 -10.90 96.04 -11.12
CA SER C 196 -10.63 96.95 -12.27
C SER C 196 -10.39 98.40 -11.78
N GLU C 197 -11.17 98.84 -10.78
CA GLU C 197 -11.00 100.16 -10.11
C GLU C 197 -9.66 100.17 -9.36
N LEU C 198 -9.40 99.12 -8.55
CA LEU C 198 -8.20 99.00 -7.66
C LEU C 198 -6.90 98.97 -8.47
N ILE C 199 -6.95 98.43 -9.70
CA ILE C 199 -5.82 98.41 -10.69
C ILE C 199 -5.43 99.86 -11.01
N ARG C 200 -6.41 100.68 -11.41
CA ARG C 200 -6.23 102.09 -11.83
C ARG C 200 -5.96 103.00 -10.62
N THR C 201 -6.36 102.56 -9.41
CA THR C 201 -6.19 103.29 -8.12
C THR C 201 -4.80 103.02 -7.52
N THR C 202 -4.43 101.75 -7.36
CA THR C 202 -3.10 101.33 -6.87
C THR C 202 -2.04 101.76 -7.87
N LEU C 203 -0.90 102.26 -7.39
CA LEU C 203 0.10 102.98 -8.21
C LEU C 203 0.67 102.05 -9.28
N ASP C 204 1.32 100.95 -8.88
CA ASP C 204 2.14 100.08 -9.78
C ASP C 204 1.37 98.81 -10.19
N ALA C 205 0.20 98.53 -9.60
CA ALA C 205 -0.56 97.25 -9.76
C ALA C 205 -0.50 96.76 -11.22
N GLU C 206 -0.71 97.66 -12.18
CA GLU C 206 -0.80 97.39 -13.65
C GLU C 206 0.35 96.48 -14.13
N LYS C 207 1.58 96.71 -13.65
CA LYS C 207 2.79 95.98 -14.10
C LYS C 207 2.60 94.48 -13.80
N VAL C 208 2.09 94.16 -12.60
CA VAL C 208 1.98 92.77 -12.05
C VAL C 208 0.98 92.00 -12.91
N PHE C 209 -0.17 92.61 -13.19
CA PHE C 209 -1.24 92.04 -14.05
C PHE C 209 -0.83 92.23 -15.52
N THR C 210 0.09 91.37 -15.99
CA THR C 210 0.71 91.44 -17.35
C THR C 210 -0.37 91.17 -18.42
N GLN C 211 -1.17 90.09 -18.27
CA GLN C 211 -2.27 89.70 -19.20
C GLN C 211 -3.64 90.18 -18.70
N GLY C 212 -3.68 91.37 -18.10
CA GLY C 212 -4.89 92.03 -17.58
C GLY C 212 -5.54 91.27 -16.44
N LEU C 213 -6.70 91.75 -15.99
CA LEU C 213 -7.56 91.09 -14.98
C LEU C 213 -9.02 91.22 -15.44
N ASN C 214 -9.30 90.92 -16.70
CA ASN C 214 -10.67 90.91 -17.28
C ASN C 214 -11.27 89.53 -17.02
N ILE C 215 -11.50 89.20 -15.75
CA ILE C 215 -11.90 87.84 -15.28
C ILE C 215 -13.20 87.43 -15.98
N LEU C 216 -14.11 88.37 -16.15
CA LEU C 216 -15.44 88.13 -16.77
C LEU C 216 -15.23 87.59 -18.19
N GLU C 217 -14.46 88.29 -19.02
CA GLU C 217 -14.19 87.86 -20.42
C GLU C 217 -13.55 86.46 -20.40
N TRP C 218 -12.68 86.18 -19.42
CA TRP C 218 -12.00 84.86 -19.26
C TRP C 218 -13.05 83.79 -18.93
N LEU C 219 -14.14 84.17 -18.27
CA LEU C 219 -15.21 83.24 -17.80
C LEU C 219 -16.16 82.87 -18.95
N GLU C 220 -16.67 83.86 -19.70
CA GLU C 220 -17.59 83.63 -20.85
C GLU C 220 -16.88 82.82 -21.95
N ASN C 221 -15.67 83.25 -22.32
CA ASN C 221 -14.81 82.62 -23.35
C ASN C 221 -13.63 81.93 -22.67
N PRO C 222 -13.59 80.57 -22.59
CA PRO C 222 -12.41 79.83 -22.10
C PRO C 222 -11.07 80.08 -22.83
N SER C 223 -11.11 80.36 -24.13
CA SER C 223 -9.93 80.60 -25.00
C SER C 223 -9.18 81.87 -24.55
N ASN C 224 -9.91 82.96 -24.29
CA ASN C 224 -9.32 84.28 -23.93
C ASN C 224 -8.72 84.21 -22.52
N THR C 225 -9.16 83.27 -21.68
CA THR C 225 -8.54 82.98 -20.35
C THR C 225 -7.05 82.78 -20.54
N PRO C 226 -6.17 83.52 -19.80
CA PRO C 226 -4.73 83.37 -19.96
C PRO C 226 -4.20 81.96 -19.66
N ASP C 227 -2.90 81.79 -19.79
CA ASP C 227 -2.17 80.54 -19.42
C ASP C 227 -2.44 80.25 -17.94
N LYS C 228 -2.37 78.97 -17.56
CA LYS C 228 -2.71 78.49 -16.20
C LYS C 228 -1.66 78.99 -15.18
N ASP C 229 -0.38 79.05 -15.55
CA ASP C 229 0.72 79.53 -14.68
C ASP C 229 0.49 80.98 -14.28
N TYR C 230 -0.14 81.78 -15.16
CA TYR C 230 -0.51 83.18 -14.85
C TYR C 230 -1.65 83.22 -13.82
N LEU C 231 -2.62 82.30 -13.90
CA LEU C 231 -3.74 82.25 -12.94
C LEU C 231 -3.24 81.87 -11.54
N LEU C 232 -2.23 81.00 -11.45
CA LEU C 232 -1.69 80.58 -10.13
C LEU C 232 -1.05 81.78 -9.41
N SER C 233 -0.51 82.78 -10.12
CA SER C 233 0.18 83.96 -9.50
C SER C 233 -0.77 84.61 -8.49
N ILE C 234 -0.22 84.96 -7.32
CA ILE C 234 -0.98 85.26 -6.08
C ILE C 234 -1.87 86.50 -6.21
N PRO C 235 -1.49 87.57 -6.97
CA PRO C 235 -2.30 88.79 -7.06
C PRO C 235 -3.61 88.55 -7.80
N ILE C 236 -3.66 87.51 -8.62
CA ILE C 236 -4.88 87.04 -9.33
C ILE C 236 -5.59 86.03 -8.41
N SER C 237 -4.87 85.02 -7.95
CA SER C 237 -5.41 83.88 -7.16
C SER C 237 -6.09 84.40 -5.90
N CYS C 238 -5.37 85.16 -5.05
CA CYS C 238 -5.84 85.59 -3.70
C CYS C 238 -7.26 86.15 -3.80
N PRO C 239 -7.48 87.30 -4.48
CA PRO C 239 -8.80 87.94 -4.48
C PRO C 239 -9.87 87.04 -5.11
N LEU C 240 -9.51 86.29 -6.16
CA LEU C 240 -10.44 85.37 -6.89
C LEU C 240 -10.81 84.17 -6.00
N ILE C 241 -9.87 83.62 -5.24
CA ILE C 241 -10.17 82.53 -4.27
C ILE C 241 -11.14 83.09 -3.22
N GLY C 242 -10.84 84.28 -2.66
CA GLY C 242 -11.76 85.02 -1.77
C GLY C 242 -13.15 85.16 -2.37
N VAL C 243 -13.22 85.53 -3.65
CA VAL C 243 -14.49 85.61 -4.44
C VAL C 243 -15.17 84.24 -4.42
N ILE C 244 -14.44 83.15 -4.72
CA ILE C 244 -15.00 81.76 -4.86
C ILE C 244 -15.71 81.38 -3.56
N GLN C 245 -15.06 81.57 -2.41
CA GLN C 245 -15.64 81.25 -1.08
C GLN C 245 -16.93 82.06 -0.89
N LEU C 246 -16.88 83.36 -1.20
CA LEU C 246 -18.03 84.30 -1.05
C LEU C 246 -19.14 83.94 -2.05
N ALA C 247 -18.78 83.41 -3.23
CA ALA C 247 -19.74 82.89 -4.24
C ALA C 247 -20.49 81.67 -3.67
N HIS C 248 -19.78 80.75 -3.01
CA HIS C 248 -20.37 79.54 -2.37
C HIS C 248 -21.16 79.90 -1.12
N TYR C 249 -20.81 80.99 -0.43
CA TYR C 249 -21.57 81.53 0.74
C TYR C 249 -22.89 82.14 0.27
N VAL C 250 -22.86 82.88 -0.85
CA VAL C 250 -24.04 83.54 -1.47
C VAL C 250 -25.00 82.46 -1.98
N VAL C 251 -24.50 81.46 -2.72
CA VAL C 251 -25.32 80.31 -3.20
C VAL C 251 -26.02 79.63 -2.02
N THR C 252 -25.28 79.37 -0.92
CA THR C 252 -25.81 78.73 0.31
C THR C 252 -26.96 79.58 0.86
N ALA C 253 -26.76 80.89 1.01
CA ALA C 253 -27.69 81.87 1.63
C ALA C 253 -28.99 81.98 0.80
N LYS C 254 -28.87 82.06 -0.52
CA LYS C 254 -30.01 82.30 -1.45
C LYS C 254 -30.86 81.02 -1.59
N LEU C 255 -30.23 79.85 -1.74
CA LEU C 255 -30.96 78.56 -1.95
C LEU C 255 -31.68 78.10 -0.68
N LEU C 256 -31.22 78.53 0.50
CA LEU C 256 -31.86 78.27 1.83
C LEU C 256 -32.76 79.43 2.23
N GLY C 257 -32.95 80.41 1.33
CA GLY C 257 -33.76 81.61 1.55
C GLY C 257 -33.27 82.41 2.73
N PHE C 258 -31.96 82.39 2.97
CA PHE C 258 -31.29 83.16 4.05
C PHE C 258 -30.72 84.44 3.46
N THR C 259 -30.84 85.52 4.22
CA THR C 259 -30.05 86.76 4.05
C THR C 259 -28.66 86.46 4.58
N PRO C 260 -27.62 87.19 4.14
CA PRO C 260 -26.26 86.98 4.66
C PRO C 260 -26.12 87.09 6.19
N GLY C 261 -26.91 87.95 6.84
CA GLY C 261 -26.97 88.10 8.30
C GLY C 261 -27.69 86.95 8.98
N GLU C 262 -28.66 86.35 8.28
CA GLU C 262 -29.45 85.16 8.76
C GLU C 262 -28.56 83.93 8.79
N LEU C 263 -27.86 83.64 7.69
CA LEU C 263 -26.90 82.50 7.57
C LEU C 263 -25.76 82.70 8.57
N ARG C 264 -25.21 83.91 8.68
CA ARG C 264 -24.10 84.26 9.62
C ARG C 264 -24.55 84.09 11.08
N SER C 265 -25.83 84.26 11.38
CA SER C 265 -26.43 84.05 12.73
C SER C 265 -26.44 82.56 13.13
N TYR C 266 -26.62 81.64 12.17
CA TYR C 266 -26.71 80.17 12.37
C TYR C 266 -25.32 79.52 12.45
N LEU C 267 -24.24 80.30 12.49
CA LEU C 267 -22.84 79.80 12.64
C LEU C 267 -22.31 80.19 14.03
N LYS C 268 -21.89 79.19 14.81
CA LYS C 268 -21.29 79.35 16.15
C LYS C 268 -20.02 80.20 16.06
N GLY C 269 -19.20 79.91 15.05
CA GLY C 269 -18.00 80.69 14.71
C GLY C 269 -17.65 80.51 13.24
N ALA C 270 -16.71 81.33 12.76
CA ALA C 270 -16.11 81.24 11.41
C ALA C 270 -14.59 81.18 11.58
N THR C 271 -13.89 80.59 10.63
CA THR C 271 -12.41 80.61 10.57
C THR C 271 -11.95 80.29 9.16
N GLY C 272 -10.69 80.59 8.88
CA GLY C 272 -10.09 80.36 7.57
C GLY C 272 -8.67 79.87 7.67
N HIS C 273 -8.21 79.24 6.59
CA HIS C 273 -6.83 78.72 6.43
C HIS C 273 -6.03 79.69 5.57
N SER C 274 -4.96 80.27 6.15
CA SER C 274 -4.07 81.28 5.52
C SER C 274 -4.88 82.51 5.11
N GLN C 275 -5.27 82.61 3.82
CA GLN C 275 -6.00 83.75 3.19
C GLN C 275 -7.52 83.51 3.18
N GLY C 276 -7.97 82.29 3.50
CA GLY C 276 -9.38 81.99 3.79
C GLY C 276 -9.92 82.86 4.92
N LEU C 277 -9.09 83.16 5.93
CA LEU C 277 -9.46 83.88 7.19
C LEU C 277 -10.02 85.27 6.89
N VAL C 278 -9.67 85.85 5.74
CA VAL C 278 -10.22 87.16 5.26
C VAL C 278 -11.68 86.98 4.82
N THR C 279 -12.06 85.82 4.28
CA THR C 279 -13.47 85.50 3.88
C THR C 279 -14.35 85.31 5.13
N ALA C 280 -13.81 84.79 6.23
CA ALA C 280 -14.52 84.55 7.51
C ALA C 280 -14.85 85.88 8.21
N VAL C 281 -13.90 86.83 8.24
CA VAL C 281 -14.11 88.19 8.83
C VAL C 281 -15.00 89.04 7.90
N ALA C 282 -15.06 88.73 6.60
CA ALA C 282 -15.93 89.42 5.61
C ALA C 282 -17.39 89.16 5.96
N ILE C 283 -17.79 87.88 6.05
CA ILE C 283 -19.20 87.45 6.28
C ILE C 283 -19.65 87.78 7.72
N ALA C 284 -18.73 87.99 8.67
CA ALA C 284 -19.08 88.23 10.09
C ALA C 284 -19.73 89.61 10.25
N GLU C 285 -19.37 90.57 9.40
CA GLU C 285 -19.86 91.98 9.42
C GLU C 285 -21.25 92.06 8.76
N THR C 286 -21.49 91.30 7.68
CA THR C 286 -22.68 91.45 6.79
C THR C 286 -23.97 91.30 7.60
N ASP C 287 -25.01 91.99 7.14
CA ASP C 287 -26.41 91.89 7.63
C ASP C 287 -27.30 91.47 6.45
N SER C 288 -27.63 92.40 5.54
CA SER C 288 -28.62 92.21 4.46
C SER C 288 -27.93 91.87 3.13
N TRP C 289 -28.67 91.78 2.02
CA TRP C 289 -28.14 91.61 0.63
C TRP C 289 -27.52 92.93 0.13
N GLU C 290 -28.10 94.06 0.55
CA GLU C 290 -27.65 95.44 0.17
C GLU C 290 -26.32 95.76 0.88
N SER C 291 -26.27 95.45 2.19
CA SER C 291 -25.10 95.65 3.07
C SER C 291 -24.04 94.53 2.90
N PHE C 292 -24.23 93.59 1.95
CA PHE C 292 -23.29 92.48 1.63
C PHE C 292 -22.15 92.98 0.74
N PHE C 293 -22.48 93.86 -0.21
CA PHE C 293 -21.56 94.36 -1.27
C PHE C 293 -20.59 95.41 -0.71
N VAL C 294 -20.62 95.67 0.61
CA VAL C 294 -19.61 96.47 1.38
C VAL C 294 -18.73 95.53 2.24
N SER C 295 -19.27 94.39 2.65
CA SER C 295 -18.51 93.32 3.35
C SER C 295 -17.48 92.71 2.38
N VAL C 296 -17.92 92.33 1.17
CA VAL C 296 -17.05 91.73 0.11
C VAL C 296 -15.98 92.73 -0.32
N ARG C 297 -16.34 94.00 -0.55
CA ARG C 297 -15.44 95.03 -1.15
C ARG C 297 -14.20 95.22 -0.27
N LYS C 298 -14.38 95.23 1.06
CA LYS C 298 -13.28 95.23 2.05
C LYS C 298 -12.42 93.97 1.86
N ALA C 299 -13.05 92.78 1.82
CA ALA C 299 -12.38 91.48 1.63
C ALA C 299 -11.57 91.49 0.32
N ILE C 300 -12.21 91.86 -0.80
CA ILE C 300 -11.56 91.97 -2.14
C ILE C 300 -10.33 92.89 -2.02
N THR C 301 -10.44 94.02 -1.31
CA THR C 301 -9.32 94.97 -1.05
C THR C 301 -8.22 94.25 -0.27
N VAL C 302 -8.59 93.59 0.85
CA VAL C 302 -7.64 92.99 1.82
C VAL C 302 -6.77 91.95 1.11
N LEU C 303 -7.39 91.08 0.32
CA LEU C 303 -6.70 89.99 -0.44
C LEU C 303 -5.82 90.60 -1.55
N PHE C 304 -6.36 91.59 -2.27
CA PHE C 304 -5.71 92.24 -3.43
C PHE C 304 -4.37 92.85 -2.99
N PHE C 305 -4.39 93.71 -1.97
CA PHE C 305 -3.19 94.40 -1.45
C PHE C 305 -2.25 93.41 -0.76
N ILE C 306 -2.74 92.23 -0.35
CA ILE C 306 -1.85 91.09 0.03
C ILE C 306 -1.14 90.63 -1.25
N GLY C 307 -1.93 90.16 -2.22
CA GLY C 307 -1.45 89.57 -3.49
C GLY C 307 -0.35 90.40 -4.11
N VAL C 308 -0.58 91.71 -4.27
CA VAL C 308 0.36 92.64 -4.96
C VAL C 308 1.64 92.78 -4.13
N ARG C 309 1.54 93.05 -2.81
CA ARG C 309 2.70 93.43 -1.95
C ARG C 309 3.60 92.23 -1.64
N CYS C 310 3.03 91.02 -1.55
CA CYS C 310 3.77 89.74 -1.42
C CYS C 310 4.53 89.45 -2.72
N TYR C 311 3.91 89.75 -3.88
CA TYR C 311 4.48 89.54 -5.24
C TYR C 311 5.67 90.48 -5.48
N GLU C 312 5.60 91.70 -4.96
CA GLU C 312 6.63 92.77 -5.13
C GLU C 312 7.86 92.48 -4.24
N ALA C 313 7.65 92.06 -3.00
CA ALA C 313 8.74 91.78 -2.02
C ALA C 313 9.52 90.53 -2.44
N TYR C 314 8.82 89.45 -2.79
CA TYR C 314 9.40 88.15 -3.24
C TYR C 314 8.69 87.66 -4.49
N PRO C 315 9.14 88.11 -5.68
CA PRO C 315 8.61 87.59 -6.93
C PRO C 315 9.28 86.24 -7.20
N ASN C 316 8.50 85.30 -7.73
CA ASN C 316 8.96 83.96 -8.20
C ASN C 316 9.76 84.16 -9.49
N THR C 317 11.02 83.71 -9.50
CA THR C 317 11.95 83.81 -10.66
C THR C 317 12.03 82.44 -11.34
N SER C 318 12.54 82.40 -12.58
CA SER C 318 12.87 81.17 -13.32
C SER C 318 13.85 80.33 -12.49
N LEU C 319 13.55 79.03 -12.29
CA LEU C 319 14.36 78.06 -11.50
C LEU C 319 15.39 77.37 -12.41
N PRO C 320 16.65 77.10 -11.96
CA PRO C 320 17.62 76.38 -12.79
C PRO C 320 17.06 75.09 -13.40
N PRO C 321 17.28 74.79 -14.70
CA PRO C 321 16.66 73.63 -15.35
C PRO C 321 17.04 72.25 -14.76
N SER C 322 18.32 72.07 -14.38
CA SER C 322 18.91 70.81 -13.82
C SER C 322 18.16 70.36 -12.55
N ILE C 323 17.69 71.34 -11.78
CA ILE C 323 16.76 71.13 -10.62
C ILE C 323 15.41 70.65 -11.18
N LEU C 324 14.84 71.35 -12.16
CA LEU C 324 13.46 71.10 -12.69
C LEU C 324 13.36 69.67 -13.22
N GLU C 325 14.34 69.17 -13.97
CA GLU C 325 14.31 67.77 -14.52
C GLU C 325 14.51 66.77 -13.38
N ASP C 326 15.42 67.07 -12.45
CA ASP C 326 15.79 66.19 -11.30
C ASP C 326 14.55 65.86 -10.44
N SER C 327 13.74 66.87 -10.09
CA SER C 327 12.45 66.68 -9.38
C SER C 327 11.46 65.85 -10.24
N LEU C 328 11.49 65.97 -11.57
CA LEU C 328 10.50 65.30 -12.49
C LEU C 328 10.75 63.78 -12.55
N GLU C 329 11.98 63.31 -12.79
CA GLU C 329 12.27 61.84 -12.80
C GLU C 329 12.25 61.29 -11.37
N ASN C 330 12.39 62.14 -10.35
CA ASN C 330 12.22 61.76 -8.91
C ASN C 330 10.73 61.63 -8.55
N ASN C 331 9.81 62.01 -9.46
CA ASN C 331 8.34 61.83 -9.36
C ASN C 331 7.73 62.82 -8.36
N GLU C 332 8.50 63.79 -7.88
CA GLU C 332 7.99 64.91 -7.03
C GLU C 332 7.24 65.87 -7.95
N GLY C 333 6.49 66.81 -7.38
CA GLY C 333 5.96 67.96 -8.14
C GLY C 333 7.08 68.85 -8.68
N VAL C 334 6.75 69.73 -9.62
CA VAL C 334 7.57 70.93 -9.96
C VAL C 334 7.84 71.71 -8.68
N PRO C 335 9.10 72.14 -8.39
CA PRO C 335 9.39 72.96 -7.21
C PRO C 335 8.52 74.21 -7.09
N SER C 336 8.17 74.54 -5.86
CA SER C 336 7.26 75.67 -5.51
C SER C 336 7.80 76.33 -4.25
N PRO C 337 7.24 77.47 -3.83
CA PRO C 337 7.52 78.01 -2.50
C PRO C 337 7.01 77.26 -1.26
N MET C 338 6.10 76.27 -1.38
CA MET C 338 5.59 75.48 -0.21
C MET C 338 5.62 73.97 -0.50
N LEU C 339 6.34 73.21 0.33
CA LEU C 339 6.48 71.73 0.25
C LEU C 339 5.66 71.09 1.37
N SER C 340 4.81 70.11 1.04
CA SER C 340 3.88 69.40 1.97
C SER C 340 4.43 68.02 2.36
N ILE C 341 4.93 67.92 3.59
CA ILE C 341 5.50 66.68 4.19
C ILE C 341 4.40 66.00 5.00
N SER C 342 3.88 64.87 4.51
CA SER C 342 2.91 64.01 5.24
C SER C 342 3.68 63.00 6.10
N ASN C 343 3.00 62.36 7.05
CA ASN C 343 3.45 61.14 7.76
C ASN C 343 4.82 61.38 8.42
N LEU C 344 5.08 62.59 8.94
CA LEU C 344 6.23 62.90 9.85
C LEU C 344 5.80 63.83 10.97
N THR C 345 6.26 63.55 12.19
CA THR C 345 6.06 64.39 13.39
C THR C 345 6.69 65.77 13.13
N GLN C 346 6.17 66.81 13.79
CA GLN C 346 6.67 68.20 13.68
C GLN C 346 8.12 68.26 14.17
N GLU C 347 8.46 67.48 15.19
CA GLU C 347 9.83 67.46 15.78
C GLU C 347 10.84 67.02 14.70
N GLN C 348 10.51 65.99 13.92
CA GLN C 348 11.40 65.41 12.88
C GLN C 348 11.63 66.41 11.75
N VAL C 349 10.54 67.01 11.25
CA VAL C 349 10.57 68.03 10.16
C VAL C 349 11.34 69.27 10.67
N GLN C 350 11.15 69.67 11.93
CA GLN C 350 11.89 70.80 12.54
C GLN C 350 13.39 70.45 12.60
N ASP C 351 13.70 69.19 12.88
CA ASP C 351 15.08 68.63 12.90
C ASP C 351 15.70 68.83 11.52
N TYR C 352 15.05 68.33 10.46
CA TYR C 352 15.55 68.35 9.05
C TYR C 352 15.76 69.79 8.57
N VAL C 353 14.79 70.69 8.82
CA VAL C 353 14.88 72.12 8.38
C VAL C 353 16.00 72.80 9.17
N ASN C 354 16.24 72.43 10.43
CA ASN C 354 17.36 72.96 11.24
C ASN C 354 18.69 72.60 10.58
N LYS C 355 18.83 71.34 10.14
CA LYS C 355 20.04 70.82 9.42
C LYS C 355 20.25 71.60 8.12
N THR C 356 19.19 71.75 7.32
CA THR C 356 19.20 72.52 6.04
C THR C 356 19.58 73.98 6.39
N ASN C 357 18.82 74.64 7.26
CA ASN C 357 18.97 76.08 7.60
C ASN C 357 20.36 76.35 8.20
N SER C 358 20.99 75.38 8.85
CA SER C 358 22.36 75.51 9.39
C SER C 358 23.28 76.05 8.28
N HIS C 359 23.29 75.37 7.11
CA HIS C 359 24.15 75.65 5.93
C HIS C 359 23.73 76.96 5.26
N LEU C 360 22.44 77.13 4.97
CA LEU C 360 21.90 78.28 4.21
C LEU C 360 22.04 79.58 5.01
N PRO C 361 22.13 80.75 4.33
CA PRO C 361 22.03 82.05 5.01
C PRO C 361 20.58 82.42 5.31
N ALA C 362 20.38 83.48 6.12
CA ALA C 362 19.06 83.95 6.64
C ALA C 362 18.06 84.19 5.51
N GLY C 363 18.50 84.88 4.45
CA GLY C 363 17.66 85.33 3.32
C GLY C 363 17.13 84.19 2.47
N LYS C 364 17.59 82.94 2.67
CA LYS C 364 17.11 81.74 1.94
C LYS C 364 16.51 80.70 2.90
N GLN C 365 16.58 80.91 4.23
CA GLN C 365 16.20 79.87 5.23
C GLN C 365 14.71 79.56 5.09
N VAL C 366 14.34 78.29 5.25
CA VAL C 366 12.94 77.78 5.23
C VAL C 366 12.46 77.58 6.67
N GLU C 367 11.16 77.60 6.89
CA GLU C 367 10.55 77.41 8.23
C GLU C 367 9.17 76.79 8.07
N ILE C 368 8.75 76.02 9.07
CA ILE C 368 7.43 75.31 9.06
C ILE C 368 6.36 76.39 9.15
N SER C 369 5.75 76.73 8.01
CA SER C 369 4.55 77.58 7.89
C SER C 369 3.35 76.89 8.56
N LEU C 370 2.81 75.85 7.93
CA LEU C 370 1.51 75.26 8.32
C LEU C 370 1.78 73.98 9.10
N VAL C 371 1.19 73.88 10.31
CA VAL C 371 1.11 72.65 11.15
C VAL C 371 -0.33 72.14 11.09
N ASN C 372 -0.63 71.33 10.07
CA ASN C 372 -2.01 70.95 9.68
C ASN C 372 -2.45 69.61 10.31
N GLY C 373 -1.66 69.06 11.24
CA GLY C 373 -2.05 67.83 11.97
C GLY C 373 -0.89 67.21 12.72
N ALA C 374 -1.17 66.09 13.39
CA ALA C 374 -0.17 65.26 14.10
C ALA C 374 0.99 65.04 13.14
N LYS C 375 0.67 64.50 11.96
CA LYS C 375 1.63 64.22 10.85
C LYS C 375 1.03 64.80 9.56
N ASN C 376 1.20 66.11 9.37
CA ASN C 376 0.91 66.80 8.09
C ASN C 376 1.42 68.23 8.18
N LEU C 377 2.65 68.47 7.69
CA LEU C 377 3.29 69.79 7.77
C LEU C 377 3.44 70.35 6.36
N VAL C 378 3.57 71.68 6.28
CA VAL C 378 3.85 72.40 5.02
C VAL C 378 4.95 73.40 5.34
N VAL C 379 6.07 73.32 4.60
CA VAL C 379 7.27 74.18 4.81
C VAL C 379 7.34 75.18 3.65
N SER C 380 7.48 76.46 4.01
CA SER C 380 7.59 77.62 3.09
C SER C 380 9.05 78.06 3.01
N GLY C 381 9.42 78.60 1.85
CA GLY C 381 10.70 79.27 1.59
C GLY C 381 11.04 79.29 0.11
N PRO C 382 12.30 79.63 -0.25
CA PRO C 382 12.72 79.69 -1.65
C PRO C 382 12.62 78.31 -2.30
N PRO C 383 12.12 78.21 -3.56
CA PRO C 383 11.99 76.90 -4.22
C PRO C 383 13.29 76.08 -4.23
N GLN C 384 14.45 76.75 -4.36
CA GLN C 384 15.77 76.08 -4.38
C GLN C 384 16.04 75.47 -3.00
N SER C 385 15.88 76.25 -1.93
CA SER C 385 16.09 75.79 -0.52
C SER C 385 15.18 74.59 -0.22
N LEU C 386 13.93 74.61 -0.76
CA LEU C 386 12.93 73.54 -0.54
C LEU C 386 13.31 72.30 -1.37
N TYR C 387 13.95 72.48 -2.53
CA TYR C 387 14.56 71.36 -3.28
C TYR C 387 15.72 70.80 -2.44
N GLY C 388 16.64 71.66 -1.98
CA GLY C 388 17.79 71.28 -1.14
C GLY C 388 17.35 70.47 0.07
N LEU C 389 16.20 70.80 0.67
CA LEU C 389 15.56 70.05 1.79
C LEU C 389 15.05 68.71 1.27
N ASN C 390 14.30 68.71 0.15
CA ASN C 390 13.74 67.49 -0.50
C ASN C 390 14.85 66.43 -0.61
N LEU C 391 16.06 66.83 -1.03
CA LEU C 391 17.25 65.94 -1.17
C LEU C 391 17.50 65.21 0.17
N THR C 392 17.64 65.97 1.26
CA THR C 392 17.82 65.41 2.61
C THR C 392 16.66 64.43 2.89
N LEU C 393 15.43 64.79 2.53
CA LEU C 393 14.22 63.97 2.84
C LEU C 393 14.27 62.65 2.05
N ARG C 394 14.57 62.68 0.74
CA ARG C 394 14.61 61.48 -0.14
C ARG C 394 15.82 60.59 0.21
N LYS C 395 16.86 61.15 0.83
CA LYS C 395 18.01 60.38 1.37
C LYS C 395 17.49 59.47 2.50
N ALA C 396 16.79 60.02 3.49
CA ALA C 396 16.36 59.31 4.72
C ALA C 396 15.11 58.46 4.46
N LYS C 397 14.24 58.85 3.51
CA LYS C 397 12.96 58.15 3.24
C LYS C 397 13.26 56.75 2.74
N ALA C 398 12.37 55.80 3.05
CA ALA C 398 12.39 54.40 2.55
C ALA C 398 11.70 54.35 1.19
N PRO C 399 12.02 53.35 0.32
CA PRO C 399 11.27 53.17 -0.92
C PRO C 399 9.77 52.99 -0.66
N SER C 400 8.93 53.29 -1.66
CA SER C 400 7.44 53.16 -1.62
C SER C 400 7.00 51.73 -1.97
N GLY C 401 7.90 50.89 -2.51
CA GLY C 401 7.67 49.46 -2.82
C GLY C 401 8.66 48.54 -2.12
N LEU C 402 9.12 48.91 -0.91
CA LEU C 402 9.94 48.04 -0.03
C LEU C 402 9.01 47.37 0.99
N ASP C 403 9.21 46.07 1.21
CA ASP C 403 8.47 45.23 2.19
C ASP C 403 9.32 45.14 3.48
N GLN C 404 8.90 45.85 4.52
CA GLN C 404 9.53 45.83 5.88
C GLN C 404 8.61 45.06 6.83
N SER C 405 7.83 44.09 6.33
CA SER C 405 6.87 43.28 7.11
C SER C 405 7.60 42.18 7.92
N ARG C 406 8.86 41.89 7.60
CA ARG C 406 9.70 40.86 8.25
C ARG C 406 10.80 41.50 9.13
N ILE C 407 10.72 42.83 9.32
CA ILE C 407 11.69 43.63 10.11
C ILE C 407 10.97 44.15 11.35
N PRO C 408 11.60 44.09 12.55
CA PRO C 408 10.98 44.61 13.77
C PRO C 408 10.62 46.09 13.66
N PHE C 409 9.44 46.46 14.16
CA PHE C 409 8.83 47.80 14.00
C PHE C 409 9.85 48.92 14.27
N SER C 410 10.62 48.80 15.35
CA SER C 410 11.60 49.81 15.83
C SER C 410 12.69 50.01 14.76
N GLU C 411 13.20 48.91 14.21
CA GLU C 411 14.33 48.90 13.25
C GLU C 411 13.85 49.32 11.85
N ARG C 412 12.53 49.34 11.60
CA ARG C 412 11.93 49.67 10.27
C ARG C 412 12.26 51.10 9.87
N LYS C 413 12.65 51.28 8.61
CA LYS C 413 13.04 52.60 8.04
C LYS C 413 11.78 53.43 7.85
N LEU C 414 11.81 54.69 8.32
CA LEU C 414 10.66 55.63 8.27
C LEU C 414 10.29 55.87 6.81
N LYS C 415 9.01 55.70 6.49
CA LYS C 415 8.45 55.99 5.14
C LYS C 415 7.36 57.04 5.29
N PHE C 416 7.16 57.80 4.21
CA PHE C 416 6.30 59.00 4.14
C PHE C 416 6.27 59.53 2.70
N SER C 417 5.47 60.57 2.48
CA SER C 417 5.31 61.24 1.17
C SER C 417 5.70 62.71 1.31
N ASN C 418 6.06 63.29 0.18
CA ASN C 418 6.37 64.74 0.02
C ASN C 418 5.85 65.13 -1.37
N ARG C 419 5.39 66.38 -1.51
CA ARG C 419 4.94 66.93 -2.81
C ARG C 419 4.83 68.45 -2.68
N PHE C 420 5.39 69.17 -3.65
CA PHE C 420 5.33 70.65 -3.74
C PHE C 420 3.88 71.05 -3.95
N LEU C 421 3.39 71.97 -3.11
CA LEU C 421 2.00 72.50 -3.20
C LEU C 421 1.89 73.36 -4.45
N PRO C 422 0.73 73.34 -5.15
CA PRO C 422 0.49 74.24 -6.27
C PRO C 422 0.24 75.65 -5.69
N VAL C 423 1.32 76.41 -5.55
CA VAL C 423 1.31 77.81 -5.06
C VAL C 423 2.45 78.56 -5.75
N ALA C 424 2.38 79.89 -5.80
CA ALA C 424 3.36 80.75 -6.50
C ALA C 424 4.16 81.63 -5.52
N SER C 425 3.74 81.75 -4.25
CA SER C 425 4.46 82.57 -3.24
C SER C 425 4.50 81.90 -1.87
N PRO C 426 5.61 82.07 -1.12
CA PRO C 426 5.75 81.46 0.19
C PRO C 426 5.03 82.31 1.24
N PHE C 427 3.81 81.95 1.60
CA PHE C 427 3.08 82.57 2.74
C PHE C 427 3.58 81.97 4.05
N HIS C 428 3.44 82.73 5.14
CA HIS C 428 3.79 82.36 6.54
C HIS C 428 5.31 82.20 6.70
N SER C 429 6.08 82.93 5.87
CA SER C 429 7.56 82.95 5.86
C SER C 429 8.06 84.34 6.23
N HIS C 430 9.29 84.42 6.70
CA HIS C 430 10.02 85.70 6.97
C HIS C 430 10.24 86.48 5.67
N LEU C 431 10.22 85.82 4.51
CA LEU C 431 10.51 86.44 3.20
C LEU C 431 9.46 87.50 2.86
N LEU C 432 8.22 87.37 3.34
CA LEU C 432 7.12 88.33 3.09
C LEU C 432 6.98 89.38 4.21
N VAL C 433 7.96 89.47 5.13
CA VAL C 433 8.01 90.48 6.24
C VAL C 433 7.96 91.91 5.68
N PRO C 434 8.75 92.28 4.65
CA PRO C 434 8.73 93.66 4.14
C PRO C 434 7.41 94.09 3.48
N ALA C 435 6.55 93.15 3.08
CA ALA C 435 5.19 93.42 2.54
C ALA C 435 4.25 93.93 3.65
N SER C 436 4.51 93.56 4.92
CA SER C 436 3.71 93.92 6.12
C SER C 436 3.34 95.41 6.11
N ASP C 437 4.34 96.29 6.20
CA ASP C 437 4.12 97.75 6.35
C ASP C 437 3.32 98.29 5.16
N LEU C 438 3.72 97.95 3.92
CA LEU C 438 3.02 98.40 2.68
C LEU C 438 1.54 97.98 2.73
N ILE C 439 1.26 96.73 3.10
CA ILE C 439 -0.12 96.20 3.23
C ILE C 439 -0.88 97.02 4.28
N ASN C 440 -0.25 97.32 5.43
CA ASN C 440 -0.91 98.08 6.53
C ASN C 440 -1.27 99.49 6.04
N LYS C 441 -0.41 100.10 5.20
CA LYS C 441 -0.63 101.45 4.63
C LYS C 441 -1.78 101.41 3.60
N ASP C 442 -1.82 100.39 2.73
CA ASP C 442 -2.81 100.26 1.62
C ASP C 442 -4.24 100.12 2.18
N LEU C 443 -4.40 99.51 3.36
CA LEU C 443 -5.70 99.26 4.03
C LEU C 443 -6.18 100.51 4.81
N VAL C 444 -5.36 101.55 4.95
CA VAL C 444 -5.80 102.89 5.45
C VAL C 444 -5.95 103.86 4.27
N LYS C 445 -5.31 103.59 3.12
CA LYS C 445 -5.37 104.41 1.87
C LYS C 445 -6.65 104.11 1.08
N ASN C 446 -7.31 102.98 1.32
CA ASN C 446 -8.65 102.66 0.75
C ASN C 446 -9.68 102.45 1.88
N ASN C 447 -9.36 102.93 3.09
CA ASN C 447 -10.22 102.92 4.30
C ASN C 447 -10.89 101.55 4.41
N VAL C 448 -10.08 100.58 4.83
CA VAL C 448 -10.50 99.19 5.16
C VAL C 448 -9.89 98.85 6.53
N SER C 449 -10.67 99.03 7.59
CA SER C 449 -10.38 98.56 8.97
C SER C 449 -11.58 97.74 9.49
N PHE C 450 -11.29 96.62 10.15
CA PHE C 450 -12.30 95.70 10.75
C PHE C 450 -12.52 96.14 12.21
N ASN C 451 -13.78 96.34 12.59
CA ASN C 451 -14.20 96.73 13.97
C ASN C 451 -14.69 95.48 14.72
N ALA C 452 -14.20 95.29 15.95
CA ALA C 452 -14.53 94.15 16.83
C ALA C 452 -16.06 94.02 16.97
N LYS C 453 -16.75 95.15 17.07
CA LYS C 453 -18.22 95.24 17.26
C LYS C 453 -18.93 94.81 15.97
N ASP C 454 -18.39 95.24 14.83
CA ASP C 454 -18.93 94.94 13.48
C ASP C 454 -18.89 93.42 13.24
N ILE C 455 -17.85 92.73 13.72
CA ILE C 455 -17.74 91.24 13.70
C ILE C 455 -18.78 90.71 14.68
N GLN C 456 -19.79 90.00 14.17
CA GLN C 456 -20.97 89.55 14.96
C GLN C 456 -20.61 88.23 15.65
N ILE C 457 -20.40 87.17 14.88
CA ILE C 457 -20.03 85.81 15.38
C ILE C 457 -18.54 85.83 15.69
N PRO C 458 -18.01 84.91 16.52
CA PRO C 458 -16.58 84.80 16.75
C PRO C 458 -15.84 84.26 15.50
N VAL C 459 -14.67 84.85 15.23
CA VAL C 459 -13.69 84.41 14.18
C VAL C 459 -12.42 83.94 14.91
N TYR C 460 -11.98 82.72 14.60
CA TYR C 460 -10.87 82.02 15.29
C TYR C 460 -9.56 82.34 14.58
N ASP C 461 -8.59 82.86 15.34
CA ASP C 461 -7.23 83.26 14.89
C ASP C 461 -6.39 82.01 14.63
N THR C 462 -5.79 81.91 13.44
CA THR C 462 -5.05 80.72 12.93
C THR C 462 -3.85 80.44 13.84
N PHE C 463 -3.22 81.49 14.39
CA PHE C 463 -2.01 81.38 15.23
C PHE C 463 -2.36 80.68 16.56
N ASP C 464 -3.09 81.37 17.44
CA ASP C 464 -3.30 80.93 18.86
C ASP C 464 -4.68 80.27 19.04
N GLY C 465 -5.65 80.53 18.15
CA GLY C 465 -7.03 79.99 18.25
C GLY C 465 -7.96 80.89 19.03
N SER C 466 -7.49 82.07 19.44
CA SER C 466 -8.29 83.10 20.14
C SER C 466 -9.30 83.69 19.16
N ASP C 467 -10.40 84.21 19.68
CA ASP C 467 -11.38 85.04 18.92
C ASP C 467 -10.67 86.34 18.52
N LEU C 468 -10.94 86.86 17.31
CA LEU C 468 -10.28 88.09 16.77
C LEU C 468 -10.87 89.34 17.43
N ARG C 469 -12.11 89.28 17.93
CA ARG C 469 -12.88 90.44 18.48
C ARG C 469 -12.23 90.92 19.79
N VAL C 470 -11.73 90.00 20.61
CA VAL C 470 -11.14 90.30 21.96
C VAL C 470 -9.78 90.97 21.78
N LEU C 471 -9.22 91.02 20.56
CA LEU C 471 -7.92 91.71 20.27
C LEU C 471 -8.02 93.18 20.67
N SER C 472 -6.97 93.69 21.32
CA SER C 472 -6.82 95.11 21.75
C SER C 472 -6.52 96.01 20.55
N GLY C 473 -5.53 95.63 19.73
CA GLY C 473 -5.04 96.41 18.57
C GLY C 473 -5.96 96.33 17.36
N SER C 474 -5.42 96.64 16.18
CA SER C 474 -6.10 96.51 14.87
C SER C 474 -6.24 95.03 14.55
N ILE C 475 -7.45 94.61 14.18
CA ILE C 475 -7.76 93.23 13.68
C ILE C 475 -7.08 93.05 12.31
N SER C 476 -7.20 94.05 11.42
CA SER C 476 -6.61 94.05 10.05
C SER C 476 -5.10 93.78 10.12
N GLU C 477 -4.40 94.40 11.08
CA GLU C 477 -2.93 94.17 11.31
C GLU C 477 -2.70 92.72 11.74
N ARG C 478 -3.60 92.14 12.54
CA ARG C 478 -3.47 90.75 13.07
C ARG C 478 -3.69 89.73 11.95
N ILE C 479 -4.75 89.89 11.15
CA ILE C 479 -5.10 88.96 10.03
C ILE C 479 -4.01 88.98 8.95
N VAL C 480 -3.47 90.16 8.61
CA VAL C 480 -2.36 90.32 7.63
C VAL C 480 -1.13 89.55 8.15
N ASP C 481 -0.71 89.80 9.39
CA ASP C 481 0.46 89.13 10.05
C ASP C 481 0.24 87.62 10.09
N CYS C 482 -0.99 87.16 10.34
CA CYS C 482 -1.37 85.71 10.38
C CYS C 482 -1.22 85.05 9.00
N ILE C 483 -1.47 85.80 7.92
CA ILE C 483 -1.39 85.33 6.50
C ILE C 483 0.07 85.38 6.03
N ILE C 484 0.78 86.48 6.29
CA ILE C 484 2.09 86.74 5.61
C ILE C 484 3.25 86.08 6.39
N ARG C 485 3.29 86.19 7.72
CA ARG C 485 4.48 85.77 8.52
C ARG C 485 4.10 84.64 9.49
N LEU C 486 3.07 84.83 10.32
CA LEU C 486 2.77 83.94 11.46
C LEU C 486 2.37 82.56 10.94
N PRO C 487 2.89 81.46 11.54
CA PRO C 487 2.52 80.10 11.15
C PRO C 487 1.08 79.72 11.54
N VAL C 488 0.45 78.87 10.74
CA VAL C 488 -0.95 78.40 10.96
C VAL C 488 -0.89 77.04 11.65
N LYS C 489 -1.37 76.98 12.91
CA LYS C 489 -1.50 75.76 13.73
C LYS C 489 -2.96 75.35 13.67
N TRP C 490 -3.32 74.56 12.66
CA TRP C 490 -4.72 74.22 12.30
C TRP C 490 -5.38 73.32 13.37
N GLU C 491 -4.59 72.66 14.24
CA GLU C 491 -5.12 71.86 15.38
C GLU C 491 -5.19 72.71 16.67
N THR C 492 -4.50 73.85 16.73
CA THR C 492 -4.57 74.83 17.85
C THR C 492 -5.77 75.76 17.66
N THR C 493 -6.04 76.23 16.44
CA THR C 493 -7.21 77.09 16.12
C THR C 493 -8.47 76.26 16.28
N THR C 494 -8.53 75.08 15.65
CA THR C 494 -9.75 74.23 15.59
C THR C 494 -9.94 73.50 16.93
N GLN C 495 -10.12 74.25 18.02
CA GLN C 495 -10.42 73.73 19.37
C GLN C 495 -11.90 73.92 19.69
N PHE C 496 -12.62 74.68 18.87
CA PHE C 496 -14.07 74.92 19.03
C PHE C 496 -14.80 73.58 19.11
N LYS C 497 -15.88 73.55 19.90
CA LYS C 497 -16.81 72.40 20.05
C LYS C 497 -18.05 72.66 19.20
N ALA C 498 -18.19 71.88 18.12
CA ALA C 498 -19.32 71.89 17.16
C ALA C 498 -19.66 70.46 16.76
N THR C 499 -20.75 70.28 16.04
CA THR C 499 -21.25 68.96 15.55
C THR C 499 -21.03 68.89 14.04
N HIS C 500 -21.25 69.98 13.34
CA HIS C 500 -21.12 70.05 11.87
C HIS C 500 -20.11 71.14 11.55
N ILE C 501 -19.36 70.98 10.46
CA ILE C 501 -18.44 72.00 9.90
C ILE C 501 -18.82 72.21 8.42
N LEU C 502 -18.90 73.48 7.99
CA LEU C 502 -19.15 73.86 6.59
C LEU C 502 -17.86 74.39 5.95
N ASP C 503 -17.37 73.72 4.89
CA ASP C 503 -16.18 74.15 4.09
C ASP C 503 -16.67 74.76 2.77
N PHE C 504 -16.57 76.09 2.68
CA PHE C 504 -16.85 76.90 1.48
C PHE C 504 -15.58 77.02 0.62
N GLY C 505 -14.41 76.70 1.21
CA GLY C 505 -13.10 76.74 0.54
C GLY C 505 -13.10 76.05 -0.83
N PRO C 506 -12.05 76.25 -1.65
CA PRO C 506 -11.98 75.60 -2.94
C PRO C 506 -11.62 74.11 -2.76
N GLY C 507 -11.51 73.38 -3.87
CA GLY C 507 -10.94 72.01 -3.89
C GLY C 507 -11.95 70.93 -3.62
N GLY C 508 -13.13 71.25 -3.06
CA GLY C 508 -14.12 70.22 -2.69
C GLY C 508 -13.54 69.18 -1.74
N ALA C 509 -13.28 67.97 -2.25
CA ALA C 509 -12.82 66.79 -1.47
C ALA C 509 -11.29 66.82 -1.22
N SER C 510 -10.54 67.65 -1.95
CA SER C 510 -9.07 67.84 -1.79
C SER C 510 -8.79 69.07 -0.92
N GLY C 511 -9.85 69.71 -0.42
CA GLY C 511 -9.78 71.02 0.24
C GLY C 511 -9.49 70.88 1.72
N LEU C 512 -9.67 71.99 2.44
CA LEU C 512 -9.44 72.12 3.89
C LEU C 512 -10.41 71.19 4.64
N GLY C 513 -11.62 71.02 4.10
CA GLY C 513 -12.68 70.18 4.69
C GLY C 513 -12.14 68.82 5.09
N VAL C 514 -11.75 68.04 4.08
CA VAL C 514 -11.24 66.65 4.27
C VAL C 514 -10.06 66.63 5.25
N LEU C 515 -9.13 67.59 5.16
CA LEU C 515 -7.96 67.68 6.08
C LEU C 515 -8.43 67.81 7.53
N THR C 516 -9.44 68.66 7.77
CA THR C 516 -10.04 68.86 9.13
C THR C 516 -10.77 67.57 9.55
N HIS C 517 -11.39 66.87 8.61
CA HIS C 517 -12.11 65.59 8.87
C HIS C 517 -11.14 64.53 9.38
N ARG C 518 -9.97 64.41 8.74
CA ARG C 518 -8.88 63.51 9.17
C ARG C 518 -8.42 63.87 10.59
N ASN C 519 -8.24 65.16 10.87
CA ASN C 519 -7.82 65.65 12.22
C ASN C 519 -8.94 65.41 13.25
N LYS C 520 -10.20 65.36 12.79
CA LYS C 520 -11.40 65.23 13.67
C LYS C 520 -12.23 64.03 13.21
N ASP C 521 -11.67 62.83 13.30
CA ASP C 521 -12.43 61.56 13.27
C ASP C 521 -12.71 61.17 14.73
N GLY C 522 -13.95 60.72 15.00
CA GLY C 522 -14.35 60.10 16.27
C GLY C 522 -14.69 61.11 17.35
N THR C 523 -14.57 62.42 17.08
CA THR C 523 -14.89 63.51 18.04
C THR C 523 -16.35 63.96 17.85
N GLY C 524 -17.15 63.21 17.07
CA GLY C 524 -18.57 63.52 16.81
C GLY C 524 -18.71 64.82 16.04
N VAL C 525 -17.92 64.98 14.97
CA VAL C 525 -18.00 66.12 14.02
C VAL C 525 -18.27 65.52 12.64
N ARG C 526 -19.22 66.10 11.91
CA ARG C 526 -19.57 65.77 10.51
C ARG C 526 -19.15 66.94 9.63
N VAL C 527 -18.05 66.78 8.89
CA VAL C 527 -17.55 67.84 7.96
C VAL C 527 -18.44 67.82 6.72
N ILE C 528 -18.92 68.99 6.30
CA ILE C 528 -19.78 69.16 5.10
C ILE C 528 -19.06 70.10 4.13
N VAL C 529 -18.77 69.59 2.94
CA VAL C 529 -18.04 70.32 1.85
C VAL C 529 -19.10 71.10 1.05
N ALA C 530 -19.19 72.41 1.27
CA ALA C 530 -20.18 73.34 0.65
C ALA C 530 -19.65 73.88 -0.68
N GLY C 531 -18.45 73.47 -1.10
CA GLY C 531 -17.74 74.01 -2.27
C GLY C 531 -18.01 73.20 -3.54
N THR C 532 -18.73 72.08 -3.45
CA THR C 532 -18.97 71.19 -4.62
C THR C 532 -20.13 70.21 -4.34
N LEU C 533 -20.87 69.86 -5.39
CA LEU C 533 -21.81 68.72 -5.41
C LEU C 533 -21.02 67.46 -5.77
N ASP C 534 -21.27 66.37 -5.06
CA ASP C 534 -20.58 65.07 -5.29
C ASP C 534 -21.43 63.98 -4.61
N ILE C 535 -20.94 62.74 -4.59
CA ILE C 535 -21.41 61.61 -3.73
C ILE C 535 -20.18 60.98 -3.04
N ASN C 536 -20.26 60.78 -1.72
CA ASN C 536 -19.20 60.11 -0.94
C ASN C 536 -19.55 58.62 -0.86
N PRO C 537 -18.77 57.73 -1.51
CA PRO C 537 -19.03 56.29 -1.44
C PRO C 537 -18.93 55.73 -0.01
N ASP C 538 -17.93 56.17 0.78
CA ASP C 538 -17.81 55.80 2.21
C ASP C 538 -18.87 56.55 3.02
N ASP C 539 -19.12 57.83 2.71
CA ASP C 539 -20.06 58.74 3.42
C ASP C 539 -19.52 59.07 4.83
N ASP C 540 -18.20 59.26 4.96
CA ASP C 540 -17.56 59.74 6.23
C ASP C 540 -17.79 61.25 6.37
N TYR C 541 -17.91 61.98 5.25
CA TYR C 541 -18.20 63.44 5.18
C TYR C 541 -19.26 63.72 4.11
N GLY C 542 -20.05 64.78 4.32
CA GLY C 542 -21.14 65.24 3.43
C GLY C 542 -20.66 66.25 2.41
N PHE C 543 -21.45 66.44 1.36
CA PHE C 543 -21.22 67.43 0.29
C PHE C 543 -22.31 68.51 0.43
N LYS C 544 -22.44 69.39 -0.58
CA LYS C 544 -23.45 70.48 -0.64
C LYS C 544 -24.86 69.93 -0.39
N GLN C 545 -25.21 68.79 -1.01
CA GLN C 545 -26.59 68.22 -1.01
C GLN C 545 -27.13 68.01 0.40
N GLU C 546 -26.26 67.76 1.38
CA GLU C 546 -26.62 67.58 2.81
C GLU C 546 -27.20 68.88 3.36
N ILE C 547 -26.63 70.02 2.95
CA ILE C 547 -27.02 71.37 3.47
C ILE C 547 -28.50 71.63 3.18
N PHE C 548 -28.94 71.39 1.93
CA PHE C 548 -30.25 71.83 1.38
C PHE C 548 -31.32 70.74 1.56
N ASP C 549 -30.92 69.51 1.85
CA ASP C 549 -31.86 68.36 2.02
C ASP C 549 -32.71 68.62 3.27
N VAL C 550 -34.03 68.45 3.15
CA VAL C 550 -35.05 68.76 4.19
C VAL C 550 -35.49 67.48 4.93
N THR C 551 -35.05 66.30 4.46
CA THR C 551 -35.39 64.97 5.06
C THR C 551 -34.30 64.57 6.08
N SER C 552 -34.35 63.34 6.57
CA SER C 552 -33.42 62.78 7.60
C SER C 552 -31.96 62.81 7.10
N ASN C 553 -31.75 62.61 5.79
CA ASN C 553 -30.41 62.61 5.12
C ASN C 553 -29.72 63.97 5.31
N GLY C 554 -30.51 65.05 5.41
CA GLY C 554 -30.04 66.39 5.78
C GLY C 554 -29.25 66.38 7.08
N LEU C 555 -29.80 65.76 8.14
CA LEU C 555 -29.13 65.61 9.47
C LEU C 555 -28.47 64.24 9.53
N LYS C 556 -27.17 64.20 9.23
CA LYS C 556 -26.29 63.03 9.44
C LYS C 556 -25.29 63.41 10.53
N LYS C 557 -25.17 62.57 11.54
CA LYS C 557 -24.17 62.69 12.63
C LYS C 557 -23.09 61.63 12.41
N ASN C 558 -21.82 62.06 12.47
CA ASN C 558 -20.65 61.14 12.47
C ASN C 558 -20.44 60.63 13.89
N PRO C 559 -20.21 59.31 14.04
CA PRO C 559 -20.24 58.67 15.36
C PRO C 559 -19.13 59.19 16.29
N ASN C 560 -19.46 59.35 17.57
CA ASN C 560 -18.47 59.60 18.63
C ASN C 560 -18.15 58.25 19.28
N TRP C 561 -16.86 57.93 19.30
CA TRP C 561 -16.35 56.66 19.86
C TRP C 561 -16.59 56.66 21.36
N LEU C 562 -16.09 57.67 22.10
CA LEU C 562 -16.24 57.73 23.57
C LEU C 562 -17.71 57.50 23.95
N GLU C 563 -18.67 57.97 23.13
CA GLU C 563 -20.12 57.94 23.48
C GLU C 563 -20.73 56.63 22.99
N GLU C 564 -20.57 56.31 21.71
CA GLU C 564 -21.25 55.13 21.11
C GLU C 564 -20.69 53.85 21.72
N TYR C 565 -19.40 53.86 22.08
CA TYR C 565 -18.66 52.68 22.61
C TYR C 565 -18.22 52.95 24.06
N HIS C 566 -19.11 53.53 24.88
CA HIS C 566 -18.83 53.77 26.32
C HIS C 566 -18.92 52.44 27.05
N PRO C 567 -17.92 52.08 27.88
CA PRO C 567 -17.99 50.87 28.68
C PRO C 567 -18.96 51.03 29.87
N LYS C 568 -20.24 50.75 29.64
CA LYS C 568 -21.32 50.88 30.65
C LYS C 568 -21.19 49.74 31.65
N LEU C 569 -21.92 49.81 32.77
CA LEU C 569 -22.09 48.68 33.72
C LEU C 569 -23.53 48.22 33.66
N ILE C 570 -23.78 47.01 34.15
CA ILE C 570 -25.15 46.40 34.20
C ILE C 570 -25.12 45.28 35.26
N LYS C 571 -26.29 44.85 35.72
CA LYS C 571 -26.46 43.71 36.67
C LYS C 571 -27.74 42.94 36.33
N ASN C 572 -27.70 41.63 36.52
CA ASN C 572 -28.86 40.70 36.39
C ASN C 572 -29.60 40.67 37.74
N LYS C 573 -30.63 39.84 37.88
CA LYS C 573 -31.50 39.77 39.09
C LYS C 573 -30.70 39.34 40.32
N SER C 574 -29.83 38.35 40.15
CA SER C 574 -29.05 37.69 41.23
C SER C 574 -28.19 38.71 42.01
N GLY C 575 -27.75 39.79 41.35
CA GLY C 575 -26.89 40.85 41.94
C GLY C 575 -25.46 40.77 41.45
N LYS C 576 -25.18 39.88 40.49
CA LYS C 576 -23.91 39.84 39.72
C LYS C 576 -23.85 41.10 38.84
N ILE C 577 -22.70 41.78 38.87
CA ILE C 577 -22.41 43.01 38.06
C ILE C 577 -21.44 42.62 36.95
N PHE C 578 -21.83 42.85 35.69
CA PHE C 578 -20.99 42.63 34.49
C PHE C 578 -20.22 43.94 34.18
N VAL C 579 -19.57 43.98 33.01
CA VAL C 579 -19.08 45.20 32.30
C VAL C 579 -19.70 45.20 30.90
N GLU C 580 -20.84 45.87 30.74
CA GLU C 580 -21.57 45.97 29.46
C GLU C 580 -20.66 46.68 28.46
N THR C 581 -20.08 45.90 27.54
CA THR C 581 -19.47 46.41 26.29
C THR C 581 -20.24 45.79 25.11
N LYS C 582 -19.75 45.96 23.89
CA LYS C 582 -20.31 45.27 22.72
C LYS C 582 -20.17 43.76 22.93
N PHE C 583 -18.97 43.29 23.29
CA PHE C 583 -18.65 41.84 23.47
C PHE C 583 -19.63 41.23 24.48
N SER C 584 -19.52 41.64 25.75
CA SER C 584 -20.36 41.12 26.86
C SER C 584 -21.81 41.02 26.36
N LYS C 585 -22.34 42.05 25.68
CA LYS C 585 -23.77 42.14 25.27
C LYS C 585 -24.18 40.97 24.37
N LEU C 586 -23.23 40.32 23.69
CA LEU C 586 -23.51 39.16 22.80
C LEU C 586 -23.47 37.86 23.61
N ILE C 587 -22.32 37.60 24.24
CA ILE C 587 -21.98 36.29 24.86
C ILE C 587 -22.69 36.11 26.21
N GLY C 588 -23.16 37.19 26.82
CA GLY C 588 -23.75 37.16 28.17
C GLY C 588 -22.76 36.66 29.19
N ARG C 589 -21.55 37.25 29.19
CA ARG C 589 -20.44 36.94 30.11
C ARG C 589 -19.52 38.18 30.19
N PRO C 590 -18.58 38.24 31.16
CA PRO C 590 -17.57 39.30 31.18
C PRO C 590 -16.74 39.35 29.91
N PRO C 591 -16.34 40.56 29.44
CA PRO C 591 -15.71 40.71 28.14
C PRO C 591 -14.20 40.49 28.27
N LEU C 592 -13.85 39.28 28.73
CA LEU C 592 -12.48 38.76 28.95
C LEU C 592 -12.48 37.31 28.49
N LEU C 593 -11.60 36.95 27.55
CA LEU C 593 -11.47 35.55 27.07
C LEU C 593 -10.01 35.12 27.24
N VAL C 594 -9.79 33.81 27.20
CA VAL C 594 -8.44 33.18 27.20
C VAL C 594 -8.28 32.50 25.85
N PRO C 595 -7.33 32.94 25.00
CA PRO C 595 -7.26 32.45 23.61
C PRO C 595 -6.76 31.01 23.54
N GLY C 596 -6.99 30.34 22.40
CA GLY C 596 -6.57 28.95 22.19
C GLY C 596 -5.06 28.86 22.18
N MET C 597 -4.48 28.38 23.29
CA MET C 597 -3.02 28.27 23.48
C MET C 597 -2.60 26.80 23.42
N THR C 598 -1.64 26.49 22.54
CA THR C 598 -0.92 25.19 22.45
C THR C 598 0.42 25.27 23.21
N PRO C 599 0.63 24.56 24.33
CA PRO C 599 -0.31 23.55 24.82
C PRO C 599 -1.23 23.87 26.02
N CYS C 600 -1.31 25.13 26.44
CA CYS C 600 -1.91 25.50 27.77
C CYS C 600 -3.40 25.14 27.79
N THR C 601 -4.14 25.44 26.70
CA THR C 601 -5.62 25.23 26.58
C THR C 601 -5.92 24.04 25.66
N VAL C 602 -5.06 23.01 25.64
CA VAL C 602 -5.34 21.73 24.91
C VAL C 602 -6.02 20.78 25.90
N SER C 603 -5.70 20.94 27.20
CA SER C 603 -6.30 20.18 28.32
C SER C 603 -7.81 20.38 28.32
N PRO C 604 -8.63 19.32 28.20
CA PRO C 604 -10.06 19.43 28.41
C PRO C 604 -10.42 19.88 29.83
N ASP C 605 -9.50 19.75 30.80
CA ASP C 605 -9.78 19.98 32.25
C ASP C 605 -9.47 21.41 32.64
N PHE C 606 -8.81 22.17 31.76
CA PHE C 606 -8.56 23.62 31.96
C PHE C 606 -9.55 24.49 31.17
N VAL C 607 -9.98 24.02 29.98
CA VAL C 607 -11.08 24.67 29.20
C VAL C 607 -12.38 24.56 30.00
N ALA C 608 -12.65 23.40 30.56
CA ALA C 608 -13.85 23.11 31.36
C ALA C 608 -13.81 23.92 32.66
N ALA C 609 -12.64 24.01 33.29
CA ALA C 609 -12.45 24.72 34.58
C ALA C 609 -12.67 26.23 34.42
N THR C 610 -12.18 26.80 33.32
CA THR C 610 -12.31 28.24 32.99
C THR C 610 -13.76 28.54 32.62
N THR C 611 -14.39 27.70 31.78
CA THR C 611 -15.80 27.84 31.34
C THR C 611 -16.77 27.81 32.53
N ASN C 612 -16.54 26.90 33.49
CA ASN C 612 -17.34 26.74 34.74
C ASN C 612 -17.15 27.96 35.65
N ALA C 613 -15.95 28.55 35.66
CA ALA C 613 -15.63 29.81 36.38
C ALA C 613 -16.50 30.97 35.86
N GLY C 614 -16.94 30.89 34.60
CA GLY C 614 -17.90 31.81 33.96
C GLY C 614 -17.19 32.81 33.04
N TYR C 615 -16.26 32.30 32.23
CA TYR C 615 -15.40 33.09 31.32
C TYR C 615 -15.20 32.31 30.02
N THR C 616 -15.10 33.02 28.91
CA THR C 616 -14.99 32.40 27.56
C THR C 616 -13.53 32.01 27.36
N ILE C 617 -13.32 30.78 26.87
CA ILE C 617 -12.00 30.21 26.51
C ILE C 617 -12.14 29.41 25.22
N GLU C 618 -11.04 29.28 24.49
CA GLU C 618 -10.92 28.55 23.21
C GLU C 618 -10.13 27.27 23.48
N LEU C 619 -10.62 26.11 23.04
CA LEU C 619 -9.87 24.82 23.07
C LEU C 619 -8.89 24.79 21.89
N ALA C 620 -7.58 24.75 22.17
CA ALA C 620 -6.50 24.84 21.15
C ALA C 620 -6.52 23.58 20.28
N GLY C 621 -6.88 23.72 19.01
CA GLY C 621 -6.86 22.64 18.01
C GLY C 621 -5.45 22.11 17.77
N GLY C 622 -4.44 22.97 17.89
CA GLY C 622 -3.05 22.68 17.51
C GLY C 622 -2.38 21.61 18.36
N GLY C 623 -3.02 21.15 19.44
CA GLY C 623 -2.51 20.07 20.31
C GLY C 623 -3.12 18.70 20.00
N TYR C 624 -3.96 18.57 18.96
CA TYR C 624 -4.66 17.32 18.54
C TYR C 624 -4.60 17.16 17.02
N PHE C 625 -4.34 15.95 16.52
CA PHE C 625 -3.85 15.71 15.14
C PHE C 625 -4.85 14.91 14.30
N SER C 626 -6.02 14.58 14.85
CA SER C 626 -7.09 13.76 14.23
C SER C 626 -8.48 14.34 14.55
N ALA C 627 -9.53 13.86 13.87
CA ALA C 627 -10.95 14.14 14.21
C ALA C 627 -11.33 13.45 15.54
N ALA C 628 -10.62 12.38 15.91
CA ALA C 628 -10.78 11.61 17.17
C ALA C 628 -10.24 12.37 18.38
N GLY C 629 -9.08 13.05 18.21
CA GLY C 629 -8.45 13.94 19.23
C GLY C 629 -9.37 15.06 19.70
N MET C 630 -10.06 15.75 18.77
CA MET C 630 -11.10 16.76 19.07
C MET C 630 -12.27 16.06 19.76
N THR C 631 -12.84 15.04 19.13
CA THR C 631 -14.09 14.38 19.58
C THR C 631 -13.96 13.95 21.05
N ALA C 632 -12.85 13.31 21.42
CA ALA C 632 -12.62 12.76 22.78
C ALA C 632 -12.38 13.89 23.79
N ALA C 633 -11.66 14.94 23.40
CA ALA C 633 -11.38 16.14 24.23
C ALA C 633 -12.67 16.94 24.43
N ILE C 634 -13.38 17.28 23.35
CA ILE C 634 -14.68 18.01 23.40
C ILE C 634 -15.63 17.24 24.33
N ASP C 635 -15.82 15.94 24.11
CA ASP C 635 -16.78 15.12 24.91
C ASP C 635 -16.31 15.00 26.36
N SER C 636 -15.00 15.11 26.63
CA SER C 636 -14.43 15.21 28.00
C SER C 636 -14.73 16.58 28.61
N VAL C 637 -14.69 17.65 27.80
CA VAL C 637 -15.10 19.02 28.23
C VAL C 637 -16.61 18.98 28.55
N VAL C 638 -17.46 18.51 27.63
CA VAL C 638 -18.96 18.49 27.76
C VAL C 638 -19.37 17.79 29.06
N SER C 639 -18.79 16.63 29.37
CA SER C 639 -19.07 15.85 30.60
C SER C 639 -18.56 16.57 31.86
N GLN C 640 -17.66 17.56 31.76
CA GLN C 640 -17.11 18.34 32.92
C GLN C 640 -17.85 19.67 33.12
N ILE C 641 -18.25 20.37 32.04
CA ILE C 641 -18.85 21.75 32.09
C ILE C 641 -20.28 21.66 32.60
N GLU C 642 -20.76 22.78 33.16
CA GLU C 642 -22.15 22.93 33.64
C GLU C 642 -23.13 22.83 32.46
N LYS C 643 -24.42 22.72 32.75
CA LYS C 643 -25.47 22.73 31.70
C LYS C 643 -25.61 24.15 31.16
N GLY C 644 -25.71 24.27 29.83
CA GLY C 644 -25.90 25.56 29.12
C GLY C 644 -24.60 26.27 28.82
N SER C 645 -23.47 25.85 29.39
CA SER C 645 -22.14 26.50 29.20
C SER C 645 -21.69 26.28 27.75
N THR C 646 -20.83 27.15 27.24
CA THR C 646 -20.25 27.10 25.87
C THR C 646 -18.72 27.00 25.97
N PHE C 647 -18.08 26.78 24.83
CA PHE C 647 -16.61 26.98 24.66
C PHE C 647 -16.35 27.12 23.16
N GLY C 648 -15.14 27.59 22.85
CA GLY C 648 -14.65 27.80 21.48
C GLY C 648 -13.46 26.92 21.17
N ILE C 649 -13.11 26.83 19.89
CA ILE C 649 -11.96 26.02 19.41
C ILE C 649 -11.05 26.94 18.59
N ASN C 650 -9.75 26.78 18.75
CA ASN C 650 -8.71 27.59 18.06
C ASN C 650 -8.02 26.70 17.04
N LEU C 651 -8.22 27.00 15.76
CA LEU C 651 -7.51 26.36 14.63
C LEU C 651 -6.45 27.32 14.07
N ILE C 652 -5.47 26.75 13.38
CA ILE C 652 -4.33 27.47 12.76
C ILE C 652 -4.62 27.48 11.26
N TYR C 653 -4.60 28.65 10.62
CA TYR C 653 -4.95 28.77 9.19
C TYR C 653 -3.82 28.20 8.32
N VAL C 654 -2.58 28.33 8.79
CA VAL C 654 -1.33 27.95 8.06
C VAL C 654 -0.96 26.48 8.38
N ASN C 655 -1.91 25.66 8.84
CA ASN C 655 -1.73 24.19 9.01
C ASN C 655 -2.81 23.48 8.19
N PRO C 656 -2.70 23.48 6.84
CA PRO C 656 -3.82 23.09 5.98
C PRO C 656 -4.39 21.68 6.25
N PHE C 657 -3.53 20.77 6.75
CA PHE C 657 -3.92 19.41 7.19
C PHE C 657 -5.04 19.51 8.24
N MET C 658 -4.78 20.24 9.33
CA MET C 658 -5.70 20.32 10.50
C MET C 658 -7.06 20.90 10.09
N LEU C 659 -7.10 21.86 9.16
CA LEU C 659 -8.33 22.58 8.75
C LEU C 659 -9.25 21.69 7.91
N GLN C 660 -8.68 20.87 7.01
CA GLN C 660 -9.47 20.12 6.01
C GLN C 660 -10.18 18.89 6.63
N TRP C 661 -9.93 18.58 7.92
CA TRP C 661 -10.75 17.64 8.74
C TRP C 661 -11.43 18.36 9.92
N GLY C 662 -10.77 19.37 10.51
CA GLY C 662 -11.28 20.19 11.63
C GLY C 662 -12.60 20.87 11.26
N ILE C 663 -12.66 21.52 10.10
CA ILE C 663 -13.86 22.26 9.62
C ILE C 663 -15.00 21.25 9.39
N PRO C 664 -14.86 20.19 8.54
CA PRO C 664 -15.93 19.20 8.37
C PRO C 664 -16.43 18.54 9.65
N LEU C 665 -15.55 18.48 10.66
CA LEU C 665 -15.89 17.98 12.02
C LEU C 665 -16.74 18.99 12.80
N ILE C 666 -16.37 20.27 12.84
CA ILE C 666 -17.17 21.35 13.51
C ILE C 666 -18.53 21.44 12.80
N LYS C 667 -18.58 21.30 11.47
CA LYS C 667 -19.86 21.25 10.72
C LYS C 667 -20.72 20.13 11.30
N GLU C 668 -20.17 18.92 11.40
CA GLU C 668 -20.86 17.71 11.95
C GLU C 668 -21.31 17.95 13.40
N LEU C 669 -20.45 18.50 14.27
CA LEU C 669 -20.69 18.62 15.75
C LEU C 669 -21.73 19.70 16.09
N ARG C 670 -21.88 20.73 15.24
CA ARG C 670 -22.87 21.84 15.36
C ARG C 670 -24.21 21.40 14.75
N SER C 671 -24.18 20.58 13.69
CA SER C 671 -25.36 19.89 13.10
C SER C 671 -26.00 18.99 14.18
N LYS C 672 -25.17 18.34 14.99
CA LYS C 672 -25.60 17.60 16.20
C LYS C 672 -25.80 18.58 17.37
N GLY C 673 -25.33 19.82 17.24
CA GLY C 673 -25.61 20.90 18.19
C GLY C 673 -24.85 20.72 19.50
N TYR C 674 -23.55 20.42 19.46
CA TYR C 674 -22.66 20.46 20.65
C TYR C 674 -22.44 21.91 21.06
N PRO C 675 -22.13 22.18 22.35
CA PRO C 675 -21.88 23.54 22.83
C PRO C 675 -20.56 24.19 22.38
N ILE C 676 -20.41 24.31 21.06
CA ILE C 676 -19.30 25.03 20.37
C ILE C 676 -19.86 26.40 20.00
N GLN C 677 -19.65 27.40 20.87
CA GLN C 677 -20.19 28.77 20.66
C GLN C 677 -19.55 29.37 19.42
N PHE C 678 -18.22 29.33 19.35
CA PHE C 678 -17.45 30.02 18.28
C PHE C 678 -16.14 29.29 17.94
N LEU C 679 -15.63 29.60 16.75
CA LEU C 679 -14.38 29.08 16.19
C LEU C 679 -13.42 30.25 16.02
N THR C 680 -12.14 30.04 16.33
CA THR C 680 -11.08 31.03 16.15
C THR C 680 -10.17 30.52 15.04
N ILE C 681 -9.50 31.43 14.34
CA ILE C 681 -8.51 31.13 13.27
C ILE C 681 -7.29 32.01 13.49
N GLY C 682 -6.31 31.48 14.23
CA GLY C 682 -5.05 32.18 14.56
C GLY C 682 -3.99 31.97 13.48
N ALA C 683 -3.02 32.90 13.41
CA ALA C 683 -1.81 32.89 12.54
C ALA C 683 -2.21 32.81 11.06
N GLY C 684 -2.93 33.83 10.59
CA GLY C 684 -3.47 33.89 9.22
C GLY C 684 -4.94 34.24 9.23
N VAL C 685 -5.38 34.96 8.20
CA VAL C 685 -6.80 35.34 7.97
C VAL C 685 -7.29 34.59 6.75
N PRO C 686 -8.45 33.91 6.81
CA PRO C 686 -8.98 33.20 5.65
C PRO C 686 -9.31 34.16 4.50
N SER C 687 -9.47 33.61 3.29
CA SER C 687 -9.98 34.34 2.11
C SER C 687 -11.50 34.56 2.25
N LEU C 688 -12.03 35.57 1.56
CA LEU C 688 -13.48 35.90 1.50
C LEU C 688 -14.32 34.65 1.14
N GLU C 689 -13.76 33.68 0.41
CA GLU C 689 -14.50 32.49 -0.10
C GLU C 689 -14.53 31.38 0.96
N VAL C 690 -13.47 31.28 1.75
CA VAL C 690 -13.39 30.27 2.85
C VAL C 690 -14.16 30.83 4.05
N ALA C 691 -13.88 32.06 4.47
CA ALA C 691 -14.52 32.75 5.63
C ALA C 691 -16.04 32.79 5.46
N SER C 692 -16.52 32.98 4.22
CA SER C 692 -17.96 32.93 3.85
C SER C 692 -18.51 31.55 4.20
N GLU C 693 -17.81 30.49 3.79
CA GLU C 693 -18.25 29.10 4.08
C GLU C 693 -18.26 28.89 5.59
N TYR C 694 -17.23 29.34 6.31
CA TYR C 694 -17.11 29.17 7.78
C TYR C 694 -18.32 29.82 8.47
N ILE C 695 -18.59 31.08 8.13
CA ILE C 695 -19.73 31.86 8.70
C ILE C 695 -21.04 31.11 8.43
N GLU C 696 -21.32 30.79 7.15
CA GLU C 696 -22.66 30.36 6.65
C GLU C 696 -22.95 28.91 7.03
N THR C 697 -21.99 28.00 6.88
CA THR C 697 -22.21 26.53 6.96
C THR C 697 -22.00 26.01 8.40
N LEU C 698 -21.00 26.52 9.13
CA LEU C 698 -20.56 25.89 10.40
C LEU C 698 -21.55 26.14 11.55
N GLY C 699 -22.53 27.03 11.36
CA GLY C 699 -23.57 27.31 12.36
C GLY C 699 -22.92 27.70 13.68
N LEU C 700 -22.05 28.71 13.63
CA LEU C 700 -21.43 29.31 14.83
C LEU C 700 -22.34 30.43 15.34
N LYS C 701 -22.06 30.93 16.54
CA LYS C 701 -22.62 32.20 17.08
C LYS C 701 -21.86 33.37 16.45
N TYR C 702 -20.53 33.36 16.59
CA TYR C 702 -19.64 34.34 15.93
C TYR C 702 -18.38 33.63 15.43
N LEU C 703 -17.37 34.41 15.01
CA LEU C 703 -16.07 33.92 14.47
C LEU C 703 -14.95 34.82 15.02
N GLY C 704 -13.93 34.23 15.65
CA GLY C 704 -12.76 34.96 16.18
C GLY C 704 -11.57 34.90 15.22
N LEU C 705 -11.17 36.03 14.63
CA LEU C 705 -10.00 36.14 13.70
C LEU C 705 -8.84 36.85 14.39
N LYS C 706 -7.62 36.43 14.10
CA LYS C 706 -6.41 37.06 14.69
C LYS C 706 -5.55 37.57 13.54
N PRO C 707 -5.81 38.81 13.07
CA PRO C 707 -4.98 39.41 12.02
C PRO C 707 -3.60 39.78 12.58
N GLY C 708 -2.58 39.62 11.72
CA GLY C 708 -1.18 39.95 12.03
C GLY C 708 -0.91 41.43 11.80
N SER C 709 -1.11 41.89 10.56
CA SER C 709 -0.70 43.23 10.07
C SER C 709 -1.93 44.06 9.72
N ILE C 710 -1.71 45.28 9.22
CA ILE C 710 -2.74 46.20 8.67
C ILE C 710 -3.51 45.53 7.50
N ASP C 711 -2.82 44.85 6.60
CA ASP C 711 -3.45 44.27 5.38
C ASP C 711 -4.35 43.12 5.80
N ALA C 712 -3.93 42.37 6.82
CA ALA C 712 -4.73 41.31 7.45
C ALA C 712 -6.01 41.93 8.03
N ILE C 713 -5.93 43.07 8.71
CA ILE C 713 -7.11 43.77 9.31
C ILE C 713 -8.06 44.11 8.14
N SER C 714 -7.54 44.70 7.05
CA SER C 714 -8.31 45.15 5.85
C SER C 714 -9.04 43.97 5.20
N GLN C 715 -8.46 42.76 5.25
CA GLN C 715 -9.10 41.50 4.80
C GLN C 715 -10.26 41.17 5.76
N VAL C 716 -10.08 41.36 7.08
CA VAL C 716 -11.14 41.14 8.12
C VAL C 716 -12.29 42.14 7.87
N ILE C 717 -11.96 43.38 7.49
CA ILE C 717 -12.93 44.45 7.11
C ILE C 717 -13.77 43.95 5.93
N ASN C 718 -13.12 43.38 4.90
CA ASN C 718 -13.82 42.85 3.69
C ASN C 718 -14.75 41.70 4.10
N ILE C 719 -14.32 40.84 5.03
CA ILE C 719 -15.07 39.61 5.45
C ILE C 719 -16.33 40.03 6.22
N ALA C 720 -16.19 41.06 7.06
CA ALA C 720 -17.30 41.66 7.84
C ALA C 720 -18.22 42.46 6.90
N LYS C 721 -17.67 43.03 5.82
CA LYS C 721 -18.45 43.72 4.76
C LYS C 721 -19.39 42.70 4.09
N ALA C 722 -18.83 41.55 3.68
CA ALA C 722 -19.55 40.45 3.00
C ALA C 722 -20.73 39.95 3.83
N HIS C 723 -20.62 39.98 5.16
CA HIS C 723 -21.63 39.44 6.12
C HIS C 723 -21.91 40.47 7.21
N PRO C 724 -22.71 41.52 6.91
CA PRO C 724 -22.90 42.64 7.83
C PRO C 724 -23.69 42.35 9.11
N ASN C 725 -24.37 41.20 9.17
CA ASN C 725 -25.23 40.75 10.29
C ASN C 725 -24.45 39.83 11.23
N PHE C 726 -23.60 38.95 10.69
CA PHE C 726 -22.82 37.94 11.46
C PHE C 726 -21.78 38.66 12.31
N PRO C 727 -21.71 38.41 13.63
CA PRO C 727 -20.68 39.02 14.49
C PRO C 727 -19.29 38.44 14.24
N ILE C 728 -18.28 39.32 14.15
CA ILE C 728 -16.85 38.98 13.91
C ILE C 728 -16.04 39.60 15.04
N ALA C 729 -15.31 38.79 15.80
CA ALA C 729 -14.51 39.25 16.96
C ALA C 729 -13.06 39.35 16.52
N LEU C 730 -12.71 40.46 15.87
CA LEU C 730 -11.31 40.77 15.47
C LEU C 730 -10.41 40.84 16.72
N GLN C 731 -9.63 39.77 16.97
CA GLN C 731 -8.83 39.58 18.20
C GLN C 731 -7.42 40.15 18.00
N TRP C 732 -7.32 41.47 17.83
CA TRP C 732 -6.03 42.09 17.46
C TRP C 732 -5.03 41.86 18.58
N THR C 733 -3.82 41.40 18.22
CA THR C 733 -2.66 41.17 19.12
C THR C 733 -1.39 41.67 18.45
N GLY C 734 -0.57 42.43 19.17
CA GLY C 734 0.71 42.95 18.66
C GLY C 734 1.70 41.82 18.39
N GLY C 735 2.98 42.19 18.29
CA GLY C 735 4.11 41.26 18.32
C GLY C 735 4.49 40.91 19.75
N ARG C 736 4.20 41.79 20.71
CA ARG C 736 4.58 41.66 22.15
C ARG C 736 3.85 40.51 22.83
N GLY C 737 2.83 39.91 22.19
CA GLY C 737 2.14 38.70 22.66
C GLY C 737 3.05 37.48 22.64
N GLY C 738 2.80 36.51 23.52
CA GLY C 738 3.53 35.22 23.56
C GLY C 738 3.16 34.36 22.36
N GLY C 739 3.78 33.18 22.25
CA GLY C 739 3.59 32.26 21.11
C GLY C 739 4.11 32.85 19.81
N HIS C 740 3.54 32.42 18.67
CA HIS C 740 3.86 32.94 17.31
C HIS C 740 3.36 34.39 17.26
N HIS C 741 4.23 35.32 16.88
CA HIS C 741 3.93 36.77 16.94
C HIS C 741 4.48 37.49 15.70
N SER C 742 3.74 38.49 15.20
CA SER C 742 4.15 39.38 14.08
C SER C 742 5.20 40.37 14.60
N PHE C 743 5.70 41.23 13.71
CA PHE C 743 6.70 42.29 14.03
C PHE C 743 6.00 43.62 14.31
N GLU C 744 4.68 43.69 14.12
CA GLU C 744 3.90 44.94 14.26
C GLU C 744 3.98 45.42 15.72
N ASP C 745 3.81 46.72 15.93
CA ASP C 745 3.59 47.32 17.27
C ASP C 745 2.14 47.03 17.68
N ALA C 746 1.87 46.99 18.98
CA ALA C 746 0.52 46.82 19.55
C ALA C 746 -0.38 47.98 19.09
N HIS C 747 0.06 49.23 19.27
CA HIS C 747 -0.79 50.45 19.21
C HIS C 747 -0.96 50.92 17.76
N THR C 748 0.12 50.98 16.98
CA THR C 748 0.20 51.75 15.71
C THR C 748 -0.86 51.31 14.70
N PRO C 749 -1.01 50.01 14.36
CA PRO C 749 -2.03 49.58 13.40
C PRO C 749 -3.48 49.86 13.80
N MET C 750 -3.77 49.82 15.12
CA MET C 750 -5.10 50.13 15.70
C MET C 750 -5.41 51.63 15.52
N LEU C 751 -4.47 52.51 15.90
CA LEU C 751 -4.60 53.97 15.70
C LEU C 751 -4.97 54.29 14.24
N GLN C 752 -4.50 53.50 13.28
CA GLN C 752 -4.66 53.79 11.82
C GLN C 752 -5.85 53.07 11.24
N MET C 753 -6.40 52.07 11.94
CA MET C 753 -7.49 51.26 11.36
C MET C 753 -8.75 51.27 12.24
N TYR C 754 -8.70 51.81 13.47
CA TYR C 754 -9.85 51.80 14.42
C TYR C 754 -11.06 52.45 13.74
N SER C 755 -10.83 53.59 13.09
CA SER C 755 -11.85 54.35 12.35
C SER C 755 -12.57 53.37 11.43
N LYS C 756 -11.84 52.77 10.48
CA LYS C 756 -12.40 51.90 9.39
C LYS C 756 -13.07 50.66 9.97
N ILE C 757 -12.57 50.17 11.11
CA ILE C 757 -13.18 49.02 11.86
C ILE C 757 -14.58 49.45 12.31
N ARG C 758 -14.68 50.59 13.00
CA ARG C 758 -15.92 51.01 13.69
C ARG C 758 -17.08 51.21 12.70
N ARG C 759 -16.77 51.52 11.44
CA ARG C 759 -17.78 51.72 10.36
C ARG C 759 -18.59 50.42 10.18
N HIS C 760 -18.00 49.26 10.51
CA HIS C 760 -18.72 47.96 10.51
C HIS C 760 -19.10 47.59 11.94
N PRO C 761 -20.39 47.69 12.30
CA PRO C 761 -20.79 47.56 13.70
C PRO C 761 -20.68 46.12 14.19
N ASN C 762 -20.76 45.14 13.29
CA ASN C 762 -20.70 43.69 13.61
C ASN C 762 -19.30 43.33 14.14
N ILE C 763 -18.25 44.01 13.66
CA ILE C 763 -16.88 43.77 14.17
C ILE C 763 -16.80 44.16 15.64
N MET C 764 -16.31 43.21 16.44
CA MET C 764 -16.36 43.15 17.92
C MET C 764 -14.91 43.14 18.44
N LEU C 765 -14.30 44.31 18.47
CA LEU C 765 -12.83 44.52 18.48
C LEU C 765 -12.20 44.19 19.85
N ILE C 766 -11.43 43.09 19.93
CA ILE C 766 -10.76 42.58 21.17
C ILE C 766 -9.24 42.83 21.10
N PHE C 767 -8.73 43.61 22.05
CA PHE C 767 -7.30 44.02 22.13
C PHE C 767 -6.58 43.14 23.16
N GLY C 768 -5.64 42.31 22.71
CA GLY C 768 -4.83 41.44 23.58
C GLY C 768 -3.35 41.42 23.21
N SER C 769 -2.51 41.23 24.23
CA SER C 769 -1.02 41.14 24.18
C SER C 769 -0.43 42.06 25.26
N GLY C 770 0.21 41.47 26.28
CA GLY C 770 0.98 42.19 27.32
C GLY C 770 0.10 42.61 28.49
N PHE C 771 -1.01 41.93 28.72
CA PHE C 771 -1.99 42.29 29.78
C PHE C 771 -2.03 41.20 30.82
N GLY C 772 -2.04 41.60 32.09
CA GLY C 772 -2.18 40.70 33.26
C GLY C 772 -3.02 41.25 34.41
N SER C 773 -3.21 42.57 34.49
CA SER C 773 -3.97 43.25 35.57
C SER C 773 -5.17 43.97 34.97
N ALA C 774 -6.06 44.48 35.83
CA ALA C 774 -7.19 45.36 35.47
C ALA C 774 -6.70 46.79 35.26
N ASP C 775 -5.53 47.15 35.84
CA ASP C 775 -4.95 48.51 35.87
C ASP C 775 -4.46 48.92 34.49
N ASP C 776 -3.68 48.06 33.81
CA ASP C 776 -3.05 48.34 32.50
C ASP C 776 -4.07 48.15 31.37
N THR C 777 -5.16 47.44 31.63
CA THR C 777 -6.28 47.22 30.66
C THR C 777 -7.22 48.43 30.70
N TYR C 778 -7.46 48.98 31.89
CA TYR C 778 -8.46 50.04 32.18
C TYR C 778 -8.37 51.17 31.14
N PRO C 779 -7.18 51.72 30.82
CA PRO C 779 -7.08 52.75 29.79
C PRO C 779 -7.79 52.31 28.49
N TYR C 780 -7.55 51.06 28.06
CA TYR C 780 -8.06 50.50 26.77
C TYR C 780 -9.59 50.27 26.87
N LEU C 781 -10.09 50.09 28.09
CA LEU C 781 -11.53 49.86 28.34
C LEU C 781 -12.29 51.15 28.04
N THR C 782 -11.82 52.26 28.64
CA THR C 782 -12.48 53.59 28.60
C THR C 782 -12.08 54.34 27.33
N GLY C 783 -10.98 53.91 26.69
CA GLY C 783 -10.49 54.50 25.43
C GLY C 783 -9.51 55.65 25.65
N GLU C 784 -9.03 55.85 26.90
CA GLU C 784 -8.15 57.00 27.23
C GLU C 784 -6.68 56.65 26.99
N TRP C 785 -6.38 55.50 26.38
CA TRP C 785 -4.99 55.07 26.07
C TRP C 785 -4.44 55.84 24.87
N SER C 786 -5.30 56.16 23.92
CA SER C 786 -4.95 56.83 22.64
C SER C 786 -4.76 58.34 22.83
N THR C 787 -5.20 58.89 23.95
CA THR C 787 -5.07 60.33 24.31
C THR C 787 -3.59 60.69 24.53
N LYS C 788 -2.73 59.69 24.77
CA LYS C 788 -1.26 59.87 24.96
C LYS C 788 -0.61 60.25 23.63
N PHE C 789 -1.10 59.70 22.52
CA PHE C 789 -0.52 59.85 21.16
C PHE C 789 -1.15 61.02 20.39
N ASP C 790 -1.88 61.92 21.07
CA ASP C 790 -2.64 63.05 20.46
C ASP C 790 -3.72 62.48 19.53
N TYR C 791 -4.63 61.71 20.10
CA TYR C 791 -5.76 61.08 19.37
C TYR C 791 -7.01 61.17 20.23
N PRO C 792 -8.20 61.04 19.62
CA PRO C 792 -9.47 61.02 20.35
C PRO C 792 -9.76 59.67 20.98
N PRO C 793 -10.49 59.61 22.11
CA PRO C 793 -10.73 58.35 22.81
C PRO C 793 -11.06 57.19 21.84
N MET C 794 -10.56 55.98 22.16
CA MET C 794 -10.48 54.80 21.26
C MET C 794 -10.94 53.53 21.97
N PRO C 795 -12.17 53.49 22.53
CA PRO C 795 -12.62 52.41 23.41
C PRO C 795 -12.79 51.04 22.75
N PHE C 796 -12.34 49.98 23.43
CA PHE C 796 -12.33 48.57 22.95
C PHE C 796 -13.48 47.78 23.57
N ASP C 797 -13.91 46.74 22.85
CA ASP C 797 -15.09 45.91 23.21
C ASP C 797 -14.73 44.86 24.28
N GLY C 798 -13.43 44.57 24.49
CA GLY C 798 -12.94 43.59 25.47
C GLY C 798 -11.50 43.19 25.21
N PHE C 799 -10.93 42.35 26.07
CA PHE C 799 -9.50 41.95 26.07
C PHE C 799 -9.39 40.44 26.03
N LEU C 800 -8.18 39.96 25.75
CA LEU C 800 -7.79 38.54 25.88
C LEU C 800 -6.53 38.46 26.74
N PHE C 801 -6.41 37.36 27.47
CA PHE C 801 -5.30 37.04 28.39
C PHE C 801 -4.71 35.71 27.96
N GLY C 802 -3.47 35.73 27.47
CA GLY C 802 -2.66 34.53 27.22
C GLY C 802 -1.72 34.25 28.37
N SER C 803 -0.48 34.72 28.26
CA SER C 803 0.65 34.40 29.18
C SER C 803 0.25 34.57 30.65
N ARG C 804 -0.75 35.40 30.96
CA ARG C 804 -1.11 35.70 32.38
C ARG C 804 -1.59 34.43 33.10
N VAL C 805 -2.32 33.56 32.41
CA VAL C 805 -3.12 32.46 33.03
C VAL C 805 -2.37 31.13 33.00
N MET C 806 -1.10 31.12 32.58
CA MET C 806 -0.28 29.88 32.55
C MET C 806 -0.09 29.34 33.96
N ILE C 807 0.14 30.23 34.92
CA ILE C 807 0.53 29.88 36.32
C ILE C 807 -0.73 29.64 37.17
N ALA C 808 -1.89 29.51 36.55
CA ALA C 808 -3.13 29.09 37.22
C ALA C 808 -3.00 27.63 37.67
N LYS C 809 -3.85 27.22 38.63
CA LYS C 809 -3.79 25.88 39.27
C LYS C 809 -4.28 24.81 38.28
N GLU C 810 -5.30 25.11 37.47
CA GLU C 810 -6.01 24.13 36.61
C GLU C 810 -5.26 23.92 35.28
N VAL C 811 -4.18 24.67 35.00
CA VAL C 811 -3.31 24.49 33.79
C VAL C 811 -2.41 23.29 34.06
N LYS C 812 -2.26 22.41 33.07
CA LYS C 812 -1.52 21.13 33.25
C LYS C 812 0.00 21.36 33.21
N THR C 813 0.46 22.57 32.84
CA THR C 813 1.89 22.97 32.86
C THR C 813 2.54 22.39 34.12
N SER C 814 3.78 21.93 34.00
CA SER C 814 4.53 21.26 35.10
C SER C 814 4.92 22.25 36.19
N PRO C 815 4.75 21.93 37.50
CA PRO C 815 5.07 22.88 38.56
C PRO C 815 6.40 23.65 38.38
N ASP C 816 7.47 22.97 37.98
CA ASP C 816 8.85 23.53 37.84
C ASP C 816 8.90 24.54 36.69
N ALA C 817 8.03 24.36 35.69
CA ALA C 817 7.80 25.31 34.57
C ALA C 817 7.13 26.56 35.14
N LYS C 818 6.08 26.38 35.94
CA LYS C 818 5.36 27.51 36.59
C LYS C 818 6.36 28.33 37.40
N LYS C 819 7.27 27.68 38.13
CA LYS C 819 8.31 28.35 38.97
C LYS C 819 9.32 29.08 38.09
N CYS C 820 9.68 28.50 36.94
CA CYS C 820 10.52 29.16 35.90
C CYS C 820 9.77 30.40 35.35
N ILE C 821 8.46 30.31 35.08
CA ILE C 821 7.62 31.45 34.56
C ILE C 821 7.63 32.58 35.60
N ALA C 822 7.39 32.25 36.87
CA ALA C 822 7.39 33.20 38.02
C ALA C 822 8.75 33.89 38.14
N ALA C 823 9.85 33.18 37.85
CA ALA C 823 11.21 33.75 37.84
C ALA C 823 11.27 34.89 36.82
N CYS C 824 10.67 34.71 35.63
CA CYS C 824 10.70 35.69 34.52
C CYS C 824 10.18 37.04 35.01
N THR C 825 10.93 38.10 34.72
CA THR C 825 10.71 39.48 35.26
C THR C 825 9.81 40.28 34.32
N GLY C 826 9.98 40.10 33.01
CA GLY C 826 9.27 40.87 31.98
C GLY C 826 9.88 42.24 31.77
N VAL C 827 9.39 42.98 30.78
CA VAL C 827 9.85 44.37 30.43
C VAL C 827 8.66 45.21 29.99
N PRO C 828 8.75 46.56 30.08
CA PRO C 828 7.70 47.43 29.56
C PRO C 828 7.54 47.33 28.03
N ASP C 829 6.42 47.80 27.46
CA ASP C 829 6.09 47.73 26.01
C ASP C 829 7.18 48.41 25.15
N ASP C 830 8.03 49.29 25.70
CA ASP C 830 9.10 50.00 24.94
C ASP C 830 10.23 49.03 24.55
N LYS C 831 10.51 48.04 25.40
CA LYS C 831 11.73 47.18 25.36
C LYS C 831 11.44 45.77 24.83
N TRP C 832 10.22 45.51 24.34
CA TRP C 832 9.81 44.15 23.86
C TRP C 832 10.58 43.81 22.58
N GLU C 833 11.07 44.81 21.85
CA GLU C 833 11.77 44.61 20.55
C GLU C 833 13.26 44.31 20.74
N GLN C 834 13.68 43.99 21.95
CA GLN C 834 15.07 43.55 22.23
C GLN C 834 15.13 42.02 22.34
N THR C 835 13.99 41.33 22.33
CA THR C 835 13.94 39.84 22.42
C THR C 835 14.50 39.21 21.13
N TYR C 836 14.60 39.97 20.04
CA TYR C 836 15.13 39.49 18.74
C TYR C 836 16.63 39.22 18.89
N LYS C 837 17.34 39.98 19.71
CA LYS C 837 18.82 39.94 19.80
C LYS C 837 19.23 39.09 21.02
N LYS C 838 18.96 39.59 22.24
CA LYS C 838 19.44 38.98 23.50
C LYS C 838 18.25 38.70 24.41
N PRO C 839 18.39 37.84 25.45
CA PRO C 839 17.33 37.64 26.43
C PRO C 839 16.87 38.94 27.09
N THR C 840 15.56 39.12 27.18
CA THR C 840 14.88 40.35 27.65
C THR C 840 13.87 39.94 28.74
N GLY C 841 14.26 40.12 30.01
CA GLY C 841 13.47 39.74 31.19
C GLY C 841 13.44 38.23 31.41
N GLY C 842 14.29 37.50 30.69
CA GLY C 842 14.33 36.04 30.66
C GLY C 842 13.57 35.45 29.48
N ILE C 843 13.03 36.30 28.58
CA ILE C 843 12.28 35.85 27.37
C ILE C 843 13.01 36.35 26.12
N VAL C 844 13.13 35.46 25.12
CA VAL C 844 13.85 35.71 23.86
C VAL C 844 12.97 35.19 22.70
N THR C 845 13.13 35.75 21.50
CA THR C 845 12.44 35.32 20.25
C THR C 845 13.33 34.33 19.51
N VAL C 846 12.73 33.26 18.97
CA VAL C 846 13.45 32.17 18.21
C VAL C 846 12.60 31.76 17.01
N ARG C 847 13.27 31.53 15.88
CA ARG C 847 12.61 31.16 14.61
C ARG C 847 11.93 29.81 14.86
N SER C 848 10.86 29.52 14.13
CA SER C 848 10.19 28.20 14.12
C SER C 848 10.88 27.31 13.06
N GLU C 849 10.38 26.09 12.90
CA GLU C 849 10.69 25.20 11.76
C GLU C 849 10.37 25.90 10.42
N MET C 850 9.26 26.66 10.36
CA MET C 850 8.75 27.33 9.11
C MET C 850 9.17 28.81 9.07
N GLY C 851 9.85 29.33 10.10
CA GLY C 851 10.54 30.64 10.11
C GLY C 851 9.83 31.67 10.98
N GLU C 852 8.59 31.36 11.41
CA GLU C 852 7.75 32.24 12.25
C GLU C 852 8.54 32.56 13.51
N PRO C 853 8.66 33.84 13.90
CA PRO C 853 9.19 34.19 15.22
C PRO C 853 8.25 33.66 16.32
N ILE C 854 8.85 33.14 17.39
CA ILE C 854 8.14 32.67 18.62
C ILE C 854 8.80 33.34 19.82
N HIS C 855 7.98 33.75 20.79
CA HIS C 855 8.45 34.18 22.13
C HIS C 855 8.50 32.96 23.04
N LYS C 856 9.69 32.65 23.56
CA LYS C 856 9.93 31.52 24.50
C LYS C 856 10.72 32.03 25.71
N ILE C 857 10.52 31.42 26.87
CA ILE C 857 11.37 31.69 28.06
C ILE C 857 12.79 31.27 27.73
N ALA C 858 13.73 32.22 27.83
CA ALA C 858 15.19 32.03 27.67
C ALA C 858 15.69 31.06 28.74
N THR C 859 15.56 29.76 28.45
CA THR C 859 16.12 28.61 29.19
C THR C 859 17.43 28.19 28.46
N ARG C 860 18.23 27.29 29.02
CA ARG C 860 19.39 26.69 28.31
C ARG C 860 18.92 26.02 27.01
N GLY C 861 17.80 25.28 27.08
CA GLY C 861 17.20 24.55 25.94
C GLY C 861 16.66 25.44 24.84
N VAL C 862 16.47 26.73 25.10
CA VAL C 862 16.06 27.75 24.09
C VAL C 862 17.27 28.59 23.73
N MET C 863 18.25 28.76 24.62
CA MET C 863 19.49 29.48 24.27
C MET C 863 20.24 28.69 23.21
N LEU C 864 20.28 27.35 23.35
CA LEU C 864 20.85 26.45 22.32
C LEU C 864 20.13 26.64 20.98
N TRP C 865 18.80 26.56 21.01
CA TRP C 865 17.90 26.80 19.85
C TRP C 865 18.31 28.10 19.14
N LYS C 866 18.45 29.20 19.86
CA LYS C 866 18.75 30.52 19.24
C LYS C 866 20.17 30.52 18.68
N GLU C 867 21.14 29.92 19.38
CA GLU C 867 22.56 29.87 18.93
C GLU C 867 22.69 29.07 17.64
N PHE C 868 21.85 28.04 17.45
CA PHE C 868 21.78 27.21 16.22
C PHE C 868 20.95 27.92 15.14
N ASP C 869 20.07 28.85 15.51
CA ASP C 869 19.28 29.68 14.56
C ASP C 869 20.18 30.69 13.84
N GLU C 870 21.29 31.08 14.47
CA GLU C 870 22.20 32.12 13.96
C GLU C 870 23.37 31.47 13.23
N THR C 871 23.90 30.35 13.75
CA THR C 871 25.19 29.75 13.32
C THR C 871 24.97 28.62 12.31
N ILE C 872 23.86 27.87 12.41
CA ILE C 872 23.69 26.60 11.66
C ILE C 872 22.43 26.67 10.77
N PHE C 873 21.25 26.89 11.35
CA PHE C 873 19.97 26.74 10.64
C PHE C 873 19.74 27.86 9.63
N ASN C 874 20.52 28.95 9.69
CA ASN C 874 20.44 30.07 8.73
C ASN C 874 21.23 29.74 7.47
N LEU C 875 22.32 28.96 7.57
CA LEU C 875 23.24 28.66 6.44
C LEU C 875 22.49 27.90 5.35
N PRO C 876 22.75 28.18 4.05
CA PRO C 876 22.09 27.46 2.96
C PRO C 876 22.55 26.02 2.79
N LYS C 877 21.77 25.23 2.04
CA LYS C 877 21.93 23.76 1.88
C LYS C 877 23.38 23.41 1.54
N ASN C 878 24.01 24.10 0.60
CA ASN C 878 25.32 23.70 0.00
C ASN C 878 26.37 23.47 1.10
N LYS C 879 26.36 24.25 2.19
CA LYS C 879 27.34 24.12 3.31
C LYS C 879 26.71 23.50 4.56
N LEU C 880 25.41 23.18 4.54
CA LEU C 880 24.68 22.70 5.74
C LEU C 880 25.37 21.45 6.29
N VAL C 881 25.61 20.45 5.45
CA VAL C 881 26.16 19.12 5.87
C VAL C 881 27.62 19.29 6.30
N PRO C 882 28.51 19.98 5.54
CA PRO C 882 29.87 20.23 6.00
C PRO C 882 29.95 20.89 7.39
N THR C 883 29.12 21.91 7.61
CA THR C 883 29.00 22.67 8.89
C THR C 883 28.72 21.70 10.04
N LEU C 884 27.70 20.86 9.90
CA LEU C 884 27.29 19.86 10.93
C LEU C 884 28.45 18.90 11.18
N GLU C 885 29.19 18.55 10.13
CA GLU C 885 30.32 17.59 10.25
C GLU C 885 31.47 18.23 11.03
N ALA C 886 31.74 19.52 10.80
CA ALA C 886 32.82 20.29 11.44
C ALA C 886 32.55 20.55 12.93
N LYS C 887 31.27 20.67 13.33
CA LYS C 887 30.83 21.04 14.70
C LYS C 887 30.25 19.83 15.44
N ARG C 888 30.37 18.62 14.88
CA ARG C 888 29.63 17.42 15.32
C ARG C 888 29.75 17.28 16.84
N ASP C 889 30.98 17.23 17.35
CA ASP C 889 31.21 16.97 18.80
C ASP C 889 30.46 18.01 19.62
N TYR C 890 30.71 19.29 19.31
CA TYR C 890 30.07 20.47 19.94
C TYR C 890 28.55 20.22 19.98
N ILE C 891 27.95 19.96 18.82
CA ILE C 891 26.47 19.84 18.67
C ILE C 891 25.98 18.71 19.58
N ILE C 892 26.73 17.61 19.64
CA ILE C 892 26.30 16.42 20.42
C ILE C 892 26.38 16.73 21.93
N SER C 893 27.44 17.40 22.38
CA SER C 893 27.65 17.74 23.81
C SER C 893 26.55 18.68 24.30
N ARG C 894 26.20 19.68 23.49
CA ARG C 894 25.15 20.69 23.80
C ARG C 894 23.79 19.99 23.81
N LEU C 895 23.47 19.18 22.79
CA LEU C 895 22.17 18.45 22.71
C LEU C 895 22.01 17.57 23.94
N ASN C 896 23.05 16.85 24.36
CA ASN C 896 23.03 15.96 25.55
C ASN C 896 22.81 16.76 26.82
N ALA C 897 23.50 17.90 26.93
CA ALA C 897 23.53 18.74 28.15
C ALA C 897 22.21 19.52 28.24
N ASP C 898 21.88 20.29 27.20
CA ASP C 898 21.02 21.49 27.34
C ASP C 898 19.62 21.24 26.78
N PHE C 899 19.45 20.44 25.73
CA PHE C 899 18.16 20.36 24.98
C PHE C 899 17.27 19.21 25.49
N GLN C 900 15.99 19.34 25.18
CA GLN C 900 14.92 18.37 25.53
C GLN C 900 15.11 17.05 24.78
N LYS C 901 15.44 17.12 23.48
CA LYS C 901 15.79 15.96 22.63
C LYS C 901 17.29 15.77 22.71
N PRO C 902 17.80 14.71 23.38
CA PRO C 902 19.24 14.48 23.43
C PRO C 902 19.70 13.80 22.12
N TRP C 903 21.00 13.86 21.88
CA TRP C 903 21.71 12.95 20.96
C TRP C 903 21.36 11.53 21.42
N PHE C 904 20.79 10.74 20.51
CA PHE C 904 20.21 9.41 20.81
C PHE C 904 21.31 8.36 21.03
N ALA C 905 22.29 8.33 20.15
CA ALA C 905 23.49 7.48 20.31
C ALA C 905 24.38 8.05 21.42
N THR C 906 23.93 7.90 22.66
CA THR C 906 24.71 8.21 23.89
C THR C 906 24.57 7.02 24.83
N VAL C 907 25.70 6.38 25.17
CA VAL C 907 25.80 5.22 26.10
C VAL C 907 26.58 5.66 27.35
N ASN C 908 25.87 5.84 28.47
CA ASN C 908 26.49 6.19 29.78
C ASN C 908 27.33 7.45 29.57
N GLY C 909 26.71 8.47 28.97
CA GLY C 909 27.29 9.80 28.75
C GLY C 909 28.18 9.86 27.52
N GLN C 910 28.96 8.81 27.28
CA GLN C 910 29.91 8.77 26.13
C GLN C 910 29.15 8.98 24.81
N ALA C 911 29.58 10.00 24.06
CA ALA C 911 29.09 10.33 22.70
C ALA C 911 29.43 9.20 21.74
N ARG C 912 28.43 8.70 21.01
CA ARG C 912 28.60 7.58 20.05
C ARG C 912 28.03 8.01 18.70
N ASP C 913 27.76 7.03 17.82
CA ASP C 913 26.88 7.17 16.63
C ASP C 913 26.05 5.88 16.51
N LEU C 914 24.95 5.89 15.75
CA LEU C 914 24.11 4.68 15.58
C LEU C 914 24.96 3.48 15.12
N ALA C 915 25.97 3.70 14.27
CA ALA C 915 26.82 2.63 13.70
C ALA C 915 27.71 1.99 14.79
N THR C 916 28.02 2.71 15.87
CA THR C 916 28.95 2.28 16.95
C THR C 916 28.18 1.81 18.19
N MET C 917 26.86 1.58 18.06
CA MET C 917 25.99 1.03 19.14
C MET C 917 25.73 -0.46 18.86
N THR C 918 25.67 -1.28 19.90
CA THR C 918 25.17 -2.67 19.82
C THR C 918 23.66 -2.61 19.85
N TYR C 919 22.98 -3.67 19.42
CA TYR C 919 21.50 -3.69 19.42
C TYR C 919 20.94 -3.56 20.83
N GLU C 920 21.56 -4.19 21.83
CA GLU C 920 21.17 -4.09 23.26
C GLU C 920 21.18 -2.61 23.66
N GLU C 921 22.29 -1.91 23.41
CA GLU C 921 22.50 -0.49 23.78
C GLU C 921 21.38 0.39 23.23
N VAL C 922 20.96 0.12 21.99
CA VAL C 922 19.89 0.88 21.30
C VAL C 922 18.56 0.58 21.99
N ALA C 923 18.26 -0.70 22.25
CA ALA C 923 17.00 -1.13 22.89
C ALA C 923 16.86 -0.50 24.28
N LYS C 924 17.92 -0.53 25.08
CA LYS C 924 17.92 0.08 26.44
C LYS C 924 17.78 1.58 26.35
N ARG C 925 18.48 2.21 25.39
CA ARG C 925 18.43 3.68 25.16
C ARG C 925 17.01 4.12 24.75
N LEU C 926 16.34 3.36 23.87
CA LEU C 926 14.93 3.66 23.51
C LEU C 926 14.08 3.68 24.78
N VAL C 927 14.05 2.56 25.50
CA VAL C 927 13.25 2.41 26.75
C VAL C 927 13.55 3.63 27.63
N GLU C 928 14.83 3.91 27.84
CA GLU C 928 15.31 5.04 28.68
C GLU C 928 14.56 6.32 28.30
N LEU C 929 14.53 6.66 27.01
CA LEU C 929 14.06 7.98 26.50
C LEU C 929 12.57 7.96 26.20
N MET C 930 11.92 6.79 26.15
CA MET C 930 10.49 6.66 25.73
C MET C 930 9.59 6.03 26.82
N PHE C 931 10.16 5.30 27.78
CA PHE C 931 9.41 4.61 28.88
C PHE C 931 9.60 5.41 30.17
N ILE C 932 8.49 5.75 30.82
CA ILE C 932 8.47 6.60 32.05
C ILE C 932 8.48 5.68 33.27
N ARG C 933 9.58 5.68 34.02
CA ARG C 933 9.79 4.82 35.21
C ARG C 933 8.86 5.26 36.35
N SER C 934 8.68 6.58 36.52
CA SER C 934 7.85 7.20 37.58
C SER C 934 6.38 6.73 37.44
N THR C 935 5.78 6.81 36.24
CA THR C 935 4.36 6.41 35.94
C THR C 935 4.29 4.94 35.47
N ASN C 936 5.44 4.28 35.26
CA ASN C 936 5.56 2.85 34.87
C ASN C 936 4.61 2.57 33.69
N SER C 937 4.70 3.42 32.67
CA SER C 937 3.99 3.25 31.38
C SER C 937 4.68 4.06 30.27
N TRP C 938 4.49 3.62 29.03
CA TRP C 938 5.01 4.29 27.80
C TRP C 938 4.32 5.64 27.67
N PHE C 939 5.07 6.70 27.35
CA PHE C 939 4.51 8.06 27.19
C PHE C 939 3.50 8.18 26.04
N ASP C 940 3.69 7.41 24.96
CA ASP C 940 2.71 7.24 23.85
C ASP C 940 2.74 5.79 23.37
N VAL C 941 1.61 5.26 22.95
CA VAL C 941 1.50 3.88 22.38
C VAL C 941 2.33 3.78 21.09
N THR C 942 2.40 4.84 20.28
CA THR C 942 3.16 4.86 19.00
C THR C 942 4.64 4.59 19.30
N TRP C 943 5.17 5.22 20.35
CA TRP C 943 6.55 5.03 20.84
C TRP C 943 6.78 3.56 21.20
N ARG C 944 5.88 2.97 21.96
CA ARG C 944 5.94 1.53 22.31
C ARG C 944 5.90 0.71 21.01
N THR C 945 5.02 1.05 20.06
CA THR C 945 4.96 0.39 18.72
C THR C 945 6.34 0.50 18.06
N PHE C 946 6.93 1.69 18.06
CA PHE C 946 8.27 1.95 17.49
C PHE C 946 9.28 0.99 18.08
N THR C 947 9.38 0.89 19.42
CA THR C 947 10.36 0.00 20.11
C THR C 947 10.07 -1.46 19.72
N GLY C 948 8.80 -1.85 19.58
CA GLY C 948 8.39 -3.22 19.24
C GLY C 948 8.86 -3.60 17.86
N ASP C 949 8.64 -2.70 16.90
CA ASP C 949 9.05 -2.87 15.49
C ASP C 949 10.57 -2.99 15.38
N PHE C 950 11.31 -2.28 16.24
CA PHE C 950 12.77 -2.39 16.34
C PHE C 950 13.14 -3.78 16.85
N LEU C 951 12.43 -4.29 17.86
CA LEU C 951 12.75 -5.60 18.49
C LEU C 951 12.45 -6.71 17.48
N ARG C 952 11.32 -6.64 16.77
CA ARG C 952 10.97 -7.57 15.66
C ARG C 952 12.10 -7.61 14.63
N ARG C 953 12.71 -6.47 14.32
CA ARG C 953 13.81 -6.35 13.33
C ARG C 953 15.03 -7.07 13.89
N VAL C 954 15.34 -6.91 15.18
CA VAL C 954 16.50 -7.58 15.83
C VAL C 954 16.30 -9.10 15.80
N GLU C 955 15.08 -9.57 16.05
CA GLU C 955 14.72 -11.00 15.92
C GLU C 955 14.93 -11.44 14.47
N GLU C 956 14.47 -10.66 13.47
CA GLU C 956 14.58 -10.96 12.01
C GLU C 956 16.05 -11.01 11.57
N ARG C 957 16.89 -10.14 12.13
CA ARG C 957 18.32 -9.97 11.74
C ARG C 957 19.13 -11.19 12.22
N PHE C 958 18.85 -11.70 13.40
CA PHE C 958 19.69 -12.71 14.10
C PHE C 958 19.09 -14.11 14.06
N THR C 959 17.79 -14.25 13.83
CA THR C 959 17.17 -15.58 13.72
C THR C 959 17.81 -16.27 12.55
N LYS C 960 18.07 -17.57 12.65
CA LYS C 960 18.74 -18.34 11.58
C LYS C 960 17.69 -18.79 10.55
N SER C 961 16.60 -19.41 11.02
CA SER C 961 15.46 -19.88 10.18
C SER C 961 14.23 -19.01 10.43
N LYS C 962 13.13 -19.39 9.79
CA LYS C 962 11.78 -18.91 10.16
C LYS C 962 11.51 -19.35 11.61
N THR C 963 10.93 -18.47 12.42
CA THR C 963 10.51 -18.75 13.82
C THR C 963 9.25 -17.96 14.16
N LEU C 964 8.81 -18.06 15.42
CA LEU C 964 7.75 -17.20 16.00
C LEU C 964 8.40 -16.04 16.74
N SER C 965 7.80 -14.86 16.62
CA SER C 965 8.18 -13.65 17.38
C SER C 965 8.04 -13.92 18.87
N LEU C 966 9.08 -13.66 19.65
CA LEU C 966 9.04 -13.74 21.13
C LEU C 966 8.13 -12.64 21.69
N ILE C 967 7.95 -11.54 20.94
CA ILE C 967 6.98 -10.43 21.21
C ILE C 967 5.77 -10.63 20.30
N GLN C 968 4.73 -11.33 20.78
CA GLN C 968 3.52 -11.70 19.98
C GLN C 968 2.49 -10.55 19.96
N SER C 969 2.56 -9.66 20.95
CA SER C 969 1.77 -8.42 21.03
C SER C 969 2.58 -7.38 21.81
N TYR C 970 2.47 -6.11 21.45
CA TYR C 970 3.26 -5.02 22.09
C TYR C 970 2.76 -4.73 23.51
N SER C 971 1.68 -5.36 23.98
CA SER C 971 1.29 -5.37 25.42
C SER C 971 2.49 -5.81 26.25
N LEU C 972 3.21 -6.84 25.80
CA LEU C 972 4.32 -7.49 26.54
C LEU C 972 5.45 -6.51 26.81
N LEU C 973 5.49 -5.37 26.09
CA LEU C 973 6.51 -4.32 26.30
C LEU C 973 6.20 -3.50 27.56
N ASP C 974 4.97 -3.56 28.08
CA ASP C 974 4.57 -2.86 29.34
C ASP C 974 5.59 -3.14 30.46
N LYS C 975 6.27 -4.30 30.45
CA LYS C 975 7.43 -4.60 31.35
C LYS C 975 8.71 -4.67 30.50
N PRO C 976 9.26 -3.51 30.06
CA PRO C 976 10.26 -3.50 28.99
C PRO C 976 11.60 -4.14 29.40
N ASP C 977 11.95 -4.09 30.68
CA ASP C 977 13.23 -4.65 31.20
C ASP C 977 13.18 -6.18 31.19
N GLU C 978 11.99 -6.77 31.17
CA GLU C 978 11.75 -8.24 31.12
C GLU C 978 11.34 -8.68 29.70
N ALA C 979 11.48 -7.79 28.70
CA ALA C 979 11.27 -8.07 27.26
C ALA C 979 12.57 -7.89 26.49
N ILE C 980 13.34 -6.86 26.82
CA ILE C 980 14.75 -6.74 26.36
C ILE C 980 15.46 -8.04 26.76
N GLU C 981 15.64 -8.27 28.06
CA GLU C 981 16.42 -9.44 28.58
C GLU C 981 15.96 -10.72 27.86
N LYS C 982 14.67 -10.90 27.63
CA LYS C 982 14.10 -12.14 27.03
C LYS C 982 14.69 -12.36 25.64
N VAL C 983 14.51 -11.37 24.75
CA VAL C 983 14.97 -11.37 23.33
C VAL C 983 16.51 -11.52 23.32
N PHE C 984 17.20 -10.60 23.96
CA PHE C 984 18.68 -10.54 23.96
C PHE C 984 19.32 -11.76 24.68
N ASN C 985 18.56 -12.56 25.43
CA ASN C 985 19.03 -13.89 25.91
C ASN C 985 18.86 -14.92 24.79
N ALA C 986 17.76 -14.82 24.03
CA ALA C 986 17.42 -15.71 22.89
C ALA C 986 18.29 -15.42 21.65
N TYR C 987 18.91 -14.24 21.55
CA TYR C 987 19.85 -13.86 20.45
C TYR C 987 21.07 -13.17 21.04
N PRO C 988 21.83 -13.85 21.91
CA PRO C 988 22.85 -13.17 22.71
C PRO C 988 23.87 -12.44 21.84
N ALA C 989 24.15 -12.92 20.62
CA ALA C 989 25.07 -12.29 19.64
C ALA C 989 24.77 -10.79 19.47
N ALA C 990 23.49 -10.40 19.58
CA ALA C 990 23.00 -9.00 19.47
C ALA C 990 23.47 -8.11 20.62
N ARG C 991 23.95 -8.67 21.75
CA ARG C 991 24.54 -7.89 22.86
C ARG C 991 25.96 -7.40 22.51
N GLU C 992 26.65 -8.06 21.57
CA GLU C 992 28.06 -7.75 21.24
C GLU C 992 28.16 -7.05 19.88
N GLN C 993 27.28 -7.38 18.93
CA GLN C 993 27.38 -6.92 17.51
C GLN C 993 26.76 -5.53 17.33
N PHE C 994 27.38 -4.68 16.49
CA PHE C 994 26.90 -3.33 16.14
C PHE C 994 25.65 -3.44 15.26
N LEU C 995 25.04 -2.30 14.92
CA LEU C 995 23.87 -2.27 14.00
C LEU C 995 24.34 -2.52 12.57
N ASN C 996 23.66 -3.44 11.90
CA ASN C 996 23.78 -3.64 10.44
C ASN C 996 23.37 -2.34 9.75
N ALA C 997 24.17 -1.87 8.80
CA ALA C 997 23.93 -0.61 8.03
C ALA C 997 22.48 -0.56 7.51
N GLN C 998 21.88 -1.69 7.11
CA GLN C 998 20.47 -1.73 6.65
C GLN C 998 19.53 -1.39 7.81
N ASP C 999 19.84 -1.85 9.03
CA ASP C 999 18.98 -1.65 10.23
C ASP C 999 19.07 -0.19 10.70
N ILE C 1000 20.20 0.48 10.45
CA ILE C 1000 20.42 1.92 10.75
C ILE C 1000 19.52 2.78 9.87
N ASP C 1001 19.39 2.41 8.60
CA ASP C 1001 18.54 3.16 7.64
C ASP C 1001 17.08 2.88 7.99
N HIS C 1002 16.75 1.64 8.34
CA HIS C 1002 15.40 1.21 8.76
C HIS C 1002 14.97 2.05 9.97
N PHE C 1003 15.78 2.03 11.02
CA PHE C 1003 15.56 2.79 12.28
C PHE C 1003 15.37 4.29 12.00
N LEU C 1004 16.18 4.86 11.11
CA LEU C 1004 16.13 6.31 10.76
C LEU C 1004 14.89 6.58 9.90
N SER C 1005 14.45 5.57 9.14
CA SER C 1005 13.24 5.65 8.29
C SER C 1005 11.98 5.52 9.15
N MET C 1006 12.02 4.68 10.20
CA MET C 1006 10.91 4.55 11.20
C MET C 1006 10.78 5.86 12.00
N CYS C 1007 11.82 6.68 12.09
CA CYS C 1007 11.81 7.97 12.83
C CYS C 1007 11.01 9.03 12.05
N GLN C 1008 10.84 8.84 10.74
CA GLN C 1008 10.16 9.78 9.82
C GLN C 1008 8.72 9.33 9.53
N ASN C 1009 8.26 8.21 10.13
CA ASN C 1009 6.86 7.72 10.00
C ASN C 1009 5.91 8.81 10.47
N PRO C 1010 5.13 9.45 9.58
CA PRO C 1010 4.24 10.53 10.01
C PRO C 1010 3.19 10.04 11.03
N MET C 1011 2.57 8.87 10.81
CA MET C 1011 1.50 8.29 11.69
C MET C 1011 2.14 7.80 12.99
N GLN C 1012 2.73 8.73 13.73
CA GLN C 1012 3.54 8.43 14.93
C GLN C 1012 3.84 9.77 15.60
N LYS C 1013 4.04 9.74 16.92
CA LYS C 1013 4.56 10.92 17.65
C LYS C 1013 6.05 11.05 17.35
N PRO C 1014 6.57 12.27 17.07
CA PRO C 1014 8.00 12.48 16.82
C PRO C 1014 8.83 12.02 18.00
N VAL C 1015 9.70 11.06 17.71
CA VAL C 1015 10.73 10.52 18.65
C VAL C 1015 11.35 11.67 19.45
N PRO C 1016 11.64 11.46 20.75
CA PRO C 1016 12.23 12.47 21.63
C PRO C 1016 13.76 12.41 21.63
N PHE C 1017 14.35 12.57 20.45
CA PHE C 1017 15.81 12.63 20.27
C PHE C 1017 16.18 12.95 18.83
N VAL C 1018 17.41 13.43 18.66
CA VAL C 1018 18.04 13.68 17.34
C VAL C 1018 18.88 12.44 17.03
N PRO C 1019 18.47 11.59 16.06
CA PRO C 1019 19.21 10.37 15.73
C PRO C 1019 20.35 10.55 14.71
N VAL C 1020 20.42 11.65 13.96
CA VAL C 1020 21.48 11.84 12.95
C VAL C 1020 21.57 13.31 12.54
N LEU C 1021 22.81 13.79 12.43
CA LEU C 1021 23.15 15.14 11.92
C LEU C 1021 23.30 14.98 10.41
N ASP C 1022 22.25 15.30 9.68
CA ASP C 1022 22.30 15.43 8.20
C ASP C 1022 21.50 16.68 7.81
N ARG C 1023 21.09 16.80 6.56
CA ARG C 1023 20.20 17.91 6.12
C ARG C 1023 19.01 18.00 7.09
N ARG C 1024 18.29 16.89 7.34
CA ARG C 1024 16.96 16.90 8.01
C ARG C 1024 17.10 17.03 9.53
N PHE C 1025 18.25 17.51 10.01
CA PHE C 1025 18.48 17.90 11.42
C PHE C 1025 17.60 19.09 11.79
N GLU C 1026 17.46 20.06 10.88
CA GLU C 1026 16.49 21.19 10.98
C GLU C 1026 15.19 20.71 11.60
N ILE C 1027 14.59 19.69 11.00
CA ILE C 1027 13.33 19.06 11.47
C ILE C 1027 13.66 18.50 12.86
N PHE C 1028 14.41 17.40 12.94
CA PHE C 1028 14.57 16.54 14.13
C PHE C 1028 14.83 17.32 15.44
N PHE C 1029 15.48 18.48 15.37
CA PHE C 1029 15.66 19.41 16.51
C PHE C 1029 14.28 19.99 16.89
N LYS C 1030 13.62 20.63 15.92
CA LYS C 1030 12.52 21.61 16.15
C LYS C 1030 11.14 20.96 16.15
N LYS C 1031 10.96 19.78 15.56
CA LYS C 1031 9.63 19.13 15.43
C LYS C 1031 9.10 18.77 16.82
N ASP C 1032 7.86 19.20 17.11
CA ASP C 1032 7.00 18.77 18.25
C ASP C 1032 7.59 19.24 19.58
N SER C 1033 7.92 20.51 19.68
CA SER C 1033 8.80 21.08 20.74
C SER C 1033 7.95 21.79 21.80
N LEU C 1034 6.65 21.46 21.91
CA LEU C 1034 5.68 22.19 22.77
C LEU C 1034 5.41 21.40 24.05
N TRP C 1035 4.87 20.17 23.91
CA TRP C 1035 4.28 19.35 25.00
C TRP C 1035 5.25 19.14 26.19
N GLN C 1036 6.56 19.27 26.01
CA GLN C 1036 7.60 18.94 27.03
C GLN C 1036 7.46 19.80 28.32
N SER C 1037 6.96 21.04 28.23
CA SER C 1037 6.70 21.93 29.40
C SER C 1037 5.48 21.43 30.23
N GLU C 1038 4.56 20.67 29.60
CA GLU C 1038 3.35 20.06 30.22
C GLU C 1038 3.61 18.59 30.61
N HIS C 1039 4.86 18.14 30.53
CA HIS C 1039 5.26 16.77 30.90
C HIS C 1039 6.77 16.72 31.17
N LEU C 1040 7.18 16.90 32.42
CA LEU C 1040 8.62 16.88 32.76
C LEU C 1040 9.08 15.43 32.97
N GLU C 1041 8.25 14.55 33.53
CA GLU C 1041 8.58 13.11 33.70
C GLU C 1041 9.09 12.50 32.38
N ALA C 1042 8.71 13.03 31.22
CA ALA C 1042 9.16 12.62 29.88
C ALA C 1042 10.26 13.55 29.34
N VAL C 1043 11.24 13.84 30.18
CA VAL C 1043 12.45 14.62 29.79
C VAL C 1043 13.63 13.93 30.48
N VAL C 1044 14.84 14.16 29.97
CA VAL C 1044 16.09 13.46 30.39
C VAL C 1044 16.20 13.45 31.92
N ASP C 1045 16.31 14.62 32.56
CA ASP C 1045 16.56 14.74 34.03
C ASP C 1045 15.34 15.38 34.70
N GLN C 1046 14.18 15.37 34.05
CA GLN C 1046 12.96 16.11 34.45
C GLN C 1046 13.25 17.62 34.48
N ASP C 1047 14.34 18.05 33.81
CA ASP C 1047 14.85 19.43 33.91
C ASP C 1047 13.99 20.31 33.00
N VAL C 1048 13.39 21.34 33.57
CA VAL C 1048 12.60 22.32 32.78
C VAL C 1048 13.54 23.07 31.83
N GLN C 1049 14.78 23.36 32.25
CA GLN C 1049 15.78 24.13 31.46
C GLN C 1049 16.08 23.51 30.08
N ARG C 1050 15.72 22.25 29.87
CA ARG C 1050 15.76 21.58 28.54
C ARG C 1050 14.58 22.05 27.68
N THR C 1051 13.47 22.44 28.31
CA THR C 1051 12.15 22.55 27.65
C THR C 1051 11.95 23.93 27.03
N CYS C 1052 11.08 23.99 26.03
CA CYS C 1052 10.50 25.22 25.42
C CYS C 1052 9.19 25.57 26.12
N ILE C 1053 9.12 26.79 26.64
CA ILE C 1053 7.91 27.41 27.26
C ILE C 1053 7.64 28.74 26.55
N LEU C 1054 6.58 28.77 25.75
CA LEU C 1054 6.08 29.98 25.06
C LEU C 1054 5.51 30.92 26.13
N HIS C 1055 5.88 32.20 26.16
CA HIS C 1055 5.40 33.19 27.17
C HIS C 1055 5.80 34.62 26.77
N GLY C 1056 4.85 35.54 26.76
CA GLY C 1056 4.98 36.89 26.17
C GLY C 1056 5.85 37.82 27.00
N PRO C 1057 6.76 38.58 26.36
CA PRO C 1057 7.76 39.37 27.06
C PRO C 1057 7.18 40.51 27.89
N VAL C 1058 6.02 41.04 27.48
CA VAL C 1058 5.36 42.18 28.16
C VAL C 1058 4.49 41.61 29.28
N ALA C 1059 3.82 40.48 29.04
CA ALA C 1059 2.88 39.85 29.98
C ALA C 1059 3.60 39.27 31.20
N ALA C 1060 4.94 39.18 31.16
CA ALA C 1060 5.79 38.56 32.21
C ALA C 1060 5.88 39.40 33.49
N GLN C 1061 5.46 40.67 33.46
CA GLN C 1061 5.51 41.56 34.65
C GLN C 1061 4.40 41.23 35.65
N PHE C 1062 3.34 40.52 35.22
CA PHE C 1062 2.10 40.27 35.99
C PHE C 1062 1.87 38.77 36.26
N THR C 1063 2.88 37.93 36.02
CA THR C 1063 2.87 36.48 36.37
C THR C 1063 3.82 36.28 37.56
N LYS C 1064 3.28 36.29 38.79
CA LYS C 1064 4.08 36.28 40.05
C LYS C 1064 3.56 35.27 41.08
N VAL C 1065 2.24 35.07 41.18
CA VAL C 1065 1.60 34.16 42.18
C VAL C 1065 1.23 32.84 41.49
N ILE C 1066 1.98 31.78 41.81
CA ILE C 1066 1.86 30.43 41.19
C ILE C 1066 0.65 29.72 41.82
N ASP C 1067 -0.06 28.92 41.02
CA ASP C 1067 -1.19 28.05 41.45
C ASP C 1067 -2.34 28.92 41.99
N GLU C 1068 -2.47 30.17 41.55
CA GLU C 1068 -3.69 30.99 41.82
C GLU C 1068 -4.82 30.34 41.02
N PRO C 1069 -6.02 30.06 41.58
CA PRO C 1069 -7.12 29.50 40.79
C PRO C 1069 -7.57 30.44 39.66
N ILE C 1070 -7.79 29.90 38.45
CA ILE C 1070 -8.11 30.71 37.23
C ILE C 1070 -9.24 31.68 37.58
N LYS C 1071 -10.25 31.18 38.29
CA LYS C 1071 -11.45 31.95 38.70
C LYS C 1071 -11.00 33.18 39.50
N SER C 1072 -10.03 33.04 40.40
CA SER C 1072 -9.50 34.14 41.25
C SER C 1072 -8.94 35.26 40.35
N ILE C 1073 -8.10 34.91 39.39
CA ILE C 1073 -7.39 35.87 38.48
C ILE C 1073 -8.46 36.63 37.69
N MET C 1074 -9.20 35.91 36.85
CA MET C 1074 -10.20 36.47 35.92
C MET C 1074 -11.16 37.38 36.70
N ASP C 1075 -11.70 36.92 37.84
CA ASP C 1075 -12.64 37.71 38.68
C ASP C 1075 -11.90 38.87 39.35
N GLY C 1076 -10.60 38.75 39.58
CA GLY C 1076 -9.77 39.87 40.07
C GLY C 1076 -9.57 40.95 39.02
N ILE C 1077 -9.65 40.58 37.73
CA ILE C 1077 -9.56 41.50 36.56
C ILE C 1077 -10.92 42.18 36.35
N HIS C 1078 -11.99 41.39 36.31
CA HIS C 1078 -13.37 41.85 36.05
C HIS C 1078 -13.86 42.84 37.13
N ASP C 1079 -13.68 42.52 38.41
CA ASP C 1079 -14.12 43.35 39.58
C ASP C 1079 -13.19 44.57 39.76
N GLY C 1080 -11.88 44.41 39.48
CA GLY C 1080 -10.91 45.52 39.39
C GLY C 1080 -11.38 46.58 38.41
N HIS C 1081 -11.82 46.17 37.20
CA HIS C 1081 -12.49 47.04 36.19
C HIS C 1081 -13.72 47.66 36.87
N ILE C 1082 -14.70 46.82 37.20
CA ILE C 1082 -16.02 47.24 37.76
C ILE C 1082 -15.78 48.33 38.82
N LYS C 1083 -14.87 48.06 39.77
CA LYS C 1083 -14.51 48.97 40.89
C LYS C 1083 -14.07 50.32 40.33
N LYS C 1084 -13.22 50.35 39.30
CA LYS C 1084 -12.68 51.58 38.65
C LYS C 1084 -13.80 52.33 37.92
N LEU C 1085 -14.69 51.61 37.21
CA LEU C 1085 -15.85 52.21 36.50
C LEU C 1085 -16.85 52.77 37.50
N LEU C 1086 -17.12 52.04 38.58
CA LEU C 1086 -18.00 52.51 39.69
C LEU C 1086 -17.44 53.84 40.23
N HIS C 1087 -16.16 53.87 40.64
CA HIS C 1087 -15.45 55.02 41.26
C HIS C 1087 -15.55 56.28 40.39
N GLN C 1088 -15.29 56.13 39.09
CA GLN C 1088 -15.22 57.22 38.08
C GLN C 1088 -16.63 57.68 37.75
N TYR C 1089 -17.43 56.85 37.06
CA TYR C 1089 -18.70 57.25 36.42
C TYR C 1089 -19.80 57.34 37.48
N TYR C 1090 -20.25 56.21 38.00
CA TYR C 1090 -21.49 56.08 38.80
C TYR C 1090 -21.32 56.62 40.23
N GLY C 1091 -20.11 57.09 40.60
CA GLY C 1091 -19.83 57.84 41.85
C GLY C 1091 -19.80 56.98 43.11
N ASP C 1092 -19.47 55.68 42.99
CA ASP C 1092 -19.39 54.68 44.09
C ASP C 1092 -20.77 54.37 44.67
N ASP C 1093 -21.79 54.19 43.81
CA ASP C 1093 -23.20 53.91 44.20
C ASP C 1093 -23.75 52.74 43.37
N GLU C 1094 -23.65 51.53 43.93
CA GLU C 1094 -24.04 50.25 43.29
C GLU C 1094 -25.48 50.37 42.74
N SER C 1095 -26.38 51.06 43.44
CA SER C 1095 -27.82 51.20 43.08
C SER C 1095 -27.95 51.80 41.67
N LYS C 1096 -27.09 52.76 41.31
CA LYS C 1096 -27.12 53.48 40.00
C LYS C 1096 -26.96 52.54 38.80
N ILE C 1097 -26.41 51.33 39.02
CA ILE C 1097 -26.18 50.33 37.95
C ILE C 1097 -27.56 49.90 37.41
N PRO C 1098 -27.83 50.04 36.09
CA PRO C 1098 -29.06 49.53 35.50
C PRO C 1098 -29.17 48.04 35.79
N ALA C 1099 -30.36 47.59 36.20
CA ALA C 1099 -30.69 46.15 36.39
C ALA C 1099 -31.49 45.67 35.18
N VAL C 1100 -31.27 44.40 34.79
CA VAL C 1100 -32.10 43.64 33.81
C VAL C 1100 -32.35 42.26 34.43
N GLU C 1101 -33.20 41.45 33.80
CA GLU C 1101 -33.44 40.06 34.25
C GLU C 1101 -32.13 39.31 33.94
N TYR C 1102 -31.92 38.97 32.67
CA TYR C 1102 -30.74 38.22 32.17
C TYR C 1102 -29.95 39.14 31.25
N PHE C 1103 -28.63 39.19 31.45
CA PHE C 1103 -27.71 40.03 30.65
C PHE C 1103 -27.13 39.23 29.49
N GLY C 1104 -27.53 39.55 28.26
CA GLY C 1104 -26.87 39.07 27.03
C GLY C 1104 -27.86 38.45 26.08
N GLY C 1105 -27.33 37.89 24.98
CA GLY C 1105 -28.12 37.33 23.87
C GLY C 1105 -28.37 38.35 22.79
N GLU C 1106 -28.02 39.63 23.02
CA GLU C 1106 -28.30 40.73 22.06
C GLU C 1106 -27.20 40.77 21.00
N SER C 1107 -27.59 40.60 19.72
CA SER C 1107 -26.70 40.78 18.54
C SER C 1107 -26.15 42.20 18.53
N PRO C 1108 -24.84 42.41 18.26
CA PRO C 1108 -24.22 43.75 18.34
C PRO C 1108 -24.89 44.79 17.44
N VAL C 1109 -25.45 44.34 16.30
CA VAL C 1109 -26.18 45.17 15.30
C VAL C 1109 -27.68 45.27 15.69
N SER C 1121 -45.71 49.05 25.64
CA SER C 1121 -46.47 49.49 26.84
C SER C 1121 -47.82 48.74 26.95
N GLU C 1122 -48.41 48.29 25.83
CA GLU C 1122 -49.70 47.54 25.77
C GLU C 1122 -49.60 46.29 26.67
N ASP C 1123 -50.70 45.98 27.38
CA ASP C 1123 -50.84 44.83 28.34
C ASP C 1123 -51.56 43.68 27.63
N SER C 1124 -52.70 43.96 26.98
CA SER C 1124 -53.57 42.96 26.31
C SER C 1124 -53.58 43.19 24.79
N ALA C 1125 -52.50 42.78 24.11
CA ALA C 1125 -52.26 42.98 22.66
C ALA C 1125 -52.69 41.72 21.91
N VAL C 1126 -53.23 41.90 20.70
CA VAL C 1126 -53.56 40.80 19.72
C VAL C 1126 -52.64 41.00 18.51
N PHE C 1127 -52.30 39.92 17.81
CA PHE C 1127 -51.46 39.91 16.59
C PHE C 1127 -52.01 38.85 15.63
N LYS C 1128 -52.53 39.30 14.48
CA LYS C 1128 -53.01 38.44 13.38
C LYS C 1128 -51.88 38.25 12.38
N ALA C 1129 -51.19 37.12 12.46
CA ALA C 1129 -50.10 36.74 11.53
C ALA C 1129 -50.66 36.68 10.11
N THR C 1130 -49.90 37.22 9.16
CA THR C 1130 -50.12 37.13 7.70
C THR C 1130 -48.98 36.30 7.10
N SER C 1131 -49.08 35.92 5.83
CA SER C 1131 -48.00 35.21 5.08
C SER C 1131 -46.96 36.21 4.60
N SER C 1132 -47.27 37.52 4.63
CA SER C 1132 -46.37 38.66 4.34
C SER C 1132 -45.67 39.18 5.60
N THR C 1133 -46.14 38.81 6.79
CA THR C 1133 -45.59 39.24 8.11
C THR C 1133 -44.10 38.89 8.14
N ASP C 1134 -43.26 39.86 8.55
CA ASP C 1134 -41.78 39.72 8.71
C ASP C 1134 -41.48 39.08 10.07
N GLU C 1135 -40.69 38.01 10.04
CA GLU C 1135 -40.28 37.20 11.21
C GLU C 1135 -39.76 38.14 12.30
N GLU C 1136 -38.77 38.98 11.98
CA GLU C 1136 -38.11 39.91 12.93
C GLU C 1136 -39.19 40.74 13.63
N SER C 1137 -39.97 41.50 12.85
CA SER C 1137 -41.04 42.41 13.33
C SER C 1137 -42.04 41.61 14.18
N TRP C 1138 -42.38 40.40 13.74
CA TRP C 1138 -43.36 39.49 14.38
C TRP C 1138 -42.90 39.12 15.80
N PHE C 1139 -41.65 38.64 15.92
CA PHE C 1139 -41.07 38.17 17.19
C PHE C 1139 -40.72 39.36 18.10
N LYS C 1140 -40.27 40.48 17.54
CA LYS C 1140 -39.99 41.71 18.32
C LYS C 1140 -41.27 42.20 19.01
N ALA C 1141 -42.38 42.22 18.26
CA ALA C 1141 -43.73 42.62 18.72
C ALA C 1141 -44.18 41.72 19.87
N LEU C 1142 -44.11 40.39 19.65
CA LEU C 1142 -44.57 39.35 20.63
C LEU C 1142 -43.71 39.47 21.89
N ALA C 1143 -42.39 39.35 21.73
CA ALA C 1143 -41.35 39.46 22.80
C ALA C 1143 -41.50 40.77 23.56
N GLY C 1144 -41.69 41.87 22.82
CA GLY C 1144 -41.82 43.23 23.38
C GLY C 1144 -40.47 43.90 23.60
N SER C 1145 -40.37 44.74 24.63
CA SER C 1145 -39.18 45.53 24.99
C SER C 1145 -38.53 44.99 26.28
N GLU C 1146 -39.32 44.91 27.37
CA GLU C 1146 -38.85 44.46 28.72
C GLU C 1146 -38.09 43.13 28.57
N ILE C 1147 -36.91 43.03 29.20
CA ILE C 1147 -36.12 41.77 29.36
C ILE C 1147 -36.85 40.93 30.41
N ASN C 1148 -37.43 39.80 29.99
CA ASN C 1148 -38.15 38.83 30.86
C ASN C 1148 -38.16 37.49 30.16
N TRP C 1149 -38.65 36.46 30.84
CA TRP C 1149 -38.73 35.10 30.27
C TRP C 1149 -39.29 35.20 28.84
N ARG C 1150 -40.39 35.95 28.67
CA ARG C 1150 -41.16 36.03 27.39
C ARG C 1150 -40.27 36.65 26.31
N HIS C 1151 -39.36 37.56 26.68
CA HIS C 1151 -38.39 38.18 25.74
C HIS C 1151 -37.42 37.11 25.22
N ALA C 1152 -36.78 36.37 26.15
CA ALA C 1152 -35.82 35.28 25.86
C ALA C 1152 -36.49 34.23 24.97
N SER C 1153 -37.66 33.75 25.39
CA SER C 1153 -38.43 32.66 24.72
C SER C 1153 -38.63 32.95 23.22
N PHE C 1154 -38.74 34.21 22.81
CA PHE C 1154 -39.03 34.58 21.39
C PHE C 1154 -37.82 35.13 20.65
N LEU C 1155 -36.71 35.44 21.35
CA LEU C 1155 -35.50 36.09 20.75
C LEU C 1155 -34.25 35.19 20.84
N CYS C 1156 -34.04 34.43 21.93
CA CYS C 1156 -32.98 33.38 22.02
C CYS C 1156 -33.18 32.36 20.89
N SER C 1157 -32.21 32.23 19.98
CA SER C 1157 -32.31 31.34 18.79
C SER C 1157 -31.95 29.89 19.17
N PHE C 1158 -31.29 29.68 20.31
CA PHE C 1158 -30.83 28.35 20.80
C PHE C 1158 -31.14 28.16 22.29
N ILE C 1159 -31.82 27.04 22.61
CA ILE C 1159 -32.16 26.56 23.99
C ILE C 1159 -31.27 25.37 24.36
N THR C 1160 -31.26 24.98 25.63
CA THR C 1160 -30.39 23.92 26.22
C THR C 1160 -31.25 22.67 26.50
N GLN C 1161 -30.80 21.48 26.06
CA GLN C 1161 -31.43 20.15 26.35
C GLN C 1161 -30.40 19.21 26.99
N ASP C 1162 -30.19 19.34 28.30
CA ASP C 1162 -29.03 18.82 29.08
C ASP C 1162 -27.86 19.79 28.90
N LYS C 1163 -26.88 19.48 28.03
CA LYS C 1163 -25.75 20.37 27.63
C LYS C 1163 -25.71 20.51 26.10
N MET C 1164 -26.80 20.12 25.43
CA MET C 1164 -26.93 20.07 23.95
C MET C 1164 -27.73 21.30 23.50
N PHE C 1165 -27.12 22.19 22.71
CA PHE C 1165 -27.78 23.41 22.16
C PHE C 1165 -28.53 23.09 20.87
N VAL C 1166 -29.86 23.06 20.98
CA VAL C 1166 -30.80 22.75 19.86
C VAL C 1166 -31.46 24.05 19.43
N SER C 1167 -32.07 24.08 18.25
CA SER C 1167 -32.85 25.23 17.76
C SER C 1167 -33.99 25.50 18.74
N ASN C 1168 -34.22 26.78 19.08
CA ASN C 1168 -35.34 27.21 19.94
C ASN C 1168 -36.64 26.69 19.32
N PRO C 1169 -37.40 25.83 20.03
CA PRO C 1169 -38.66 25.30 19.49
C PRO C 1169 -39.75 26.38 19.43
N ILE C 1170 -39.78 27.25 20.43
CA ILE C 1170 -40.82 28.30 20.61
C ILE C 1170 -40.85 29.20 19.37
N ARG C 1171 -39.68 29.63 18.87
CA ARG C 1171 -39.61 30.44 17.64
C ARG C 1171 -40.19 29.62 16.48
N LYS C 1172 -39.79 28.34 16.33
CA LYS C 1172 -40.20 27.47 15.18
C LYS C 1172 -41.72 27.23 15.19
N VAL C 1173 -42.32 27.03 16.37
CA VAL C 1173 -43.80 26.86 16.56
C VAL C 1173 -44.51 28.14 16.10
N PHE C 1174 -44.06 29.29 16.61
CA PHE C 1174 -44.68 30.63 16.43
C PHE C 1174 -44.22 31.29 15.11
N LYS C 1175 -43.67 30.52 14.15
CA LYS C 1175 -43.23 31.08 12.84
C LYS C 1175 -44.44 31.71 12.18
N PRO C 1176 -44.38 33.01 11.78
CA PRO C 1176 -45.57 33.74 11.35
C PRO C 1176 -46.17 33.09 10.10
N SER C 1177 -47.28 32.36 10.28
CA SER C 1177 -48.07 31.66 9.21
C SER C 1177 -49.50 32.20 9.18
N GLN C 1178 -50.18 32.03 8.05
CA GLN C 1178 -51.55 32.59 7.82
C GLN C 1178 -52.56 31.78 8.65
N GLY C 1179 -53.40 32.49 9.42
CA GLY C 1179 -54.41 31.91 10.32
C GLY C 1179 -54.08 32.11 11.79
N MET C 1180 -52.79 32.30 12.13
CA MET C 1180 -52.32 32.45 13.54
C MET C 1180 -52.88 33.74 14.13
N VAL C 1181 -53.55 33.64 15.28
CA VAL C 1181 -54.10 34.77 16.06
C VAL C 1181 -53.53 34.70 17.46
N VAL C 1182 -52.38 35.32 17.67
CA VAL C 1182 -51.71 35.33 19.00
C VAL C 1182 -52.43 36.38 19.85
N GLU C 1183 -52.69 36.05 21.12
CA GLU C 1183 -53.21 36.98 22.14
C GLU C 1183 -52.25 36.97 23.35
N ILE C 1184 -51.77 38.15 23.73
CA ILE C 1184 -51.02 38.39 25.00
C ILE C 1184 -52.01 38.94 26.02
N SER C 1185 -52.00 38.40 27.25
CA SER C 1185 -52.78 38.91 28.41
C SER C 1185 -51.83 39.07 29.59
N ASN C 1186 -52.02 40.15 30.36
CA ASN C 1186 -51.15 40.55 31.49
C ASN C 1186 -49.71 40.78 30.99
N GLY C 1187 -49.58 41.38 29.80
CA GLY C 1187 -48.27 41.65 29.15
C GLY C 1187 -47.34 42.42 30.07
N ASN C 1188 -47.85 43.43 30.77
CA ASN C 1188 -47.05 44.33 31.65
C ASN C 1188 -46.55 43.55 32.88
N THR C 1189 -47.38 42.69 33.47
CA THR C 1189 -47.01 41.81 34.61
C THR C 1189 -46.27 40.57 34.08
N SER C 1190 -44.95 40.49 34.30
CA SER C 1190 -44.10 39.33 33.88
C SER C 1190 -44.75 38.03 34.36
N SER C 1191 -44.89 37.89 35.69
CA SER C 1191 -45.44 36.70 36.39
C SER C 1191 -46.74 36.21 35.71
N LYS C 1192 -47.68 37.12 35.44
CA LYS C 1192 -49.06 36.80 34.99
C LYS C 1192 -49.13 36.70 33.45
N THR C 1193 -48.10 37.14 32.71
CA THR C 1193 -48.10 37.19 31.22
C THR C 1193 -48.55 35.81 30.70
N VAL C 1194 -49.57 35.77 29.81
CA VAL C 1194 -50.04 34.52 29.12
C VAL C 1194 -50.14 34.75 27.62
N VAL C 1195 -49.32 34.06 26.82
CA VAL C 1195 -49.31 34.13 25.32
C VAL C 1195 -50.08 32.92 24.79
N THR C 1196 -51.28 33.17 24.26
CA THR C 1196 -52.18 32.15 23.69
C THR C 1196 -52.17 32.29 22.16
N LEU C 1197 -51.50 31.36 21.47
CA LEU C 1197 -51.73 31.15 20.02
C LEU C 1197 -53.14 30.57 19.84
N SER C 1198 -53.80 30.96 18.75
CA SER C 1198 -55.04 30.32 18.23
C SER C 1198 -54.92 30.17 16.71
N GLU C 1199 -55.39 29.02 16.18
CA GLU C 1199 -55.30 28.66 14.74
C GLU C 1199 -56.69 28.25 14.25
N PRO C 1200 -56.95 28.26 12.92
CA PRO C 1200 -58.14 27.63 12.34
C PRO C 1200 -58.09 26.09 12.42
N VAL C 1201 -59.03 25.49 13.16
CA VAL C 1201 -59.18 24.02 13.40
C VAL C 1201 -60.63 23.62 13.08
N GLN C 1202 -60.85 23.00 11.91
CA GLN C 1202 -62.17 22.76 11.25
C GLN C 1202 -62.85 24.10 10.89
N GLY C 1203 -62.06 25.12 10.52
CA GLY C 1203 -62.55 26.44 10.04
C GLY C 1203 -62.61 27.49 11.14
N GLU C 1204 -63.13 27.15 12.33
CA GLU C 1204 -63.23 28.04 13.52
C GLU C 1204 -61.86 28.19 14.20
N LEU C 1205 -61.64 29.25 14.99
CA LEU C 1205 -60.31 29.71 15.51
C LEU C 1205 -60.06 29.24 16.94
N LYS C 1206 -59.55 28.02 17.10
CA LYS C 1206 -59.42 27.32 18.41
C LYS C 1206 -58.05 27.64 19.02
N PRO C 1207 -57.90 27.69 20.37
CA PRO C 1207 -56.60 27.80 21.02
C PRO C 1207 -55.79 26.50 20.87
N THR C 1208 -54.58 26.59 20.28
CA THR C 1208 -53.67 25.45 19.99
C THR C 1208 -52.46 25.43 20.93
N VAL C 1209 -51.88 26.60 21.25
CA VAL C 1209 -50.76 26.73 22.22
C VAL C 1209 -51.19 27.69 23.33
N ILE C 1210 -50.73 27.42 24.55
CA ILE C 1210 -50.78 28.35 25.70
C ILE C 1210 -49.37 28.42 26.27
N LEU C 1211 -48.65 29.51 26.01
CA LEU C 1211 -47.35 29.81 26.66
C LEU C 1211 -47.62 30.67 27.89
N LYS C 1212 -47.01 30.34 29.03
CA LYS C 1212 -47.20 31.09 30.30
C LYS C 1212 -46.13 30.67 31.31
N LEU C 1213 -46.23 31.16 32.54
CA LEU C 1213 -45.41 30.70 33.69
C LEU C 1213 -46.23 29.71 34.53
N LEU C 1214 -45.57 28.63 34.93
CA LEU C 1214 -46.08 27.62 35.89
C LEU C 1214 -45.54 27.93 37.30
N LYS C 1215 -44.26 28.31 37.39
CA LYS C 1215 -43.57 28.73 38.64
C LYS C 1215 -42.75 29.99 38.36
N GLU C 1216 -41.87 30.37 39.28
CA GLU C 1216 -40.94 31.52 39.20
C GLU C 1216 -39.94 31.30 38.03
N ASN C 1217 -39.41 30.08 37.87
CA ASN C 1217 -38.34 29.76 36.89
C ASN C 1217 -38.85 28.87 35.76
N ILE C 1218 -39.99 28.22 35.93
CA ILE C 1218 -40.47 27.16 34.98
C ILE C 1218 -41.44 27.83 34.02
N ILE C 1219 -41.30 27.55 32.72
CA ILE C 1219 -42.24 27.93 31.62
C ILE C 1219 -43.03 26.67 31.27
N GLN C 1220 -44.25 26.83 30.77
CA GLN C 1220 -45.15 25.72 30.38
C GLN C 1220 -45.72 26.01 28.99
N MET C 1221 -44.93 25.76 27.96
CA MET C 1221 -45.41 25.77 26.55
C MET C 1221 -46.29 24.53 26.35
N GLU C 1222 -47.60 24.69 26.53
CA GLU C 1222 -48.60 23.58 26.55
C GLU C 1222 -49.34 23.50 25.20
N MET C 1223 -48.98 22.52 24.34
CA MET C 1223 -49.54 22.35 22.97
C MET C 1223 -50.84 21.54 23.05
N ILE C 1224 -51.97 22.21 22.81
CA ILE C 1224 -53.35 21.67 22.92
C ILE C 1224 -53.84 21.28 21.52
N GLU C 1225 -53.88 19.99 21.22
CA GLU C 1225 -54.44 19.44 19.95
C GLU C 1225 -55.93 19.15 20.17
N ASN C 1226 -56.75 19.35 19.12
CA ASN C 1226 -58.23 19.35 19.20
C ASN C 1226 -58.85 18.08 18.57
N ARG C 1227 -58.19 17.47 17.59
CA ARG C 1227 -58.67 16.21 16.93
C ARG C 1227 -58.29 15.01 17.79
N THR C 1228 -59.15 14.65 18.74
CA THR C 1228 -58.94 13.56 19.74
C THR C 1228 -59.92 12.42 19.47
N MET C 1229 -59.98 11.46 20.40
CA MET C 1229 -60.95 10.33 20.36
C MET C 1229 -62.33 10.91 20.71
N ASP C 1230 -62.49 11.41 21.94
CA ASP C 1230 -63.77 11.87 22.52
C ASP C 1230 -64.24 13.16 21.82
N GLY C 1231 -63.38 14.18 21.72
CA GLY C 1231 -63.68 15.55 21.24
C GLY C 1231 -63.16 16.65 22.15
N LYS C 1232 -62.84 16.30 23.42
CA LYS C 1232 -62.14 17.16 24.41
C LYS C 1232 -60.67 17.28 24.02
N PRO C 1233 -60.17 18.51 23.71
CA PRO C 1233 -58.79 18.70 23.26
C PRO C 1233 -57.75 18.32 24.35
N VAL C 1234 -56.75 17.51 23.98
CA VAL C 1234 -55.69 16.98 24.89
C VAL C 1234 -54.50 17.94 24.88
N SER C 1235 -54.05 18.31 26.08
CA SER C 1235 -52.96 19.27 26.34
C SER C 1235 -51.68 18.51 26.64
N LEU C 1236 -50.57 18.87 25.97
CA LEU C 1236 -49.20 18.35 26.26
C LEU C 1236 -48.35 19.45 26.90
N PRO C 1237 -48.11 19.40 28.23
CA PRO C 1237 -47.33 20.43 28.92
C PRO C 1237 -45.81 20.15 28.94
N LEU C 1238 -45.11 20.53 27.87
CA LEU C 1238 -43.62 20.53 27.81
C LEU C 1238 -43.12 21.74 28.58
N LEU C 1239 -42.10 21.52 29.42
CA LEU C 1239 -41.60 22.55 30.35
C LEU C 1239 -40.22 23.03 29.86
N TYR C 1240 -39.74 24.14 30.43
CA TYR C 1240 -38.37 24.70 30.29
C TYR C 1240 -37.98 25.35 31.63
N ASN C 1241 -36.68 25.42 31.92
CA ASN C 1241 -36.14 25.98 33.19
C ASN C 1241 -35.45 27.31 32.90
N PHE C 1242 -36.20 28.42 33.00
CA PHE C 1242 -35.70 29.78 32.69
C PHE C 1242 -34.68 30.22 33.76
N ASN C 1243 -33.40 30.07 33.43
CA ASN C 1243 -32.27 30.50 34.29
C ASN C 1243 -31.77 31.86 33.81
N PRO C 1244 -32.07 32.97 34.52
CA PRO C 1244 -31.59 34.30 34.11
C PRO C 1244 -30.09 34.54 34.33
N ASP C 1245 -29.38 33.62 34.99
CA ASP C 1245 -27.93 33.71 35.31
C ASP C 1245 -27.09 33.15 34.15
N ASN C 1246 -27.74 32.53 33.16
CA ASN C 1246 -27.15 32.07 31.87
C ASN C 1246 -27.60 33.04 30.77
N GLY C 1247 -26.83 34.10 30.56
CA GLY C 1247 -27.17 35.22 29.66
C GLY C 1247 -27.30 34.79 28.22
N PHE C 1248 -26.50 33.80 27.82
CA PHE C 1248 -26.47 33.27 26.44
C PHE C 1248 -27.74 32.45 26.19
N ALA C 1249 -27.89 31.33 26.88
CA ALA C 1249 -28.99 30.34 26.75
C ALA C 1249 -29.71 30.20 28.09
N PRO C 1250 -30.54 31.19 28.48
CA PRO C 1250 -31.26 31.14 29.75
C PRO C 1250 -32.39 30.10 29.80
N ILE C 1251 -32.81 29.58 28.63
CA ILE C 1251 -33.79 28.47 28.52
C ILE C 1251 -33.03 27.13 28.49
N SER C 1252 -33.30 26.23 29.45
CA SER C 1252 -32.91 24.80 29.43
C SER C 1252 -34.17 23.93 29.54
N GLU C 1253 -34.42 23.05 28.57
CA GLU C 1253 -35.64 22.20 28.52
C GLU C 1253 -35.51 21.06 29.55
N VAL C 1254 -36.60 20.81 30.30
CA VAL C 1254 -36.70 19.70 31.30
C VAL C 1254 -36.68 18.38 30.50
N MET C 1255 -35.71 17.51 30.79
CA MET C 1255 -35.54 16.17 30.15
C MET C 1255 -36.21 15.09 31.01
N GLU C 1256 -36.18 15.23 32.35
CA GLU C 1256 -36.78 14.26 33.32
C GLU C 1256 -38.29 14.21 33.11
N ASP C 1257 -38.84 13.01 32.90
CA ASP C 1257 -40.29 12.71 32.77
C ASP C 1257 -40.82 13.13 31.38
N ARG C 1258 -39.95 13.66 30.50
CA ARG C 1258 -40.35 14.31 29.22
C ARG C 1258 -40.98 13.26 28.30
N ASN C 1259 -40.31 12.11 28.17
CA ASN C 1259 -40.76 10.98 27.32
C ASN C 1259 -42.04 10.35 27.91
N GLN C 1260 -42.20 10.38 29.24
CA GLN C 1260 -43.36 9.77 29.95
C GLN C 1260 -44.61 10.63 29.75
N ARG C 1261 -44.45 11.96 29.75
CA ARG C 1261 -45.53 12.94 29.44
C ARG C 1261 -45.95 12.79 27.97
N ILE C 1262 -45.00 12.84 27.05
CA ILE C 1262 -45.25 12.71 25.58
C ILE C 1262 -46.06 11.44 25.34
N LYS C 1263 -45.63 10.32 25.93
CA LYS C 1263 -46.31 9.00 25.81
C LYS C 1263 -47.74 9.17 26.35
N GLU C 1264 -47.91 9.77 27.53
CA GLU C 1264 -49.22 9.91 28.24
C GLU C 1264 -50.25 10.64 27.38
N MET C 1265 -49.80 11.64 26.62
CA MET C 1265 -50.65 12.39 25.66
C MET C 1265 -51.05 11.44 24.52
N TYR C 1266 -50.08 10.71 23.95
CA TYR C 1266 -50.29 9.80 22.79
C TYR C 1266 -51.14 8.60 23.22
N TRP C 1267 -51.15 8.26 24.51
CA TRP C 1267 -52.02 7.21 25.09
C TRP C 1267 -53.49 7.61 24.90
N LYS C 1268 -53.84 8.83 25.30
CA LYS C 1268 -55.22 9.42 25.19
C LYS C 1268 -55.56 9.69 23.72
N LEU C 1269 -54.56 9.79 22.85
CA LEU C 1269 -54.75 9.92 21.37
C LEU C 1269 -55.09 8.56 20.74
N TRP C 1270 -54.44 7.47 21.16
CA TRP C 1270 -54.53 6.14 20.51
C TRP C 1270 -55.22 5.11 21.40
N ILE C 1271 -54.71 4.95 22.62
CA ILE C 1271 -55.15 3.89 23.57
C ILE C 1271 -56.47 4.36 24.21
N ASP C 1272 -57.37 3.41 24.52
CA ASP C 1272 -58.76 3.60 25.01
C ASP C 1272 -58.86 2.87 26.36
N GLU C 1273 -57.76 2.91 27.12
CA GLU C 1273 -57.56 2.18 28.40
C GLU C 1273 -57.02 3.20 29.40
N PRO C 1274 -56.81 2.82 30.69
CA PRO C 1274 -55.97 3.59 31.62
C PRO C 1274 -54.46 3.58 31.29
N PHE C 1275 -53.83 4.77 31.37
CA PHE C 1275 -52.39 5.01 31.07
C PHE C 1275 -51.51 4.30 32.10
N ASN C 1276 -50.74 3.31 31.65
CA ASN C 1276 -49.74 2.58 32.47
C ASN C 1276 -48.66 2.01 31.56
N LEU C 1277 -47.39 2.36 31.81
CA LEU C 1277 -46.21 1.97 31.00
C LEU C 1277 -45.35 0.94 31.72
N ASP C 1278 -45.72 0.52 32.94
CA ASP C 1278 -44.90 -0.39 33.78
C ASP C 1278 -45.28 -1.85 33.49
N PHE C 1279 -45.44 -2.20 32.20
CA PHE C 1279 -45.71 -3.57 31.68
C PHE C 1279 -44.44 -4.02 30.94
N ASP C 1280 -44.22 -5.33 30.86
CA ASP C 1280 -43.02 -5.94 30.20
C ASP C 1280 -43.29 -6.02 28.70
N PRO C 1281 -42.41 -5.48 27.83
CA PRO C 1281 -42.62 -5.54 26.38
C PRO C 1281 -42.65 -6.97 25.81
N ARG C 1282 -41.81 -7.84 26.38
CA ARG C 1282 -41.65 -9.28 26.01
C ARG C 1282 -43.07 -9.89 25.93
N ASP C 1283 -43.84 -9.72 27.01
CA ASP C 1283 -45.24 -10.20 27.17
C ASP C 1283 -46.05 -9.84 25.91
N VAL C 1284 -46.85 -10.80 25.45
CA VAL C 1284 -47.76 -10.63 24.28
C VAL C 1284 -48.80 -9.58 24.69
N ILE C 1285 -49.13 -8.68 23.77
CA ILE C 1285 -50.21 -7.66 23.94
C ILE C 1285 -51.44 -8.14 23.14
N LYS C 1286 -52.61 -8.15 23.81
CA LYS C 1286 -53.91 -8.64 23.28
C LYS C 1286 -54.88 -7.46 23.13
N GLY C 1287 -54.89 -6.83 21.96
CA GLY C 1287 -55.80 -5.71 21.62
C GLY C 1287 -57.25 -6.17 21.62
N LYS C 1288 -58.16 -5.31 22.09
CA LYS C 1288 -59.61 -5.61 22.24
C LYS C 1288 -60.20 -5.97 20.87
N ASP C 1289 -61.05 -7.01 20.83
CA ASP C 1289 -61.67 -7.52 19.58
C ASP C 1289 -62.43 -6.37 18.92
N PHE C 1290 -62.55 -6.41 17.60
CA PHE C 1290 -63.17 -5.36 16.77
C PHE C 1290 -64.02 -6.03 15.68
N GLU C 1291 -65.29 -5.65 15.58
CA GLU C 1291 -66.22 -6.11 14.53
C GLU C 1291 -66.01 -5.24 13.29
N ILE C 1292 -65.79 -5.88 12.13
CA ILE C 1292 -65.67 -5.21 10.81
C ILE C 1292 -67.09 -4.91 10.30
N THR C 1293 -67.47 -3.63 10.26
CA THR C 1293 -68.83 -3.14 9.91
C THR C 1293 -68.79 -2.53 8.49
N ALA C 1294 -69.87 -2.66 7.73
CA ALA C 1294 -69.98 -2.23 6.31
C ALA C 1294 -69.69 -0.73 6.17
N LYS C 1295 -70.19 0.08 7.12
CA LYS C 1295 -70.03 1.57 7.16
C LYS C 1295 -68.54 1.94 7.31
N GLU C 1296 -67.79 1.26 8.20
CA GLU C 1296 -66.33 1.50 8.45
C GLU C 1296 -65.49 1.07 7.24
N VAL C 1297 -65.93 0.06 6.47
CA VAL C 1297 -65.29 -0.40 5.20
C VAL C 1297 -65.57 0.62 4.10
N TYR C 1298 -66.76 1.24 4.09
CA TYR C 1298 -67.15 2.36 3.19
C TYR C 1298 -66.23 3.57 3.43
N ASP C 1299 -66.11 4.01 4.68
CA ASP C 1299 -65.37 5.23 5.11
C ASP C 1299 -63.86 5.06 4.96
N PHE C 1300 -63.32 3.86 5.22
CA PHE C 1300 -61.88 3.53 5.03
C PHE C 1300 -61.53 3.55 3.53
N THR C 1301 -62.35 2.90 2.69
CA THR C 1301 -62.20 2.80 1.19
C THR C 1301 -62.40 4.17 0.51
N HIS C 1302 -63.23 5.05 1.10
CA HIS C 1302 -63.51 6.43 0.63
C HIS C 1302 -62.31 7.34 0.96
N ALA C 1303 -61.78 7.26 2.19
CA ALA C 1303 -60.58 8.01 2.67
C ALA C 1303 -59.37 7.68 1.78
N VAL C 1304 -59.09 6.38 1.54
CA VAL C 1304 -57.92 5.88 0.75
C VAL C 1304 -58.20 5.93 -0.77
N GLY C 1305 -59.46 6.17 -1.18
CA GLY C 1305 -59.86 6.24 -2.61
C GLY C 1305 -59.79 4.89 -3.30
N ASN C 1306 -59.90 3.80 -2.54
CA ASN C 1306 -59.86 2.39 -3.03
C ASN C 1306 -61.19 2.14 -3.77
N ASN C 1307 -61.11 1.75 -5.06
CA ASN C 1307 -62.28 1.58 -5.97
C ASN C 1307 -62.44 0.10 -6.35
N CYS C 1308 -62.26 -0.80 -5.38
CA CYS C 1308 -62.43 -2.27 -5.51
C CYS C 1308 -63.88 -2.66 -5.17
N GLU C 1309 -64.56 -3.35 -6.09
CA GLU C 1309 -65.95 -3.88 -6.00
C GLU C 1309 -66.13 -4.79 -4.77
N ASP C 1310 -65.10 -5.59 -4.41
CA ASP C 1310 -65.12 -6.60 -3.32
C ASP C 1310 -65.49 -5.92 -1.98
N PHE C 1311 -65.14 -4.63 -1.81
CA PHE C 1311 -65.37 -3.82 -0.57
C PHE C 1311 -66.62 -2.94 -0.69
N VAL C 1312 -67.41 -3.08 -1.76
CA VAL C 1312 -68.67 -2.32 -2.00
C VAL C 1312 -69.83 -3.27 -1.66
N SER C 1313 -70.97 -2.72 -1.20
CA SER C 1313 -72.25 -3.44 -0.93
C SER C 1313 -72.91 -3.85 -2.25
N ARG C 1314 -72.88 -5.16 -2.58
CA ARG C 1314 -73.40 -5.72 -3.85
C ARG C 1314 -74.58 -6.64 -3.55
N PRO C 1315 -75.46 -6.94 -4.54
CA PRO C 1315 -76.51 -7.95 -4.36
C PRO C 1315 -75.99 -9.39 -4.39
N ASP C 1316 -76.47 -10.23 -3.45
CA ASP C 1316 -76.15 -11.68 -3.30
C ASP C 1316 -74.63 -11.86 -3.26
N ARG C 1317 -73.94 -11.13 -2.37
CA ARG C 1317 -72.45 -11.11 -2.27
C ARG C 1317 -72.05 -10.62 -0.86
N THR C 1318 -71.05 -11.27 -0.27
CA THR C 1318 -70.33 -10.81 0.95
C THR C 1318 -69.41 -9.63 0.57
N MET C 1319 -69.48 -8.55 1.34
CA MET C 1319 -68.48 -7.45 1.30
C MET C 1319 -67.22 -7.95 2.00
N LEU C 1320 -66.09 -7.98 1.30
CA LEU C 1320 -64.76 -8.24 1.92
C LEU C 1320 -64.32 -6.95 2.63
N ALA C 1321 -63.24 -7.03 3.41
CA ALA C 1321 -62.54 -5.89 4.07
C ALA C 1321 -61.10 -5.86 3.57
N PRO C 1322 -60.57 -4.69 3.14
CA PRO C 1322 -59.19 -4.60 2.66
C PRO C 1322 -58.20 -4.94 3.78
N MET C 1323 -57.11 -5.65 3.44
CA MET C 1323 -55.99 -5.99 4.37
C MET C 1323 -55.29 -4.69 4.84
N ASP C 1324 -55.48 -3.58 4.12
CA ASP C 1324 -55.19 -2.21 4.62
C ASP C 1324 -55.90 -2.06 5.99
N PHE C 1325 -57.22 -2.24 6.00
CA PHE C 1325 -58.11 -2.06 7.18
C PHE C 1325 -57.54 -2.76 8.43
N ALA C 1326 -56.81 -3.87 8.23
CA ALA C 1326 -56.23 -4.68 9.32
C ALA C 1326 -55.32 -3.83 10.24
N ILE C 1327 -54.56 -2.88 9.68
CA ILE C 1327 -53.59 -2.03 10.44
C ILE C 1327 -54.36 -1.18 11.46
N VAL C 1328 -55.58 -0.78 11.12
CA VAL C 1328 -56.55 -0.04 11.99
C VAL C 1328 -56.78 -0.87 13.25
N VAL C 1329 -57.36 -2.05 13.08
CA VAL C 1329 -57.82 -2.98 14.16
C VAL C 1329 -56.61 -3.32 15.04
N GLY C 1330 -55.52 -3.74 14.41
CA GLY C 1330 -54.21 -4.00 15.05
C GLY C 1330 -53.69 -2.79 15.79
N TRP C 1331 -53.78 -1.62 15.17
CA TRP C 1331 -53.02 -0.39 15.54
C TRP C 1331 -52.89 -0.26 17.06
N ARG C 1332 -54.02 -0.41 17.78
CA ARG C 1332 -54.16 -0.13 19.23
C ARG C 1332 -53.23 -1.05 20.06
N ALA C 1333 -53.00 -2.27 19.58
CA ALA C 1333 -52.07 -3.27 20.14
C ALA C 1333 -50.65 -3.01 19.63
N ILE C 1334 -50.49 -2.79 18.32
CA ILE C 1334 -49.18 -2.64 17.62
C ILE C 1334 -48.46 -1.43 18.22
N ILE C 1335 -49.14 -0.28 18.23
CA ILE C 1335 -48.57 0.98 18.77
C ILE C 1335 -48.25 0.75 20.26
N LYS C 1336 -49.14 0.09 21.01
CA LYS C 1336 -48.97 -0.23 22.45
C LYS C 1336 -47.58 -0.84 22.70
N ALA C 1337 -47.06 -1.60 21.73
CA ALA C 1337 -45.73 -2.24 21.77
C ALA C 1337 -44.64 -1.21 22.05
N ILE C 1338 -44.72 -0.01 21.48
CA ILE C 1338 -43.62 1.00 21.54
C ILE C 1338 -43.73 1.83 22.83
N PHE C 1339 -44.84 1.70 23.56
CA PHE C 1339 -45.16 2.54 24.75
C PHE C 1339 -44.31 2.21 25.97
N PRO C 1340 -44.05 0.93 26.34
CA PRO C 1340 -43.53 0.62 27.68
C PRO C 1340 -42.30 1.44 28.10
N ASN C 1341 -42.02 1.46 29.41
CA ASN C 1341 -40.94 2.26 30.04
C ASN C 1341 -39.54 1.72 29.72
N THR C 1342 -39.44 0.47 29.24
CA THR C 1342 -38.18 -0.18 28.82
C THR C 1342 -37.96 -0.02 27.31
N VAL C 1343 -38.85 0.68 26.59
CA VAL C 1343 -38.68 1.13 25.18
C VAL C 1343 -38.60 2.67 25.21
N ASP C 1344 -37.82 3.21 26.17
CA ASP C 1344 -37.82 4.64 26.61
C ASP C 1344 -37.33 5.53 25.46
N GLY C 1345 -38.26 6.18 24.74
CA GLY C 1345 -37.98 7.10 23.62
C GLY C 1345 -39.07 8.15 23.45
N ASP C 1346 -38.69 9.32 22.90
CA ASP C 1346 -39.60 10.41 22.47
C ASP C 1346 -40.39 9.97 21.24
N LEU C 1347 -41.72 10.05 21.32
CA LEU C 1347 -42.65 9.52 20.28
C LEU C 1347 -42.85 10.56 19.16
N LEU C 1348 -42.48 11.83 19.36
CA LEU C 1348 -42.50 12.89 18.30
C LEU C 1348 -41.52 12.49 17.19
N LYS C 1349 -40.36 11.92 17.57
CA LYS C 1349 -39.28 11.40 16.68
C LYS C 1349 -39.52 9.90 16.38
N LEU C 1350 -40.78 9.47 16.29
CA LEU C 1350 -41.14 8.11 15.82
C LEU C 1350 -41.16 8.09 14.29
N VAL C 1351 -40.18 7.44 13.70
CA VAL C 1351 -40.16 7.11 12.25
C VAL C 1351 -40.77 5.71 12.12
N HIS C 1352 -41.82 5.61 11.32
CA HIS C 1352 -42.33 4.31 10.78
C HIS C 1352 -41.48 3.99 9.55
N LEU C 1353 -40.54 3.04 9.66
CA LEU C 1353 -39.59 2.67 8.58
C LEU C 1353 -40.37 1.91 7.49
N SER C 1354 -41.04 0.82 7.89
CA SER C 1354 -41.76 -0.11 6.99
C SER C 1354 -42.95 -0.76 7.70
N ASN C 1355 -43.92 -1.18 6.89
CA ASN C 1355 -45.15 -1.89 7.31
C ASN C 1355 -45.47 -3.01 6.32
N GLY C 1356 -45.64 -4.24 6.81
CA GLY C 1356 -45.89 -5.45 6.01
C GLY C 1356 -47.12 -6.20 6.49
N TYR C 1357 -47.99 -6.59 5.56
CA TYR C 1357 -49.10 -7.55 5.78
C TYR C 1357 -48.70 -8.87 5.11
N LYS C 1358 -48.91 -10.00 5.80
CA LYS C 1358 -48.66 -11.36 5.26
C LYS C 1358 -49.86 -12.25 5.60
N MET C 1359 -50.72 -12.52 4.60
CA MET C 1359 -51.94 -13.36 4.69
C MET C 1359 -51.52 -14.83 4.90
N ILE C 1360 -51.78 -15.40 6.09
CA ILE C 1360 -51.34 -16.78 6.49
C ILE C 1360 -51.94 -17.77 5.52
N PRO C 1361 -51.13 -18.67 4.92
CA PRO C 1361 -51.64 -19.60 3.91
C PRO C 1361 -52.84 -20.43 4.42
N GLY C 1362 -53.88 -20.57 3.59
CA GLY C 1362 -55.10 -21.35 3.86
C GLY C 1362 -56.16 -20.54 4.61
N ALA C 1363 -55.98 -19.23 4.71
CA ALA C 1363 -56.95 -18.28 5.28
C ALA C 1363 -57.62 -17.51 4.14
N LYS C 1364 -58.81 -16.96 4.42
CA LYS C 1364 -59.57 -16.02 3.55
C LYS C 1364 -59.24 -14.60 4.02
N PRO C 1365 -59.13 -13.57 3.13
CA PRO C 1365 -59.03 -12.18 3.59
C PRO C 1365 -60.25 -11.78 4.44
N LEU C 1366 -60.14 -10.67 5.18
CA LEU C 1366 -61.14 -10.21 6.19
C LEU C 1366 -62.49 -9.89 5.47
N GLN C 1367 -63.63 -10.39 5.98
CA GLN C 1367 -65.02 -10.17 5.46
C GLN C 1367 -65.77 -9.19 6.37
N VAL C 1368 -66.83 -8.54 5.87
CA VAL C 1368 -67.71 -7.64 6.67
C VAL C 1368 -68.50 -8.50 7.65
N GLY C 1369 -68.47 -8.16 8.94
CA GLY C 1369 -69.14 -8.87 10.04
C GLY C 1369 -68.21 -9.82 10.78
N ASP C 1370 -66.98 -10.00 10.29
CA ASP C 1370 -65.93 -10.82 10.95
C ASP C 1370 -65.50 -10.13 12.23
N VAL C 1371 -65.73 -10.79 13.38
CA VAL C 1371 -65.20 -10.38 14.70
C VAL C 1371 -63.74 -10.86 14.75
N VAL C 1372 -62.79 -9.93 14.91
CA VAL C 1372 -61.31 -10.17 14.87
C VAL C 1372 -60.76 -9.99 16.30
N SER C 1373 -60.07 -11.00 16.83
CA SER C 1373 -59.30 -10.97 18.11
C SER C 1373 -57.83 -10.70 17.80
N THR C 1374 -57.31 -9.52 18.16
CA THR C 1374 -55.97 -9.06 17.73
C THR C 1374 -54.94 -9.18 18.86
N THR C 1375 -53.82 -9.87 18.57
CA THR C 1375 -52.60 -9.91 19.41
C THR C 1375 -51.49 -9.18 18.66
N ALA C 1376 -50.40 -8.90 19.36
CA ALA C 1376 -49.15 -8.34 18.80
C ALA C 1376 -48.03 -8.47 19.83
N VAL C 1377 -46.83 -8.82 19.37
CA VAL C 1377 -45.60 -8.95 20.20
C VAL C 1377 -44.46 -8.27 19.47
N ILE C 1378 -43.47 -7.80 20.24
CA ILE C 1378 -42.23 -7.16 19.73
C ILE C 1378 -41.33 -8.29 19.22
N GLU C 1379 -41.04 -8.28 17.92
CA GLU C 1379 -40.03 -9.15 17.27
C GLU C 1379 -38.68 -8.88 17.95
N SER C 1380 -38.07 -7.71 17.74
CA SER C 1380 -36.70 -7.34 18.23
C SER C 1380 -36.56 -5.83 18.44
N VAL C 1381 -36.22 -5.43 19.66
CA VAL C 1381 -35.79 -4.04 20.01
C VAL C 1381 -34.26 -4.04 20.07
N VAL C 1382 -33.60 -3.34 19.14
CA VAL C 1382 -32.12 -3.29 18.98
C VAL C 1382 -31.66 -1.83 19.10
N ASN C 1383 -30.56 -1.59 19.80
CA ASN C 1383 -29.91 -0.25 19.84
C ASN C 1383 -28.97 -0.17 18.62
N GLN C 1384 -29.48 0.37 17.51
CA GLN C 1384 -28.70 0.78 16.32
C GLN C 1384 -27.82 1.96 16.72
N PRO C 1385 -26.76 2.29 15.93
CA PRO C 1385 -25.99 3.52 16.16
C PRO C 1385 -26.83 4.80 16.04
N THR C 1386 -27.74 4.85 15.07
CA THR C 1386 -28.58 6.02 14.70
C THR C 1386 -29.81 6.15 15.63
N GLY C 1387 -30.10 5.16 16.49
CA GLY C 1387 -31.25 5.22 17.44
C GLY C 1387 -31.60 3.87 18.08
N LYS C 1388 -32.83 3.37 17.82
CA LYS C 1388 -33.38 2.09 18.38
C LYS C 1388 -34.53 1.56 17.53
N ILE C 1389 -34.28 0.50 16.74
CA ILE C 1389 -35.28 -0.15 15.84
C ILE C 1389 -36.11 -1.13 16.67
N VAL C 1390 -37.42 -0.93 16.68
CA VAL C 1390 -38.44 -1.83 17.29
C VAL C 1390 -39.26 -2.43 16.14
N ASP C 1391 -39.24 -3.76 16.02
CA ASP C 1391 -40.02 -4.51 15.00
C ASP C 1391 -41.19 -5.21 15.71
N VAL C 1392 -42.42 -4.83 15.34
CA VAL C 1392 -43.69 -5.29 16.00
C VAL C 1392 -44.49 -6.12 15.00
N VAL C 1393 -44.81 -7.35 15.39
CA VAL C 1393 -45.66 -8.28 14.60
C VAL C 1393 -47.00 -8.40 15.35
N GLY C 1394 -48.09 -8.09 14.63
CA GLY C 1394 -49.48 -8.20 15.10
C GLY C 1394 -50.21 -9.32 14.38
N THR C 1395 -50.60 -10.36 15.12
CA THR C 1395 -51.40 -11.49 14.60
C THR C 1395 -52.87 -11.07 14.66
N LEU C 1396 -53.65 -11.50 13.66
CA LEU C 1396 -55.14 -11.38 13.64
C LEU C 1396 -55.73 -12.80 13.74
N SER C 1397 -56.55 -13.04 14.76
CA SER C 1397 -57.22 -14.33 15.09
C SER C 1397 -58.75 -14.19 15.01
N ARG C 1398 -59.34 -14.62 13.90
CA ARG C 1398 -60.82 -14.64 13.67
C ARG C 1398 -61.32 -16.08 13.80
N ASN C 1399 -62.43 -16.29 14.52
CA ASN C 1399 -63.08 -17.62 14.72
C ASN C 1399 -62.11 -18.55 15.48
N GLY C 1400 -61.13 -17.99 16.21
CA GLY C 1400 -60.02 -18.71 16.86
C GLY C 1400 -58.79 -18.84 15.97
N LYS C 1401 -58.99 -19.23 14.70
CA LYS C 1401 -57.94 -19.51 13.67
C LYS C 1401 -57.21 -18.21 13.29
N PRO C 1402 -55.86 -18.23 13.12
CA PRO C 1402 -55.13 -17.06 12.63
C PRO C 1402 -55.40 -16.81 11.14
N VAL C 1403 -55.59 -15.53 10.78
CA VAL C 1403 -55.95 -15.08 9.40
C VAL C 1403 -54.72 -14.45 8.73
N MET C 1404 -54.06 -13.49 9.40
CA MET C 1404 -52.91 -12.74 8.83
C MET C 1404 -52.05 -12.10 9.93
N GLU C 1405 -50.77 -11.84 9.62
CA GLU C 1405 -49.74 -11.28 10.53
C GLU C 1405 -49.19 -9.98 9.96
N VAL C 1406 -49.72 -8.85 10.42
CA VAL C 1406 -49.18 -7.49 10.12
C VAL C 1406 -47.81 -7.41 10.81
N THR C 1407 -46.84 -6.81 10.14
CA THR C 1407 -45.49 -6.49 10.66
C THR C 1407 -45.30 -4.98 10.53
N SER C 1408 -44.60 -4.38 11.50
CA SER C 1408 -44.24 -2.94 11.50
C SER C 1408 -42.81 -2.79 12.02
N SER C 1409 -42.13 -1.70 11.65
CA SER C 1409 -40.75 -1.37 12.05
C SER C 1409 -40.66 0.11 12.48
N PHE C 1410 -40.54 0.34 13.79
CA PHE C 1410 -40.50 1.68 14.43
C PHE C 1410 -39.06 1.98 14.83
N PHE C 1411 -38.56 3.17 14.49
CA PHE C 1411 -37.15 3.58 14.69
C PHE C 1411 -37.11 4.87 15.51
N TYR C 1412 -37.05 4.74 16.85
CA TYR C 1412 -36.77 5.86 17.75
C TYR C 1412 -35.39 6.39 17.38
N ARG C 1413 -35.30 7.65 16.97
CA ARG C 1413 -34.02 8.32 16.62
C ARG C 1413 -33.36 8.86 17.90
N GLY C 1414 -32.03 8.84 17.96
CA GLY C 1414 -31.25 9.37 19.09
C GLY C 1414 -30.16 8.40 19.53
N ASN C 1415 -29.84 8.43 20.81
CA ASN C 1415 -28.78 7.61 21.45
C ASN C 1415 -29.42 6.75 22.55
N TYR C 1416 -29.19 5.44 22.51
CA TYR C 1416 -29.75 4.45 23.47
C TYR C 1416 -28.68 3.39 23.78
N THR C 1417 -28.15 3.40 25.01
CA THR C 1417 -27.06 2.51 25.51
C THR C 1417 -27.63 1.36 26.38
N ASP C 1418 -28.94 1.38 26.68
CA ASP C 1418 -29.63 0.39 27.56
C ASP C 1418 -29.80 -0.94 26.81
N PHE C 1419 -28.75 -1.77 26.78
CA PHE C 1419 -28.70 -3.05 26.04
C PHE C 1419 -29.43 -4.16 26.81
N GLU C 1420 -29.64 -3.99 28.12
CA GLU C 1420 -30.41 -4.95 28.97
C GLU C 1420 -31.88 -5.01 28.51
N ASN C 1421 -32.41 -3.87 28.04
CA ASN C 1421 -33.78 -3.74 27.50
C ASN C 1421 -33.83 -4.41 26.12
N THR C 1422 -32.73 -4.37 25.36
CA THR C 1422 -32.63 -4.91 23.98
C THR C 1422 -32.80 -6.44 24.03
N PHE C 1423 -33.56 -6.98 23.06
CA PHE C 1423 -33.75 -8.42 22.82
C PHE C 1423 -34.04 -8.65 21.33
N GLN C 1424 -34.08 -9.92 20.91
CA GLN C 1424 -34.48 -10.31 19.53
C GLN C 1424 -35.15 -11.70 19.57
N LYS C 1425 -36.50 -11.72 19.58
CA LYS C 1425 -37.35 -12.94 19.69
C LYS C 1425 -37.84 -13.38 18.30
N THR C 1426 -36.91 -13.75 17.42
CA THR C 1426 -37.20 -14.12 16.01
C THR C 1426 -37.68 -15.58 16.00
N VAL C 1427 -38.71 -15.90 15.20
CA VAL C 1427 -39.05 -17.28 14.73
C VAL C 1427 -38.42 -17.45 13.35
N GLU C 1428 -37.61 -18.50 13.14
CA GLU C 1428 -36.82 -18.69 11.90
C GLU C 1428 -37.67 -19.44 10.89
N PRO C 1429 -37.44 -19.23 9.57
CA PRO C 1429 -38.17 -19.97 8.53
C PRO C 1429 -37.74 -21.44 8.49
N VAL C 1430 -38.69 -22.37 8.31
CA VAL C 1430 -38.47 -23.85 8.31
C VAL C 1430 -37.47 -24.20 7.20
N TYR C 1431 -36.50 -25.08 7.51
CA TYR C 1431 -35.37 -25.47 6.62
C TYR C 1431 -35.31 -27.00 6.45
N GLN C 1432 -35.43 -27.47 5.20
CA GLN C 1432 -35.47 -28.91 4.82
C GLN C 1432 -34.07 -29.39 4.43
N MET C 1433 -33.73 -30.61 4.86
CA MET C 1433 -32.47 -31.33 4.51
C MET C 1433 -32.81 -32.75 4.06
N HIS C 1434 -32.68 -33.06 2.76
CA HIS C 1434 -32.83 -34.44 2.21
C HIS C 1434 -31.52 -35.19 2.44
N ILE C 1435 -31.49 -36.08 3.44
CA ILE C 1435 -30.27 -36.82 3.90
C ILE C 1435 -30.04 -38.01 2.96
N LYS C 1436 -29.22 -37.82 1.92
CA LYS C 1436 -29.01 -38.79 0.80
C LYS C 1436 -27.76 -39.64 1.06
N THR C 1437 -26.71 -39.05 1.66
CA THR C 1437 -25.34 -39.63 1.82
C THR C 1437 -24.84 -39.53 3.28
N SER C 1438 -24.00 -40.50 3.68
CA SER C 1438 -23.57 -40.80 5.08
C SER C 1438 -22.69 -39.70 5.69
N LYS C 1439 -22.10 -38.82 4.88
CA LYS C 1439 -21.31 -37.66 5.38
C LYS C 1439 -22.26 -36.65 6.04
N ASP C 1440 -23.47 -36.47 5.49
CA ASP C 1440 -24.53 -35.55 5.98
C ASP C 1440 -25.04 -36.01 7.35
N ILE C 1441 -25.18 -37.34 7.56
CA ILE C 1441 -25.53 -37.98 8.87
C ILE C 1441 -24.40 -37.65 9.86
N ALA C 1442 -23.14 -37.94 9.51
CA ALA C 1442 -21.94 -37.73 10.36
C ALA C 1442 -21.85 -36.27 10.78
N VAL C 1443 -22.14 -35.35 9.83
CA VAL C 1443 -22.18 -33.88 10.07
C VAL C 1443 -23.29 -33.58 11.09
N LEU C 1444 -24.51 -34.08 10.87
CA LEU C 1444 -25.66 -33.84 11.79
C LEU C 1444 -25.35 -34.37 13.19
N ARG C 1445 -24.67 -35.52 13.30
CA ARG C 1445 -24.37 -36.18 14.61
C ARG C 1445 -23.26 -35.41 15.33
N SER C 1446 -22.41 -34.70 14.59
CA SER C 1446 -21.38 -33.78 15.16
C SER C 1446 -22.09 -32.60 15.85
N LYS C 1447 -23.26 -32.19 15.35
CA LYS C 1447 -24.06 -31.06 15.90
C LYS C 1447 -24.68 -31.48 17.25
N GLU C 1448 -24.01 -31.11 18.34
CA GLU C 1448 -24.45 -31.35 19.74
C GLU C 1448 -25.86 -30.81 19.97
N TRP C 1449 -26.16 -29.65 19.36
CA TRP C 1449 -27.50 -29.00 19.41
C TRP C 1449 -28.52 -29.96 18.82
N PHE C 1450 -28.19 -30.61 17.69
CA PHE C 1450 -29.07 -31.60 17.02
C PHE C 1450 -29.25 -32.81 17.96
N GLN C 1451 -30.27 -32.74 18.83
CA GLN C 1451 -30.56 -33.74 19.90
C GLN C 1451 -31.78 -34.56 19.49
N LEU C 1452 -31.55 -35.70 18.83
CA LEU C 1452 -32.62 -36.67 18.50
C LEU C 1452 -33.17 -37.26 19.81
N ASP C 1453 -34.48 -37.52 19.85
CA ASP C 1453 -35.21 -38.17 20.99
C ASP C 1453 -34.77 -39.63 21.09
N ASP C 1454 -34.64 -40.31 19.94
CA ASP C 1454 -33.98 -41.65 19.78
C ASP C 1454 -32.61 -41.46 19.13
N GLU C 1455 -31.53 -41.88 19.81
CA GLU C 1455 -30.11 -41.78 19.35
C GLU C 1455 -29.91 -42.58 18.05
N ASP C 1456 -30.52 -43.77 17.95
CA ASP C 1456 -30.35 -44.74 16.82
C ASP C 1456 -31.47 -44.58 15.78
N PHE C 1457 -32.04 -43.37 15.64
CA PHE C 1457 -32.98 -43.04 14.54
C PHE C 1457 -32.18 -42.96 13.23
N ASP C 1458 -32.42 -43.90 12.31
CA ASP C 1458 -31.82 -43.92 10.95
C ASP C 1458 -32.36 -42.72 10.16
N LEU C 1459 -31.47 -41.87 9.65
CA LEU C 1459 -31.82 -40.59 8.97
C LEU C 1459 -31.59 -40.68 7.45
N LEU C 1460 -31.09 -41.80 6.92
CA LEU C 1460 -30.73 -41.93 5.49
C LEU C 1460 -32.01 -42.02 4.64
N ASN C 1461 -32.05 -41.25 3.53
CA ASN C 1461 -33.18 -41.16 2.55
C ASN C 1461 -34.47 -40.73 3.27
N LYS C 1462 -34.36 -39.71 4.12
CA LYS C 1462 -35.49 -39.04 4.83
C LYS C 1462 -35.57 -37.58 4.38
N THR C 1463 -36.47 -36.81 4.99
CA THR C 1463 -36.60 -35.33 4.85
C THR C 1463 -36.83 -34.74 6.24
N LEU C 1464 -35.91 -33.88 6.69
CA LEU C 1464 -35.91 -33.26 8.04
C LEU C 1464 -36.27 -31.77 7.94
N THR C 1465 -37.40 -31.37 8.53
CA THR C 1465 -37.80 -29.96 8.74
C THR C 1465 -37.39 -29.56 10.17
N PHE C 1466 -36.90 -28.32 10.32
CA PHE C 1466 -36.41 -27.74 11.59
C PHE C 1466 -37.20 -26.46 11.89
N GLU C 1467 -38.34 -26.61 12.57
CA GLU C 1467 -39.13 -25.48 13.10
C GLU C 1467 -38.36 -24.86 14.27
N THR C 1468 -37.40 -24.00 13.93
CA THR C 1468 -36.48 -23.33 14.89
C THR C 1468 -36.97 -21.91 15.12
N GLU C 1469 -36.68 -21.39 16.33
CA GLU C 1469 -36.76 -19.95 16.71
C GLU C 1469 -35.41 -19.53 17.29
N THR C 1470 -35.00 -18.29 17.03
CA THR C 1470 -33.76 -17.65 17.57
C THR C 1470 -34.18 -16.69 18.69
N GLU C 1471 -33.64 -16.91 19.89
CA GLU C 1471 -33.69 -15.92 21.00
C GLU C 1471 -32.29 -15.34 21.17
N VAL C 1472 -32.17 -14.01 21.12
CA VAL C 1472 -30.88 -13.27 21.33
C VAL C 1472 -31.12 -12.14 22.34
N THR C 1473 -30.20 -12.05 23.32
CA THR C 1473 -30.07 -10.94 24.30
C THR C 1473 -28.68 -10.31 24.10
N PHE C 1474 -28.58 -8.98 24.11
CA PHE C 1474 -27.34 -8.23 23.74
C PHE C 1474 -26.54 -7.84 24.98
N LYS C 1475 -25.22 -7.75 24.81
CA LYS C 1475 -24.25 -7.01 25.67
C LYS C 1475 -23.98 -5.65 25.04
N ASN C 1476 -23.76 -5.65 23.71
CA ASN C 1476 -23.45 -4.45 22.86
C ASN C 1476 -24.21 -4.57 21.53
N ALA C 1477 -24.05 -3.58 20.64
CA ALA C 1477 -24.73 -3.51 19.33
C ALA C 1477 -24.24 -4.62 18.40
N ASN C 1478 -22.99 -5.08 18.60
CA ASN C 1478 -22.24 -6.00 17.69
C ASN C 1478 -22.26 -7.44 18.22
N ILE C 1479 -22.04 -7.65 19.53
CA ILE C 1479 -21.93 -9.00 20.18
C ILE C 1479 -23.26 -9.35 20.86
N PHE C 1480 -23.50 -10.64 21.13
CA PHE C 1480 -24.71 -11.18 21.81
C PHE C 1480 -24.33 -11.74 23.18
N SER C 1481 -25.08 -11.36 24.23
CA SER C 1481 -24.89 -11.79 25.64
C SER C 1481 -25.23 -13.28 25.76
N SER C 1482 -26.37 -13.68 25.19
CA SER C 1482 -26.90 -15.06 25.25
C SER C 1482 -27.77 -15.32 24.01
N VAL C 1483 -27.51 -16.41 23.31
CA VAL C 1483 -28.34 -16.93 22.18
C VAL C 1483 -28.86 -18.31 22.58
N LYS C 1484 -30.12 -18.60 22.35
CA LYS C 1484 -30.68 -19.95 22.61
C LYS C 1484 -31.68 -20.31 21.51
N CYS C 1485 -31.17 -20.80 20.38
CA CYS C 1485 -32.01 -21.35 19.30
C CYS C 1485 -32.45 -22.76 19.71
N PHE C 1486 -33.76 -22.99 19.83
CA PHE C 1486 -34.37 -24.31 20.08
C PHE C 1486 -35.67 -24.42 19.27
N GLY C 1487 -36.20 -25.64 19.14
CA GLY C 1487 -37.44 -25.94 18.40
C GLY C 1487 -37.45 -27.35 17.85
N PRO C 1488 -38.63 -28.01 17.77
CA PRO C 1488 -38.73 -29.44 17.49
C PRO C 1488 -38.29 -29.81 16.06
N ILE C 1489 -37.47 -30.86 15.94
CA ILE C 1489 -36.95 -31.39 14.65
C ILE C 1489 -37.93 -32.43 14.13
N LYS C 1490 -38.64 -32.09 13.05
CA LYS C 1490 -39.65 -32.97 12.42
C LYS C 1490 -38.94 -33.79 11.33
N VAL C 1491 -39.48 -34.96 11.03
CA VAL C 1491 -39.08 -35.82 9.88
C VAL C 1491 -40.36 -36.11 9.08
N GLU C 1492 -40.23 -36.18 7.75
CA GLU C 1492 -41.32 -36.53 6.83
C GLU C 1492 -41.47 -38.06 6.85
N LEU C 1493 -42.70 -38.58 6.89
CA LEU C 1493 -43.02 -40.02 6.64
C LEU C 1493 -43.45 -40.17 5.19
N PRO C 1494 -43.50 -41.41 4.62
CA PRO C 1494 -44.05 -41.61 3.27
C PRO C 1494 -45.49 -41.11 3.09
N THR C 1495 -46.22 -40.96 4.21
CA THR C 1495 -47.59 -40.38 4.33
C THR C 1495 -47.56 -38.84 4.27
N LYS C 1496 -46.38 -38.22 4.46
CA LYS C 1496 -46.10 -36.74 4.47
C LYS C 1496 -46.43 -36.15 5.86
N GLU C 1497 -47.28 -36.81 6.65
CA GLU C 1497 -47.53 -36.46 8.07
C GLU C 1497 -46.18 -36.49 8.81
N THR C 1498 -45.68 -35.32 9.18
CA THR C 1498 -44.35 -35.13 9.82
C THR C 1498 -44.46 -35.42 11.33
N VAL C 1499 -43.45 -36.13 11.87
CA VAL C 1499 -43.38 -36.62 13.28
C VAL C 1499 -42.13 -36.02 13.93
N GLU C 1500 -42.26 -35.45 15.13
CA GLU C 1500 -41.11 -34.98 15.95
C GLU C 1500 -40.23 -36.19 16.27
N ILE C 1501 -38.93 -36.08 16.02
CA ILE C 1501 -37.91 -37.15 16.30
C ILE C 1501 -36.72 -36.56 17.06
N GLY C 1502 -36.87 -35.38 17.66
CA GLY C 1502 -35.76 -34.66 18.30
C GLY C 1502 -36.04 -33.18 18.42
N ILE C 1503 -35.09 -32.44 18.98
CA ILE C 1503 -35.17 -30.97 19.18
C ILE C 1503 -33.80 -30.36 18.90
N VAL C 1504 -33.79 -29.19 18.26
CA VAL C 1504 -32.66 -28.22 18.38
C VAL C 1504 -32.74 -27.66 19.80
N ASP C 1505 -31.63 -27.72 20.55
CA ASP C 1505 -31.49 -27.18 21.93
C ASP C 1505 -30.09 -26.54 22.03
N TYR C 1506 -29.81 -25.60 21.13
CA TYR C 1506 -28.60 -24.75 21.13
C TYR C 1506 -28.73 -23.72 22.25
N GLU C 1507 -27.79 -23.73 23.19
CA GLU C 1507 -27.71 -22.80 24.36
C GLU C 1507 -26.28 -22.29 24.46
N ALA C 1508 -26.06 -21.02 24.12
CA ALA C 1508 -24.73 -20.36 24.10
C ALA C 1508 -24.78 -19.02 24.83
N GLY C 1509 -23.61 -18.54 25.27
CA GLY C 1509 -23.43 -17.21 25.90
C GLY C 1509 -22.90 -16.20 24.88
N ALA C 1510 -21.61 -15.83 25.00
CA ALA C 1510 -20.94 -14.72 24.25
C ALA C 1510 -20.74 -15.11 22.76
N SER C 1511 -21.85 -15.23 22.03
CA SER C 1511 -21.93 -15.62 20.59
C SER C 1511 -21.91 -14.37 19.70
N HIS C 1512 -21.48 -14.51 18.44
CA HIS C 1512 -21.46 -13.46 17.39
C HIS C 1512 -22.45 -13.78 16.27
N GLY C 1513 -23.30 -14.79 16.49
CA GLY C 1513 -24.28 -15.25 15.50
C GLY C 1513 -25.06 -16.46 15.97
N ASN C 1514 -25.91 -16.97 15.07
CA ASN C 1514 -26.62 -18.27 15.22
C ASN C 1514 -25.92 -19.26 14.30
N PRO C 1515 -25.26 -20.30 14.87
CA PRO C 1515 -24.63 -21.34 14.07
C PRO C 1515 -25.72 -22.20 13.41
N VAL C 1516 -26.77 -22.50 14.18
CA VAL C 1516 -27.93 -23.32 13.75
C VAL C 1516 -28.50 -22.74 12.45
N VAL C 1517 -28.87 -21.46 12.45
CA VAL C 1517 -29.43 -20.74 11.26
C VAL C 1517 -28.40 -20.78 10.12
N ASP C 1518 -27.14 -20.46 10.42
CA ASP C 1518 -26.06 -20.48 9.41
C ASP C 1518 -25.98 -21.88 8.79
N PHE C 1519 -26.02 -22.91 9.64
CA PHE C 1519 -25.92 -24.35 9.25
C PHE C 1519 -27.08 -24.75 8.35
N LEU C 1520 -28.31 -24.43 8.75
CA LEU C 1520 -29.55 -24.82 8.02
C LEU C 1520 -29.74 -23.91 6.78
N LYS C 1521 -28.98 -22.82 6.64
CA LYS C 1521 -29.09 -21.85 5.51
C LYS C 1521 -28.36 -22.39 4.28
N ARG C 1522 -27.07 -22.73 4.45
CA ARG C 1522 -26.21 -23.31 3.39
C ARG C 1522 -26.66 -24.75 3.11
N ASN C 1523 -26.83 -25.57 4.16
CA ASN C 1523 -27.07 -27.04 4.05
C ASN C 1523 -28.58 -27.36 3.94
N GLY C 1524 -29.47 -26.38 4.13
CA GLY C 1524 -30.93 -26.57 4.07
C GLY C 1524 -31.62 -25.54 3.19
N SER C 1525 -32.65 -25.98 2.45
CA SER C 1525 -33.50 -25.16 1.54
C SER C 1525 -34.60 -24.45 2.36
N THR C 1526 -35.06 -23.27 1.90
CA THR C 1526 -36.13 -22.43 2.52
C THR C 1526 -37.51 -22.83 1.97
N LEU C 1527 -37.79 -24.14 1.86
CA LEU C 1527 -38.99 -24.73 1.18
C LEU C 1527 -39.21 -24.04 -0.16
N GLU C 1528 -40.04 -22.99 -0.18
CA GLU C 1528 -40.41 -22.21 -1.39
C GLU C 1528 -39.25 -21.28 -1.73
N GLN C 1529 -38.37 -21.72 -2.64
CA GLN C 1529 -37.28 -20.89 -3.23
C GLN C 1529 -37.94 -19.87 -4.18
N LYS C 1530 -37.55 -18.59 -4.07
CA LYS C 1530 -37.95 -17.52 -5.01
C LYS C 1530 -36.97 -17.51 -6.17
N VAL C 1531 -37.47 -17.37 -7.40
CA VAL C 1531 -36.67 -17.23 -8.65
C VAL C 1531 -37.22 -16.05 -9.46
N ASN C 1532 -36.31 -15.20 -9.96
CA ASN C 1532 -36.66 -13.95 -10.69
C ASN C 1532 -36.96 -14.31 -12.16
N LEU C 1533 -37.64 -13.39 -12.84
CA LEU C 1533 -37.92 -13.46 -14.30
C LEU C 1533 -36.64 -13.11 -15.05
N GLU C 1534 -36.66 -13.35 -16.37
CA GLU C 1534 -35.51 -13.12 -17.28
C GLU C 1534 -35.32 -11.60 -17.44
N ASN C 1535 -36.42 -10.89 -17.69
CA ASN C 1535 -36.51 -9.41 -17.73
C ASN C 1535 -37.60 -8.98 -16.75
N PRO C 1536 -37.33 -8.08 -15.76
CA PRO C 1536 -38.39 -7.53 -14.91
C PRO C 1536 -39.41 -6.75 -15.76
N ILE C 1537 -40.63 -7.28 -15.91
CA ILE C 1537 -41.75 -6.66 -16.68
C ILE C 1537 -42.12 -5.36 -15.98
N PRO C 1538 -42.10 -4.19 -16.66
CA PRO C 1538 -42.70 -2.97 -16.12
C PRO C 1538 -44.22 -3.05 -16.30
N ILE C 1539 -44.95 -3.43 -15.24
CA ILE C 1539 -46.44 -3.62 -15.25
C ILE C 1539 -47.07 -2.28 -15.68
N ALA C 1540 -46.90 -1.23 -14.86
CA ALA C 1540 -47.50 0.12 -15.04
C ALA C 1540 -46.58 1.23 -14.50
N VAL C 1541 -46.84 2.47 -14.93
CA VAL C 1541 -46.28 3.74 -14.39
C VAL C 1541 -47.45 4.68 -14.07
N LEU C 1542 -48.03 4.56 -12.86
CA LEU C 1542 -49.26 5.31 -12.44
C LEU C 1542 -48.85 6.62 -11.76
N ASP C 1543 -49.82 7.54 -11.64
CA ASP C 1543 -49.70 8.88 -11.00
C ASP C 1543 -50.86 9.08 -10.00
N SER C 1544 -50.67 8.65 -8.74
CA SER C 1544 -51.61 8.86 -7.62
C SER C 1544 -51.62 10.35 -7.23
N TYR C 1545 -52.23 10.71 -6.10
CA TYR C 1545 -52.32 12.10 -5.60
C TYR C 1545 -52.66 12.11 -4.10
N THR C 1546 -51.86 12.77 -3.26
CA THR C 1546 -52.11 12.93 -1.79
C THR C 1546 -53.14 14.04 -1.58
N PRO C 1547 -54.15 13.84 -0.69
CA PRO C 1547 -55.15 14.88 -0.43
C PRO C 1547 -54.50 16.04 0.33
N SER C 1548 -55.16 17.21 0.28
CA SER C 1548 -54.74 18.48 0.94
C SER C 1548 -54.69 18.32 2.47
N THR C 1549 -55.60 17.51 3.03
CA THR C 1549 -55.68 17.16 4.48
C THR C 1549 -55.69 15.63 4.63
N ASN C 1550 -55.22 15.14 5.78
CA ASN C 1550 -55.11 13.70 6.12
C ASN C 1550 -56.10 13.35 7.25
N GLU C 1551 -56.94 14.30 7.66
CA GLU C 1551 -57.87 14.17 8.82
C GLU C 1551 -58.83 12.99 8.54
N PRO C 1552 -59.50 12.92 7.36
CA PRO C 1552 -60.47 11.84 7.09
C PRO C 1552 -59.95 10.40 7.24
N TYR C 1553 -58.65 10.18 6.97
CA TYR C 1553 -57.97 8.87 7.16
C TYR C 1553 -57.63 8.67 8.65
N ALA C 1554 -57.17 9.73 9.34
CA ALA C 1554 -56.81 9.73 10.78
C ALA C 1554 -58.01 9.28 11.62
N ARG C 1555 -59.23 9.73 11.28
CA ARG C 1555 -60.49 9.46 12.03
C ARG C 1555 -60.89 7.98 11.95
N VAL C 1556 -60.81 7.41 10.74
CA VAL C 1556 -61.16 5.99 10.42
C VAL C 1556 -60.04 5.06 10.92
N SER C 1557 -58.77 5.41 10.69
CA SER C 1557 -57.57 4.60 11.07
C SER C 1557 -57.22 4.71 12.55
N GLY C 1558 -57.88 5.63 13.28
CA GLY C 1558 -57.56 5.94 14.69
C GLY C 1558 -56.16 6.50 14.86
N ASP C 1559 -55.45 6.79 13.76
CA ASP C 1559 -54.06 7.34 13.74
C ASP C 1559 -54.17 8.87 13.89
N LEU C 1560 -54.49 9.33 15.11
CA LEU C 1560 -54.67 10.76 15.46
C LEU C 1560 -53.34 11.34 15.93
N ASN C 1561 -52.26 11.14 15.16
CA ASN C 1561 -50.93 11.76 15.41
C ASN C 1561 -51.04 13.21 15.00
N PRO C 1562 -50.79 14.19 15.91
CA PRO C 1562 -50.96 15.60 15.58
C PRO C 1562 -50.10 16.01 14.39
N ILE C 1563 -48.87 15.50 14.32
CA ILE C 1563 -47.83 15.93 13.33
C ILE C 1563 -48.41 15.87 11.90
N HIS C 1564 -49.32 14.93 11.62
CA HIS C 1564 -49.96 14.73 10.29
C HIS C 1564 -51.05 15.77 10.02
N VAL C 1565 -51.54 16.48 11.05
CA VAL C 1565 -52.74 17.37 10.99
C VAL C 1565 -52.41 18.77 11.53
N SER C 1566 -51.82 18.89 12.73
CA SER C 1566 -51.51 20.18 13.39
C SER C 1566 -50.21 20.75 12.80
N ARG C 1567 -50.19 22.05 12.57
CA ARG C 1567 -49.01 22.78 12.02
C ARG C 1567 -47.95 22.86 13.14
N HIS C 1568 -48.36 23.24 14.35
CA HIS C 1568 -47.45 23.57 15.48
C HIS C 1568 -46.67 22.34 15.95
N PHE C 1569 -47.29 21.17 16.07
CA PHE C 1569 -46.61 19.91 16.45
C PHE C 1569 -45.57 19.57 15.37
N ALA C 1570 -45.94 19.70 14.09
CA ALA C 1570 -45.08 19.44 12.91
C ALA C 1570 -43.84 20.34 12.94
N SER C 1571 -44.02 21.61 13.31
CA SER C 1571 -42.93 22.61 13.48
C SER C 1571 -42.00 22.19 14.62
N TYR C 1572 -42.57 21.73 15.73
CA TYR C 1572 -41.81 21.26 16.92
C TYR C 1572 -41.08 19.96 16.58
N ALA C 1573 -41.64 19.15 15.68
CA ALA C 1573 -41.07 17.85 15.22
C ALA C 1573 -40.06 18.05 14.08
N ASN C 1574 -39.77 19.31 13.71
CA ASN C 1574 -38.73 19.71 12.73
C ASN C 1574 -39.11 19.21 11.34
N LEU C 1575 -40.39 18.90 11.13
CA LEU C 1575 -40.91 18.37 9.85
C LEU C 1575 -41.14 19.54 8.90
N PRO C 1576 -41.10 19.32 7.57
CA PRO C 1576 -41.36 20.39 6.61
C PRO C 1576 -42.85 20.80 6.48
N GLY C 1577 -43.73 20.24 7.32
CA GLY C 1577 -45.17 20.56 7.39
C GLY C 1577 -45.97 19.37 7.88
N THR C 1578 -47.30 19.39 7.70
CA THR C 1578 -48.21 18.32 8.15
C THR C 1578 -48.04 17.10 7.23
N ILE C 1579 -46.95 16.35 7.43
CA ILE C 1579 -46.52 15.18 6.59
C ILE C 1579 -47.70 14.21 6.46
N THR C 1580 -48.03 13.79 5.24
CA THR C 1580 -49.14 12.84 4.94
C THR C 1580 -48.86 11.52 5.66
N HIS C 1581 -49.91 10.84 6.10
CA HIS C 1581 -49.83 9.48 6.71
C HIS C 1581 -49.06 8.56 5.75
N GLY C 1582 -47.96 7.96 6.22
CA GLY C 1582 -47.29 6.81 5.57
C GLY C 1582 -48.28 5.69 5.30
N MET C 1583 -49.17 5.40 6.26
CA MET C 1583 -50.20 4.32 6.21
C MET C 1583 -51.15 4.58 5.03
N PHE C 1584 -51.49 5.84 4.74
CA PHE C 1584 -52.34 6.26 3.59
C PHE C 1584 -51.59 5.99 2.27
N SER C 1585 -50.31 6.38 2.21
CA SER C 1585 -49.41 6.13 1.05
C SER C 1585 -49.24 4.61 0.83
N SER C 1586 -49.19 3.83 1.92
CA SER C 1586 -49.16 2.34 1.96
C SER C 1586 -50.46 1.75 1.39
N ALA C 1587 -51.62 2.33 1.74
CA ALA C 1587 -52.98 1.86 1.34
C ALA C 1587 -53.33 2.30 -0.09
N SER C 1588 -52.87 3.48 -0.52
CA SER C 1588 -53.15 4.06 -1.86
C SER C 1588 -52.42 3.26 -2.96
N VAL C 1589 -51.13 3.00 -2.76
CA VAL C 1589 -50.30 2.20 -3.72
C VAL C 1589 -50.85 0.76 -3.77
N ARG C 1590 -51.17 0.14 -2.62
CA ARG C 1590 -51.67 -1.27 -2.52
C ARG C 1590 -52.99 -1.42 -3.30
N ALA C 1591 -53.85 -0.38 -3.29
CA ALA C 1591 -55.11 -0.31 -4.05
C ALA C 1591 -54.83 -0.27 -5.58
N LEU C 1592 -53.71 0.34 -6.00
CA LEU C 1592 -53.22 0.34 -7.42
C LEU C 1592 -52.54 -1.00 -7.75
N ILE C 1593 -51.86 -1.63 -6.77
CA ILE C 1593 -51.23 -2.98 -6.93
C ILE C 1593 -52.35 -4.03 -7.04
N GLU C 1594 -53.43 -3.86 -6.27
CA GLU C 1594 -54.65 -4.72 -6.31
C GLU C 1594 -55.43 -4.50 -7.63
N ASN C 1595 -55.43 -3.27 -8.17
CA ASN C 1595 -56.15 -2.90 -9.43
C ASN C 1595 -55.43 -3.50 -10.65
N TRP C 1596 -54.10 -3.41 -10.73
CA TRP C 1596 -53.29 -3.62 -11.96
C TRP C 1596 -52.64 -5.02 -12.01
N ALA C 1597 -52.17 -5.56 -10.87
CA ALA C 1597 -51.44 -6.85 -10.75
C ALA C 1597 -52.39 -7.98 -10.35
N ALA C 1598 -53.14 -7.82 -9.27
CA ALA C 1598 -54.19 -8.78 -8.82
C ALA C 1598 -55.36 -8.75 -9.82
N ASP C 1599 -55.55 -7.65 -10.57
CA ASP C 1599 -56.58 -7.46 -11.64
C ASP C 1599 -57.98 -7.35 -11.00
N SER C 1600 -58.16 -6.41 -10.06
CA SER C 1600 -59.44 -6.05 -9.40
C SER C 1600 -59.97 -7.20 -8.52
N VAL C 1601 -59.08 -7.98 -7.91
CA VAL C 1601 -59.43 -9.11 -6.98
C VAL C 1601 -58.73 -8.84 -5.64
N SER C 1602 -59.41 -9.15 -4.54
CA SER C 1602 -58.96 -8.89 -3.15
C SER C 1602 -58.12 -10.06 -2.62
N SER C 1603 -58.62 -11.30 -2.75
CA SER C 1603 -58.00 -12.53 -2.20
C SER C 1603 -56.63 -12.81 -2.82
N ARG C 1604 -56.41 -12.37 -4.08
CA ARG C 1604 -55.13 -12.58 -4.83
C ARG C 1604 -53.98 -11.88 -4.12
N VAL C 1605 -54.19 -10.71 -3.52
CA VAL C 1605 -53.15 -9.99 -2.74
C VAL C 1605 -53.01 -10.71 -1.39
N ARG C 1606 -51.81 -11.21 -1.09
CA ARG C 1606 -51.50 -11.94 0.15
C ARG C 1606 -50.49 -11.09 0.92
N GLY C 1607 -49.24 -11.12 0.47
CA GLY C 1607 -48.13 -10.37 1.07
C GLY C 1607 -48.10 -8.96 0.52
N TYR C 1608 -47.67 -8.00 1.33
CA TYR C 1608 -47.44 -6.60 0.91
C TYR C 1608 -46.57 -5.91 1.96
N THR C 1609 -45.32 -5.61 1.61
CA THR C 1609 -44.33 -4.88 2.45
C THR C 1609 -43.95 -3.57 1.74
N CYS C 1610 -44.04 -2.43 2.44
CA CYS C 1610 -43.78 -1.06 1.92
C CYS C 1610 -42.88 -0.31 2.89
N GLN C 1611 -41.74 0.20 2.41
CA GLN C 1611 -40.77 1.02 3.20
C GLN C 1611 -41.01 2.49 2.84
N PHE C 1612 -41.08 3.37 3.85
CA PHE C 1612 -41.34 4.83 3.70
C PHE C 1612 -40.00 5.57 3.63
N VAL C 1613 -39.36 5.57 2.45
CA VAL C 1613 -37.97 6.06 2.22
C VAL C 1613 -37.88 7.54 2.64
N ASP C 1614 -38.87 8.34 2.23
CA ASP C 1614 -38.95 9.81 2.49
C ASP C 1614 -40.40 10.17 2.82
N MET C 1615 -40.57 11.27 3.56
CA MET C 1615 -41.90 11.83 3.92
C MET C 1615 -42.48 12.54 2.69
N VAL C 1616 -43.82 12.54 2.57
CA VAL C 1616 -44.61 13.20 1.49
C VAL C 1616 -45.47 14.29 2.14
N LEU C 1617 -45.49 15.49 1.54
CA LEU C 1617 -46.30 16.65 2.02
C LEU C 1617 -47.63 16.71 1.27
N PRO C 1618 -48.73 17.18 1.92
CA PRO C 1618 -50.04 17.23 1.29
C PRO C 1618 -50.04 18.04 -0.02
N ASN C 1619 -50.94 17.67 -0.95
CA ASN C 1619 -50.95 18.15 -2.35
C ASN C 1619 -49.58 17.79 -2.98
N THR C 1620 -49.39 16.49 -3.26
CA THR C 1620 -48.20 15.94 -3.97
C THR C 1620 -48.70 14.89 -4.99
N ALA C 1621 -48.40 15.11 -6.27
CA ALA C 1621 -48.64 14.19 -7.41
C ALA C 1621 -47.49 13.18 -7.49
N LEU C 1622 -47.62 12.06 -6.77
CA LEU C 1622 -46.64 10.95 -6.73
C LEU C 1622 -46.65 10.26 -8.11
N LYS C 1623 -45.60 9.48 -8.40
CA LYS C 1623 -45.50 8.62 -9.62
C LYS C 1623 -44.94 7.24 -9.21
N THR C 1624 -45.81 6.23 -9.12
CA THR C 1624 -45.42 4.84 -8.76
C THR C 1624 -44.98 4.14 -10.05
N SER C 1625 -43.96 3.26 -9.93
CA SER C 1625 -43.46 2.37 -10.99
C SER C 1625 -43.56 0.91 -10.51
N ILE C 1626 -44.52 0.16 -11.06
CA ILE C 1626 -44.81 -1.25 -10.68
C ILE C 1626 -43.94 -2.15 -11.57
N GLN C 1627 -43.26 -3.14 -10.98
CA GLN C 1627 -42.33 -4.07 -11.70
C GLN C 1627 -42.47 -5.49 -11.15
N HIS C 1628 -43.02 -6.43 -11.96
CA HIS C 1628 -43.06 -7.89 -11.70
C HIS C 1628 -41.65 -8.46 -11.96
N VAL C 1629 -40.97 -8.91 -10.90
CA VAL C 1629 -39.52 -9.28 -10.91
C VAL C 1629 -39.32 -10.78 -10.71
N GLY C 1630 -40.10 -11.46 -9.85
CA GLY C 1630 -39.90 -12.88 -9.52
C GLY C 1630 -41.17 -13.68 -9.37
N MET C 1631 -41.01 -14.98 -9.11
CA MET C 1631 -42.09 -15.95 -8.80
C MET C 1631 -41.65 -16.77 -7.58
N ILE C 1632 -42.60 -17.12 -6.69
CA ILE C 1632 -42.35 -17.87 -5.41
C ILE C 1632 -43.43 -18.95 -5.24
N ASN C 1633 -43.16 -20.17 -5.73
CA ASN C 1633 -44.02 -21.37 -5.58
C ASN C 1633 -45.34 -21.21 -6.35
N GLY C 1634 -45.33 -20.50 -7.48
CA GLY C 1634 -46.54 -20.18 -8.28
C GLY C 1634 -46.98 -18.73 -8.12
N ARG C 1635 -46.70 -18.10 -6.98
CA ARG C 1635 -47.16 -16.71 -6.67
C ARG C 1635 -46.29 -15.70 -7.43
N LYS C 1636 -46.85 -14.53 -7.72
CA LYS C 1636 -46.21 -13.39 -8.45
C LYS C 1636 -45.64 -12.37 -7.45
N LEU C 1637 -44.32 -12.17 -7.47
CA LEU C 1637 -43.58 -11.19 -6.62
C LEU C 1637 -43.31 -9.91 -7.42
N ILE C 1638 -43.99 -8.80 -7.06
CA ILE C 1638 -43.92 -7.47 -7.73
C ILE C 1638 -43.19 -6.50 -6.80
N LYS C 1639 -42.20 -5.75 -7.31
CA LYS C 1639 -41.54 -4.62 -6.60
C LYS C 1639 -42.02 -3.30 -7.23
N PHE C 1640 -42.40 -2.35 -6.37
CA PHE C 1640 -42.87 -1.00 -6.77
C PHE C 1640 -41.91 0.04 -6.19
N GLU C 1641 -41.69 1.14 -6.90
CA GLU C 1641 -40.95 2.33 -6.38
C GLU C 1641 -41.72 3.61 -6.75
N THR C 1642 -42.20 4.32 -5.73
CA THR C 1642 -42.96 5.60 -5.85
C THR C 1642 -42.00 6.76 -5.57
N ARG C 1643 -42.09 7.80 -6.41
CA ARG C 1643 -41.27 9.03 -6.37
C ARG C 1643 -42.19 10.25 -6.29
N ASN C 1644 -41.73 11.31 -5.61
CA ASN C 1644 -42.39 12.64 -5.58
C ASN C 1644 -42.13 13.35 -6.91
N GLU C 1645 -42.42 14.66 -7.02
CA GLU C 1645 -42.27 15.46 -8.27
C GLU C 1645 -40.78 15.70 -8.57
N ASP C 1646 -39.93 15.64 -7.54
CA ASP C 1646 -38.45 15.85 -7.63
C ASP C 1646 -37.75 14.55 -8.07
N ASP C 1647 -38.50 13.47 -8.36
CA ASP C 1647 -38.03 12.09 -8.69
C ASP C 1647 -37.35 11.44 -7.47
N VAL C 1648 -37.52 12.03 -6.28
CA VAL C 1648 -36.89 11.53 -5.01
C VAL C 1648 -37.69 10.32 -4.55
N VAL C 1649 -37.00 9.22 -4.21
CA VAL C 1649 -37.62 7.97 -3.73
C VAL C 1649 -38.30 8.27 -2.39
N VAL C 1650 -39.61 8.04 -2.30
CA VAL C 1650 -40.43 8.22 -1.07
C VAL C 1650 -40.98 6.85 -0.61
N LEU C 1651 -41.44 6.01 -1.54
CA LEU C 1651 -41.90 4.62 -1.27
C LEU C 1651 -41.12 3.62 -2.12
N THR C 1652 -40.70 2.54 -1.47
CA THR C 1652 -40.30 1.25 -2.09
C THR C 1652 -41.24 0.19 -1.54
N GLY C 1653 -41.10 -1.04 -2.02
CA GLY C 1653 -41.78 -2.23 -1.46
C GLY C 1653 -42.02 -3.33 -2.48
N GLU C 1654 -42.48 -4.49 -2.00
CA GLU C 1654 -42.74 -5.72 -2.79
C GLU C 1654 -44.05 -6.37 -2.33
N ALA C 1655 -44.95 -6.64 -3.28
CA ALA C 1655 -46.27 -7.28 -3.05
C ALA C 1655 -46.26 -8.70 -3.62
N GLU C 1656 -46.47 -9.72 -2.75
CA GLU C 1656 -46.58 -11.15 -3.12
C GLU C 1656 -48.05 -11.46 -3.47
N ILE C 1657 -48.38 -11.63 -4.77
CA ILE C 1657 -49.79 -11.79 -5.26
C ILE C 1657 -49.99 -13.24 -5.69
N GLU C 1658 -51.16 -13.81 -5.36
CA GLU C 1658 -51.65 -15.12 -5.86
C GLU C 1658 -51.89 -14.99 -7.37
N GLN C 1659 -51.25 -15.86 -8.14
CA GLN C 1659 -51.54 -16.07 -9.57
C GLN C 1659 -53.00 -16.52 -9.66
N PRO C 1660 -53.77 -16.06 -10.67
CA PRO C 1660 -55.18 -16.47 -10.82
C PRO C 1660 -55.38 -18.00 -10.86
N VAL C 1661 -56.48 -18.51 -10.28
CA VAL C 1661 -56.83 -19.96 -10.16
C VAL C 1661 -56.66 -20.63 -11.54
N THR C 1662 -55.86 -21.71 -11.62
CA THR C 1662 -55.42 -22.36 -12.90
C THR C 1662 -55.84 -23.84 -12.93
N THR C 1663 -56.20 -24.32 -14.13
CA THR C 1663 -56.51 -25.73 -14.47
C THR C 1663 -55.55 -26.21 -15.57
N PHE C 1664 -54.83 -27.31 -15.31
CA PHE C 1664 -53.90 -27.95 -16.27
C PHE C 1664 -54.67 -29.01 -17.03
N VAL C 1665 -54.53 -28.99 -18.36
CA VAL C 1665 -55.08 -30.03 -19.29
C VAL C 1665 -53.92 -30.56 -20.15
N PHE C 1666 -53.55 -31.82 -19.92
CA PHE C 1666 -52.48 -32.54 -20.64
C PHE C 1666 -53.12 -33.27 -21.83
N THR C 1667 -52.66 -32.97 -23.05
CA THR C 1667 -53.20 -33.49 -24.34
C THR C 1667 -52.96 -35.01 -24.43
N GLY C 1668 -53.92 -35.74 -25.00
CA GLY C 1668 -53.75 -37.16 -25.38
C GLY C 1668 -52.97 -37.30 -26.67
N GLN C 1669 -53.11 -38.46 -27.33
CA GLN C 1669 -52.39 -38.85 -28.58
C GLN C 1669 -52.85 -37.96 -29.75
N GLY C 1670 -52.05 -36.95 -30.08
CA GLY C 1670 -52.30 -36.00 -31.18
C GLY C 1670 -51.19 -36.08 -32.21
N SER C 1671 -50.66 -34.92 -32.63
CA SER C 1671 -49.56 -34.76 -33.62
C SER C 1671 -48.23 -35.08 -32.94
N GLN C 1672 -47.53 -36.11 -33.43
CA GLN C 1672 -46.17 -36.51 -32.97
C GLN C 1672 -45.18 -36.05 -34.06
N GLU C 1673 -44.96 -34.74 -34.15
CA GLU C 1673 -43.97 -34.13 -35.07
C GLU C 1673 -42.56 -34.54 -34.61
N GLN C 1674 -41.66 -34.77 -35.57
CA GLN C 1674 -40.27 -35.25 -35.33
C GLN C 1674 -39.49 -34.23 -34.51
N GLY C 1675 -38.83 -34.69 -33.43
CA GLY C 1675 -37.99 -33.86 -32.55
C GLY C 1675 -38.82 -32.94 -31.67
N MET C 1676 -40.02 -33.38 -31.27
CA MET C 1676 -40.91 -32.57 -30.41
C MET C 1676 -40.33 -32.55 -28.98
N GLY C 1677 -40.17 -31.34 -28.43
CA GLY C 1677 -39.67 -31.08 -27.06
C GLY C 1677 -38.15 -30.85 -26.99
N MET C 1678 -37.46 -30.91 -28.13
CA MET C 1678 -35.98 -30.72 -28.20
C MET C 1678 -35.60 -29.24 -28.01
N ASP C 1679 -36.47 -28.30 -28.41
CA ASP C 1679 -36.31 -26.84 -28.20
C ASP C 1679 -36.09 -26.53 -26.72
N LEU C 1680 -36.92 -27.11 -25.85
CA LEU C 1680 -36.83 -27.01 -24.37
C LEU C 1680 -35.55 -27.73 -23.92
N TYR C 1681 -35.32 -28.94 -24.42
CA TYR C 1681 -34.22 -29.86 -24.03
C TYR C 1681 -32.85 -29.22 -24.29
N LYS C 1682 -32.73 -28.36 -25.30
CA LYS C 1682 -31.47 -27.59 -25.56
C LYS C 1682 -31.25 -26.54 -24.45
N THR C 1683 -32.27 -25.72 -24.17
CA THR C 1683 -32.22 -24.52 -23.29
C THR C 1683 -32.38 -24.96 -21.83
N SER C 1684 -33.59 -25.39 -21.45
CA SER C 1684 -34.03 -25.75 -20.07
C SER C 1684 -33.05 -26.76 -19.47
N LYS C 1685 -32.81 -26.65 -18.16
CA LYS C 1685 -32.05 -27.67 -17.38
C LYS C 1685 -33.03 -28.62 -16.70
N ALA C 1686 -34.21 -28.14 -16.27
CA ALA C 1686 -35.25 -28.95 -15.61
C ALA C 1686 -35.78 -29.99 -16.60
N ALA C 1687 -35.95 -29.60 -17.87
CA ALA C 1687 -36.30 -30.51 -18.99
C ALA C 1687 -35.17 -31.51 -19.26
N GLN C 1688 -33.91 -31.05 -19.29
CA GLN C 1688 -32.70 -31.88 -19.56
C GLN C 1688 -32.65 -33.04 -18.57
N ASP C 1689 -32.87 -32.78 -17.27
CA ASP C 1689 -32.80 -33.79 -16.18
C ASP C 1689 -33.81 -34.91 -16.46
N VAL C 1690 -35.06 -34.55 -16.76
CA VAL C 1690 -36.18 -35.50 -17.07
C VAL C 1690 -35.81 -36.35 -18.29
N TRP C 1691 -35.40 -35.70 -19.39
CA TRP C 1691 -35.04 -36.36 -20.68
C TRP C 1691 -33.87 -37.34 -20.49
N ASN C 1692 -32.85 -36.92 -19.73
CA ASN C 1692 -31.64 -37.75 -19.40
C ASN C 1692 -32.07 -39.01 -18.63
N ARG C 1693 -32.77 -38.83 -17.50
CA ARG C 1693 -33.23 -39.92 -16.59
C ARG C 1693 -34.08 -40.93 -17.36
N ALA C 1694 -35.01 -40.44 -18.18
CA ALA C 1694 -35.86 -41.27 -19.06
C ALA C 1694 -34.98 -42.05 -20.04
N ASP C 1695 -34.13 -41.34 -20.77
CA ASP C 1695 -33.21 -41.93 -21.79
C ASP C 1695 -32.40 -43.05 -21.14
N ASN C 1696 -31.73 -42.75 -20.01
CA ASN C 1696 -30.87 -43.71 -19.27
C ASN C 1696 -31.69 -44.92 -18.84
N HIS C 1697 -32.93 -44.69 -18.39
CA HIS C 1697 -33.81 -45.76 -17.90
C HIS C 1697 -34.18 -46.69 -19.05
N PHE C 1698 -34.50 -46.16 -20.23
CA PHE C 1698 -34.82 -46.98 -21.45
C PHE C 1698 -33.60 -47.76 -21.94
N LYS C 1699 -32.41 -47.14 -21.89
CA LYS C 1699 -31.12 -47.82 -22.21
C LYS C 1699 -30.88 -49.01 -21.28
N ASP C 1700 -31.18 -48.86 -19.98
CA ASP C 1700 -30.89 -49.87 -18.94
C ASP C 1700 -32.08 -50.82 -18.71
N THR C 1701 -33.23 -50.58 -19.35
CA THR C 1701 -34.46 -51.42 -19.16
C THR C 1701 -34.94 -52.04 -20.46
N TYR C 1702 -34.97 -51.29 -21.57
CA TYR C 1702 -35.51 -51.78 -22.88
C TYR C 1702 -34.46 -51.70 -23.99
N GLY C 1703 -33.21 -51.36 -23.66
CA GLY C 1703 -32.05 -51.44 -24.56
C GLY C 1703 -32.13 -50.51 -25.76
N PHE C 1704 -32.85 -49.38 -25.64
CA PHE C 1704 -32.85 -48.28 -26.65
C PHE C 1704 -32.83 -46.92 -25.97
N SER C 1705 -32.76 -45.88 -26.80
CA SER C 1705 -32.75 -44.44 -26.44
C SER C 1705 -33.99 -43.77 -27.04
N ILE C 1706 -34.85 -43.19 -26.20
CA ILE C 1706 -36.02 -42.38 -26.64
C ILE C 1706 -35.48 -41.16 -27.41
N LEU C 1707 -34.44 -40.49 -26.87
CA LEU C 1707 -33.83 -39.28 -27.48
C LEU C 1707 -33.50 -39.55 -28.96
N ASP C 1708 -32.89 -40.70 -29.27
CA ASP C 1708 -32.58 -41.09 -30.67
C ASP C 1708 -33.88 -41.08 -31.47
N ILE C 1709 -34.93 -41.73 -30.95
CA ILE C 1709 -36.23 -41.99 -31.65
C ILE C 1709 -36.99 -40.67 -31.87
N VAL C 1710 -36.96 -39.75 -30.92
CA VAL C 1710 -37.64 -38.42 -31.05
C VAL C 1710 -36.86 -37.58 -32.08
N ILE C 1711 -35.52 -37.49 -31.96
CA ILE C 1711 -34.64 -36.54 -32.71
C ILE C 1711 -34.62 -36.87 -34.21
N ASN C 1712 -34.34 -38.12 -34.58
CA ASN C 1712 -34.08 -38.52 -36.00
C ASN C 1712 -35.13 -39.52 -36.52
N ASN C 1713 -35.99 -40.09 -35.66
CA ASN C 1713 -37.15 -40.95 -36.03
C ASN C 1713 -36.72 -42.06 -36.98
N PRO C 1714 -35.90 -43.04 -36.50
CA PRO C 1714 -35.41 -44.11 -37.37
C PRO C 1714 -36.60 -45.00 -37.82
N VAL C 1715 -36.53 -45.49 -39.06
CA VAL C 1715 -37.57 -46.38 -39.67
C VAL C 1715 -37.55 -47.71 -38.91
N ASN C 1716 -36.35 -48.24 -38.63
CA ASN C 1716 -36.14 -49.52 -37.90
C ASN C 1716 -35.16 -49.30 -36.75
N LEU C 1717 -35.31 -50.06 -35.69
CA LEU C 1717 -34.42 -50.05 -34.50
C LEU C 1717 -34.40 -51.45 -33.90
N THR C 1718 -33.21 -52.05 -33.81
CA THR C 1718 -33.00 -53.46 -33.39
C THR C 1718 -32.42 -53.48 -31.98
N ILE C 1719 -33.19 -53.97 -31.02
CA ILE C 1719 -32.67 -54.25 -29.65
C ILE C 1719 -31.78 -55.49 -29.78
N HIS C 1720 -30.53 -55.40 -29.30
CA HIS C 1720 -29.56 -56.51 -29.25
C HIS C 1720 -29.32 -56.90 -27.80
N PHE C 1721 -29.70 -58.14 -27.45
CA PHE C 1721 -29.61 -58.73 -26.08
C PHE C 1721 -28.22 -59.35 -25.90
N GLY C 1722 -27.16 -58.59 -26.20
CA GLY C 1722 -25.75 -59.04 -26.19
C GLY C 1722 -25.09 -58.69 -24.87
N GLY C 1723 -24.69 -59.72 -24.08
CA GLY C 1723 -24.02 -59.61 -22.77
C GLY C 1723 -24.99 -59.75 -21.60
N GLU C 1724 -24.52 -59.54 -20.37
CA GLU C 1724 -25.29 -59.68 -19.09
C GLU C 1724 -26.32 -58.55 -18.95
N LYS C 1725 -26.08 -57.40 -19.61
CA LYS C 1725 -27.06 -56.31 -19.78
C LYS C 1725 -28.16 -56.78 -20.74
N GLY C 1726 -27.78 -57.45 -21.84
CA GLY C 1726 -28.69 -58.01 -22.87
C GLY C 1726 -29.71 -58.96 -22.29
N LYS C 1727 -29.27 -59.93 -21.46
CA LYS C 1727 -30.13 -60.90 -20.73
C LYS C 1727 -31.16 -60.14 -19.90
N ARG C 1728 -30.73 -59.17 -19.10
CA ARG C 1728 -31.62 -58.31 -18.26
C ARG C 1728 -32.67 -57.64 -19.14
N ILE C 1729 -32.28 -57.16 -20.32
CA ILE C 1729 -33.22 -56.47 -21.26
C ILE C 1729 -34.25 -57.51 -21.73
N ARG C 1730 -33.81 -58.71 -22.13
CA ARG C 1730 -34.66 -59.82 -22.65
C ARG C 1730 -35.60 -60.39 -21.57
N GLU C 1731 -35.23 -60.32 -20.29
CA GLU C 1731 -36.09 -60.69 -19.14
C GLU C 1731 -37.27 -59.71 -19.04
N ASN C 1732 -36.99 -58.41 -19.15
CA ASN C 1732 -38.01 -57.32 -19.08
C ASN C 1732 -38.97 -57.46 -20.27
N TYR C 1733 -38.46 -57.60 -21.50
CA TYR C 1733 -39.25 -57.81 -22.76
C TYR C 1733 -40.04 -59.13 -22.74
N SER C 1734 -39.58 -60.13 -21.98
CA SER C 1734 -40.26 -61.45 -21.81
C SER C 1734 -41.49 -61.29 -20.90
N ALA C 1735 -41.32 -60.73 -19.69
CA ALA C 1735 -42.35 -60.63 -18.61
C ALA C 1735 -43.61 -59.86 -19.06
N MET C 1736 -43.55 -59.07 -20.13
CA MET C 1736 -44.70 -58.29 -20.66
C MET C 1736 -45.72 -59.27 -21.27
N ILE C 1737 -46.94 -59.31 -20.73
CA ILE C 1737 -48.05 -60.21 -21.15
C ILE C 1737 -49.31 -59.35 -21.38
N PHE C 1738 -50.33 -59.91 -22.05
CA PHE C 1738 -51.64 -59.26 -22.31
C PHE C 1738 -52.74 -60.34 -22.33
N GLU C 1739 -53.94 -60.00 -21.88
CA GLU C 1739 -55.10 -60.93 -21.84
C GLU C 1739 -56.01 -60.61 -23.02
N THR C 1740 -56.57 -61.64 -23.67
CA THR C 1740 -57.54 -61.52 -24.79
C THR C 1740 -58.68 -62.56 -24.62
N ILE C 1741 -59.90 -62.17 -25.00
CA ILE C 1741 -61.10 -63.05 -25.12
C ILE C 1741 -61.05 -63.71 -26.50
N VAL C 1742 -60.87 -65.04 -26.54
CA VAL C 1742 -60.89 -65.90 -27.77
C VAL C 1742 -61.82 -67.11 -27.50
N ASP C 1743 -63.00 -67.13 -28.12
CA ASP C 1743 -64.04 -68.19 -28.00
C ASP C 1743 -64.64 -68.20 -26.59
N GLY C 1744 -64.84 -67.00 -26.00
CA GLY C 1744 -65.26 -66.82 -24.61
C GLY C 1744 -64.27 -67.40 -23.62
N LYS C 1745 -62.97 -67.14 -23.83
CA LYS C 1745 -61.85 -67.64 -22.97
C LYS C 1745 -60.75 -66.56 -22.82
N LEU C 1746 -60.60 -66.00 -21.61
CA LEU C 1746 -59.49 -65.08 -21.21
C LEU C 1746 -58.17 -65.85 -21.28
N LYS C 1747 -57.40 -65.65 -22.35
CA LYS C 1747 -56.02 -66.19 -22.51
C LYS C 1747 -55.01 -65.08 -22.26
N THR C 1748 -54.21 -65.23 -21.18
CA THR C 1748 -53.03 -64.41 -20.84
C THR C 1748 -51.90 -64.79 -21.80
N GLU C 1749 -51.86 -64.12 -22.96
CA GLU C 1749 -50.84 -64.32 -24.04
C GLU C 1749 -49.61 -63.42 -23.73
N LYS C 1750 -48.49 -63.70 -24.41
CA LYS C 1750 -47.17 -63.05 -24.17
C LYS C 1750 -46.90 -62.02 -25.28
N ILE C 1751 -46.63 -60.77 -24.91
CA ILE C 1751 -46.14 -59.70 -25.84
C ILE C 1751 -44.75 -60.15 -26.29
N PHE C 1752 -44.38 -59.90 -27.55
CA PHE C 1752 -43.10 -60.35 -28.15
C PHE C 1752 -43.07 -61.88 -28.08
N LYS C 1753 -43.80 -62.53 -29.00
CA LYS C 1753 -43.85 -64.01 -29.17
C LYS C 1753 -42.53 -64.50 -29.79
N GLU C 1754 -41.86 -63.64 -30.55
CA GLU C 1754 -40.55 -63.89 -31.23
C GLU C 1754 -39.38 -63.39 -30.37
N ILE C 1755 -39.61 -63.26 -29.06
CA ILE C 1755 -38.56 -63.09 -28.01
C ILE C 1755 -38.70 -64.24 -27.01
N ASN C 1756 -37.80 -65.22 -27.11
CA ASN C 1756 -37.73 -66.40 -26.20
C ASN C 1756 -36.46 -66.27 -25.34
N GLU C 1757 -36.00 -67.37 -24.73
CA GLU C 1757 -34.71 -67.44 -23.99
C GLU C 1757 -33.53 -67.34 -24.97
N HIS C 1758 -33.68 -67.85 -26.21
CA HIS C 1758 -32.60 -68.01 -27.21
C HIS C 1758 -32.76 -66.99 -28.37
N SER C 1759 -33.43 -65.86 -28.14
CA SER C 1759 -33.52 -64.72 -29.11
C SER C 1759 -32.37 -63.75 -28.85
N THR C 1760 -31.57 -63.48 -29.87
CA THR C 1760 -30.31 -62.68 -29.83
C THR C 1760 -30.62 -61.18 -30.06
N SER C 1761 -31.68 -60.90 -30.82
CA SER C 1761 -32.13 -59.52 -31.18
C SER C 1761 -33.62 -59.50 -31.44
N TYR C 1762 -34.25 -58.36 -31.15
CA TYR C 1762 -35.61 -57.98 -31.62
C TYR C 1762 -35.47 -56.79 -32.57
N THR C 1763 -36.42 -56.63 -33.50
CA THR C 1763 -36.53 -55.51 -34.47
C THR C 1763 -37.93 -54.87 -34.36
N PHE C 1764 -37.97 -53.58 -34.00
CA PHE C 1764 -39.12 -52.66 -34.20
C PHE C 1764 -39.07 -52.16 -35.66
N ARG C 1765 -40.08 -52.50 -36.46
CA ARG C 1765 -40.16 -52.16 -37.90
C ARG C 1765 -41.36 -51.26 -38.16
N SER C 1766 -41.10 -50.07 -38.70
CA SER C 1766 -42.11 -49.10 -39.17
C SER C 1766 -42.00 -48.94 -40.69
N GLU C 1767 -42.96 -48.23 -41.29
CA GLU C 1767 -43.00 -47.93 -42.74
C GLU C 1767 -42.44 -46.53 -43.01
N LYS C 1768 -42.79 -45.57 -42.15
CA LYS C 1768 -42.37 -44.13 -42.25
C LYS C 1768 -41.32 -43.83 -41.16
N GLY C 1769 -41.72 -43.89 -39.89
CA GLY C 1769 -40.86 -43.64 -38.73
C GLY C 1769 -41.42 -44.29 -37.49
N LEU C 1770 -40.56 -44.70 -36.55
CA LEU C 1770 -40.98 -45.40 -35.31
C LEU C 1770 -41.65 -44.43 -34.33
N LEU C 1771 -41.45 -43.11 -34.47
CA LEU C 1771 -42.17 -42.09 -33.65
C LEU C 1771 -43.69 -42.21 -33.85
N SER C 1772 -44.18 -42.56 -35.06
CA SER C 1772 -45.63 -42.72 -35.39
C SER C 1772 -46.18 -44.03 -34.82
N ALA C 1773 -45.32 -44.97 -34.41
CA ALA C 1773 -45.69 -46.19 -33.66
C ALA C 1773 -46.09 -45.80 -32.24
N THR C 1774 -47.21 -46.32 -31.74
CA THR C 1774 -47.81 -46.01 -30.41
C THR C 1774 -46.82 -46.19 -29.25
N GLN C 1775 -46.00 -47.25 -29.29
CA GLN C 1775 -45.08 -47.63 -28.17
C GLN C 1775 -43.96 -46.59 -28.02
N PHE C 1776 -43.71 -45.76 -29.04
CA PHE C 1776 -42.76 -44.62 -29.00
C PHE C 1776 -43.50 -43.26 -29.08
N THR C 1777 -44.74 -43.21 -29.61
CA THR C 1777 -45.56 -41.98 -29.63
C THR C 1777 -45.91 -41.60 -28.18
N GLN C 1778 -46.43 -42.56 -27.42
CA GLN C 1778 -47.06 -42.32 -26.10
C GLN C 1778 -46.01 -41.87 -25.08
N PRO C 1779 -44.85 -42.55 -24.91
CA PRO C 1779 -43.82 -42.07 -24.00
C PRO C 1779 -43.23 -40.72 -24.43
N ALA C 1780 -42.92 -40.54 -25.71
CA ALA C 1780 -42.36 -39.30 -26.30
C ALA C 1780 -43.20 -38.11 -25.85
N LEU C 1781 -44.50 -38.16 -26.15
CA LEU C 1781 -45.47 -37.04 -25.91
C LEU C 1781 -45.63 -36.79 -24.41
N THR C 1782 -45.81 -37.86 -23.62
CA THR C 1782 -45.93 -37.81 -22.14
C THR C 1782 -44.64 -37.20 -21.53
N LEU C 1783 -43.46 -37.53 -22.08
CA LEU C 1783 -42.16 -37.04 -21.57
C LEU C 1783 -42.02 -35.55 -21.90
N MET C 1784 -42.45 -35.14 -23.11
CA MET C 1784 -42.40 -33.72 -23.58
C MET C 1784 -43.28 -32.86 -22.66
N GLU C 1785 -44.48 -33.34 -22.32
CA GLU C 1785 -45.41 -32.68 -21.38
C GLU C 1785 -44.78 -32.62 -19.99
N LYS C 1786 -44.23 -33.75 -19.51
CA LYS C 1786 -43.58 -33.84 -18.18
C LYS C 1786 -42.39 -32.88 -18.12
N ALA C 1787 -41.59 -32.81 -19.19
CA ALA C 1787 -40.40 -31.93 -19.31
C ALA C 1787 -40.85 -30.46 -19.32
N ALA C 1788 -41.91 -30.13 -20.07
CA ALA C 1788 -42.51 -28.78 -20.15
C ALA C 1788 -42.95 -28.34 -18.74
N PHE C 1789 -43.73 -29.19 -18.05
CA PHE C 1789 -44.27 -28.92 -16.69
C PHE C 1789 -43.13 -28.75 -15.69
N GLU C 1790 -42.06 -29.54 -15.82
CA GLU C 1790 -40.89 -29.45 -14.90
C GLU C 1790 -40.16 -28.12 -15.12
N ASP C 1791 -40.22 -27.55 -16.34
CA ASP C 1791 -39.63 -26.22 -16.69
C ASP C 1791 -40.43 -25.11 -16.00
N LEU C 1792 -41.77 -25.18 -16.05
CA LEU C 1792 -42.70 -24.25 -15.36
C LEU C 1792 -42.48 -24.31 -13.85
N LYS C 1793 -42.23 -25.50 -13.30
CA LYS C 1793 -42.15 -25.79 -11.84
C LYS C 1793 -40.80 -25.31 -11.26
N SER C 1794 -39.72 -25.38 -12.03
CA SER C 1794 -38.36 -24.89 -11.65
C SER C 1794 -38.38 -23.36 -11.53
N LYS C 1795 -39.08 -22.67 -12.46
CA LYS C 1795 -39.22 -21.19 -12.52
C LYS C 1795 -40.39 -20.71 -11.63
N GLY C 1796 -41.11 -21.64 -10.97
CA GLY C 1796 -42.09 -21.38 -9.90
C GLY C 1796 -43.38 -20.76 -10.42
N LEU C 1797 -43.90 -21.26 -11.55
CA LEU C 1797 -45.11 -20.73 -12.23
C LEU C 1797 -46.33 -21.63 -11.98
N ILE C 1798 -46.25 -22.55 -11.00
CA ILE C 1798 -47.33 -23.53 -10.65
C ILE C 1798 -47.96 -23.12 -9.32
N PRO C 1799 -49.22 -22.60 -9.33
CA PRO C 1799 -49.94 -22.33 -8.08
C PRO C 1799 -50.11 -23.59 -7.24
N ALA C 1800 -50.06 -23.47 -5.90
CA ALA C 1800 -50.05 -24.59 -4.93
C ALA C 1800 -51.39 -25.33 -4.89
N ASP C 1801 -52.50 -24.69 -5.33
CA ASP C 1801 -53.90 -25.19 -5.20
C ASP C 1801 -54.53 -25.48 -6.57
N ALA C 1802 -53.78 -25.34 -7.68
CA ALA C 1802 -54.29 -25.45 -9.07
C ALA C 1802 -54.91 -26.84 -9.27
N THR C 1803 -55.84 -26.96 -10.23
CA THR C 1803 -56.46 -28.24 -10.66
C THR C 1803 -55.71 -28.77 -11.89
N PHE C 1804 -55.68 -30.09 -12.06
CA PHE C 1804 -55.02 -30.82 -13.17
C PHE C 1804 -55.91 -31.99 -13.59
N ALA C 1805 -56.07 -32.17 -14.89
CA ALA C 1805 -56.91 -33.23 -15.50
C ALA C 1805 -56.48 -33.43 -16.96
N GLY C 1806 -55.82 -34.56 -17.23
CA GLY C 1806 -55.30 -34.89 -18.57
C GLY C 1806 -56.31 -35.67 -19.40
N HIS C 1807 -56.26 -35.48 -20.72
CA HIS C 1807 -57.13 -36.17 -21.71
C HIS C 1807 -56.51 -37.53 -22.09
N SER C 1808 -56.89 -38.59 -21.36
CA SER C 1808 -56.51 -40.02 -21.56
C SER C 1808 -55.05 -40.28 -21.22
N LEU C 1809 -54.15 -40.22 -22.20
CA LEU C 1809 -52.71 -40.47 -22.01
C LEU C 1809 -52.13 -39.35 -21.16
N GLY C 1810 -52.42 -38.10 -21.54
CA GLY C 1810 -52.05 -36.89 -20.79
C GLY C 1810 -52.32 -37.04 -19.30
N GLU C 1811 -53.40 -37.74 -18.93
CA GLU C 1811 -53.81 -38.02 -17.53
C GLU C 1811 -52.63 -38.57 -16.72
N TYR C 1812 -51.86 -39.49 -17.31
CA TYR C 1812 -50.73 -40.21 -16.65
C TYR C 1812 -49.57 -39.25 -16.37
N ALA C 1813 -49.27 -38.36 -17.34
CA ALA C 1813 -48.32 -37.24 -17.20
C ALA C 1813 -48.80 -36.36 -16.05
N ALA C 1814 -50.06 -35.90 -16.13
CA ALA C 1814 -50.72 -34.95 -15.21
C ALA C 1814 -50.67 -35.48 -13.77
N LEU C 1815 -50.88 -36.79 -13.58
CA LEU C 1815 -50.79 -37.44 -12.26
C LEU C 1815 -49.35 -37.27 -11.74
N ALA C 1816 -48.36 -37.64 -12.55
CA ALA C 1816 -46.91 -37.54 -12.22
C ALA C 1816 -46.45 -36.07 -12.20
N SER C 1817 -47.17 -35.17 -12.88
CA SER C 1817 -46.85 -33.72 -12.92
C SER C 1817 -47.10 -33.09 -11.55
N LEU C 1818 -48.38 -32.89 -11.17
CA LEU C 1818 -48.79 -32.12 -9.95
C LEU C 1818 -48.52 -32.96 -8.69
N ALA C 1819 -48.77 -34.27 -8.73
CA ALA C 1819 -48.81 -35.18 -7.55
C ALA C 1819 -47.52 -35.98 -7.36
N ASP C 1820 -46.66 -36.13 -8.39
CA ASP C 1820 -45.37 -36.89 -8.36
C ASP C 1820 -45.61 -38.29 -7.74
N VAL C 1821 -46.74 -38.92 -8.10
CA VAL C 1821 -47.19 -40.24 -7.55
C VAL C 1821 -46.15 -41.29 -7.95
N MET C 1822 -45.86 -41.38 -9.25
CA MET C 1822 -44.88 -42.34 -9.84
C MET C 1822 -43.61 -41.59 -10.22
N SER C 1823 -42.45 -42.25 -10.07
CA SER C 1823 -41.13 -41.76 -10.56
C SER C 1823 -41.16 -41.69 -12.09
N ILE C 1824 -40.24 -40.93 -12.70
CA ILE C 1824 -40.12 -40.84 -14.19
C ILE C 1824 -39.68 -42.19 -14.76
N GLU C 1825 -39.02 -43.03 -13.97
CA GLU C 1825 -38.65 -44.43 -14.37
C GLU C 1825 -39.88 -45.35 -14.32
N SER C 1826 -40.81 -45.08 -13.39
CA SER C 1826 -42.12 -45.76 -13.29
C SER C 1826 -43.06 -45.31 -14.43
N LEU C 1827 -43.15 -43.99 -14.67
CA LEU C 1827 -44.02 -43.38 -15.72
C LEU C 1827 -43.67 -43.96 -17.09
N VAL C 1828 -42.39 -43.95 -17.48
CA VAL C 1828 -41.92 -44.38 -18.83
C VAL C 1828 -42.30 -45.86 -19.05
N GLU C 1829 -42.12 -46.71 -18.05
CA GLU C 1829 -42.50 -48.15 -18.11
C GLU C 1829 -44.02 -48.23 -18.39
N VAL C 1830 -44.82 -47.53 -17.58
CA VAL C 1830 -46.31 -47.68 -17.55
C VAL C 1830 -46.94 -47.06 -18.81
N VAL C 1831 -46.26 -46.11 -19.48
CA VAL C 1831 -46.75 -45.52 -20.76
C VAL C 1831 -46.25 -46.35 -21.95
N PHE C 1832 -45.11 -47.04 -21.80
CA PHE C 1832 -44.58 -47.95 -22.84
C PHE C 1832 -45.45 -49.21 -22.86
N TYR C 1833 -45.66 -49.82 -21.69
CA TYR C 1833 -46.51 -51.03 -21.53
C TYR C 1833 -47.91 -50.76 -22.08
N ARG C 1834 -48.49 -49.59 -21.77
CA ARG C 1834 -49.83 -49.14 -22.24
C ARG C 1834 -49.84 -49.09 -23.77
N GLY C 1835 -48.81 -48.49 -24.36
CA GLY C 1835 -48.65 -48.38 -25.83
C GLY C 1835 -48.55 -49.74 -26.49
N MET C 1836 -47.89 -50.70 -25.84
CA MET C 1836 -47.68 -52.08 -26.36
C MET C 1836 -48.98 -52.89 -26.21
N THR C 1837 -49.63 -52.81 -25.04
CA THR C 1837 -50.89 -53.53 -24.73
C THR C 1837 -51.98 -53.09 -25.73
N MET C 1838 -52.12 -51.78 -25.95
CA MET C 1838 -53.04 -51.20 -26.96
C MET C 1838 -52.72 -51.81 -28.34
N GLN C 1839 -51.43 -51.82 -28.72
CA GLN C 1839 -50.93 -52.30 -30.03
C GLN C 1839 -51.27 -53.78 -30.27
N VAL C 1840 -51.29 -54.61 -29.22
CA VAL C 1840 -51.47 -56.09 -29.31
C VAL C 1840 -52.94 -56.49 -29.02
N ALA C 1841 -53.80 -55.53 -28.65
CA ALA C 1841 -55.20 -55.75 -28.24
C ALA C 1841 -56.00 -56.42 -29.38
N VAL C 1842 -55.82 -55.94 -30.62
CA VAL C 1842 -56.63 -56.38 -31.79
C VAL C 1842 -55.90 -57.50 -32.53
N PRO C 1843 -56.62 -58.34 -33.32
CA PRO C 1843 -56.03 -59.42 -34.11
C PRO C 1843 -55.77 -58.95 -35.55
N ARG C 1844 -54.51 -58.58 -35.84
CA ARG C 1844 -54.09 -57.98 -37.13
C ARG C 1844 -53.89 -59.11 -38.16
N ASP C 1845 -53.67 -58.73 -39.42
CA ASP C 1845 -53.29 -59.64 -40.53
C ASP C 1845 -51.76 -59.66 -40.68
N GLU C 1846 -51.26 -60.12 -41.84
CA GLU C 1846 -49.83 -60.06 -42.21
C GLU C 1846 -49.43 -58.62 -42.58
N LEU C 1847 -50.39 -57.79 -43.02
CA LEU C 1847 -50.18 -56.34 -43.35
C LEU C 1847 -50.11 -55.47 -42.08
N GLY C 1848 -50.45 -56.01 -40.90
CA GLY C 1848 -50.51 -55.29 -39.61
C GLY C 1848 -51.75 -54.41 -39.51
N ARG C 1849 -52.76 -54.67 -40.36
CA ARG C 1849 -54.05 -53.93 -40.45
C ARG C 1849 -55.10 -54.66 -39.60
N SER C 1850 -56.02 -53.90 -39.00
CA SER C 1850 -57.10 -54.39 -38.11
C SER C 1850 -58.47 -54.12 -38.75
N ASN C 1851 -59.52 -54.46 -38.00
CA ASN C 1851 -60.94 -54.31 -38.40
C ASN C 1851 -61.64 -53.38 -37.40
N TYR C 1852 -60.89 -52.40 -36.86
CA TYR C 1852 -61.40 -51.35 -35.93
C TYR C 1852 -60.86 -49.98 -36.39
N GLY C 1853 -61.31 -48.94 -35.70
CA GLY C 1853 -60.94 -47.54 -35.97
C GLY C 1853 -61.86 -46.59 -35.23
N MET C 1854 -61.74 -45.30 -35.51
CA MET C 1854 -62.52 -44.22 -34.87
C MET C 1854 -62.97 -43.23 -35.96
N ILE C 1855 -63.97 -42.40 -35.64
CA ILE C 1855 -64.43 -41.23 -36.46
C ILE C 1855 -64.68 -40.04 -35.53
N ALA C 1856 -64.25 -38.84 -35.93
CA ALA C 1856 -64.48 -37.57 -35.20
C ALA C 1856 -65.82 -36.97 -35.66
N ILE C 1857 -66.92 -37.43 -35.06
CA ILE C 1857 -68.32 -37.05 -35.43
C ILE C 1857 -68.62 -35.65 -34.87
N ASN C 1858 -69.34 -34.84 -35.66
CA ASN C 1858 -69.89 -33.50 -35.31
C ASN C 1858 -71.43 -33.58 -35.36
N PRO C 1859 -72.14 -33.77 -34.20
CA PRO C 1859 -73.62 -33.79 -34.19
C PRO C 1859 -74.30 -32.50 -34.68
N GLY C 1860 -73.60 -31.35 -34.63
CA GLY C 1860 -74.10 -30.04 -35.08
C GLY C 1860 -74.10 -29.85 -36.58
N ARG C 1861 -73.50 -30.77 -37.36
CA ARG C 1861 -73.41 -30.70 -38.85
C ARG C 1861 -74.60 -31.45 -39.49
N VAL C 1862 -74.91 -32.68 -39.02
CA VAL C 1862 -76.02 -33.55 -39.52
C VAL C 1862 -77.34 -32.78 -39.45
N ALA C 1863 -77.52 -31.99 -38.39
CA ALA C 1863 -78.71 -31.12 -38.18
C ALA C 1863 -78.37 -30.05 -37.13
N ALA C 1864 -79.26 -29.06 -36.95
CA ALA C 1864 -79.21 -28.00 -35.91
C ALA C 1864 -80.09 -28.38 -34.69
N SER C 1865 -80.83 -29.50 -34.75
CA SER C 1865 -81.63 -30.09 -33.64
C SER C 1865 -81.02 -31.40 -33.12
N PHE C 1866 -80.06 -32.00 -33.85
CA PHE C 1866 -79.38 -33.30 -33.51
C PHE C 1866 -78.46 -33.07 -32.30
N SER C 1867 -78.92 -33.49 -31.12
CA SER C 1867 -78.18 -33.40 -29.82
C SER C 1867 -77.28 -34.64 -29.64
N GLN C 1868 -76.66 -34.80 -28.46
CA GLN C 1868 -75.78 -35.95 -28.08
C GLN C 1868 -76.61 -37.13 -27.55
N GLU C 1869 -77.85 -36.86 -27.09
CA GLU C 1869 -78.86 -37.89 -26.68
C GLU C 1869 -79.52 -38.49 -27.94
N ALA C 1870 -79.58 -37.73 -29.05
CA ALA C 1870 -79.98 -38.19 -30.40
C ALA C 1870 -78.87 -39.06 -31.02
N LEU C 1871 -77.58 -38.76 -30.78
CA LEU C 1871 -76.40 -39.53 -31.28
C LEU C 1871 -76.26 -40.85 -30.51
N GLN C 1872 -76.31 -40.80 -29.17
CA GLN C 1872 -76.12 -41.96 -28.24
C GLN C 1872 -77.18 -43.04 -28.51
N TYR C 1873 -78.39 -42.63 -28.88
CA TYR C 1873 -79.51 -43.52 -29.33
C TYR C 1873 -79.12 -44.17 -30.67
N VAL C 1874 -78.66 -43.40 -31.68
CA VAL C 1874 -78.32 -43.88 -33.06
C VAL C 1874 -77.12 -44.85 -33.01
N VAL C 1875 -76.14 -44.60 -32.14
CA VAL C 1875 -74.91 -45.43 -31.96
C VAL C 1875 -75.26 -46.75 -31.28
N GLU C 1876 -76.03 -46.70 -30.18
CA GLU C 1876 -76.45 -47.88 -29.39
C GLU C 1876 -77.34 -48.80 -30.25
N ARG C 1877 -78.27 -48.23 -31.04
CA ARG C 1877 -79.19 -48.99 -31.95
C ARG C 1877 -78.38 -49.63 -33.07
N VAL C 1878 -77.43 -48.91 -33.69
CA VAL C 1878 -76.49 -49.43 -34.73
C VAL C 1878 -75.71 -50.64 -34.15
N GLY C 1879 -75.18 -50.51 -32.92
CA GLY C 1879 -74.40 -51.56 -32.22
C GLY C 1879 -75.23 -52.79 -31.90
N LYS C 1880 -76.51 -52.62 -31.54
CA LYS C 1880 -77.46 -53.72 -31.17
C LYS C 1880 -77.86 -54.50 -32.42
N ARG C 1881 -78.36 -53.79 -33.45
CA ARG C 1881 -79.04 -54.35 -34.65
C ARG C 1881 -78.06 -55.19 -35.49
N THR C 1882 -76.89 -54.64 -35.82
CA THR C 1882 -75.81 -55.30 -36.61
C THR C 1882 -75.07 -56.30 -35.70
N GLY C 1883 -74.95 -55.99 -34.39
CA GLY C 1883 -74.27 -56.82 -33.37
C GLY C 1883 -72.78 -56.50 -33.24
N TRP C 1884 -72.25 -55.74 -34.21
CA TRP C 1884 -70.81 -55.34 -34.30
C TRP C 1884 -70.54 -54.27 -33.25
N LEU C 1885 -69.40 -54.37 -32.55
CA LEU C 1885 -69.02 -53.46 -31.44
C LEU C 1885 -68.93 -52.04 -31.98
N VAL C 1886 -69.65 -51.10 -31.37
CA VAL C 1886 -69.51 -49.62 -31.58
C VAL C 1886 -69.98 -48.93 -30.30
N GLU C 1887 -69.19 -47.98 -29.81
CA GLU C 1887 -69.47 -47.15 -28.61
C GLU C 1887 -68.98 -45.71 -28.86
N ILE C 1888 -69.46 -44.77 -28.05
CA ILE C 1888 -68.89 -43.40 -27.91
C ILE C 1888 -67.77 -43.47 -26.88
N VAL C 1889 -66.53 -43.28 -27.32
CA VAL C 1889 -65.30 -43.42 -26.49
C VAL C 1889 -64.81 -42.04 -26.08
N ASN C 1890 -65.14 -40.99 -26.83
CA ASN C 1890 -64.76 -39.59 -26.52
C ASN C 1890 -66.00 -38.69 -26.57
N TYR C 1891 -66.37 -38.11 -25.42
CA TYR C 1891 -67.23 -36.91 -25.27
C TYR C 1891 -66.25 -35.74 -25.09
N ASN C 1892 -65.91 -35.10 -26.21
CA ASN C 1892 -64.87 -34.05 -26.31
C ASN C 1892 -65.50 -32.69 -25.94
N VAL C 1893 -66.35 -32.15 -26.83
CA VAL C 1893 -67.11 -30.87 -26.64
C VAL C 1893 -68.61 -31.17 -26.85
N GLU C 1894 -69.49 -30.54 -26.06
CA GLU C 1894 -70.95 -30.85 -26.08
C GLU C 1894 -71.57 -30.38 -27.42
N ASN C 1895 -72.27 -31.30 -28.09
CA ASN C 1895 -73.05 -31.13 -29.36
C ASN C 1895 -72.14 -30.65 -30.51
N GLN C 1896 -70.83 -30.94 -30.47
CA GLN C 1896 -69.83 -30.40 -31.43
C GLN C 1896 -68.74 -31.44 -31.78
N GLN C 1897 -68.20 -32.15 -30.80
CA GLN C 1897 -67.07 -33.10 -30.99
C GLN C 1897 -67.32 -34.36 -30.16
N TYR C 1898 -67.51 -35.49 -30.83
CA TYR C 1898 -67.48 -36.85 -30.23
C TYR C 1898 -66.62 -37.75 -31.11
N VAL C 1899 -66.09 -38.82 -30.53
CA VAL C 1899 -65.32 -39.87 -31.26
C VAL C 1899 -65.91 -41.23 -30.87
N ALA C 1900 -66.37 -41.98 -31.87
CA ALA C 1900 -67.00 -43.32 -31.75
C ALA C 1900 -66.07 -44.39 -32.32
N ALA C 1901 -65.47 -45.23 -31.45
CA ALA C 1901 -64.62 -46.39 -31.81
C ALA C 1901 -65.50 -47.62 -32.01
N GLY C 1902 -64.88 -48.77 -32.32
CA GLY C 1902 -65.54 -50.08 -32.49
C GLY C 1902 -65.20 -50.71 -33.83
N ASP C 1903 -65.98 -51.71 -34.26
CA ASP C 1903 -65.75 -52.50 -35.49
C ASP C 1903 -65.77 -51.56 -36.70
N LEU C 1904 -64.85 -51.79 -37.65
CA LEU C 1904 -64.57 -50.92 -38.81
C LEU C 1904 -65.79 -50.87 -39.75
N ARG C 1905 -66.59 -51.94 -39.80
CA ARG C 1905 -67.87 -52.01 -40.58
C ARG C 1905 -68.96 -51.24 -39.84
N ALA C 1906 -68.99 -51.30 -38.49
CA ALA C 1906 -69.99 -50.65 -37.60
C ALA C 1906 -69.88 -49.11 -37.63
N LEU C 1907 -68.68 -48.56 -37.93
CA LEU C 1907 -68.42 -47.10 -38.15
C LEU C 1907 -68.71 -46.72 -39.61
N ASP C 1908 -68.71 -47.69 -40.53
CA ASP C 1908 -69.15 -47.56 -41.94
C ASP C 1908 -70.68 -47.55 -42.02
N THR C 1909 -71.39 -48.23 -41.09
CA THR C 1909 -72.88 -48.18 -40.93
C THR C 1909 -73.29 -46.82 -40.34
N VAL C 1910 -72.57 -46.33 -39.31
CA VAL C 1910 -72.80 -45.03 -38.60
C VAL C 1910 -72.65 -43.85 -39.58
N THR C 1911 -71.59 -43.84 -40.41
CA THR C 1911 -71.32 -42.81 -41.47
C THR C 1911 -72.45 -42.80 -42.51
N ASN C 1912 -72.90 -44.00 -42.93
CA ASN C 1912 -73.98 -44.22 -43.93
C ASN C 1912 -75.34 -43.78 -43.34
N VAL C 1913 -75.60 -44.08 -42.06
CA VAL C 1913 -76.84 -43.72 -41.30
C VAL C 1913 -76.95 -42.19 -41.15
N LEU C 1914 -75.85 -41.48 -40.79
CA LEU C 1914 -75.79 -40.00 -40.53
C LEU C 1914 -75.55 -39.19 -41.84
N ASN C 1915 -75.22 -39.87 -42.95
CA ASN C 1915 -75.26 -39.32 -44.33
C ASN C 1915 -76.71 -39.38 -44.84
N PHE C 1916 -77.40 -40.51 -44.63
CA PHE C 1916 -78.83 -40.73 -45.03
C PHE C 1916 -79.75 -39.76 -44.26
N ILE C 1917 -79.74 -39.76 -42.92
CA ILE C 1917 -80.65 -38.94 -42.05
C ILE C 1917 -80.44 -37.43 -42.30
N LYS C 1918 -79.22 -36.99 -42.66
CA LYS C 1918 -78.89 -35.56 -42.99
C LYS C 1918 -79.60 -35.15 -44.29
N LEU C 1919 -79.52 -35.98 -45.33
CA LEU C 1919 -80.14 -35.77 -46.67
C LEU C 1919 -81.68 -35.77 -46.55
N GLN C 1920 -82.26 -36.70 -45.76
CA GLN C 1920 -83.74 -36.89 -45.59
C GLN C 1920 -84.35 -35.82 -44.67
N LYS C 1921 -83.52 -35.14 -43.85
CA LYS C 1921 -83.90 -33.98 -42.97
C LYS C 1921 -85.00 -34.41 -42.01
N ILE C 1922 -84.75 -35.49 -41.25
CA ILE C 1922 -85.63 -36.03 -40.17
C ILE C 1922 -84.87 -35.91 -38.83
N ASP C 1923 -85.60 -35.59 -37.76
CA ASP C 1923 -85.10 -35.50 -36.35
C ASP C 1923 -85.64 -36.72 -35.59
N ILE C 1924 -84.78 -37.39 -34.80
CA ILE C 1924 -85.11 -38.64 -34.00
C ILE C 1924 -85.94 -38.26 -32.76
N ILE C 1925 -85.69 -37.08 -32.15
CA ILE C 1925 -86.26 -36.63 -30.84
C ILE C 1925 -87.70 -36.12 -31.03
N GLU C 1926 -88.02 -35.52 -32.20
CA GLU C 1926 -89.37 -34.96 -32.52
C GLU C 1926 -90.39 -36.09 -32.79
N LEU C 1927 -89.99 -37.13 -33.52
CA LEU C 1927 -90.86 -38.26 -34.00
C LEU C 1927 -91.14 -39.26 -32.85
N GLN C 1928 -90.21 -39.42 -31.89
CA GLN C 1928 -90.32 -40.38 -30.73
C GLN C 1928 -91.26 -39.80 -29.65
N LYS C 1929 -91.34 -38.46 -29.54
CA LYS C 1929 -92.06 -37.73 -28.46
C LYS C 1929 -93.48 -37.39 -28.94
N SER C 1930 -93.62 -36.53 -29.95
CA SER C 1930 -94.88 -35.85 -30.34
C SER C 1930 -95.52 -36.43 -31.62
N LEU C 1931 -95.02 -37.55 -32.18
CA LEU C 1931 -95.59 -38.23 -33.39
C LEU C 1931 -96.01 -39.68 -33.06
N SER C 1932 -95.11 -40.49 -32.47
CA SER C 1932 -95.29 -41.96 -32.23
C SER C 1932 -94.35 -42.45 -31.13
N LEU C 1933 -94.80 -43.41 -30.32
CA LEU C 1933 -94.00 -44.11 -29.27
C LEU C 1933 -93.40 -45.40 -29.86
N GLU C 1934 -92.13 -45.70 -29.51
CA GLU C 1934 -91.27 -46.87 -29.88
C GLU C 1934 -91.31 -47.19 -31.40
N GLU C 1935 -91.70 -46.23 -32.25
CA GLU C 1935 -91.81 -46.37 -33.74
C GLU C 1935 -90.47 -45.98 -34.37
N VAL C 1936 -89.78 -44.98 -33.81
CA VAL C 1936 -88.41 -44.52 -34.22
C VAL C 1936 -87.36 -45.63 -34.00
N GLU C 1937 -87.60 -46.55 -33.06
CA GLU C 1937 -86.73 -47.72 -32.74
C GLU C 1937 -86.67 -48.66 -33.95
N GLY C 1938 -87.84 -49.16 -34.40
CA GLY C 1938 -88.01 -50.05 -35.56
C GLY C 1938 -87.82 -49.34 -36.89
N HIS C 1939 -88.20 -48.05 -36.98
CA HIS C 1939 -87.99 -47.16 -38.15
C HIS C 1939 -86.50 -46.83 -38.34
N LEU C 1940 -85.66 -46.90 -37.28
CA LEU C 1940 -84.19 -46.69 -37.37
C LEU C 1940 -83.50 -48.02 -37.72
N PHE C 1941 -84.04 -49.17 -37.26
CA PHE C 1941 -83.54 -50.54 -37.56
C PHE C 1941 -83.51 -50.79 -39.08
N GLU C 1942 -84.56 -50.39 -39.80
CA GLU C 1942 -84.67 -50.50 -41.29
C GLU C 1942 -83.63 -49.61 -41.99
N ILE C 1943 -83.23 -48.47 -41.39
CA ILE C 1943 -82.15 -47.56 -41.93
C ILE C 1943 -80.77 -48.14 -41.54
N ILE C 1944 -80.65 -48.80 -40.38
CA ILE C 1944 -79.40 -49.50 -39.92
C ILE C 1944 -79.20 -50.77 -40.76
N ASP C 1945 -80.29 -51.41 -41.21
CA ASP C 1945 -80.29 -52.64 -42.06
C ASP C 1945 -79.96 -52.30 -43.53
N GLU C 1946 -80.30 -51.10 -44.02
CA GLU C 1946 -80.02 -50.65 -45.42
C GLU C 1946 -78.61 -50.03 -45.52
N ALA C 1947 -78.04 -49.57 -44.39
CA ALA C 1947 -76.63 -49.17 -44.25
C ALA C 1947 -75.73 -50.42 -44.11
N SER C 1948 -76.14 -51.41 -43.27
CA SER C 1948 -75.35 -52.62 -42.85
C SER C 1948 -75.23 -53.67 -43.97
N LYS C 1949 -76.17 -53.72 -44.93
CA LYS C 1949 -76.11 -54.62 -46.11
C LYS C 1949 -74.96 -54.14 -47.03
N LYS C 1950 -74.85 -52.82 -47.25
CA LYS C 1950 -73.80 -52.18 -48.10
C LYS C 1950 -72.46 -52.12 -47.34
N SER C 1951 -72.50 -52.20 -46.00
CA SER C 1951 -71.32 -52.19 -45.09
C SER C 1951 -70.79 -53.60 -44.80
N ALA C 1952 -71.52 -54.65 -45.20
CA ALA C 1952 -71.15 -56.08 -45.02
C ALA C 1952 -70.73 -56.74 -46.35
N VAL C 1953 -70.62 -55.98 -47.46
CA VAL C 1953 -70.28 -56.48 -48.83
C VAL C 1953 -68.85 -56.09 -49.24
N LYS C 1954 -68.38 -54.89 -48.87
CA LYS C 1954 -66.95 -54.49 -48.98
C LYS C 1954 -66.12 -55.34 -48.01
N PRO C 1955 -64.83 -55.63 -48.29
CA PRO C 1955 -64.05 -56.59 -47.48
C PRO C 1955 -63.77 -56.08 -46.05
N ARG C 1956 -62.95 -56.80 -45.26
CA ARG C 1956 -62.63 -56.47 -43.82
C ARG C 1956 -61.51 -55.42 -43.66
N PRO C 1957 -60.56 -55.20 -44.62
CA PRO C 1957 -59.70 -54.01 -44.61
C PRO C 1957 -60.38 -52.89 -45.42
N LEU C 1958 -61.64 -52.54 -45.07
CA LEU C 1958 -62.44 -51.52 -45.79
C LEU C 1958 -61.89 -50.12 -45.44
N LYS C 1959 -61.59 -49.34 -46.47
CA LYS C 1959 -61.15 -47.93 -46.31
C LYS C 1959 -62.31 -47.14 -45.70
N LEU C 1960 -62.11 -46.56 -44.51
CA LEU C 1960 -63.15 -45.77 -43.78
C LEU C 1960 -63.30 -44.41 -44.50
N GLU C 1961 -64.51 -44.15 -45.03
CA GLU C 1961 -64.80 -43.02 -45.97
C GLU C 1961 -65.43 -41.87 -45.19
N ARG C 1962 -64.90 -40.65 -45.38
CA ARG C 1962 -65.37 -39.41 -44.68
C ARG C 1962 -66.78 -39.07 -45.17
N GLY C 1963 -67.71 -38.84 -44.23
CA GLY C 1963 -69.09 -38.39 -44.46
C GLY C 1963 -69.20 -36.87 -44.35
N PHE C 1964 -70.35 -36.37 -43.87
CA PHE C 1964 -70.72 -34.92 -43.79
C PHE C 1964 -70.43 -34.35 -42.39
N ALA C 1965 -70.52 -35.19 -41.35
CA ALA C 1965 -70.30 -34.84 -39.91
C ALA C 1965 -69.04 -35.53 -39.36
N CYS C 1966 -68.76 -36.77 -39.78
CA CYS C 1966 -67.68 -37.65 -39.24
C CYS C 1966 -66.40 -37.52 -40.11
N ILE C 1967 -65.24 -37.74 -39.48
CA ILE C 1967 -63.89 -37.78 -40.12
C ILE C 1967 -63.17 -39.02 -39.58
N PRO C 1968 -62.65 -39.93 -40.44
CA PRO C 1968 -61.97 -41.15 -39.98
C PRO C 1968 -60.56 -40.87 -39.43
N LEU C 1969 -60.36 -41.07 -38.13
CA LEU C 1969 -59.07 -40.80 -37.42
C LEU C 1969 -58.01 -41.82 -37.89
N VAL C 1970 -57.20 -41.41 -38.88
CA VAL C 1970 -56.18 -42.24 -39.58
C VAL C 1970 -55.03 -42.55 -38.61
N GLY C 1971 -54.46 -43.75 -38.71
CA GLY C 1971 -53.39 -44.26 -37.83
C GLY C 1971 -53.92 -45.05 -36.63
N ILE C 1972 -55.21 -44.92 -36.31
CA ILE C 1972 -55.91 -45.61 -35.17
C ILE C 1972 -56.50 -46.93 -35.69
N SER C 1973 -56.18 -48.03 -35.00
CA SER C 1973 -56.55 -49.42 -35.36
C SER C 1973 -57.12 -50.20 -34.17
N VAL C 1974 -57.35 -49.55 -33.01
CA VAL C 1974 -57.79 -50.23 -31.74
C VAL C 1974 -58.86 -49.37 -31.07
N PRO C 1975 -60.00 -49.97 -30.61
CA PRO C 1975 -61.04 -49.23 -29.89
C PRO C 1975 -60.77 -49.12 -28.38
N PHE C 1976 -59.73 -48.38 -28.00
CA PHE C 1976 -59.40 -47.99 -26.59
C PHE C 1976 -60.35 -46.87 -26.15
N HIS C 1977 -60.69 -46.89 -24.86
CA HIS C 1977 -61.82 -46.16 -24.19
C HIS C 1977 -63.17 -46.84 -24.50
N SER C 1978 -63.17 -48.03 -25.10
CA SER C 1978 -64.39 -48.85 -25.37
C SER C 1978 -64.41 -50.04 -24.39
N THR C 1979 -65.59 -50.61 -24.21
CA THR C 1979 -65.85 -51.85 -23.43
C THR C 1979 -64.88 -52.95 -23.91
N TYR C 1980 -64.49 -52.94 -25.20
CA TYR C 1980 -63.70 -54.00 -25.89
C TYR C 1980 -62.42 -54.36 -25.11
N LEU C 1981 -61.82 -53.42 -24.36
CA LEU C 1981 -60.49 -53.61 -23.71
C LEU C 1981 -60.59 -53.85 -22.20
N MET C 1982 -61.79 -54.12 -21.66
CA MET C 1982 -61.99 -54.53 -20.24
C MET C 1982 -61.05 -55.70 -19.92
N ASN C 1983 -61.03 -56.71 -20.80
CA ASN C 1983 -60.16 -57.93 -20.72
C ASN C 1983 -58.67 -57.55 -20.61
N GLY C 1984 -58.25 -56.42 -21.19
CA GLY C 1984 -56.84 -55.95 -21.22
C GLY C 1984 -56.42 -55.20 -19.97
N VAL C 1985 -57.22 -55.20 -18.90
CA VAL C 1985 -57.04 -54.31 -17.70
C VAL C 1985 -56.23 -55.04 -16.61
N LYS C 1986 -56.46 -56.34 -16.37
CA LYS C 1986 -55.85 -57.14 -15.26
C LYS C 1986 -54.33 -57.17 -15.36
N PRO C 1987 -53.70 -57.44 -16.53
CA PRO C 1987 -52.25 -57.35 -16.66
C PRO C 1987 -51.75 -55.91 -16.47
N PHE C 1988 -52.50 -54.93 -17.01
CA PHE C 1988 -52.24 -53.48 -16.86
C PHE C 1988 -52.28 -53.14 -15.36
N LYS C 1989 -53.31 -53.64 -14.65
CA LYS C 1989 -53.57 -53.42 -13.19
C LYS C 1989 -52.45 -54.05 -12.34
N SER C 1990 -51.96 -55.23 -12.72
CA SER C 1990 -50.81 -55.90 -12.07
C SER C 1990 -49.56 -55.06 -12.26
N PHE C 1991 -49.35 -54.53 -13.47
CA PHE C 1991 -48.17 -53.68 -13.84
C PHE C 1991 -48.23 -52.36 -13.06
N LEU C 1992 -49.41 -51.72 -13.02
CA LEU C 1992 -49.60 -50.43 -12.29
C LEU C 1992 -49.27 -50.65 -10.80
N LYS C 1993 -49.82 -51.69 -10.16
CA LYS C 1993 -49.65 -51.97 -8.70
C LYS C 1993 -48.19 -52.30 -8.37
N LYS C 1994 -47.44 -52.84 -9.35
CA LYS C 1994 -45.97 -53.10 -9.24
C LYS C 1994 -45.20 -51.78 -9.31
N ASN C 1995 -45.62 -50.88 -10.22
CA ASN C 1995 -44.89 -49.62 -10.55
C ASN C 1995 -45.24 -48.54 -9.51
N ILE C 1996 -46.54 -48.26 -9.29
CA ILE C 1996 -47.01 -47.21 -8.33
C ILE C 1996 -47.00 -47.84 -6.94
N ILE C 1997 -45.92 -47.61 -6.18
CA ILE C 1997 -45.79 -47.99 -4.74
C ILE C 1997 -46.64 -47.00 -3.94
N LYS C 1998 -47.45 -47.49 -3.00
CA LYS C 1998 -48.43 -46.71 -2.21
C LYS C 1998 -47.71 -45.67 -1.32
N GLU C 1999 -46.41 -45.84 -1.06
CA GLU C 1999 -45.58 -44.89 -0.23
C GLU C 1999 -45.35 -43.55 -0.95
N ASN C 2000 -45.50 -43.50 -2.27
CA ASN C 2000 -45.20 -42.31 -3.11
C ASN C 2000 -46.46 -41.52 -3.46
N VAL C 2001 -47.66 -41.99 -3.07
CA VAL C 2001 -48.95 -41.28 -3.32
C VAL C 2001 -49.25 -40.36 -2.12
N LYS C 2002 -49.77 -39.17 -2.42
CA LYS C 2002 -50.23 -38.21 -1.38
C LYS C 2002 -51.61 -37.70 -1.79
N VAL C 2003 -52.51 -37.61 -0.83
CA VAL C 2003 -53.96 -37.36 -1.03
C VAL C 2003 -54.18 -35.85 -1.23
N ALA C 2004 -53.47 -35.00 -0.48
CA ALA C 2004 -53.68 -33.53 -0.45
C ALA C 2004 -53.27 -32.87 -1.79
N ARG C 2005 -52.53 -33.58 -2.66
CA ARG C 2005 -52.19 -33.16 -4.05
C ARG C 2005 -53.11 -33.81 -5.09
N LEU C 2006 -54.12 -34.58 -4.64
CA LEU C 2006 -55.12 -35.26 -5.49
C LEU C 2006 -56.54 -34.79 -5.07
N ALA C 2007 -56.88 -34.90 -3.78
CA ALA C 2007 -58.21 -34.56 -3.20
C ALA C 2007 -58.66 -33.17 -3.68
N GLY C 2008 -59.61 -33.15 -4.60
CA GLY C 2008 -60.23 -31.95 -5.17
C GLY C 2008 -59.40 -31.32 -6.28
N LYS C 2009 -58.29 -31.95 -6.69
CA LYS C 2009 -57.34 -31.39 -7.69
C LYS C 2009 -57.26 -32.32 -8.91
N TYR C 2010 -57.07 -33.62 -8.69
CA TYR C 2010 -57.05 -34.66 -9.75
C TYR C 2010 -58.49 -34.94 -10.22
N ILE C 2011 -58.72 -34.84 -11.53
CA ILE C 2011 -60.04 -35.14 -12.17
C ILE C 2011 -59.81 -36.27 -13.18
N PRO C 2012 -60.08 -37.56 -12.83
CA PRO C 2012 -59.96 -38.65 -13.80
C PRO C 2012 -60.94 -38.50 -14.97
N ASN C 2013 -60.76 -39.30 -16.03
CA ASN C 2013 -61.65 -39.35 -17.24
C ASN C 2013 -62.62 -40.54 -17.16
N LEU C 2014 -62.33 -41.49 -16.26
CA LEU C 2014 -63.22 -42.64 -15.91
C LEU C 2014 -64.54 -42.05 -15.39
N THR C 2015 -64.48 -41.24 -14.32
CA THR C 2015 -65.63 -40.75 -13.51
C THR C 2015 -66.18 -39.45 -14.12
N ALA C 2016 -65.29 -38.52 -14.49
CA ALA C 2016 -65.54 -37.09 -14.79
C ALA C 2016 -65.90 -36.34 -13.50
N LYS C 2017 -65.37 -36.79 -12.37
CA LYS C 2017 -65.60 -36.24 -11.01
C LYS C 2017 -64.27 -35.97 -10.32
N PRO C 2018 -64.11 -34.87 -9.56
CA PRO C 2018 -62.88 -34.61 -8.81
C PRO C 2018 -62.59 -35.78 -7.85
N PHE C 2019 -61.31 -36.13 -7.71
CA PHE C 2019 -60.80 -37.21 -6.82
C PHE C 2019 -61.17 -36.86 -5.36
N GLN C 2020 -61.84 -37.79 -4.68
CA GLN C 2020 -62.05 -37.77 -3.20
C GLN C 2020 -61.91 -39.20 -2.68
N VAL C 2021 -61.43 -39.34 -1.44
CA VAL C 2021 -61.40 -40.64 -0.67
C VAL C 2021 -62.67 -40.70 0.21
N THR C 2022 -63.79 -41.15 -0.38
CA THR C 2022 -65.12 -41.34 0.26
C THR C 2022 -65.82 -42.59 -0.29
N LYS C 2023 -66.84 -43.08 0.43
CA LYS C 2023 -67.61 -44.30 0.12
C LYS C 2023 -68.51 -44.08 -1.11
N GLU C 2024 -68.97 -42.83 -1.32
CA GLU C 2024 -69.84 -42.39 -2.45
C GLU C 2024 -69.06 -42.43 -3.78
N TYR C 2025 -67.82 -41.94 -3.81
CA TYR C 2025 -66.95 -41.88 -5.01
C TYR C 2025 -66.57 -43.31 -5.40
N PHE C 2026 -66.11 -44.12 -4.43
CA PHE C 2026 -65.80 -45.58 -4.58
C PHE C 2026 -66.99 -46.34 -5.19
N GLN C 2027 -68.22 -46.05 -4.72
CA GLN C 2027 -69.50 -46.57 -5.29
C GLN C 2027 -69.60 -46.16 -6.76
N ASP C 2028 -69.36 -44.88 -7.07
CA ASP C 2028 -69.43 -44.30 -8.45
C ASP C 2028 -68.39 -44.97 -9.36
N VAL C 2029 -67.19 -45.29 -8.85
CA VAL C 2029 -66.07 -45.93 -9.64
C VAL C 2029 -66.42 -47.39 -9.91
N TYR C 2030 -66.98 -48.10 -8.92
CA TYR C 2030 -67.47 -49.50 -9.08
C TYR C 2030 -68.58 -49.54 -10.16
N ASP C 2031 -69.60 -48.66 -10.03
CA ASP C 2031 -70.77 -48.56 -10.96
C ASP C 2031 -70.26 -48.47 -12.40
N LEU C 2032 -69.31 -47.58 -12.66
CA LEU C 2032 -68.65 -47.39 -13.99
C LEU C 2032 -67.77 -48.62 -14.33
N THR C 2033 -67.02 -49.19 -13.37
CA THR C 2033 -66.06 -50.32 -13.56
C THR C 2033 -66.16 -51.34 -12.43
N GLY C 2034 -66.84 -52.46 -12.67
CA GLY C 2034 -67.25 -53.42 -11.62
C GLY C 2034 -66.12 -54.30 -11.12
N SER C 2035 -65.15 -53.73 -10.39
CA SER C 2035 -63.99 -54.45 -9.81
C SER C 2035 -64.31 -54.96 -8.39
N GLU C 2036 -63.51 -55.92 -7.90
CA GLU C 2036 -63.68 -56.63 -6.59
C GLU C 2036 -62.95 -55.90 -5.45
N PRO C 2037 -61.73 -55.34 -5.63
CA PRO C 2037 -61.09 -54.55 -4.58
C PRO C 2037 -61.85 -53.28 -4.14
N ILE C 2038 -62.74 -52.74 -5.00
CA ILE C 2038 -63.65 -51.59 -4.69
C ILE C 2038 -64.86 -52.10 -3.89
N LYS C 2039 -65.27 -53.35 -4.07
CA LYS C 2039 -66.36 -54.00 -3.27
C LYS C 2039 -65.86 -54.38 -1.87
N GLU C 2040 -64.57 -54.71 -1.73
CA GLU C 2040 -63.93 -54.96 -0.41
C GLU C 2040 -63.92 -53.65 0.41
N ILE C 2041 -63.52 -52.53 -0.20
CA ILE C 2041 -63.39 -51.20 0.48
C ILE C 2041 -64.78 -50.65 0.85
N ILE C 2042 -65.81 -50.82 0.00
CA ILE C 2042 -67.22 -50.37 0.22
C ILE C 2042 -67.83 -51.17 1.39
N ASP C 2043 -67.66 -52.51 1.38
CA ASP C 2043 -68.16 -53.43 2.43
C ASP C 2043 -67.46 -53.10 3.76
N ASN C 2044 -66.12 -53.17 3.78
CA ASN C 2044 -65.28 -53.04 5.01
C ASN C 2044 -65.04 -51.58 5.38
N TRP C 2045 -65.82 -50.63 4.81
CA TRP C 2045 -65.67 -49.15 4.95
C TRP C 2045 -65.63 -48.76 6.44
N GLU C 2046 -66.49 -49.38 7.26
CA GLU C 2046 -66.72 -49.02 8.70
C GLU C 2046 -65.56 -49.50 9.59
N LYS C 2047 -64.60 -50.25 9.04
CA LYS C 2047 -63.33 -50.64 9.75
C LYS C 2047 -62.20 -49.67 9.38
N TYR C 2048 -62.15 -49.17 8.14
CA TYR C 2048 -61.16 -48.19 7.62
C TYR C 2048 -61.41 -46.77 8.16
N GLU C 2049 -62.54 -46.55 8.86
CA GLU C 2049 -62.90 -45.23 9.50
C GLU C 2049 -62.18 -45.06 10.85
N GLN C 2050 -61.58 -46.13 11.40
CA GLN C 2050 -60.81 -46.10 12.67
C GLN C 2050 -59.48 -46.85 12.48
N1 FMN D . -2.35 31.67 18.98
C2 FMN D . -2.93 30.85 18.09
O2 FMN D . -3.58 31.37 17.16
N3 FMN D . -2.86 29.50 18.16
C4 FMN D . -2.21 28.84 19.12
O4 FMN D . -2.16 27.59 19.16
C4A FMN D . -1.55 29.67 20.12
N5 FMN D . -0.87 29.12 21.10
C5A FMN D . -0.29 29.91 22.00
C6 FMN D . 0.40 29.30 22.99
C7 FMN D . 1.03 30.00 23.99
C7M FMN D . 1.74 29.20 25.05
C8 FMN D . 0.96 31.48 23.93
C8M FMN D . 1.63 32.38 24.94
C9 FMN D . 0.28 32.08 22.92
C9A FMN D . -0.37 31.36 21.95
N10 FMN D . -1.06 31.98 20.91
C10 FMN D . -1.67 31.14 20.00
C1' FMN D . -1.20 33.44 20.77
C2' FMN D . -2.23 33.84 21.81
O2' FMN D . -3.45 33.35 21.27
C3' FMN D . -2.31 35.34 22.16
O3' FMN D . -2.36 36.11 20.92
C4' FMN D . -1.20 35.79 23.15
O4' FMN D . -0.89 34.89 24.23
C5' FMN D . -1.59 37.05 23.88
O5' FMN D . -0.43 37.71 24.40
P FMN D . 0.02 37.62 25.94
O1P FMN D . 1.46 37.99 25.67
O2P FMN D . -0.76 38.52 26.92
O3P FMN D . -0.21 36.15 26.20
#